data_7A18
#
_entry.id   7A18
#
_cell.length_a   169.590
_cell.length_b   410.128
_cell.length_c   690.477
_cell.angle_alpha   90.000
_cell.angle_beta   90.000
_cell.angle_gamma   90.000
#
_symmetry.space_group_name_H-M   'I 2 2 2'
#
loop_
_entity.id
_entity.type
_entity.pdbx_description
1 polymer 'RNA (2699-MER)'
2 polymer 'RNA (122-MER)'
3 polymer '50S ribosomal protein L2'
4 polymer '50S ribosomal protein L3'
5 polymer '50S ribosomal protein L4'
6 polymer '50S ribosomal protein L5'
7 polymer '50S ribosomal protein L6'
8 polymer '50S ribosomal protein L13'
9 polymer '50S ribosomal protein L14'
10 polymer '50S ribosomal protein L15'
11 polymer '50S ribosomal protein L16'
12 polymer '50S ribosomal protein L17'
13 polymer '50S ribosomal protein L18'
14 polymer '50S ribosomal protein L19'
15 polymer '50S ribosomal protein L20'
16 polymer '50S ribosomal protein L21'
17 polymer '50S ribosomal protein L22'
18 polymer '50S ribosomal protein L23'
19 polymer '50S ribosomal protein L24'
20 polymer '50S ribosomal protein L25'
21 polymer '50S ribosomal protein L27'
22 polymer '50S ribosomal protein L28'
23 polymer '50S ribosomal protein L29'
24 polymer '50S ribosomal protein L30'
25 polymer '50S ribosomal protein L32'
26 polymer '50S ribosomal protein L33'
27 polymer '50S ribosomal protein L34'
28 polymer '50S ribosomal protein L35'
29 non-polymer 'MYCINAMICIN IV'
30 non-polymer 'MAGNESIUM ION'
31 non-polymer SPERMIDINE
#
loop_
_entity_poly.entity_id
_entity_poly.type
_entity_poly.pdbx_seq_one_letter_code
_entity_poly.pdbx_strand_id
1 'polyribonucleotide'
;GGUCAAGAUAGUAAGGGUCCACGGUGGAUGCCCUGGCGCUGGAGCCGAUGAAGGACGCGAUUACCUGCGAAAAGCCCCGA
CGAGCUGGAGAUACGCUUUGACUCGGGGAUGUCCGAAUGGGGAAACCCACCUCGUAAGAGGUAUCCGCAAGGAUGGGAAC
UCAGGGAACUGAAACAUCUCAGUACCUGAAGGAGAAGAAAGAGAAUUCGAUUCCGUUAGUAGCGGCGAGCGAACCCGGAU
CAGCCCAAACCGAAACGCUUGCGUUUCGGGGUUGUAGGACCAUCAAGCCGAAGUGGCUGGAAAGCUACACCUCAGAAGGU
GAGAGUCCUGUAGGCGAACGAGCCCUGAGUAGGUCGUUGUUCGUGAAACGAUGACUGAAUCCGCGCGGACCACCGCGCAA
GGCUAAAUACUCCCAGUGACCGAUAGCGCAUAGUACCGUGAGGGAAAGGUGAAAAGAACCCCGGGAGGGGAGUGAAAGAG
AACCUGAAACCGUGGACUUACAAGCAGUCAUGGCACCUUAUGCGUGUUAUGGCGUGCCUAUUGAAGCAUGAGCCGGCGAC
UUAGACCUGACGUGCGAGCUUAAGUUGAAAAACGGAGGCGGAGCGAAAGCGAGUCCGAAUAGGGCGGCAUUAGUACGUCG
GGCUAGACUCGAAACCAGGUGAGCUAAGCAUGACCAGGUUGAAACCCCCGGGGGCGGAGGACCGAACCGGUGCCUGCUGA
AACAGUCUCGGAUGAGUUGUGUUUAGGAGUGAAAAGCUAACCGAACCUGGAGAUAGCUAGUUCUCCCCGAAAUGUAUUGA
GGUACAGCCUCGGAUGUUGACCAUGUCCUGUAGAGCACUCACAAGGCUAAAACCUUAUGAAACUCCGAAGGGGCACGCGU
UUAGUCCGGGAGUGAGGCUGCGAGAGCUAACUUCCGUAGCCGAGAGGGAAACAACCCAGACCAUCAGCUAAGGUCCCUAA
AUGAUCGCUCAGUGGUUAAGGAUGUGUCGUCGCAUAGACAGCCAGGAGGUUGGCUUAGAAGCAGCCACCCUUCAAAGAGU
GCGUAAUAGCUCACUGGUCGAGUGACGAUGCGCCGAAAAUGAUCGGGGCUCAAGUGAUCUACCGAAGCUAUGGAUUCAAC
UCGGAGUUGUCUGGUAGGGGAGCGUUCAGUCCGCGGAGAAGCCAUACCGGAAGGAGUGGUGGAGCCGACUGAAGUGCGGA
UGCCGGCAUGAGUAACGAUAAAAGAAGUGAGAAUCUUCUUCGCCGUAAGGACAAGGGUUCCUGGGGAAGGGUCGUCCGCC
CAGGGAAAGUCGGGACCUAAGGUGAGGCCGAACGGCGCAGCCGAUGGACAGCAGGUCAAGAUUCCUGCACCGAUCAUGUG
GAGUGAUGGAGGGACGCAUUACGCUAUCCAAUGCCAAGCUAUGGCUAUGCUGGUUGGUACGCUCAAGGGCGAUCGGGUCA
GAAAAUCUACCGGUCUGCCUCAGACGUAUCGGGAGCCGAAGUUGGAAACGCGACGGUGCCAAGAAAAGCUUCUAAACGUU
GAAACAUGAUUGCCCGUACCGCAAACCGACACAGGUGUCCGAGUGUCAAUGCACUAAGGCGCGCGAGAGAACCCUCGUUA
AGGAACUUUGCAAUCUCACCCCGUAACUUCGGAAGAAGGGGUCCCCACGCUGCGUGGGGCGCAGUGAAUAGGCCCAGGCG
ACUGUUUACCAAAAUCACAGCACUCUGCCAACACGAACAGUGGACGUAUAGGGUGUGACGCCUGCCCGGUGCCGGAAGGU
CAAGUGGAGCGGUGCAAGCUGCGAAAUGAAGCCCCGGUGAACGGCGGCCUAAGGUAGCGAAAUUCCUUGUCGGGUAAGUU
CCGACCUGCACGAAAGGCGUAACGAUCUGGGCGCUGUCUCAACGAGGGACUCGGUGAAAUUGAAUUGGCUGUAAAGAUGC
GGCCUACCCGUAGCAGGACGAAAAGACCCCGUGGAGCUUUACUAUAGUCUGGCAUUGGGAUUCGGGUUUCUAGAAACUUG
GAUUUCUAACCUGAAAAAUCACUUUCGGGGACCGUGCUUGGCGGGUAGUUUGACUGGGGCGGUCGCCUCCCAAAAUGUAA
CGGAGGCGCCCAAAGGUCACCUCAAGACGGUUGGAAAUCGUCUGUAGAGCGCAAAGGUAGAAGGUGGCUUGACUGCGAGA
CUGACACGUCGAGCAGGGAGGAAACUCGGGCUUAGUGAACCGGUGGUACCGUGUGGAAGGGCCAUCGAUCAACGGAUAAA
AGUUACCCCGGGGAUAACAGGCUGAUCUCCCCCGAGAGUCCAUAUCGGCGGGGAGGUUUGGCACCUCGAUGUCGGCUCGU
CGCAUCCUGGGGCUGAAGAAGGUCCCAAGGGUUGGGCUGUUCGCCCAUUAAAGCGGCACGCGAGCUGGGUUCAGAACGUC
GUGAGACAGUUCGGUCUCUAUCCGCUACGGGCGCAGGAGAAUUGAGGGGAGUUGCUCCUAGUACGAGAGGACCGGAGUGA
ACGGACCGCUGGUCUCCCUGCUGUCGUACCAACGGCACAUGCAGGGUAGCUAUGUCCGGAACGGAUAACCGCUGAAAGCA
UCUAAGCGGGAAGCCAGCCCCAAGAUGAGUUCUCCCACUGAAGGUAAGACUCCCGGAAGACCACCGGGUUAAGAGGCCAG
GCGUGCACGCAUAGCAAUGUGUUCAGCGGACUGGUGCUCAUCAGUCGAGGUCUUGACCA
;
X
2 'polyribonucleotide'
;CACCCCCGUGCCCAUAGCACUGUGGAACCACCCCACCCCAUGCCGAACUGGGUCGUGAAACACAGCAGCGCCAAUGAUAC
UCGGACCGCAGGGUCCCGGAAAAGUCGGUCAGCGCGGGGGUU
;
Y
3 'polypeptide(L)'
;AVKKYRPYTPSRRQMTTADFSGLTKKRPEKALTEALPKTGGRNNRGRITSRFIGGGHKRLYRIIDFKRRDKSGVNAKVAA
IEYDPNRSARIALLHYADGEKRYILAPEGLTVGATVNAGPEAEPKLGNALPLRFVPVGAVVHALELVPGKGAQLARSAGT
SVQVQGKESDYVIVRLPSGELRRVHSECYATIGAVGNAEHKNIVLGKAGRSRWLGRKPHQRGSAMNPVDHPHGGGEGRTG
AGRVPVTPWGKPTKGLKTRRKRKTSDRFIVT
;
A
4 'polypeptide(L)'
;MKGILGTKIGMTQIWKNDRAIPVTVVLAGPCPIVQRKTAQTDGYEAVQIGYAPKAERKVNKPMQGHFAKAGVAPTRILRE
FRGFAPDGDSVNVDIFAEGEKIDATGTSKGKGTQGVMKRWNFAGGPASHGSKKWHRRPGSIGQRKTPGRVYKGKRMAGHM
GMERVTVQNLEVVEIRAGENLILVKGAIPGANGGLVVLRSAAKASA
;
B
5 'polypeptide(L)'
;AQINVIGQNGGRTIELPLPEVNSGVLHEVVTWQLASRRRGTASTRTRAQVSKTGRKMYGQKGTGNARHGDRSVPTFVGGG
VAFGPKPRSYDYTLPRQVRQLGLAMAIASRQEGGKLVAVDGFDIADAKTKNFISWAKQNGLDGTEKVLLVTDDENTRRAA
RNVSWVSVLPVAGVNVYDILRHDRLVIDAAALEIV
;
C
6 'polypeptide(L)'
;QQLKTKYNDQVRPALMQQFGYSSVMAVPRIEKIVVNEGLGSSKEDSKAIDKAAKELALITLQKPIITKAKKSISNFKLRQ
GMPVGIKVTLRGERMYVFLEKLINIGLPRIRDFRGINPNAFDGRGNYNLGIKEQLIFPEITYDMVDKTRGMDITIVTTAK
TDEEARALLQSMGLPF
;
D
7 'polypeptide(L)'
;GKQPIAVPSGVTVNAQDGVFKVKGPKGELTVPYNTELTVRQDGDQLLVERPSDAQKHRALHGLTRTLVANAVKGVSDGYT
INLELRGVGFRAKLTGKALEMNIGYSHPVIIEPPAGVTFAVPEPTRIDVSGIDKQLVGQVAANVRKVRKPDAYHGKGVRF
VGEQIALKAGK
;
E
8 'polypeptide(L)'
;KTYIPKNDEQNWVVVDASGVPLGRLATLIASRIRGKHRPDFTPNMIQGDFVVVINAAQVALTGKKLDDKVYTRYTGYQGG
LKTETAREALSKHPERVIEHAVFGMLPKGRQGRAMHTRLKVYAGETHPHSAQKPQVLKTQPL
;
G
9 'polypeptide(L)'
;MIMPQSRLDVADNSGAREIMCIRVLNSGIGGKGLTTGGGGNKRYAHVGDIIVASVKDAAPRGAVKAGDVVKAVVVRTSHA
IKRADGSTIRFDRNAAVIINNQGEPRGTRVFGPVARELRDRRFMKIVSLAPEVL
;
H
10 'polypeptide(L)'
;MKLHDLKPTPGSRKDRKRVGRGPGGTDKTAGRGHKGQKSRSGAGKGAFFEGGRSRLIARLPKRGFNNVGTTYEVVKLSQL
QDLEDTTFDRDTLEAYRLVRRKNRPVKLLASGEISRAVTVHVDAASAAAIKAVEAAG
;
I
11 'polypeptide(L)'
;KRTKFRKQFRGRMTGDAKGGDYVAFGDYGLIAMEPAWIKSNQIEACRIVMSRHFRRGGKIYIRIFPDKPVTKKPAETRMG
KGKGAVEYWVSVVKPGRVMFEVAGVTEEQAKEAFRLAGHKLPIQTKMVKREVYD
;
J
12 'polypeptide(L)'
;MRHGKAGRKLNRNSSARVALARAQATALLREGRIQTTLTKAKELRPFVEQLITTAKGGDLHSRRLVAQDIHDKDVVRKVM
DEVAPKYAERPGGYTRILRVGTRRGDGVTMALIEL
;
K
13 'polypeptide(L)'
;RRKLRTRRKVRTTTAASGRLRLSVYRSSKHIYAQIIDDSRGQTLAAASSAALKSGNKTDTAAAVGKALAAAAAEKGIKQV
VFDRGSYKYHGRVKALADAAREGG
;
L
14 'polypeptide(L)'
;QTHIKINRGELLRGIEQDHTRQLPDFRPGDTVRVDTKVREGNRTRSQAFEGVVIAINGSGSRKSFTVRKISFGEGVERVF
PFASPLVNQVTIVERGKVRRAKLYYLRELRGKAARIKS
;
M
15 'polypeptide(L)'
;PRAKTGIVRRRRHKKVLKRAKGFWGSRSKQYRNAFQTLLNAATYEYRDRRNKKRDFRRLWIQRINAGARLHGMNYSTFIN
GLKRANIDLNRKVLADIAAREPEAFKALVDASRNARQ
;
N
16 'polypeptide(L)'
;MFAIIQTGGKQARVSEGDVIRVESLQGEAGDKVELKALFVGGEQTVFGEDAGKYTVQAEVVEHGRGKKIYIRKYKSGVQY
RRRTGHRQNFTAIKILGI
;
O
17 'polypeptide(L)'
;QTFRNKKQRKQQVKLRKPGFAVAKYVRMSPRKVRLVVDVIRGKSVQDAEDLLRFIPRSASEPVAKVLNSAKANALHNDEM
LEDRLFVKEAYVDAGPTLKRLIPRARGSANIIKKRTSHITIIVAEKGNK
;
P
18 'polypeptide(L)'
;SHYDILQAPVISEKAYSAMERGVYSFWVSPKATKTEIKDAIQQAFGVRVIGISTMNVPGKRKRVGRFIGQRNDRKKAIVR
LAEGQSIEALAGQ
;
Q
19 'polypeptide(L)'
;PSAGSHHNDKLHFKKGDTVIVLSGKHKGQTGKVLLALPRDQKVVVEGVNVITKNVKPSMTNPQGGQEQRELALHASKVAL
VDPETGKATRVRKQIVDGKKVRVAVASGKT
;
R
20 'polypeptide(L)'
;MELTAKPRTPKQKLDESMIAAVAYNKENNVSFALDRKAFDRAFRQQSTTGLFDITVEGGETFPALVKAVQMDKRKRAPIH
VDFYMVTYGEPVEVSVPVHTTGRSQGEVQGGLVDIVVHNLQIVAPGPRRIPQELVVDVTKMNIGDHITAGDIKLPEGCTL
AADPELTVVSVLPPR
;
S
21 'polypeptide(L)' NGRDSNPKYLGVKKFGGEVVKAGNILVRQRGTKFKAGQGVGMGRDHTLFALSDGKVVFINKGKGARFISIEA T
22 'polypeptide(L)' YLTGKKNLVVNSVIRRGKARADGGVGRKTTGITKRVQRANLHKKAIRENGQVKTVWLSANALRTLSKGPYKGIE U
23 'polypeptide(L)' DFAKEIDARKKELMELRFQAAAGQLAQPHRVRQLRREVAQLNTVKAELARKGEQ V
24 'polypeptide(L)' MKIKLVRSVIGRPGNQVKTVQALGLRKIGDSREVSDTPAVRGMVKTVKHLLEVQE W
25 'polypeptide(L)' KHPVPKKKTSKSKRDMRRSHHALTAPNLTECPQCHGKKLSHHICPNCGYYDGRQVLA Z
26 'polypeptide(L)' PRIIVKMESSAGTGFYYTTTKNRRNTQAKLELKKYDPVAKKHVVFREKK 1
27 'polypeptide(L)' MKRTYQPNNRKRAKTHGFRARMKTKSGRNILARRRAKGRHQLTVSD 2
28 'polypeptide(L)' PKMKTHKMAKRRIKITGTGKVMAFKSGKRHQNTGKSGDEIRGKGKGFVLAKAEWARMKLMLPR 3
#
loop_
_chem_comp.id
_chem_comp.type
_chem_comp.name
_chem_comp.formula
A RNA linking ADENOSINE-5'-MONOPHOSPHATE 'C10 H14 N5 O7 P'
C RNA linking CYTIDINE-5'-MONOPHOSPHATE 'C9 H14 N3 O8 P'
G RNA linking GUANOSINE-5'-MONOPHOSPHATE 'C10 H14 N5 O8 P'
MG non-polymer 'MAGNESIUM ION' 'Mg 2'
MIV non-polymer 'MYCINAMICIN IV' 'C37 H61 N O11'
SPD non-polymer SPERMIDINE 'C7 H19 N3'
U RNA linking URIDINE-5'-MONOPHOSPHATE 'C9 H13 N2 O9 P'
#
# COMPACT_ATOMS: atom_id res chain seq x y z
N ALA C 1 6.47 -82.98 -13.70
CA ALA C 1 5.38 -83.30 -12.77
C ALA C 1 5.32 -82.29 -11.62
N VAL C 2 5.55 -81.01 -11.93
CA VAL C 2 5.41 -79.96 -10.94
C VAL C 2 3.95 -79.81 -10.53
N LYS C 3 3.73 -79.44 -9.26
CA LYS C 3 2.38 -79.29 -8.75
C LYS C 3 1.71 -78.04 -9.30
N LYS C 4 0.39 -78.13 -9.49
CA LYS C 4 -0.39 -77.00 -9.99
C LYS C 4 -1.54 -76.70 -9.03
N TYR C 5 -2.37 -75.74 -9.41
CA TYR C 5 -3.46 -75.28 -8.57
C TYR C 5 -4.60 -74.81 -9.45
N ARG C 6 -5.80 -75.00 -8.95
CA ARG C 6 -6.97 -74.33 -9.47
C ARG C 6 -6.99 -72.89 -8.99
N PRO C 7 -7.71 -72.03 -9.69
CA PRO C 7 -7.76 -70.60 -9.37
C PRO C 7 -8.75 -70.22 -8.27
N TYR C 8 -8.74 -71.00 -7.18
CA TYR C 8 -9.66 -70.70 -6.10
C TYR C 8 -9.36 -69.33 -5.47
N THR C 9 -8.14 -68.84 -5.70
CA THR C 9 -7.70 -67.50 -5.36
C THR C 9 -7.15 -66.79 -6.60
N PRO C 10 -7.22 -65.46 -6.64
CA PRO C 10 -6.78 -64.74 -7.85
C PRO C 10 -5.34 -64.99 -8.28
N SER C 11 -4.39 -65.20 -7.33
CA SER C 11 -2.99 -65.37 -7.67
C SER C 11 -2.51 -66.81 -7.46
N ARG C 12 -3.41 -67.76 -7.26
CA ARG C 12 -2.98 -69.14 -7.10
C ARG C 12 -2.91 -69.89 -8.43
N ARG C 13 -3.65 -69.45 -9.45
CA ARG C 13 -3.66 -70.21 -10.71
C ARG C 13 -2.31 -70.19 -11.41
N GLN C 14 -1.61 -69.06 -11.37
CA GLN C 14 -0.34 -68.91 -12.09
C GLN C 14 0.86 -69.42 -11.30
N MET C 15 0.71 -69.70 -10.02
CA MET C 15 1.80 -70.20 -9.20
C MET C 15 2.24 -71.58 -9.68
N THR C 16 3.50 -71.90 -9.38
CA THR C 16 4.02 -73.23 -9.60
C THR C 16 4.88 -73.60 -8.40
N THR C 17 4.99 -74.90 -8.13
CA THR C 17 5.76 -75.41 -7.00
C THR C 17 6.39 -76.74 -7.40
N ALA C 18 7.60 -76.96 -6.92
CA ALA C 18 8.46 -78.06 -7.33
C ALA C 18 7.97 -79.40 -6.77
N ASP C 19 8.38 -80.47 -7.46
CA ASP C 19 7.97 -81.83 -7.12
C ASP C 19 8.94 -82.40 -6.08
N PHE C 20 8.44 -82.59 -4.85
CA PHE C 20 9.24 -83.05 -3.73
C PHE C 20 9.15 -84.55 -3.48
N SER C 21 8.47 -85.31 -4.34
CA SER C 21 8.18 -86.69 -4.00
C SER C 21 9.44 -87.51 -3.86
N GLY C 22 10.45 -87.24 -4.68
CA GLY C 22 11.67 -88.03 -4.62
C GLY C 22 12.60 -87.65 -3.50
N LEU C 23 12.46 -86.44 -2.96
CA LEU C 23 13.27 -86.04 -1.81
C LEU C 23 12.88 -86.87 -0.60
N THR C 24 13.89 -87.29 0.17
CA THR C 24 13.64 -88.04 1.39
C THR C 24 13.25 -87.06 2.50
N LYS C 25 12.12 -87.33 3.14
CA LYS C 25 11.61 -86.42 4.18
C LYS C 25 12.34 -86.71 5.47
N LYS C 26 13.40 -85.94 5.76
CA LYS C 26 14.23 -86.18 6.94
C LYS C 26 14.97 -84.89 7.32
N ARG C 27 15.37 -84.84 8.60
CA ARG C 27 16.07 -83.67 9.14
C ARG C 27 17.51 -83.58 8.61
N PRO C 28 18.03 -82.36 8.44
CA PRO C 28 19.15 -82.15 7.50
C PRO C 28 20.42 -82.95 7.78
N GLU C 29 20.74 -83.23 9.06
CA GLU C 29 21.96 -83.85 9.59
C GLU C 29 22.61 -82.92 10.60
N LYS C 30 22.54 -83.27 11.88
CA LYS C 30 22.85 -82.30 12.93
C LYS C 30 24.30 -81.83 12.90
N ALA C 31 25.23 -82.69 12.50
CA ALA C 31 26.62 -82.25 12.43
C ALA C 31 26.91 -81.43 11.19
N LEU C 32 26.38 -81.87 10.04
CA LEU C 32 26.70 -81.24 8.77
C LEU C 32 26.08 -79.85 8.64
N THR C 33 25.10 -79.52 9.46
CA THR C 33 24.49 -78.19 9.46
C THR C 33 25.12 -77.36 10.58
N GLU C 34 26.23 -76.71 10.26
CA GLU C 34 26.74 -75.66 11.13
C GLU C 34 25.75 -74.51 11.25
N ALA C 35 24.84 -74.38 10.29
CA ALA C 35 23.72 -73.45 10.41
C ALA C 35 24.29 -72.03 10.48
N LEU C 36 23.75 -71.20 11.34
CA LEU C 36 24.25 -69.85 11.56
C LEU C 36 24.39 -69.09 10.25
N PRO C 37 23.30 -68.77 9.52
CA PRO C 37 23.42 -67.71 8.53
C PRO C 37 22.83 -66.38 9.00
N LYS C 38 23.64 -65.33 8.98
CA LYS C 38 23.18 -64.04 9.48
C LYS C 38 22.07 -63.45 8.61
N THR C 39 22.16 -63.65 7.28
CA THR C 39 21.14 -63.18 6.34
C THR C 39 20.93 -61.67 6.39
N GLY C 40 22.02 -60.91 6.25
CA GLY C 40 21.96 -59.46 6.18
C GLY C 40 22.47 -58.92 4.86
N GLY C 41 21.74 -57.95 4.29
CA GLY C 41 22.20 -57.27 3.09
C GLY C 41 23.15 -56.10 3.31
N ARG C 42 23.42 -55.78 4.60
CA ARG C 42 24.00 -54.53 5.06
C ARG C 42 25.53 -54.47 5.08
N ASN C 43 26.23 -55.59 4.92
CA ASN C 43 27.69 -55.59 4.85
C ASN C 43 28.41 -55.08 6.10
N ASN C 44 29.73 -54.93 5.99
CA ASN C 44 30.60 -54.75 7.16
C ASN C 44 30.32 -53.46 7.92
N ARG C 45 29.75 -52.45 7.26
CA ARG C 45 29.53 -51.16 7.90
C ARG C 45 28.05 -50.85 8.10
N GLY C 46 27.15 -51.79 7.83
CA GLY C 46 25.75 -51.55 8.07
C GLY C 46 25.06 -50.76 6.98
N ARG C 47 25.76 -50.50 5.86
CA ARG C 47 25.20 -49.75 4.74
C ARG C 47 24.79 -50.69 3.61
N ILE C 48 23.63 -50.41 3.02
CA ILE C 48 23.01 -51.34 2.09
C ILE C 48 23.91 -51.54 0.89
N THR C 49 24.17 -52.78 0.53
CA THR C 49 25.07 -53.02 -0.58
C THR C 49 24.35 -53.70 -1.73
N SER C 50 24.10 -54.98 -1.63
CA SER C 50 23.21 -55.61 -2.59
C SER C 50 21.81 -55.16 -2.23
N ARG C 51 21.26 -54.24 -3.01
CA ARG C 51 20.00 -53.62 -2.63
C ARG C 51 18.85 -54.62 -2.69
N PHE C 52 17.84 -54.38 -1.85
CA PHE C 52 16.58 -55.11 -1.84
C PHE C 52 16.67 -56.54 -1.33
N ILE C 53 17.73 -56.91 -0.61
CA ILE C 53 17.70 -58.19 0.11
C ILE C 53 16.97 -57.97 1.43
N GLY C 54 15.93 -58.76 1.66
CA GLY C 54 15.12 -58.54 2.84
C GLY C 54 14.73 -59.84 3.51
N GLY C 55 13.74 -59.79 4.40
CA GLY C 55 13.45 -60.87 5.32
C GLY C 55 13.35 -62.27 4.74
N GLY C 56 12.14 -62.81 4.69
CA GLY C 56 11.96 -64.17 4.22
C GLY C 56 12.21 -65.22 5.29
N HIS C 57 12.09 -66.48 4.85
CA HIS C 57 12.25 -67.58 5.78
C HIS C 57 13.70 -67.69 6.25
N LYS C 58 13.85 -67.93 7.55
CA LYS C 58 15.16 -68.23 8.10
C LYS C 58 15.66 -69.56 7.58
N ARG C 59 16.94 -69.63 7.30
CA ARG C 59 17.53 -70.84 6.74
C ARG C 59 18.68 -71.29 7.64
N LEU C 60 19.18 -72.49 7.36
CA LEU C 60 20.43 -73.00 7.88
C LEU C 60 21.32 -73.41 6.73
N TYR C 61 22.62 -73.20 6.90
CA TYR C 61 23.57 -73.86 6.02
C TYR C 61 23.68 -75.33 6.43
N ARG C 62 23.90 -76.19 5.43
CA ARG C 62 24.42 -77.54 5.62
C ARG C 62 25.71 -77.65 4.83
N ILE C 63 26.81 -78.00 5.50
CA ILE C 63 28.10 -78.00 4.83
C ILE C 63 28.09 -79.00 3.69
N ILE C 64 28.60 -78.60 2.53
CA ILE C 64 28.68 -79.43 1.35
C ILE C 64 30.14 -79.64 0.99
N ASP C 65 30.46 -80.84 0.52
CA ASP C 65 31.83 -81.19 0.14
C ASP C 65 32.03 -80.81 -1.33
N PHE C 66 32.84 -79.78 -1.59
CA PHE C 66 33.11 -79.38 -2.96
C PHE C 66 34.41 -79.93 -3.52
N LYS C 67 35.41 -80.17 -2.67
CA LYS C 67 36.68 -80.71 -3.16
C LYS C 67 36.56 -82.19 -3.50
N ARG C 68 35.93 -82.98 -2.62
CA ARG C 68 35.73 -84.41 -2.81
C ARG C 68 37.03 -85.12 -3.17
N ARG C 69 38.11 -84.76 -2.48
CA ARG C 69 39.43 -85.31 -2.78
C ARG C 69 40.07 -86.06 -1.62
N ASP C 70 39.61 -85.83 -0.39
CA ASP C 70 40.18 -86.58 0.73
C ASP C 70 39.68 -88.02 0.80
N LYS C 71 38.63 -88.36 0.05
CA LYS C 71 38.02 -89.68 0.07
C LYS C 71 38.41 -90.55 -1.12
N SER C 72 39.53 -90.22 -1.79
CA SER C 72 39.90 -90.92 -3.02
C SER C 72 40.14 -92.40 -2.76
N GLY C 73 39.56 -93.24 -3.62
CA GLY C 73 39.60 -94.68 -3.49
C GLY C 73 38.53 -95.30 -2.62
N VAL C 74 37.66 -94.51 -2.00
CA VAL C 74 36.64 -95.01 -1.07
C VAL C 74 35.29 -94.96 -1.75
N ASN C 75 34.54 -96.06 -1.65
CA ASN C 75 33.18 -96.13 -2.12
C ASN C 75 32.25 -95.36 -1.19
N ALA C 76 31.12 -94.91 -1.74
CA ALA C 76 30.10 -94.24 -0.95
C ALA C 76 28.73 -94.72 -1.40
N LYS C 77 27.86 -94.98 -0.44
CA LYS C 77 26.47 -95.32 -0.72
C LYS C 77 25.60 -94.08 -0.56
N VAL C 78 24.62 -93.93 -1.45
CA VAL C 78 23.77 -92.74 -1.47
C VAL C 78 22.67 -92.96 -0.43
N ALA C 79 22.79 -92.29 0.71
CA ALA C 79 21.81 -92.52 1.76
C ALA C 79 20.43 -92.04 1.35
N ALA C 80 20.32 -90.77 0.94
CA ALA C 80 19.02 -90.16 0.72
C ALA C 80 19.11 -88.77 0.10
N ILE C 81 18.60 -88.61 -1.11
CA ILE C 81 18.47 -87.27 -1.69
C ILE C 81 17.41 -86.50 -0.90
N GLU C 82 17.67 -85.22 -0.68
CA GLU C 82 16.82 -84.44 0.22
C GLU C 82 16.87 -82.96 -0.16
N TYR C 83 15.87 -82.23 0.36
CA TYR C 83 15.71 -80.82 0.06
C TYR C 83 16.80 -79.98 0.70
N ASP C 84 17.06 -78.83 0.10
CA ASP C 84 17.95 -77.88 0.73
C ASP C 84 17.65 -76.43 0.34
N PRO C 85 17.38 -75.56 1.32
CA PRO C 85 17.39 -74.13 1.04
C PRO C 85 18.80 -73.63 0.75
N ASN C 86 18.89 -72.52 0.01
CA ASN C 86 20.12 -71.82 -0.44
C ASN C 86 20.77 -72.45 -1.67
N ARG C 87 20.10 -73.40 -2.32
CA ARG C 87 20.60 -74.00 -3.54
C ARG C 87 19.46 -74.16 -4.52
N SER C 88 19.71 -73.82 -5.78
CA SER C 88 18.79 -74.19 -6.84
C SER C 88 18.82 -75.71 -7.07
N ALA C 89 19.93 -76.35 -6.73
CA ALA C 89 20.09 -77.79 -6.88
C ALA C 89 19.75 -78.52 -5.58
N ARG C 90 19.14 -79.70 -5.72
CA ARG C 90 19.00 -80.61 -4.60
C ARG C 90 20.34 -81.28 -4.30
N ILE C 91 20.53 -81.71 -3.07
CA ILE C 91 21.78 -82.33 -2.65
C ILE C 91 21.49 -83.74 -2.16
N ALA C 92 22.54 -84.56 -2.21
CA ALA C 92 22.46 -85.97 -1.82
C ALA C 92 23.39 -86.23 -0.64
N LEU C 93 22.83 -86.85 0.39
CA LEU C 93 23.59 -87.43 1.48
C LEU C 93 24.28 -88.72 1.03
N LEU C 94 25.50 -88.94 1.51
CA LEU C 94 26.18 -90.18 1.17
C LEU C 94 27.06 -90.63 2.32
N HIS C 95 27.04 -91.95 2.58
CA HIS C 95 27.80 -92.57 3.66
C HIS C 95 29.00 -93.30 3.08
N TYR C 96 30.18 -93.04 3.64
CA TYR C 96 31.42 -93.62 3.16
C TYR C 96 31.70 -94.95 3.86
N ALA C 97 32.62 -95.73 3.27
CA ALA C 97 32.95 -97.04 3.82
C ALA C 97 33.55 -96.95 5.22
N ASP C 98 34.26 -95.86 5.53
CA ASP C 98 34.74 -95.61 6.88
C ASP C 98 33.67 -94.95 7.75
N GLY C 99 32.44 -94.83 7.23
CA GLY C 99 31.32 -94.38 8.01
C GLY C 99 31.11 -92.90 8.06
N GLU C 100 31.96 -92.10 7.42
CA GLU C 100 31.70 -90.67 7.37
C GLU C 100 30.48 -90.39 6.49
N LYS C 101 29.63 -89.49 6.96
CA LYS C 101 28.51 -88.97 6.19
C LYS C 101 28.93 -87.64 5.58
N ARG C 102 28.47 -87.38 4.35
CA ARG C 102 28.81 -86.11 3.73
C ARG C 102 27.83 -85.78 2.62
N TYR C 103 27.65 -84.48 2.41
CA TYR C 103 26.74 -83.94 1.41
C TYR C 103 27.45 -83.65 0.10
N ILE C 104 26.70 -83.74 -0.99
CA ILE C 104 27.20 -83.43 -2.32
C ILE C 104 26.04 -82.91 -3.15
N LEU C 105 26.37 -82.30 -4.29
CA LEU C 105 25.34 -81.94 -5.26
C LEU C 105 24.70 -83.20 -5.83
N ALA C 106 23.41 -83.10 -6.16
CA ALA C 106 22.72 -84.22 -6.77
C ALA C 106 22.74 -84.07 -8.28
N PRO C 107 23.33 -85.01 -9.01
CA PRO C 107 23.18 -85.04 -10.47
C PRO C 107 21.77 -85.45 -10.89
N GLU C 108 21.43 -85.14 -12.14
CA GLU C 108 20.20 -85.66 -12.71
C GLU C 108 20.21 -87.18 -12.69
N GLY C 109 19.04 -87.77 -12.48
CA GLY C 109 18.97 -89.19 -12.21
C GLY C 109 19.50 -89.46 -10.82
N LEU C 110 20.34 -90.48 -10.71
CA LEU C 110 20.88 -90.93 -9.43
C LEU C 110 19.75 -91.26 -8.46
N THR C 111 19.17 -92.45 -8.60
CA THR C 111 18.24 -92.95 -7.59
C THR C 111 18.99 -93.25 -6.29
N VAL C 112 18.27 -93.14 -5.18
CA VAL C 112 18.90 -93.33 -3.88
C VAL C 112 19.47 -94.75 -3.77
N GLY C 113 20.58 -94.88 -3.06
CA GLY C 113 21.26 -96.14 -2.86
C GLY C 113 22.28 -96.50 -3.90
N ALA C 114 22.47 -95.67 -4.91
CA ALA C 114 23.48 -95.94 -5.93
C ALA C 114 24.89 -95.76 -5.36
N THR C 115 25.81 -96.62 -5.77
CA THR C 115 27.19 -96.47 -5.34
C THR C 115 27.89 -95.37 -6.13
N VAL C 116 28.88 -94.75 -5.49
CA VAL C 116 29.68 -93.68 -6.10
C VAL C 116 31.13 -93.85 -5.68
N ASN C 117 32.05 -93.50 -6.58
CA ASN C 117 33.47 -93.78 -6.38
C ASN C 117 34.29 -92.52 -6.67
N ALA C 118 34.80 -91.90 -5.61
CA ALA C 118 35.75 -90.81 -5.75
C ALA C 118 37.14 -91.34 -6.06
N GLY C 119 37.98 -90.49 -6.66
CA GLY C 119 39.38 -90.79 -6.80
C GLY C 119 39.91 -90.61 -8.20
N PRO C 120 41.16 -91.04 -8.44
CA PRO C 120 41.72 -90.98 -9.80
C PRO C 120 41.23 -92.11 -10.70
N GLU C 121 41.28 -93.36 -10.20
CA GLU C 121 41.03 -94.55 -10.99
C GLU C 121 39.55 -94.95 -11.08
N ALA C 122 38.67 -94.26 -10.36
CA ALA C 122 37.25 -94.59 -10.37
C ALA C 122 36.63 -94.37 -11.75
N GLU C 123 35.70 -95.25 -12.10
CA GLU C 123 35.10 -95.29 -13.42
C GLU C 123 34.12 -94.14 -13.64
N PRO C 124 33.95 -93.68 -14.88
CA PRO C 124 32.99 -92.60 -15.16
C PRO C 124 31.52 -93.01 -14.97
N LYS C 125 31.20 -93.50 -13.78
CA LYS C 125 29.82 -93.67 -13.35
C LYS C 125 29.22 -92.30 -13.05
N LEU C 126 27.89 -92.25 -13.01
CA LEU C 126 27.23 -91.06 -12.49
C LEU C 126 27.61 -90.86 -11.03
N GLY C 127 27.96 -89.61 -10.68
CA GLY C 127 28.23 -89.22 -9.32
C GLY C 127 29.68 -89.29 -8.87
N ASN C 128 30.57 -89.87 -9.67
CA ASN C 128 31.97 -89.96 -9.28
C ASN C 128 32.67 -88.62 -9.45
N ALA C 129 33.70 -88.40 -8.62
CA ALA C 129 34.55 -87.21 -8.69
C ALA C 129 35.84 -87.57 -9.42
N LEU C 130 36.08 -86.92 -10.56
CA LEU C 130 37.15 -87.37 -11.42
C LEU C 130 38.06 -86.21 -11.81
N PRO C 131 39.35 -86.48 -12.03
CA PRO C 131 40.20 -85.53 -12.76
C PRO C 131 39.78 -85.38 -14.22
N LEU C 132 40.03 -84.20 -14.77
CA LEU C 132 39.71 -83.94 -16.17
C LEU C 132 40.45 -84.87 -17.12
N ARG C 133 41.61 -85.38 -16.70
CA ARG C 133 42.43 -86.19 -17.60
C ARG C 133 41.75 -87.52 -17.95
N PHE C 134 41.18 -88.19 -16.95
CA PHE C 134 40.54 -89.48 -17.18
C PHE C 134 39.14 -89.35 -17.76
N VAL C 135 38.56 -88.16 -17.74
CA VAL C 135 37.22 -87.97 -18.30
C VAL C 135 37.27 -88.13 -19.80
N PRO C 136 36.46 -89.01 -20.39
CA PRO C 136 36.35 -89.07 -21.85
C PRO C 136 35.76 -87.78 -22.42
N VAL C 137 36.19 -87.46 -23.65
CA VAL C 137 35.80 -86.21 -24.30
C VAL C 137 34.31 -86.19 -24.57
N GLY C 138 33.70 -85.02 -24.37
CA GLY C 138 32.31 -84.76 -24.72
C GLY C 138 31.27 -85.16 -23.69
N ALA C 139 31.68 -85.72 -22.55
CA ALA C 139 30.71 -86.17 -21.56
C ALA C 139 30.12 -84.99 -20.77
N VAL C 140 28.89 -85.16 -20.32
CA VAL C 140 28.27 -84.19 -19.44
C VAL C 140 28.90 -84.31 -18.06
N VAL C 141 29.27 -83.17 -17.47
CA VAL C 141 29.85 -83.11 -16.12
C VAL C 141 29.46 -81.79 -15.48
N HIS C 142 29.40 -81.80 -14.14
CA HIS C 142 29.23 -80.57 -13.37
C HIS C 142 30.20 -80.56 -12.20
N ALA C 143 29.98 -79.68 -11.22
CA ALA C 143 30.81 -79.60 -10.03
C ALA C 143 32.28 -79.51 -10.42
N LEU C 144 32.61 -78.49 -11.20
CA LEU C 144 33.93 -78.36 -11.83
C LEU C 144 34.84 -77.43 -11.04
N GLU C 145 36.05 -77.90 -10.73
CA GLU C 145 37.06 -77.05 -10.12
C GLU C 145 37.62 -76.05 -11.14
N LEU C 146 37.95 -74.86 -10.65
CA LEU C 146 38.80 -73.95 -11.40
C LEU C 146 40.29 -74.16 -11.12
N VAL C 147 40.63 -74.57 -9.90
CA VAL C 147 42.01 -74.87 -9.53
C VAL C 147 42.02 -76.18 -8.75
N PRO C 148 43.16 -76.91 -8.80
CA PRO C 148 43.25 -78.12 -7.98
C PRO C 148 43.13 -77.79 -6.50
N GLY C 149 42.51 -78.71 -5.76
CA GLY C 149 42.10 -78.35 -4.41
C GLY C 149 40.96 -77.35 -4.46
N LYS C 150 40.98 -76.42 -3.50
CA LYS C 150 39.96 -75.37 -3.41
C LYS C 150 38.57 -75.98 -3.37
N GLY C 151 38.07 -76.34 -4.54
CA GLY C 151 36.77 -76.97 -4.66
C GLY C 151 36.12 -76.66 -5.99
N ALA C 152 35.01 -77.32 -6.23
CA ALA C 152 34.22 -77.07 -7.43
C ALA C 152 33.63 -75.67 -7.40
N GLN C 153 33.73 -74.97 -8.52
CA GLN C 153 33.16 -73.64 -8.65
C GLN C 153 32.28 -73.47 -9.87
N LEU C 154 32.44 -74.30 -10.89
CA LEU C 154 31.65 -74.20 -12.11
C LEU C 154 30.55 -75.26 -12.11
N ALA C 155 29.43 -74.92 -12.72
CA ALA C 155 28.27 -75.78 -12.83
C ALA C 155 27.82 -76.27 -11.45
N ARG C 156 26.88 -75.56 -10.84
CA ARG C 156 26.41 -76.01 -9.53
C ARG C 156 24.98 -75.55 -9.28
N SER C 157 24.47 -74.67 -10.13
CA SER C 157 23.04 -74.41 -10.14
C SER C 157 22.30 -75.60 -10.75
N ALA C 158 21.02 -75.73 -10.42
CA ALA C 158 20.27 -76.88 -10.91
C ALA C 158 20.24 -76.88 -12.44
N GLY C 159 20.53 -78.05 -13.01
CA GLY C 159 20.43 -78.28 -14.44
C GLY C 159 21.63 -77.84 -15.25
N THR C 160 22.65 -77.24 -14.63
CA THR C 160 23.79 -76.80 -15.42
C THR C 160 24.66 -77.99 -15.81
N SER C 161 25.28 -77.86 -16.97
CA SER C 161 26.16 -78.90 -17.49
C SER C 161 27.38 -78.27 -18.12
N VAL C 162 28.49 -78.99 -18.05
CA VAL C 162 29.74 -78.60 -18.68
C VAL C 162 30.14 -79.67 -19.67
N GLN C 163 30.68 -79.26 -20.81
CA GLN C 163 31.05 -80.18 -21.89
C GLN C 163 32.56 -80.17 -22.07
N VAL C 164 33.19 -81.32 -21.85
CA VAL C 164 34.58 -81.49 -22.26
C VAL C 164 34.66 -81.41 -23.78
N GLN C 165 35.74 -80.80 -24.29
CA GLN C 165 35.94 -80.69 -25.72
C GLN C 165 37.24 -81.40 -26.05
N GLY C 166 38.25 -80.69 -26.55
CA GLY C 166 39.55 -81.27 -26.79
C GLY C 166 40.43 -81.26 -25.56
N LYS C 167 41.72 -81.52 -25.78
CA LYS C 167 42.68 -81.66 -24.69
C LYS C 167 44.04 -81.15 -25.14
N GLU C 168 44.78 -80.57 -24.20
CA GLU C 168 46.12 -80.10 -24.44
C GLU C 168 47.11 -81.00 -23.68
N SER C 169 48.33 -80.49 -23.44
CA SER C 169 49.31 -81.27 -22.69
C SER C 169 48.87 -81.49 -21.25
N ASP C 170 48.14 -80.54 -20.67
CA ASP C 170 47.55 -80.70 -19.36
C ASP C 170 46.14 -80.13 -19.41
N TYR C 171 46.03 -78.87 -19.81
CA TYR C 171 44.75 -78.18 -19.80
C TYR C 171 43.76 -78.88 -20.72
N VAL C 172 42.50 -78.91 -20.29
CA VAL C 172 41.40 -79.46 -21.05
C VAL C 172 40.37 -78.37 -21.25
N ILE C 173 39.92 -78.20 -22.49
CA ILE C 173 38.87 -77.22 -22.80
C ILE C 173 37.52 -77.74 -22.33
N VAL C 174 36.65 -76.84 -21.87
CA VAL C 174 35.30 -77.21 -21.50
C VAL C 174 34.33 -76.11 -21.92
N ARG C 175 33.09 -76.51 -22.18
CA ARG C 175 32.00 -75.59 -22.50
C ARG C 175 31.22 -75.28 -21.23
N LEU C 176 31.24 -74.01 -20.83
CA LEU C 176 30.53 -73.53 -19.66
C LEU C 176 29.03 -73.33 -19.97
N PRO C 177 28.19 -73.27 -18.93
CA PRO C 177 26.74 -73.07 -19.15
C PRO C 177 26.39 -71.81 -19.91
N SER C 178 27.24 -70.78 -19.88
CA SER C 178 27.09 -69.67 -20.81
C SER C 178 27.47 -70.05 -22.24
N GLY C 179 28.08 -71.20 -22.46
CA GLY C 179 28.68 -71.46 -23.74
C GLY C 179 30.07 -70.89 -23.87
N GLU C 180 30.63 -70.34 -22.81
CA GLU C 180 32.02 -69.95 -22.82
C GLU C 180 32.91 -71.18 -22.97
N LEU C 181 33.96 -71.03 -23.76
CA LEU C 181 34.91 -72.11 -24.03
C LEU C 181 36.17 -71.86 -23.21
N ARG C 182 36.15 -72.30 -21.95
CA ARG C 182 37.27 -71.99 -21.06
C ARG C 182 38.14 -73.21 -20.83
N ARG C 183 39.44 -72.99 -20.83
CA ARG C 183 40.40 -74.03 -20.45
C ARG C 183 40.40 -74.23 -18.93
N VAL C 184 40.71 -75.45 -18.50
CA VAL C 184 40.75 -75.79 -17.09
C VAL C 184 41.79 -76.89 -16.89
N HIS C 185 42.50 -76.84 -15.77
CA HIS C 185 43.62 -77.73 -15.54
C HIS C 185 43.16 -79.18 -15.49
N SER C 186 44.07 -80.07 -15.88
CA SER C 186 43.76 -81.51 -15.93
C SER C 186 43.40 -82.06 -14.56
N GLU C 187 43.99 -81.53 -13.50
CA GLU C 187 43.82 -82.09 -12.16
C GLU C 187 42.55 -81.61 -11.48
N CYS C 188 41.79 -80.72 -12.10
CA CYS C 188 40.53 -80.30 -11.51
C CYS C 188 39.55 -81.47 -11.46
N TYR C 189 38.87 -81.62 -10.34
CA TYR C 189 37.83 -82.63 -10.27
C TYR C 189 36.54 -82.11 -10.90
N ALA C 190 35.69 -83.06 -11.27
CA ALA C 190 34.35 -82.77 -11.77
C ALA C 190 33.45 -83.94 -11.42
N THR C 191 32.16 -83.66 -11.29
CA THR C 191 31.15 -84.69 -11.15
C THR C 191 30.50 -84.95 -12.51
N ILE C 192 30.48 -86.21 -12.93
CA ILE C 192 29.94 -86.57 -14.23
C ILE C 192 28.44 -86.25 -14.29
N GLY C 193 27.99 -85.81 -15.46
CA GLY C 193 26.58 -85.60 -15.72
C GLY C 193 26.07 -84.24 -15.33
N ALA C 194 24.81 -84.00 -15.68
CA ALA C 194 24.07 -82.79 -15.34
C ALA C 194 23.59 -82.81 -13.89
N VAL C 195 23.35 -81.61 -13.35
CA VAL C 195 22.84 -81.45 -11.98
C VAL C 195 21.38 -81.89 -11.91
N GLY C 196 20.96 -82.32 -10.71
CA GLY C 196 19.60 -82.78 -10.48
C GLY C 196 18.61 -81.65 -10.31
N ASN C 197 17.35 -82.03 -10.16
CA ASN C 197 16.22 -81.11 -10.21
C ASN C 197 16.35 -80.23 -11.45
N ALA C 198 16.44 -80.89 -12.60
CA ALA C 198 16.84 -80.20 -13.82
C ALA C 198 15.89 -79.08 -14.18
N GLU C 199 14.61 -79.20 -13.81
CA GLU C 199 13.65 -78.18 -14.22
C GLU C 199 13.19 -77.37 -13.01
N HIS C 200 14.15 -76.83 -12.27
CA HIS C 200 13.83 -75.71 -11.39
C HIS C 200 13.35 -74.51 -12.20
N LYS C 201 13.91 -74.30 -13.39
CA LYS C 201 13.77 -73.03 -14.09
C LYS C 201 12.32 -72.69 -14.43
N ASN C 202 11.45 -73.70 -14.59
CA ASN C 202 10.09 -73.42 -15.03
C ASN C 202 9.15 -73.06 -13.90
N ILE C 203 9.59 -73.13 -12.64
CA ILE C 203 8.70 -72.79 -11.54
C ILE C 203 8.25 -71.35 -11.72
N VAL C 204 6.98 -71.13 -11.57
CA VAL C 204 6.40 -69.79 -11.64
C VAL C 204 6.13 -69.31 -10.23
N LEU C 205 6.51 -68.06 -9.93
CA LEU C 205 6.36 -67.60 -8.55
C LEU C 205 4.89 -67.36 -8.20
N GLY C 206 4.19 -66.55 -9.00
CA GLY C 206 2.74 -66.51 -8.95
C GLY C 206 2.14 -65.44 -8.07
N LYS C 207 2.93 -64.81 -7.21
CA LYS C 207 2.46 -63.68 -6.42
C LYS C 207 3.68 -62.91 -5.95
N ALA C 208 3.44 -61.67 -5.51
CA ALA C 208 4.54 -60.85 -5.00
C ALA C 208 5.27 -61.54 -3.86
N GLY C 209 4.57 -61.77 -2.75
CA GLY C 209 5.24 -62.13 -1.54
C GLY C 209 6.04 -63.42 -1.67
N ARG C 210 5.65 -64.30 -2.58
CA ARG C 210 6.33 -65.58 -2.66
C ARG C 210 7.81 -65.40 -2.90
N SER C 211 8.19 -64.31 -3.57
CA SER C 211 9.60 -63.93 -3.57
C SER C 211 10.04 -63.37 -2.22
N ARG C 212 9.13 -62.76 -1.45
CA ARG C 212 9.52 -62.32 -0.11
C ARG C 212 9.90 -63.53 0.73
N TRP C 213 9.20 -64.64 0.53
CA TRP C 213 9.53 -65.89 1.20
C TRP C 213 10.95 -66.31 0.85
N LEU C 214 11.46 -65.82 -0.28
CA LEU C 214 12.84 -66.00 -0.71
C LEU C 214 13.77 -64.88 -0.24
N GLY C 215 13.24 -63.89 0.48
CA GLY C 215 14.08 -62.82 0.99
C GLY C 215 14.44 -61.73 -0.01
N ARG C 216 13.63 -61.53 -1.05
CA ARG C 216 13.84 -60.49 -2.05
C ARG C 216 12.85 -59.37 -1.78
N LYS C 217 13.34 -58.27 -1.23
CA LYS C 217 12.54 -57.09 -1.00
C LYS C 217 12.14 -56.46 -2.34
N PRO C 218 11.04 -55.68 -2.37
CA PRO C 218 10.60 -55.14 -3.66
C PRO C 218 11.68 -54.28 -4.30
N HIS C 219 11.80 -54.44 -5.63
CA HIS C 219 12.83 -53.79 -6.44
C HIS C 219 12.20 -52.64 -7.19
N GLN C 220 12.48 -51.42 -6.71
CA GLN C 220 11.97 -50.19 -7.29
C GLN C 220 12.61 -49.90 -8.64
N ARG C 221 11.80 -49.39 -9.56
CA ARG C 221 12.32 -48.74 -10.75
C ARG C 221 12.82 -47.35 -10.40
N GLY C 222 13.85 -46.93 -11.11
CA GLY C 222 14.30 -45.57 -11.01
C GLY C 222 13.50 -44.62 -11.85
N SER C 223 12.48 -45.15 -12.54
CA SER C 223 11.52 -44.29 -13.22
C SER C 223 10.63 -43.59 -12.23
N ALA C 224 10.56 -44.09 -11.00
CA ALA C 224 9.69 -43.54 -9.98
C ALA C 224 10.42 -42.63 -9.02
N MET C 225 11.73 -42.76 -8.93
CA MET C 225 12.54 -41.99 -8.00
C MET C 225 12.54 -40.52 -8.36
N ASN C 226 12.82 -39.70 -7.38
CA ASN C 226 13.12 -38.30 -7.65
C ASN C 226 14.56 -38.13 -8.10
N PRO C 227 14.83 -37.09 -8.89
CA PRO C 227 16.16 -36.94 -9.48
C PRO C 227 17.26 -36.94 -8.44
N VAL C 228 16.90 -36.77 -7.16
CA VAL C 228 17.85 -36.86 -6.06
C VAL C 228 18.40 -38.29 -5.95
N ASP C 229 17.54 -39.30 -6.16
CA ASP C 229 17.86 -40.67 -5.81
C ASP C 229 18.27 -41.52 -7.00
N HIS C 230 18.07 -41.04 -8.24
CA HIS C 230 18.34 -41.85 -9.43
C HIS C 230 18.44 -40.93 -10.63
N PRO C 231 19.36 -41.20 -11.58
CA PRO C 231 19.44 -40.39 -12.83
C PRO C 231 18.18 -40.39 -13.68
N HIS C 232 17.36 -41.45 -13.66
CA HIS C 232 15.98 -41.30 -14.11
C HIS C 232 15.23 -40.50 -13.05
N GLY C 233 15.18 -39.18 -13.23
CA GLY C 233 14.58 -38.29 -12.25
C GLY C 233 13.10 -38.15 -12.43
N GLY C 234 12.58 -36.99 -12.05
CA GLY C 234 11.15 -36.77 -12.06
C GLY C 234 10.48 -36.76 -13.42
N GLY C 235 10.40 -35.57 -14.04
CA GLY C 235 9.90 -35.42 -15.39
C GLY C 235 8.40 -35.27 -15.58
N GLU C 236 7.61 -35.12 -14.51
CA GLU C 236 6.21 -34.72 -14.62
C GLU C 236 5.31 -35.75 -15.33
N GLY C 237 5.90 -36.77 -15.96
CA GLY C 237 5.13 -37.80 -16.65
C GLY C 237 5.70 -39.19 -16.41
N ARG C 238 6.34 -39.75 -17.42
CA ARG C 238 7.13 -40.97 -17.28
C ARG C 238 7.98 -41.14 -18.55
N THR C 239 9.28 -41.40 -18.37
CA THR C 239 10.15 -41.70 -19.51
C THR C 239 11.50 -42.26 -19.10
N GLY C 240 12.49 -41.99 -19.96
CA GLY C 240 13.91 -42.13 -19.69
C GLY C 240 14.65 -41.37 -20.77
N ALA C 241 15.94 -41.11 -20.52
CA ALA C 241 16.81 -40.49 -21.53
C ALA C 241 18.26 -40.81 -21.19
N GLY C 242 18.96 -41.45 -22.11
CA GLY C 242 20.36 -41.76 -21.96
C GLY C 242 20.64 -43.17 -21.48
N ARG C 243 19.68 -43.80 -20.82
CA ARG C 243 19.85 -45.17 -20.31
C ARG C 243 21.10 -45.31 -19.45
N VAL C 244 21.00 -44.98 -18.16
CA VAL C 244 22.05 -45.25 -17.18
C VAL C 244 21.44 -45.83 -15.91
N PRO C 245 22.25 -46.64 -15.13
CA PRO C 245 21.82 -47.19 -13.82
C PRO C 245 22.04 -46.32 -12.60
N VAL C 246 21.82 -46.94 -11.42
CA VAL C 246 21.82 -46.30 -10.11
C VAL C 246 22.95 -45.29 -9.98
N THR C 247 24.13 -45.77 -9.67
CA THR C 247 25.32 -45.06 -10.07
C THR C 247 25.45 -45.21 -11.59
N PRO C 248 25.65 -44.12 -12.33
CA PRO C 248 25.50 -44.16 -13.80
C PRO C 248 26.48 -45.08 -14.50
N TRP C 249 25.98 -45.69 -15.58
CA TRP C 249 26.75 -46.62 -16.41
C TRP C 249 25.91 -47.06 -17.60
N GLY C 250 26.30 -48.17 -18.22
CA GLY C 250 25.47 -48.75 -19.25
C GLY C 250 25.02 -50.12 -18.81
N LYS C 251 23.69 -50.32 -18.70
CA LYS C 251 23.15 -51.63 -18.40
C LYS C 251 22.83 -52.36 -19.70
N PRO C 252 22.10 -51.78 -20.67
CA PRO C 252 22.27 -52.23 -22.05
C PRO C 252 23.69 -52.01 -22.57
N THR C 253 24.15 -53.00 -23.33
CA THR C 253 25.52 -53.23 -23.78
C THR C 253 26.58 -52.31 -23.18
N LYS C 254 27.35 -52.84 -22.23
CA LYS C 254 28.67 -52.30 -21.98
C LYS C 254 29.57 -53.44 -21.52
N GLY C 255 30.77 -53.53 -22.11
CA GLY C 255 31.76 -54.46 -21.63
C GLY C 255 32.13 -54.05 -20.23
N LEU C 256 32.17 -54.98 -19.28
CA LEU C 256 32.43 -54.62 -17.89
C LEU C 256 33.60 -55.35 -17.26
N LYS C 257 33.99 -56.51 -17.77
CA LYS C 257 35.17 -57.20 -17.26
C LYS C 257 36.38 -56.28 -17.41
N THR C 258 37.45 -56.59 -16.68
CA THR C 258 38.66 -55.81 -16.83
C THR C 258 39.71 -56.52 -17.68
N ARG C 259 40.97 -56.24 -17.38
CA ARG C 259 42.08 -56.71 -18.20
C ARG C 259 42.95 -57.68 -17.41
N ARG C 260 42.32 -58.73 -16.89
CA ARG C 260 42.92 -59.73 -16.02
C ARG C 260 43.79 -60.72 -16.79
N LYS C 261 44.67 -61.39 -16.05
CA LYS C 261 45.44 -62.52 -16.58
C LYS C 261 44.56 -63.72 -16.90
N ARG C 262 43.30 -63.73 -16.43
CA ARG C 262 42.38 -64.81 -16.79
C ARG C 262 42.04 -64.82 -18.28
N LYS C 263 42.12 -63.67 -18.94
CA LYS C 263 41.65 -63.56 -20.32
C LYS C 263 42.45 -64.41 -21.29
N THR C 264 43.75 -64.62 -21.03
CA THR C 264 44.54 -65.46 -21.91
C THR C 264 44.30 -66.95 -21.67
N SER C 265 43.62 -67.30 -20.58
CA SER C 265 43.45 -68.70 -20.20
C SER C 265 42.16 -69.31 -20.73
N ASP C 266 41.44 -68.63 -21.62
CA ASP C 266 40.29 -69.20 -22.28
C ASP C 266 40.28 -68.80 -23.74
N ARG C 267 39.86 -69.73 -24.60
CA ARG C 267 39.56 -69.37 -25.98
C ARG C 267 38.50 -68.28 -25.98
N PHE C 268 38.59 -67.36 -26.94
CA PHE C 268 37.86 -66.11 -26.80
C PHE C 268 36.36 -66.28 -26.92
N ILE C 269 35.89 -67.42 -27.41
CA ILE C 269 34.45 -67.64 -27.58
C ILE C 269 33.75 -67.55 -26.22
N VAL C 270 32.63 -66.82 -26.18
CA VAL C 270 32.01 -66.42 -24.92
C VAL C 270 30.57 -65.99 -25.18
N THR C 271 29.69 -66.35 -24.24
CA THR C 271 28.33 -65.83 -24.11
C THR C 271 27.69 -65.34 -25.42
N MET D 1 -65.74 4.19 14.98
CA MET D 1 -66.50 5.22 15.69
C MET D 1 -67.16 4.67 16.95
N LYS D 2 -68.30 3.99 16.78
CA LYS D 2 -68.89 3.22 17.87
C LYS D 2 -68.02 2.01 18.21
N GLY D 3 -67.95 1.69 19.48
CA GLY D 3 -67.16 0.54 19.90
C GLY D 3 -67.47 0.18 21.33
N ILE D 4 -66.94 -0.96 21.73
CA ILE D 4 -67.07 -1.42 23.11
C ILE D 4 -65.87 -2.33 23.41
N LEU D 5 -65.67 -2.61 24.68
CA LEU D 5 -64.60 -3.45 25.15
C LEU D 5 -65.16 -4.78 25.60
N GLY D 6 -64.28 -5.75 25.67
CA GLY D 6 -64.68 -7.05 26.17
C GLY D 6 -63.46 -7.92 26.23
N THR D 7 -63.69 -9.19 26.38
CA THR D 7 -62.59 -10.09 26.59
C THR D 7 -62.75 -11.28 25.67
N LYS D 8 -61.69 -11.66 24.98
CA LYS D 8 -61.74 -12.91 24.23
C LYS D 8 -61.87 -14.05 25.21
N ILE D 9 -62.81 -14.96 24.93
CA ILE D 9 -63.17 -16.08 25.79
C ILE D 9 -62.58 -17.37 25.23
N GLY D 10 -62.95 -17.69 24.00
CA GLY D 10 -62.40 -18.84 23.31
C GLY D 10 -62.97 -18.92 21.91
N MET D 11 -62.53 -19.96 21.20
CA MET D 11 -62.93 -20.27 19.84
C MET D 11 -63.84 -21.50 19.80
N THR D 12 -64.54 -21.70 18.70
CA THR D 12 -65.48 -22.83 18.63
C THR D 12 -65.86 -23.11 17.18
N GLN D 13 -66.64 -24.20 17.01
CA GLN D 13 -67.37 -24.51 15.77
C GLN D 13 -68.79 -23.94 15.84
N ILE D 14 -69.36 -23.66 14.67
CA ILE D 14 -70.71 -23.10 14.60
C ILE D 14 -71.31 -23.45 13.24
N TRP D 15 -72.64 -23.55 13.20
CA TRP D 15 -73.36 -23.80 11.96
C TRP D 15 -74.41 -22.72 11.73
N LYS D 16 -74.11 -21.81 10.82
CA LYS D 16 -75.11 -20.90 10.25
C LYS D 16 -75.64 -21.54 8.97
N ASN D 17 -76.96 -21.71 8.91
CA ASN D 17 -77.54 -22.67 7.97
C ASN D 17 -76.83 -23.99 8.06
N ASP D 18 -76.22 -24.44 6.97
CA ASP D 18 -75.44 -25.67 6.96
C ASP D 18 -73.93 -25.41 6.86
N ARG D 19 -73.51 -24.15 6.73
CA ARG D 19 -72.10 -23.87 6.55
C ARG D 19 -71.48 -23.81 7.92
N ALA D 20 -70.62 -24.79 8.24
CA ALA D 20 -69.86 -24.71 9.49
C ALA D 20 -68.84 -23.60 9.38
N ILE D 21 -68.72 -22.88 10.49
CA ILE D 21 -67.82 -21.74 10.52
C ILE D 21 -67.13 -21.71 11.86
N PRO D 22 -65.89 -21.16 11.90
CA PRO D 22 -65.23 -20.90 13.20
C PRO D 22 -65.60 -19.50 13.65
N VAL D 23 -66.19 -19.42 14.88
CA VAL D 23 -66.43 -18.16 15.52
C VAL D 23 -65.49 -17.99 16.69
N THR D 24 -65.41 -16.74 17.14
CA THR D 24 -64.75 -16.41 18.37
C THR D 24 -65.74 -15.65 19.22
N VAL D 25 -65.75 -16.03 20.49
CA VAL D 25 -66.66 -15.47 21.47
C VAL D 25 -65.89 -14.36 22.19
N VAL D 26 -66.35 -13.15 22.01
CA VAL D 26 -65.95 -12.09 22.92
C VAL D 26 -67.09 -11.92 23.90
N LEU D 27 -66.74 -11.58 25.13
CA LEU D 27 -67.70 -11.07 26.10
C LEU D 27 -67.53 -9.56 26.13
N ALA D 28 -68.52 -8.83 25.62
CA ALA D 28 -68.48 -7.37 25.63
C ALA D 28 -69.49 -6.92 26.68
N GLY D 29 -69.06 -6.94 27.94
CA GLY D 29 -69.91 -6.62 29.07
C GLY D 29 -70.19 -5.13 29.14
N PRO D 30 -71.16 -4.74 29.98
CA PRO D 30 -71.59 -3.34 30.01
C PRO D 30 -70.43 -2.45 30.41
N CYS D 31 -70.39 -1.27 29.81
CA CYS D 31 -69.34 -0.33 30.08
C CYS D 31 -69.96 0.94 30.65
N PRO D 32 -69.48 1.42 31.78
CA PRO D 32 -69.95 2.70 32.28
C PRO D 32 -69.50 3.81 31.36
N ILE D 33 -70.27 4.88 31.30
CA ILE D 33 -69.79 6.09 30.68
C ILE D 33 -69.12 6.91 31.78
N VAL D 34 -67.78 6.84 31.84
CA VAL D 34 -67.01 7.59 32.84
C VAL D 34 -66.93 9.04 32.37
N GLN D 35 -66.11 9.30 31.35
CA GLN D 35 -65.77 10.67 31.03
C GLN D 35 -66.20 11.04 29.62
N ARG D 36 -66.99 12.11 29.52
CA ARG D 36 -67.51 12.60 28.24
C ARG D 36 -66.62 13.72 27.74
N LYS D 37 -65.61 13.38 26.94
CA LYS D 37 -64.66 14.40 26.51
C LYS D 37 -65.20 15.13 25.29
N THR D 38 -65.34 16.44 25.39
CA THR D 38 -65.73 17.30 24.28
C THR D 38 -64.60 18.28 23.97
N ALA D 39 -64.49 18.64 22.69
CA ALA D 39 -63.41 19.54 22.26
C ALA D 39 -63.53 20.91 22.88
N GLN D 40 -64.75 21.34 23.16
CA GLN D 40 -64.97 22.60 23.86
C GLN D 40 -64.37 22.58 25.27
N THR D 41 -64.21 21.40 25.87
CA THR D 41 -63.54 21.25 27.16
C THR D 41 -62.34 20.30 27.14
N ASP D 42 -61.99 19.70 25.99
CA ASP D 42 -60.82 18.83 25.94
C ASP D 42 -60.04 18.91 24.64
N GLY D 43 -60.46 19.75 23.68
CA GLY D 43 -59.75 19.91 22.42
C GLY D 43 -60.15 18.93 21.34
N TYR D 44 -60.80 17.82 21.71
CA TYR D 44 -61.19 16.82 20.73
C TYR D 44 -62.38 16.06 21.29
N GLU D 45 -63.13 15.41 20.39
CA GLU D 45 -64.38 14.73 20.76
C GLU D 45 -64.15 13.23 20.96
N ALA D 46 -64.57 12.71 22.11
CA ALA D 46 -64.33 11.31 22.45
C ALA D 46 -65.14 10.93 23.68
N VAL D 47 -65.20 9.63 23.97
CA VAL D 47 -65.79 9.19 25.23
C VAL D 47 -64.96 8.08 25.85
N GLN D 48 -64.80 8.14 27.17
CA GLN D 48 -64.03 7.16 27.91
C GLN D 48 -64.97 6.37 28.82
N ILE D 49 -64.87 5.04 28.72
CA ILE D 49 -65.79 4.08 29.34
C ILE D 49 -64.95 2.94 29.91
N GLY D 50 -65.56 2.17 30.83
CA GLY D 50 -64.81 1.23 31.63
C GLY D 50 -65.24 -0.23 31.47
N TYR D 51 -64.37 -1.13 31.95
CA TYR D 51 -64.65 -2.55 31.88
C TYR D 51 -63.95 -3.27 33.03
N ALA D 52 -64.60 -4.36 33.52
CA ALA D 52 -64.15 -5.31 34.54
C ALA D 52 -63.97 -4.63 35.88
N PRO D 53 -64.99 -4.64 36.75
CA PRO D 53 -64.92 -3.81 37.96
C PRO D 53 -63.75 -4.26 38.82
N LYS D 54 -63.20 -3.31 39.57
CA LYS D 54 -62.12 -3.55 40.51
C LYS D 54 -62.65 -3.37 41.93
N ALA D 55 -62.22 -4.24 42.83
CA ALA D 55 -62.70 -4.14 44.21
C ALA D 55 -62.25 -2.83 44.83
N GLU D 56 -63.22 -2.07 45.39
CA GLU D 56 -62.96 -0.67 45.74
C GLU D 56 -61.79 -0.54 46.68
N ARG D 57 -61.54 -1.59 47.48
CA ARG D 57 -60.38 -1.66 48.32
C ARG D 57 -59.08 -1.51 47.51
N LYS D 58 -59.07 -1.96 46.25
CA LYS D 58 -57.88 -1.93 45.38
C LYS D 58 -57.69 -0.63 44.62
N VAL D 59 -58.65 0.28 44.65
CA VAL D 59 -58.49 1.56 43.94
C VAL D 59 -57.54 2.49 44.70
N ASN D 60 -56.80 3.30 43.96
CA ASN D 60 -56.25 4.50 44.57
C ASN D 60 -57.39 5.46 44.94
N LYS D 61 -57.09 6.36 45.89
CA LYS D 61 -58.01 7.48 46.11
C LYS D 61 -58.22 8.31 44.85
N PRO D 62 -57.20 8.73 44.09
CA PRO D 62 -57.49 9.54 42.90
C PRO D 62 -58.43 8.86 41.92
N MET D 63 -58.32 7.55 41.77
CA MET D 63 -59.18 6.86 40.84
C MET D 63 -60.59 6.67 41.38
N GLN D 64 -60.74 6.48 42.68
CA GLN D 64 -62.08 6.49 43.25
C GLN D 64 -62.74 7.82 42.98
N GLY D 65 -61.97 8.91 43.05
CA GLY D 65 -62.53 10.23 42.76
C GLY D 65 -62.77 10.51 41.29
N HIS D 66 -61.92 9.95 40.41
CA HIS D 66 -62.18 10.00 38.99
C HIS D 66 -63.52 9.36 38.67
N PHE D 67 -63.70 8.12 39.10
CA PHE D 67 -64.99 7.48 38.88
C PHE D 67 -66.09 8.22 39.63
N ALA D 68 -65.78 8.74 40.82
CA ALA D 68 -66.76 9.35 41.71
C ALA D 68 -67.33 10.63 41.14
N LYS D 69 -66.63 11.27 40.22
CA LYS D 69 -67.28 12.35 39.49
C LYS D 69 -68.49 11.85 38.71
N ALA D 70 -68.39 10.63 38.16
CA ALA D 70 -69.36 10.09 37.22
C ALA D 70 -70.39 9.14 37.83
N GLY D 71 -70.34 8.88 39.13
CA GLY D 71 -71.31 7.97 39.72
C GLY D 71 -71.12 6.53 39.28
N VAL D 72 -69.88 6.12 39.12
CA VAL D 72 -69.54 4.86 38.47
C VAL D 72 -68.63 4.04 39.39
N ALA D 73 -68.87 2.73 39.44
CA ALA D 73 -68.06 1.82 40.23
C ALA D 73 -66.67 1.68 39.61
N PRO D 74 -65.63 1.52 40.43
CA PRO D 74 -64.29 1.39 39.87
C PRO D 74 -64.21 0.16 38.99
N THR D 75 -63.53 0.34 37.86
CA THR D 75 -63.38 -0.64 36.80
C THR D 75 -61.92 -0.65 36.43
N ARG D 76 -61.33 -1.83 36.35
CA ARG D 76 -59.89 -1.94 36.17
C ARG D 76 -59.40 -1.38 34.84
N ILE D 77 -60.27 -1.27 33.82
CA ILE D 77 -59.84 -0.73 32.54
C ILE D 77 -60.74 0.41 32.13
N LEU D 78 -60.14 1.50 31.69
CA LEU D 78 -60.87 2.55 31.00
C LEU D 78 -60.28 2.71 29.61
N ARG D 79 -61.13 3.11 28.66
CA ARG D 79 -60.72 3.30 27.27
C ARG D 79 -61.56 4.40 26.65
N GLU D 80 -61.06 4.96 25.54
CA GLU D 80 -61.70 6.07 24.86
C GLU D 80 -62.01 5.73 23.41
N PHE D 81 -63.22 6.08 22.99
CA PHE D 81 -63.70 5.81 21.66
C PHE D 81 -63.98 7.13 20.97
N ARG D 82 -63.18 7.39 19.93
CA ARG D 82 -63.22 8.66 19.21
C ARG D 82 -64.51 8.80 18.43
N GLY D 83 -65.09 10.01 18.49
CA GLY D 83 -66.28 10.30 17.73
C GLY D 83 -67.53 9.66 18.30
N PHE D 84 -67.39 8.87 19.36
CA PHE D 84 -68.47 8.09 19.93
C PHE D 84 -69.18 8.91 21.02
N ALA D 85 -70.49 9.07 20.87
CA ALA D 85 -71.30 9.80 21.84
C ALA D 85 -72.56 8.99 22.16
N PRO D 86 -72.45 7.96 23.01
CA PRO D 86 -73.66 7.21 23.43
C PRO D 86 -74.46 7.91 24.52
N ASP D 87 -75.35 7.19 25.19
CA ASP D 87 -76.04 7.70 26.36
C ASP D 87 -76.21 6.58 27.38
N GLY D 88 -76.17 6.95 28.67
CA GLY D 88 -76.36 6.01 29.76
C GLY D 88 -75.13 5.18 30.08
N ASP D 89 -75.00 4.03 29.43
CA ASP D 89 -73.89 3.10 29.51
C ASP D 89 -73.88 2.28 28.23
N SER D 90 -72.70 1.83 27.83
CA SER D 90 -72.52 1.18 26.53
C SER D 90 -72.72 -0.32 26.67
N VAL D 91 -73.96 -0.76 26.53
CA VAL D 91 -74.20 -2.19 26.35
C VAL D 91 -73.89 -2.59 24.90
N ASN D 92 -73.40 -3.83 24.73
CA ASN D 92 -72.95 -4.32 23.43
C ASN D 92 -74.09 -4.57 22.45
N VAL D 93 -75.26 -5.01 22.93
CA VAL D 93 -76.35 -5.33 22.02
C VAL D 93 -76.66 -4.11 21.14
N ASP D 94 -76.93 -2.99 21.80
CA ASP D 94 -77.40 -1.80 21.10
C ASP D 94 -76.40 -1.36 20.04
N ILE D 95 -75.12 -1.64 20.26
CA ILE D 95 -74.10 -1.12 19.36
C ILE D 95 -74.01 -1.96 18.09
N PHE D 96 -74.36 -3.25 18.17
CA PHE D 96 -74.17 -4.15 17.04
C PHE D 96 -75.47 -4.84 16.62
N ALA D 97 -75.54 -5.15 15.31
CA ALA D 97 -76.63 -5.90 14.70
C ALA D 97 -76.01 -7.02 13.88
N GLU D 98 -76.74 -8.13 13.76
CA GLU D 98 -76.16 -9.37 13.32
C GLU D 98 -75.74 -9.30 11.84
N GLY D 99 -74.49 -9.69 11.58
CA GLY D 99 -73.89 -9.68 10.26
C GLY D 99 -73.03 -8.47 9.94
N GLU D 100 -73.14 -7.37 10.69
CA GLU D 100 -72.38 -6.17 10.39
C GLU D 100 -70.88 -6.41 10.60
N LYS D 101 -70.06 -5.81 9.75
CA LYS D 101 -68.61 -5.89 9.89
C LYS D 101 -68.12 -5.04 11.06
N ILE D 102 -67.15 -5.56 11.81
CA ILE D 102 -66.59 -4.88 12.97
C ILE D 102 -65.12 -5.22 13.04
N ASP D 103 -64.28 -4.19 13.16
CA ASP D 103 -62.85 -4.36 13.41
C ASP D 103 -62.61 -4.83 14.84
N ALA D 104 -61.63 -5.71 14.99
CA ALA D 104 -61.38 -6.38 16.25
C ALA D 104 -59.93 -6.18 16.62
N THR D 105 -59.70 -5.48 17.73
CA THR D 105 -58.38 -5.03 18.09
C THR D 105 -58.00 -5.57 19.46
N GLY D 106 -56.91 -6.31 19.49
CA GLY D 106 -56.42 -6.90 20.71
C GLY D 106 -54.92 -7.02 20.57
N THR D 107 -54.27 -7.45 21.64
CA THR D 107 -52.82 -7.41 21.72
C THR D 107 -52.26 -8.76 21.36
N SER D 108 -51.34 -8.79 20.42
CA SER D 108 -50.87 -10.07 19.93
C SER D 108 -50.11 -10.84 20.99
N LYS D 109 -50.12 -12.16 20.82
CA LYS D 109 -49.54 -13.09 21.77
C LYS D 109 -48.02 -13.00 21.72
N GLY D 110 -47.44 -12.63 22.86
CA GLY D 110 -46.01 -12.44 22.96
C GLY D 110 -45.22 -13.72 22.86
N LYS D 111 -44.52 -13.89 21.77
CA LYS D 111 -43.65 -15.03 21.57
C LYS D 111 -42.20 -14.74 21.94
N GLY D 112 -41.89 -13.49 22.34
CA GLY D 112 -40.65 -13.21 23.07
C GLY D 112 -39.50 -12.78 22.15
N THR D 113 -38.37 -13.45 22.25
CA THR D 113 -37.25 -13.14 21.38
C THR D 113 -37.19 -14.22 20.32
N GLN D 114 -37.47 -13.83 19.09
CA GLN D 114 -37.60 -14.76 18.00
C GLN D 114 -36.55 -14.51 16.92
N GLY D 115 -36.05 -15.62 16.35
CA GLY D 115 -35.07 -15.60 15.29
C GLY D 115 -35.61 -14.88 14.08
N VAL D 116 -34.88 -14.93 12.96
CA VAL D 116 -35.35 -14.26 11.75
C VAL D 116 -36.23 -15.17 10.92
N MET D 117 -35.85 -16.45 10.84
CA MET D 117 -36.72 -17.45 10.24
C MET D 117 -38.09 -17.47 10.90
N LYS D 118 -38.18 -17.19 12.20
CA LYS D 118 -39.51 -17.13 12.78
C LYS D 118 -40.13 -15.75 12.67
N ARG D 119 -39.34 -14.70 12.79
CA ARG D 119 -39.92 -13.37 12.95
C ARG D 119 -40.33 -12.75 11.63
N TRP D 120 -39.44 -12.84 10.64
CA TRP D 120 -39.62 -12.15 9.35
C TRP D 120 -39.75 -13.11 8.19
N ASN D 121 -39.96 -14.39 8.46
CA ASN D 121 -40.05 -15.38 7.41
C ASN D 121 -38.74 -15.43 6.65
N PHE D 122 -37.62 -15.36 7.35
CA PHE D 122 -36.38 -15.48 6.62
C PHE D 122 -36.24 -16.85 6.00
N ALA D 123 -35.49 -16.90 4.93
CA ALA D 123 -34.99 -18.19 4.50
C ALA D 123 -34.00 -18.66 5.53
N GLY D 124 -33.36 -19.78 5.27
CA GLY D 124 -32.58 -20.37 6.32
C GLY D 124 -31.18 -20.66 5.90
N GLY D 125 -31.01 -21.45 4.87
CA GLY D 125 -29.70 -21.92 4.52
C GLY D 125 -29.58 -23.40 4.78
N PRO D 126 -28.69 -24.06 4.04
CA PRO D 126 -28.76 -25.52 3.97
C PRO D 126 -28.64 -26.11 5.33
N ALA D 127 -29.38 -27.20 5.57
CA ALA D 127 -29.21 -27.92 6.81
C ALA D 127 -28.35 -29.15 6.64
N SER D 128 -27.60 -29.23 5.56
CA SER D 128 -26.62 -30.31 5.53
C SER D 128 -25.53 -30.13 4.47
N HIS D 129 -25.67 -29.15 3.59
CA HIS D 129 -24.83 -29.19 2.40
C HIS D 129 -23.46 -28.54 2.62
N GLY D 130 -23.09 -28.31 3.89
CA GLY D 130 -21.77 -27.87 4.27
C GLY D 130 -21.70 -27.20 5.62
N SER D 131 -22.63 -26.32 5.94
CA SER D 131 -22.38 -25.09 6.71
C SER D 131 -21.85 -25.11 8.19
N LYS D 132 -22.18 -24.03 8.95
CA LYS D 132 -22.39 -24.08 10.39
C LYS D 132 -23.26 -22.90 10.81
N LYS D 133 -23.90 -22.27 9.83
CA LYS D 133 -25.18 -21.60 10.08
C LYS D 133 -26.34 -22.52 9.69
N TRP D 134 -26.31 -23.76 10.22
CA TRP D 134 -27.19 -24.82 9.75
C TRP D 134 -28.59 -24.29 9.59
N HIS D 135 -29.14 -23.64 10.60
CA HIS D 135 -30.37 -22.95 10.19
C HIS D 135 -30.20 -21.48 10.47
N ARG D 136 -31.34 -20.80 10.62
CA ARG D 136 -31.59 -19.75 11.62
C ARG D 136 -31.03 -18.38 11.34
N ARG D 137 -29.77 -18.32 10.82
CA ARG D 137 -28.88 -17.17 10.73
C ARG D 137 -29.26 -16.26 9.58
N PRO D 138 -29.16 -14.94 9.77
CA PRO D 138 -29.58 -13.99 8.72
C PRO D 138 -28.62 -13.89 7.54
N GLY D 139 -27.48 -14.55 7.56
CA GLY D 139 -26.62 -14.62 6.38
C GLY D 139 -25.67 -13.42 6.28
N SER D 140 -25.73 -12.70 5.17
CA SER D 140 -25.14 -11.36 5.05
C SER D 140 -26.05 -10.30 5.67
N ILE D 141 -25.48 -9.13 5.91
CA ILE D 141 -26.26 -8.09 6.58
C ILE D 141 -26.11 -6.75 5.89
N GLY D 142 -25.24 -6.67 4.89
CA GLY D 142 -25.18 -5.41 4.18
C GLY D 142 -24.51 -5.53 2.83
N GLN D 143 -24.14 -4.36 2.31
CA GLN D 143 -23.29 -4.33 1.15
C GLN D 143 -21.87 -4.53 1.64
N ARG D 144 -20.94 -3.67 1.22
CA ARG D 144 -19.60 -3.63 1.76
C ARG D 144 -19.33 -2.18 2.12
N LYS D 145 -18.18 -1.67 1.68
CA LYS D 145 -17.71 -0.42 2.25
C LYS D 145 -18.67 0.73 1.92
N THR D 146 -19.04 0.87 0.66
CA THR D 146 -20.00 1.91 0.34
C THR D 146 -21.34 1.54 0.97
N PRO D 147 -22.18 2.53 1.28
CA PRO D 147 -22.64 2.71 2.67
C PRO D 147 -22.12 1.67 3.65
N GLY D 148 -21.21 2.08 4.55
CA GLY D 148 -20.79 1.20 5.63
C GLY D 148 -21.95 0.81 6.53
N ARG D 149 -22.97 1.66 6.59
CA ARG D 149 -24.31 1.39 7.08
C ARG D 149 -24.73 -0.07 7.04
N VAL D 150 -25.56 -0.48 8.01
CA VAL D 150 -26.60 -1.49 7.81
C VAL D 150 -27.94 -0.80 8.01
N TYR D 151 -28.86 -1.00 7.07
CA TYR D 151 -29.90 -0.01 6.90
C TYR D 151 -30.66 0.19 8.19
N LYS D 152 -30.98 1.42 8.53
CA LYS D 152 -31.96 1.62 9.58
C LYS D 152 -33.26 1.00 9.11
N GLY D 153 -33.89 0.21 9.97
CA GLY D 153 -35.05 -0.58 9.64
C GLY D 153 -34.78 -2.06 9.46
N LYS D 154 -33.51 -2.46 9.34
CA LYS D 154 -33.14 -3.82 8.94
C LYS D 154 -33.76 -4.89 9.85
N ARG D 155 -34.20 -5.99 9.25
CA ARG D 155 -34.90 -7.04 9.97
C ARG D 155 -33.93 -8.07 10.56
N MET D 156 -34.25 -8.53 11.77
CA MET D 156 -33.29 -9.03 12.75
C MET D 156 -34.02 -9.75 13.87
N ALA D 157 -33.28 -10.55 14.64
CA ALA D 157 -33.83 -11.21 15.80
C ALA D 157 -34.43 -10.18 16.75
N GLY D 158 -35.53 -10.51 17.41
CA GLY D 158 -36.13 -9.48 18.26
C GLY D 158 -37.42 -9.88 18.96
N HIS D 159 -38.01 -8.89 19.64
CA HIS D 159 -39.25 -9.15 20.36
C HIS D 159 -40.38 -9.23 19.37
N MET D 160 -40.64 -10.46 18.96
CA MET D 160 -41.81 -10.86 18.21
C MET D 160 -42.92 -11.14 19.21
N GLY D 161 -43.82 -10.20 19.38
CA GLY D 161 -44.90 -10.46 20.31
C GLY D 161 -45.63 -9.20 20.66
N MET D 162 -46.67 -9.37 21.47
CA MET D 162 -47.16 -8.30 22.32
C MET D 162 -47.62 -7.05 21.57
N GLU D 163 -47.59 -7.04 20.25
CA GLU D 163 -48.03 -5.87 19.50
C GLU D 163 -49.53 -5.68 19.61
N ARG D 164 -49.96 -4.43 19.59
CA ARG D 164 -51.36 -4.18 19.29
C ARG D 164 -51.62 -4.55 17.84
N VAL D 165 -52.69 -5.31 17.58
CA VAL D 165 -53.05 -5.66 16.21
C VAL D 165 -54.53 -5.39 16.00
N THR D 166 -54.84 -4.74 14.88
CA THR D 166 -56.19 -4.59 14.39
C THR D 166 -56.42 -5.60 13.28
N VAL D 167 -57.62 -6.17 13.26
CA VAL D 167 -58.04 -7.13 12.24
C VAL D 167 -59.39 -6.65 11.70
N GLN D 168 -59.43 -6.42 10.37
CA GLN D 168 -60.51 -5.72 9.67
C GLN D 168 -61.57 -6.64 9.07
N ASN D 169 -62.81 -6.12 9.06
CA ASN D 169 -64.00 -6.71 8.41
C ASN D 169 -64.45 -8.03 9.01
N LEU D 170 -64.27 -8.22 10.32
CA LEU D 170 -64.81 -9.41 10.95
C LEU D 170 -66.33 -9.29 10.98
N GLU D 171 -67.01 -10.43 10.92
CA GLU D 171 -68.45 -10.47 10.73
C GLU D 171 -69.14 -10.92 12.01
N VAL D 172 -70.04 -10.08 12.51
CA VAL D 172 -70.87 -10.48 13.65
C VAL D 172 -71.72 -11.64 13.19
N VAL D 173 -71.44 -12.84 13.71
CA VAL D 173 -72.30 -13.98 13.37
C VAL D 173 -73.61 -13.95 14.16
N GLU D 174 -73.56 -13.63 15.45
CA GLU D 174 -74.72 -13.79 16.34
C GLU D 174 -74.57 -12.85 17.51
N ILE D 175 -75.69 -12.52 18.14
CA ILE D 175 -75.68 -11.62 19.29
C ILE D 175 -76.55 -12.19 20.41
N ARG D 176 -75.93 -12.72 21.46
CA ARG D 176 -76.68 -13.10 22.64
C ARG D 176 -76.80 -11.87 23.53
N ALA D 177 -78.05 -11.44 23.76
CA ALA D 177 -78.31 -10.10 24.27
C ALA D 177 -78.21 -10.00 25.79
N GLY D 178 -78.82 -10.94 26.51
CA GLY D 178 -78.87 -11.00 27.96
C GLY D 178 -77.70 -11.70 28.61
N GLU D 179 -76.73 -12.14 27.82
CA GLU D 179 -75.48 -12.65 28.37
C GLU D 179 -74.33 -11.69 28.17
N ASN D 180 -74.49 -10.70 27.30
CA ASN D 180 -73.39 -9.83 26.85
C ASN D 180 -72.25 -10.66 26.26
N LEU D 181 -72.61 -11.62 25.43
CA LEU D 181 -71.69 -12.31 24.53
C LEU D 181 -71.81 -11.76 23.12
N ILE D 182 -70.76 -11.95 22.33
CA ILE D 182 -70.87 -11.65 20.91
C ILE D 182 -69.92 -12.49 20.05
N LEU D 183 -70.53 -13.25 19.15
CA LEU D 183 -69.83 -14.09 18.21
C LEU D 183 -69.27 -13.24 17.09
N VAL D 184 -68.11 -13.62 16.60
CA VAL D 184 -67.50 -12.92 15.49
C VAL D 184 -66.90 -13.96 14.57
N LYS D 185 -67.07 -13.80 13.27
CA LYS D 185 -66.55 -14.79 12.36
C LYS D 185 -65.04 -14.86 12.47
N GLY D 186 -64.50 -16.07 12.46
CA GLY D 186 -63.06 -16.23 12.43
C GLY D 186 -62.36 -15.71 13.68
N ALA D 187 -61.03 -15.56 13.57
CA ALA D 187 -60.14 -15.26 14.70
C ALA D 187 -59.93 -13.77 14.98
N ILE D 188 -59.61 -13.51 16.25
CA ILE D 188 -59.18 -12.22 16.79
C ILE D 188 -57.85 -12.49 17.50
N PRO D 189 -56.98 -11.48 17.63
CA PRO D 189 -55.69 -11.73 18.26
C PRO D 189 -55.71 -11.65 19.76
N GLY D 190 -54.88 -12.49 20.35
CA GLY D 190 -54.56 -12.40 21.76
C GLY D 190 -54.41 -13.77 22.37
N ALA D 191 -53.83 -13.80 23.54
CA ALA D 191 -54.09 -14.90 24.44
C ALA D 191 -55.57 -14.82 24.87
N ASN D 192 -56.14 -15.97 25.26
CA ASN D 192 -57.53 -15.95 25.69
C ASN D 192 -57.68 -15.14 26.96
N GLY D 193 -58.77 -14.39 27.03
CA GLY D 193 -58.97 -13.63 28.24
C GLY D 193 -58.25 -12.32 28.28
N GLY D 194 -57.53 -11.97 27.21
CA GLY D 194 -57.02 -10.62 27.07
C GLY D 194 -58.14 -9.65 26.76
N LEU D 195 -57.86 -8.37 26.95
CA LEU D 195 -58.82 -7.36 26.52
C LEU D 195 -58.85 -7.34 25.01
N VAL D 196 -60.00 -6.97 24.46
CA VAL D 196 -60.09 -6.66 23.04
C VAL D 196 -61.22 -5.66 22.89
N VAL D 197 -61.23 -5.01 21.74
CA VAL D 197 -62.21 -3.99 21.45
C VAL D 197 -62.86 -4.27 20.10
N LEU D 198 -64.17 -4.11 20.05
CA LEU D 198 -64.92 -4.25 18.81
C LEU D 198 -65.45 -2.89 18.38
N ARG D 199 -65.30 -2.61 17.07
CA ARG D 199 -65.66 -1.31 16.50
C ARG D 199 -66.25 -1.44 15.09
N SER D 200 -66.90 -0.36 14.66
CA SER D 200 -67.35 -0.21 13.28
C SER D 200 -66.16 -0.25 12.32
N ALA D 201 -66.41 -0.72 11.09
CA ALA D 201 -65.33 -0.93 10.11
C ALA D 201 -64.62 0.38 9.78
N ALA D 202 -63.29 0.34 9.86
CA ALA D 202 -62.49 1.57 9.71
C ALA D 202 -62.66 2.13 8.32
N LYS D 203 -62.84 1.22 7.35
CA LYS D 203 -63.19 1.54 5.97
C LYS D 203 -64.48 0.77 5.65
N ALA D 204 -65.60 1.51 5.64
CA ALA D 204 -66.87 1.00 5.15
C ALA D 204 -66.82 0.86 3.64
N SER D 205 -66.28 -0.27 3.17
CA SER D 205 -66.29 -0.58 1.74
C SER D 205 -67.71 -0.91 1.28
N ALA D 206 -67.96 -0.70 -0.02
CA ALA D 206 -69.27 -0.97 -0.62
C ALA D 206 -69.53 -2.47 -0.70
N ALA E 1 65.79 39.21 44.07
CA ALA E 1 64.66 38.33 44.27
C ALA E 1 65.13 36.91 44.53
N GLN E 2 66.21 36.76 45.28
CA GLN E 2 66.60 35.43 45.72
C GLN E 2 67.54 35.55 46.91
N ILE E 3 67.35 34.67 47.89
CA ILE E 3 68.24 34.52 49.03
C ILE E 3 68.24 33.03 49.40
N ASN E 4 69.20 32.62 50.23
CA ASN E 4 69.41 31.21 50.55
C ASN E 4 69.17 31.02 52.05
N VAL E 5 70.17 30.55 52.81
CA VAL E 5 69.92 30.08 54.17
C VAL E 5 71.09 30.32 55.13
N ILE E 6 71.25 29.37 56.06
CA ILE E 6 72.36 29.38 56.98
C ILE E 6 73.69 29.14 56.27
N GLY E 7 73.68 28.38 55.16
CA GLY E 7 74.90 28.12 54.42
C GLY E 7 75.56 29.39 53.92
N GLN E 8 75.15 29.87 52.76
CA GLN E 8 75.45 31.20 52.26
C GLN E 8 74.13 31.94 52.03
N ASN E 9 74.22 33.20 51.60
CA ASN E 9 72.99 33.95 51.29
C ASN E 9 73.15 34.80 50.03
N GLY E 10 73.96 34.35 49.08
CA GLY E 10 74.25 35.14 47.90
C GLY E 10 73.31 34.82 46.75
N GLY E 11 72.87 35.88 46.07
CA GLY E 11 72.01 35.73 44.92
C GLY E 11 72.61 34.89 43.81
N ARG E 12 71.83 33.93 43.32
CA ARG E 12 72.21 33.15 42.13
C ARG E 12 72.07 34.00 40.88
N THR E 13 70.99 33.79 40.11
CA THR E 13 70.60 34.68 39.03
C THR E 13 69.08 34.84 39.07
N ILE E 14 68.62 36.09 38.93
CA ILE E 14 67.17 36.36 38.92
C ILE E 14 66.54 36.06 37.58
N GLU E 15 67.33 35.79 36.54
CA GLU E 15 66.78 35.67 35.20
C GLU E 15 65.78 34.54 35.15
N LEU E 16 64.68 34.79 34.45
CA LEU E 16 63.52 33.91 34.29
C LEU E 16 63.27 33.78 32.81
N PRO E 17 62.60 32.71 32.38
CA PRO E 17 62.44 32.49 30.93
C PRO E 17 61.58 33.56 30.28
N LEU E 18 60.53 33.13 29.60
CA LEU E 18 59.47 34.05 29.26
C LEU E 18 58.68 34.37 30.52
N PRO E 19 58.03 35.53 30.57
CA PRO E 19 57.00 35.73 31.60
C PRO E 19 55.90 34.70 31.45
N GLU E 20 55.36 34.26 32.58
CA GLU E 20 54.51 33.08 32.61
C GLU E 20 53.42 33.20 31.56
N VAL E 21 53.44 32.28 30.59
CA VAL E 21 52.41 32.27 29.56
C VAL E 21 51.10 31.91 30.22
N ASN E 22 50.15 32.84 30.15
CA ASN E 22 48.91 32.70 30.89
C ASN E 22 48.24 31.45 30.34
N SER E 23 48.65 30.29 30.88
CA SER E 23 48.08 28.99 30.58
C SER E 23 48.20 28.60 29.10
N GLY E 24 48.80 29.44 28.27
CA GLY E 24 48.91 29.06 26.88
C GLY E 24 49.85 27.89 26.67
N VAL E 25 50.81 27.72 27.59
CA VAL E 25 51.79 26.65 27.52
C VAL E 25 51.80 25.82 28.79
N LEU E 26 51.55 26.45 29.93
CA LEU E 26 51.55 25.72 31.19
C LEU E 26 50.42 24.71 31.21
N HIS E 27 49.28 25.09 30.63
CA HIS E 27 48.11 24.25 30.71
C HIS E 27 48.33 22.94 29.98
N GLU E 28 48.75 23.02 28.72
CA GLU E 28 48.94 21.80 27.94
C GLU E 28 49.97 20.91 28.61
N VAL E 29 50.93 21.50 29.33
CA VAL E 29 51.98 20.72 29.95
C VAL E 29 51.43 19.91 31.11
N VAL E 30 50.72 20.56 32.03
CA VAL E 30 50.22 19.78 33.16
C VAL E 30 49.16 18.79 32.69
N THR E 31 48.42 19.14 31.65
CA THR E 31 47.43 18.22 31.10
C THR E 31 48.11 17.00 30.52
N TRP E 32 49.18 17.22 29.75
CA TRP E 32 49.94 16.10 29.22
C TRP E 32 50.50 15.25 30.34
N GLN E 33 50.90 15.87 31.44
CA GLN E 33 51.55 15.07 32.47
C GLN E 33 50.54 14.24 33.23
N LEU E 34 49.37 14.83 33.51
CA LEU E 34 48.28 14.09 34.13
C LEU E 34 47.79 12.98 33.23
N ALA E 35 47.89 13.16 31.91
CA ALA E 35 47.53 12.09 30.99
C ALA E 35 48.60 11.01 30.97
N SER E 36 49.88 11.41 30.97
CA SER E 36 50.98 10.45 30.89
C SER E 36 50.99 9.55 32.10
N ARG E 37 50.73 10.11 33.28
CA ARG E 37 50.62 9.23 34.45
C ARG E 37 49.41 8.33 34.35
N ARG E 38 48.36 8.79 33.66
CA ARG E 38 47.10 8.05 33.60
C ARG E 38 47.32 6.70 32.92
N ARG E 39 46.68 5.67 33.46
CA ARG E 39 46.73 4.33 32.95
C ARG E 39 45.42 4.01 32.27
N GLY E 40 45.49 3.17 31.23
CA GLY E 40 44.28 2.75 30.56
C GLY E 40 43.78 1.37 30.95
N THR E 41 42.99 1.28 32.02
CA THR E 41 42.35 0.04 32.48
C THR E 41 40.86 0.32 32.58
N ALA E 42 40.11 -0.01 31.52
CA ALA E 42 38.67 0.16 31.57
C ALA E 42 38.07 -0.77 30.50
N SER E 43 38.04 -2.06 30.82
CA SER E 43 37.41 -3.04 29.95
C SER E 43 35.88 -2.98 30.04
N THR E 44 35.26 -3.47 28.98
CA THR E 44 33.82 -3.45 28.82
C THR E 44 33.49 -4.60 27.89
N ARG E 45 32.32 -5.23 28.09
CA ARG E 45 31.99 -6.41 27.29
C ARG E 45 31.82 -6.04 25.83
N THR E 46 32.44 -6.82 24.94
CA THR E 46 32.47 -6.49 23.52
C THR E 46 31.06 -6.50 22.99
N ARG E 47 30.81 -5.66 21.99
CA ARG E 47 29.46 -5.51 21.46
C ARG E 47 28.87 -6.85 21.01
N ALA E 48 29.70 -7.86 20.71
CA ALA E 48 29.23 -9.23 20.79
C ALA E 48 30.20 -10.11 21.57
N GLN E 49 31.35 -10.43 20.98
CA GLN E 49 32.01 -11.70 21.29
C GLN E 49 32.41 -11.86 22.74
N VAL E 50 32.58 -10.79 23.51
CA VAL E 50 32.98 -11.03 24.91
C VAL E 50 31.86 -11.70 25.71
N SER E 51 30.59 -11.39 25.43
CA SER E 51 29.49 -11.94 26.22
C SER E 51 29.42 -13.45 26.10
N LYS E 52 28.81 -14.10 27.11
CA LYS E 52 28.57 -15.56 27.07
C LYS E 52 27.18 -15.85 26.51
N THR E 53 27.14 -16.45 25.32
CA THR E 53 25.89 -16.60 24.56
C THR E 53 26.03 -17.71 23.53
N GLY E 54 24.98 -17.87 22.70
CA GLY E 54 24.95 -18.91 21.70
C GLY E 54 24.69 -18.44 20.27
N ARG E 55 23.51 -18.75 19.75
CA ARG E 55 23.16 -18.79 18.32
C ARG E 55 22.04 -17.83 17.91
N LYS E 56 21.19 -18.30 16.99
CA LYS E 56 19.99 -17.58 16.60
C LYS E 56 18.85 -17.92 17.55
N MET E 57 18.24 -16.91 18.14
CA MET E 57 17.32 -17.17 19.25
C MET E 57 16.06 -17.88 18.77
N TYR E 58 15.41 -17.37 17.72
CA TYR E 58 14.29 -18.08 17.11
C TYR E 58 14.11 -17.75 15.64
N GLY E 59 12.88 -17.93 15.15
CA GLY E 59 12.64 -17.90 13.73
C GLY E 59 12.71 -16.50 13.13
N GLN E 60 13.22 -16.45 11.88
CA GLN E 60 13.40 -15.19 11.19
C GLN E 60 12.07 -14.49 10.90
N LYS E 61 11.00 -15.23 10.58
CA LYS E 61 9.71 -14.58 10.37
C LYS E 61 8.52 -15.49 10.70
N GLY E 62 7.38 -14.84 10.94
CA GLY E 62 6.20 -15.57 11.32
C GLY E 62 6.11 -15.88 12.79
N THR E 63 7.10 -15.51 13.59
CA THR E 63 6.93 -15.58 15.05
C THR E 63 6.02 -14.47 15.56
N GLY E 64 5.89 -13.37 14.83
CA GLY E 64 4.99 -12.31 15.22
C GLY E 64 5.56 -11.34 16.24
N ASN E 65 6.84 -11.44 16.55
CA ASN E 65 7.51 -10.48 17.41
C ASN E 65 8.66 -9.88 16.61
N ALA E 66 9.41 -8.99 17.27
CA ALA E 66 10.47 -8.22 16.62
C ALA E 66 11.56 -9.12 16.04
N ARG E 67 12.14 -8.68 14.93
CA ARG E 67 13.15 -9.47 14.24
C ARG E 67 14.47 -9.42 15.01
N HIS E 68 15.00 -10.60 15.36
CA HIS E 68 16.17 -10.70 16.23
C HIS E 68 16.94 -11.96 15.90
N GLY E 69 18.10 -12.12 16.55
CA GLY E 69 18.87 -13.31 16.33
C GLY E 69 19.93 -13.69 17.33
N ASP E 70 20.13 -12.90 18.38
CA ASP E 70 21.02 -13.33 19.46
C ASP E 70 20.71 -12.58 20.76
N ARG E 71 21.13 -13.19 21.87
CA ARG E 71 20.92 -12.67 23.21
C ARG E 71 22.01 -11.68 23.67
N SER E 72 23.11 -11.51 22.92
CA SER E 72 24.27 -10.72 23.33
C SER E 72 24.41 -9.41 22.57
N VAL E 73 23.30 -8.76 22.25
CA VAL E 73 23.34 -7.56 21.42
C VAL E 73 23.25 -6.29 22.28
N PRO E 74 23.86 -5.19 21.85
CA PRO E 74 23.83 -3.95 22.63
C PRO E 74 22.45 -3.39 22.87
N THR E 75 21.50 -3.61 21.98
CA THR E 75 20.14 -3.22 22.34
C THR E 75 19.50 -4.21 23.30
N PHE E 76 20.05 -5.42 23.41
CA PHE E 76 19.57 -6.33 24.43
C PHE E 76 20.07 -5.89 25.80
N VAL E 77 19.27 -6.16 26.81
CA VAL E 77 19.72 -5.92 28.16
C VAL E 77 20.97 -6.74 28.45
N GLY E 78 21.05 -7.94 27.89
CA GLY E 78 21.97 -8.95 28.39
C GLY E 78 23.43 -8.52 28.33
N GLY E 79 23.73 -7.48 27.57
CA GLY E 79 25.03 -6.87 27.67
C GLY E 79 25.89 -7.16 26.46
N GLY E 80 27.09 -6.59 26.52
CA GLY E 80 27.87 -6.32 25.34
C GLY E 80 27.61 -4.89 24.94
N VAL E 81 28.62 -4.05 24.98
CA VAL E 81 28.42 -2.64 24.74
C VAL E 81 28.82 -2.31 23.31
N ALA E 82 27.96 -1.57 22.61
CA ALA E 82 28.47 -0.74 21.55
C ALA E 82 29.43 0.26 22.20
N PHE E 83 30.63 0.42 21.64
CA PHE E 83 31.48 1.59 21.89
C PHE E 83 31.89 1.79 23.35
N GLY E 84 32.09 0.70 24.10
CA GLY E 84 32.57 0.82 25.46
C GLY E 84 34.06 1.07 25.50
N PRO E 85 34.53 1.44 26.69
CA PRO E 85 35.98 1.64 26.90
C PRO E 85 36.79 0.38 26.75
N LYS E 86 38.00 0.53 26.25
CA LYS E 86 39.02 -0.50 26.15
C LYS E 86 40.33 0.04 26.69
N PRO E 87 41.22 -0.83 27.18
CA PRO E 87 42.51 -0.31 27.63
C PRO E 87 43.23 0.39 26.48
N ARG E 88 43.89 1.50 26.80
CA ARG E 88 44.62 2.30 25.82
C ARG E 88 45.62 3.19 26.54
N SER E 89 46.70 3.52 25.85
CA SER E 89 47.72 4.36 26.43
C SER E 89 47.48 5.80 26.01
N TYR E 90 46.98 6.61 26.93
CA TYR E 90 46.82 8.02 26.69
C TYR E 90 48.15 8.75 26.59
N ASP E 91 49.26 8.10 26.98
CA ASP E 91 50.57 8.74 26.93
C ASP E 91 50.99 9.11 25.51
N TYR E 92 51.65 10.25 25.40
CA TYR E 92 52.28 10.70 24.16
C TYR E 92 53.46 11.57 24.52
N THR E 93 54.39 11.71 23.58
CA THR E 93 55.57 12.52 23.83
C THR E 93 55.25 13.99 23.54
N LEU E 94 55.13 14.79 24.59
CA LEU E 94 55.11 16.24 24.42
C LEU E 94 56.50 16.67 23.94
N PRO E 95 56.60 17.50 22.89
CA PRO E 95 57.93 17.86 22.41
C PRO E 95 58.72 18.56 23.50
N ARG E 96 60.02 18.27 23.54
CA ARG E 96 60.82 18.42 24.76
C ARG E 96 60.98 19.87 25.19
N GLN E 97 61.14 20.78 24.24
CA GLN E 97 61.34 22.18 24.58
C GLN E 97 60.11 22.76 25.28
N VAL E 98 58.93 22.16 25.07
CA VAL E 98 57.73 22.54 25.81
C VAL E 98 57.79 22.05 27.25
N ARG E 99 58.36 20.87 27.49
CA ARG E 99 58.53 20.43 28.88
C ARG E 99 59.50 21.34 29.61
N GLN E 100 60.60 21.71 28.94
CA GLN E 100 61.59 22.56 29.57
C GLN E 100 61.05 23.97 29.79
N LEU E 101 60.43 24.56 28.77
CA LEU E 101 59.82 25.87 28.91
C LEU E 101 58.72 25.85 29.95
N GLY E 102 58.01 24.74 30.08
CA GLY E 102 56.97 24.66 31.10
C GLY E 102 57.55 24.69 32.49
N LEU E 103 58.57 23.87 32.75
CA LEU E 103 59.17 23.89 34.08
C LEU E 103 59.72 25.27 34.37
N ALA E 104 60.30 25.91 33.35
CA ALA E 104 60.87 27.24 33.56
C ALA E 104 59.79 28.26 33.86
N MET E 105 58.64 28.18 33.17
CA MET E 105 57.55 29.09 33.47
C MET E 105 56.98 28.82 34.85
N ALA E 106 57.05 27.58 35.31
CA ALA E 106 56.55 27.28 36.64
C ALA E 106 57.43 27.91 37.69
N ILE E 107 58.74 27.75 37.54
CA ILE E 107 59.66 28.40 38.46
C ILE E 107 59.49 29.91 38.39
N ALA E 108 59.26 30.44 37.19
CA ALA E 108 59.05 31.87 37.03
C ALA E 108 57.76 32.34 37.67
N SER E 109 56.74 31.49 37.73
CA SER E 109 55.55 31.82 38.48
C SER E 109 55.80 31.66 39.96
N ARG E 110 56.91 31.00 40.31
CA ARG E 110 57.32 30.93 41.71
C ARG E 110 58.09 32.18 42.16
N GLN E 111 58.95 32.73 41.29
CA GLN E 111 59.85 33.80 41.72
C GLN E 111 59.10 35.10 41.98
N GLU E 112 58.32 35.60 40.99
CA GLU E 112 57.62 36.88 41.12
C GLU E 112 56.53 36.83 42.20
N GLY E 113 56.52 35.79 43.05
CA GLY E 113 55.70 35.72 44.26
C GLY E 113 56.24 34.74 45.29
N GLY E 114 55.76 33.50 45.25
CA GLY E 114 55.90 32.53 46.34
C GLY E 114 57.05 31.55 46.42
N LYS E 115 58.18 31.79 45.74
CA LYS E 115 59.28 30.84 45.84
C LYS E 115 60.31 31.26 46.90
N LEU E 116 61.12 30.29 47.29
CA LEU E 116 62.22 30.49 48.22
C LEU E 116 63.31 29.48 47.88
N VAL E 117 64.55 29.86 48.09
CA VAL E 117 65.69 29.03 47.75
C VAL E 117 66.49 28.76 49.02
N ALA E 118 67.17 27.61 49.06
CA ALA E 118 67.95 27.22 50.23
C ALA E 118 69.19 26.46 49.81
N VAL E 119 70.35 26.80 50.39
CA VAL E 119 71.55 25.96 50.30
C VAL E 119 71.30 24.71 51.14
N ASP E 120 71.88 24.65 52.35
CA ASP E 120 71.43 23.71 53.35
C ASP E 120 70.80 24.54 54.48
N GLY E 121 71.49 24.74 55.59
CA GLY E 121 70.92 25.53 56.65
C GLY E 121 69.72 24.92 57.30
N PHE E 122 69.43 23.64 57.01
CA PHE E 122 68.24 23.00 57.53
C PHE E 122 68.25 22.97 59.05
N ASP E 123 69.43 22.81 59.66
CA ASP E 123 69.56 22.71 61.11
C ASP E 123 68.58 21.69 61.67
N ILE E 124 68.47 20.56 60.99
CA ILE E 124 67.62 19.46 61.43
C ILE E 124 68.48 18.47 62.18
N ALA E 125 68.03 18.05 63.36
CA ALA E 125 68.86 17.23 64.22
C ALA E 125 68.96 15.81 63.68
N ASP E 126 68.17 14.91 64.27
CA ASP E 126 68.12 13.49 63.90
C ASP E 126 66.96 13.23 62.94
N ALA E 127 66.77 14.13 61.98
CA ALA E 127 65.58 14.17 61.16
C ALA E 127 64.32 14.23 62.02
N LYS E 128 64.40 14.89 63.17
CA LYS E 128 63.20 15.08 63.99
C LYS E 128 62.22 15.97 63.24
N THR E 129 60.95 15.58 63.23
CA THR E 129 59.96 16.43 62.57
C THR E 129 59.79 17.74 63.32
N LYS E 130 59.90 17.70 64.64
CA LYS E 130 59.72 18.90 65.44
C LYS E 130 60.74 19.98 65.07
N ASN E 131 62.01 19.57 64.90
CA ASN E 131 63.03 20.52 64.46
C ASN E 131 62.75 21.03 63.06
N PHE E 132 62.10 20.20 62.21
CA PHE E 132 61.72 20.65 60.88
C PHE E 132 60.65 21.73 60.96
N ILE E 133 59.68 21.56 61.86
CA ILE E 133 58.65 22.58 62.04
C ILE E 133 59.27 23.88 62.53
N SER E 134 60.24 23.78 63.44
CA SER E 134 60.91 24.99 63.91
C SER E 134 61.66 25.68 62.78
N TRP E 135 62.45 24.90 62.03
CA TRP E 135 63.29 25.46 60.98
C TRP E 135 62.46 26.20 59.96
N ALA E 136 61.42 25.54 59.42
CA ALA E 136 60.58 26.20 58.44
C ALA E 136 59.75 27.34 59.05
N LYS E 137 59.33 27.21 60.31
CA LYS E 137 58.49 28.23 60.93
C LYS E 137 59.22 29.54 61.09
N GLN E 138 60.54 29.49 61.32
CA GLN E 138 61.30 30.73 61.36
C GLN E 138 61.30 31.43 60.00
N ASN E 139 61.16 30.68 58.91
CA ASN E 139 61.10 31.22 57.55
C ASN E 139 59.67 31.54 57.11
N GLY E 140 58.74 31.69 58.04
CA GLY E 140 57.38 32.04 57.70
C GLY E 140 56.51 30.87 57.31
N LEU E 141 57.03 29.65 57.33
CA LEU E 141 56.24 28.47 56.98
C LEU E 141 55.54 28.01 58.26
N ASP E 142 54.49 28.73 58.63
CA ASP E 142 53.71 28.49 59.84
C ASP E 142 52.55 27.52 59.64
N GLY E 143 52.53 26.78 58.53
CA GLY E 143 51.45 25.85 58.29
C GLY E 143 50.18 26.45 57.74
N THR E 144 50.19 27.71 57.32
CA THR E 144 49.03 28.31 56.68
C THR E 144 49.17 28.42 55.17
N GLU E 145 50.04 27.60 54.57
CA GLU E 145 50.16 27.49 53.12
C GLU E 145 50.60 26.08 52.77
N LYS E 146 50.24 25.66 51.56
CA LYS E 146 50.79 24.44 50.97
C LYS E 146 52.28 24.61 50.67
N VAL E 147 53.03 23.53 50.80
CA VAL E 147 54.48 23.60 50.63
C VAL E 147 54.98 22.47 49.74
N LEU E 148 55.84 22.81 48.78
CA LEU E 148 56.64 21.84 48.07
C LEU E 148 58.11 22.12 48.33
N LEU E 149 58.75 21.21 49.05
CA LEU E 149 60.19 21.17 49.22
C LEU E 149 60.80 20.25 48.16
N VAL E 150 61.99 20.60 47.69
CA VAL E 150 62.78 19.71 46.83
C VAL E 150 64.20 19.71 47.40
N THR E 151 64.57 18.62 48.05
CA THR E 151 65.90 18.40 48.61
C THR E 151 66.47 17.12 48.01
N ASP E 152 67.73 16.85 48.33
CA ASP E 152 68.32 15.58 47.94
C ASP E 152 68.90 14.79 49.09
N ASP E 153 69.06 15.38 50.27
CA ASP E 153 69.59 14.64 51.41
C ASP E 153 68.43 13.95 52.12
N GLU E 154 68.53 12.62 52.23
CA GLU E 154 67.38 11.81 52.62
C GLU E 154 66.95 12.06 54.06
N ASN E 155 67.84 12.66 54.88
CA ASN E 155 67.52 12.97 56.27
C ASN E 155 66.52 14.12 56.39
N THR E 156 66.75 15.21 55.66
CA THR E 156 65.85 16.36 55.77
C THR E 156 64.48 16.07 55.18
N ARG E 157 64.45 15.44 54.00
CA ARG E 157 63.17 15.00 53.43
C ARG E 157 62.52 13.96 54.34
N ARG E 158 63.33 13.10 54.94
CA ARG E 158 62.76 12.13 55.87
C ARG E 158 62.12 12.83 57.06
N ALA E 159 62.66 13.97 57.44
CA ALA E 159 62.03 14.77 58.48
C ALA E 159 60.69 15.33 58.01
N ALA E 160 60.67 15.89 56.79
CA ALA E 160 59.54 16.69 56.34
C ALA E 160 58.32 15.88 55.88
N ARG E 161 58.51 14.65 55.38
CA ARG E 161 57.48 14.02 54.55
C ARG E 161 56.16 13.79 55.30
N ASN E 162 56.18 13.80 56.63
CA ASN E 162 54.97 13.58 57.40
C ASN E 162 54.14 14.85 57.65
N VAL E 163 54.64 16.03 57.32
CA VAL E 163 53.83 17.24 57.50
C VAL E 163 52.70 17.27 56.48
N SER E 164 51.50 17.68 56.93
CA SER E 164 50.35 17.74 56.04
C SER E 164 50.49 18.84 55.00
N TRP E 165 51.18 19.92 55.31
CA TRP E 165 51.28 21.02 54.37
C TRP E 165 52.56 21.02 53.56
N VAL E 166 53.47 20.08 53.79
CA VAL E 166 54.61 19.95 52.90
C VAL E 166 54.55 18.57 52.23
N SER E 167 55.08 18.52 51.01
CA SER E 167 55.40 17.29 50.33
C SER E 167 56.88 17.30 49.94
N VAL E 168 57.46 16.11 49.95
CA VAL E 168 58.86 15.90 49.60
C VAL E 168 58.95 15.53 48.13
N LEU E 169 59.97 16.05 47.46
CA LEU E 169 60.23 15.69 46.08
C LEU E 169 61.73 15.47 45.87
N PRO E 170 62.16 14.23 45.73
CA PRO E 170 63.59 13.93 45.58
C PRO E 170 64.17 14.47 44.28
N VAL E 171 65.47 14.79 44.35
CA VAL E 171 66.37 14.86 43.19
C VAL E 171 65.79 15.75 42.09
N ALA E 172 66.17 15.47 40.85
CA ALA E 172 65.74 16.23 39.67
C ALA E 172 64.31 15.95 39.30
N GLY E 173 63.69 14.91 39.87
CA GLY E 173 62.34 14.54 39.49
C GLY E 173 61.31 15.61 39.83
N VAL E 174 61.58 16.84 39.40
CA VAL E 174 60.67 17.96 39.64
C VAL E 174 59.52 17.90 38.63
N ASN E 175 58.38 18.41 39.05
CA ASN E 175 57.09 18.28 38.39
C ASN E 175 56.53 19.67 38.22
N VAL E 176 56.20 20.04 36.98
CA VAL E 176 55.54 21.32 36.78
C VAL E 176 54.24 21.37 37.57
N TYR E 177 53.56 20.23 37.68
CA TYR E 177 52.26 20.14 38.34
C TYR E 177 52.39 20.14 39.85
N ASP E 178 53.43 19.51 40.39
CA ASP E 178 53.61 19.54 41.83
C ASP E 178 53.87 20.95 42.32
N ILE E 179 54.58 21.76 41.53
CA ILE E 179 54.87 23.11 42.00
C ILE E 179 53.74 24.09 41.62
N LEU E 180 53.05 23.87 40.51
CA LEU E 180 51.83 24.64 40.32
C LEU E 180 50.84 24.33 41.43
N ARG E 181 50.92 23.12 41.96
CA ARG E 181 49.93 22.60 42.89
C ARG E 181 50.04 23.30 44.25
N HIS E 182 51.22 23.24 44.87
CA HIS E 182 51.39 23.85 46.18
C HIS E 182 51.49 25.35 46.06
N ASP E 183 51.31 26.04 47.19
CA ASP E 183 51.36 27.49 47.23
C ASP E 183 52.72 28.04 47.69
N ARG E 184 53.75 27.20 47.71
CA ARG E 184 55.10 27.66 48.03
C ARG E 184 56.10 26.65 47.49
N LEU E 185 57.33 27.11 47.24
CA LEU E 185 58.39 26.24 46.75
C LEU E 185 59.71 26.58 47.43
N VAL E 186 60.43 25.54 47.85
CA VAL E 186 61.76 25.68 48.45
C VAL E 186 62.71 24.72 47.73
N ILE E 187 63.83 25.26 47.25
CA ILE E 187 64.68 24.55 46.31
C ILE E 187 66.08 24.40 46.90
N ASP E 188 66.73 23.30 46.51
CA ASP E 188 68.06 22.97 46.97
C ASP E 188 69.08 23.99 46.52
N ALA E 189 68.77 24.80 45.51
CA ALA E 189 69.67 25.82 44.99
C ALA E 189 70.98 25.21 44.50
N ALA E 190 71.61 24.42 45.36
CA ALA E 190 72.90 23.81 45.06
C ALA E 190 72.83 22.87 43.88
N ALA E 191 71.64 22.44 43.47
CA ALA E 191 71.52 21.46 42.41
C ALA E 191 71.03 22.12 41.13
N LEU E 192 69.77 21.90 40.74
CA LEU E 192 69.25 22.36 39.46
C LEU E 192 69.20 23.88 39.33
N GLU E 193 69.17 24.62 40.43
CA GLU E 193 69.16 26.08 40.32
C GLU E 193 70.41 26.59 39.59
N ILE E 194 71.55 25.93 39.77
CA ILE E 194 72.77 26.27 39.04
C ILE E 194 72.92 25.32 37.85
N VAL E 195 73.56 25.84 36.79
CA VAL E 195 73.65 25.24 35.44
C VAL E 195 73.10 23.82 35.29
N GLN F 1 41.52 20.39 -104.38
CA GLN F 1 41.89 21.48 -103.48
C GLN F 1 41.54 22.85 -104.06
N GLN F 2 42.24 23.26 -105.13
CA GLN F 2 41.96 24.58 -105.70
C GLN F 2 40.52 24.70 -106.18
N LEU F 3 39.93 23.59 -106.65
CA LEU F 3 38.57 23.62 -107.18
C LEU F 3 37.54 23.92 -106.09
N LYS F 4 37.74 23.38 -104.89
CA LYS F 4 36.80 23.68 -103.81
C LYS F 4 36.86 25.16 -103.43
N THR F 5 38.06 25.73 -103.43
CA THR F 5 38.20 27.15 -103.12
C THR F 5 37.60 28.02 -104.21
N LYS F 6 37.73 27.58 -105.48
CA LYS F 6 37.10 28.31 -106.57
C LYS F 6 35.58 28.27 -106.46
N TYR F 7 35.03 27.12 -106.05
CA TYR F 7 33.57 27.08 -105.86
C TYR F 7 33.14 27.90 -104.67
N ASN F 8 33.98 28.00 -103.63
CA ASN F 8 33.67 28.93 -102.54
C ASN F 8 33.64 30.37 -103.04
N ASP F 9 34.65 30.76 -103.83
CA ASP F 9 34.72 32.13 -104.31
C ASP F 9 33.66 32.42 -105.36
N GLN F 10 33.15 31.40 -106.04
CA GLN F 10 32.03 31.64 -106.96
C GLN F 10 30.70 31.68 -106.22
N VAL F 11 30.59 30.95 -105.11
CA VAL F 11 29.36 31.02 -104.33
C VAL F 11 29.21 32.39 -103.67
N ARG F 12 30.30 32.93 -103.11
CA ARG F 12 30.15 34.13 -102.30
C ARG F 12 29.57 35.31 -103.08
N PRO F 13 30.11 35.69 -104.26
CA PRO F 13 29.35 36.65 -105.10
C PRO F 13 27.98 36.18 -105.53
N ALA F 14 27.78 34.88 -105.73
CA ALA F 14 26.44 34.40 -106.10
C ALA F 14 25.44 34.72 -104.99
N LEU F 15 25.89 34.64 -103.73
CA LEU F 15 25.02 34.97 -102.62
C LEU F 15 24.90 36.47 -102.41
N MET F 16 25.96 37.22 -102.68
CA MET F 16 25.83 38.67 -102.62
C MET F 16 24.91 39.20 -103.71
N GLN F 17 24.79 38.49 -104.85
CA GLN F 17 23.87 38.88 -105.92
C GLN F 17 22.46 38.38 -105.71
N GLN F 18 22.29 37.20 -105.11
CA GLN F 18 20.96 36.75 -104.73
C GLN F 18 20.46 37.38 -103.42
N PHE F 19 21.34 38.07 -102.69
CA PHE F 19 21.04 38.58 -101.36
C PHE F 19 22.22 39.38 -100.85
N GLY F 20 22.22 40.69 -101.10
CA GLY F 20 23.39 41.48 -100.78
C GLY F 20 23.74 41.58 -99.30
N TYR F 21 24.94 41.12 -98.96
CA TYR F 21 25.54 41.44 -97.67
C TYR F 21 26.49 42.64 -97.83
N SER F 22 26.64 43.38 -96.74
CA SER F 22 27.65 44.45 -96.72
C SER F 22 29.05 43.87 -96.78
N SER F 23 29.22 42.60 -96.43
CA SER F 23 30.52 41.99 -96.23
C SER F 23 30.55 40.58 -96.80
N VAL F 24 31.69 40.22 -97.37
CA VAL F 24 31.92 38.83 -97.79
C VAL F 24 31.89 37.91 -96.58
N MET F 25 32.32 38.40 -95.42
CA MET F 25 32.25 37.60 -94.19
C MET F 25 30.83 37.39 -93.70
N ALA F 26 29.90 38.29 -94.06
CA ALA F 26 28.48 38.11 -93.78
C ALA F 26 27.86 36.99 -94.59
N VAL F 27 28.48 36.63 -95.70
CA VAL F 27 28.02 35.57 -96.59
C VAL F 27 28.06 34.26 -95.80
N PRO F 28 27.18 33.30 -96.07
CA PRO F 28 27.35 31.99 -95.46
C PRO F 28 28.67 31.36 -95.89
N ARG F 29 29.27 30.64 -94.95
CA ARG F 29 30.47 29.84 -95.16
C ARG F 29 30.18 28.47 -94.60
N ILE F 30 31.07 27.51 -94.82
CA ILE F 30 30.93 26.18 -94.26
C ILE F 30 32.05 25.99 -93.22
N GLU F 31 31.65 25.81 -91.96
CA GLU F 31 32.57 25.73 -90.83
C GLU F 31 33.26 24.37 -90.79
N LYS F 32 32.49 23.30 -90.57
CA LYS F 32 33.06 21.98 -90.40
C LYS F 32 32.08 20.93 -90.90
N ILE F 33 32.63 19.78 -91.29
CA ILE F 33 31.85 18.63 -91.69
C ILE F 33 32.13 17.51 -90.71
N VAL F 34 31.07 17.00 -90.08
CA VAL F 34 31.20 15.95 -89.07
C VAL F 34 30.54 14.69 -89.59
N VAL F 35 31.15 13.54 -89.29
CA VAL F 35 30.61 12.23 -89.65
C VAL F 35 30.54 11.37 -88.39
N ASN F 36 29.36 10.86 -88.08
CA ASN F 36 29.14 10.13 -86.83
C ASN F 36 28.69 8.69 -87.12
N GLU F 37 29.64 7.77 -87.04
CA GLU F 37 29.29 6.36 -86.95
C GLU F 37 28.66 6.09 -85.58
N GLY F 38 27.76 5.13 -85.55
CA GLY F 38 27.05 4.81 -84.33
C GLY F 38 26.86 3.32 -84.15
N LEU F 39 27.97 2.59 -84.00
CA LEU F 39 27.94 1.14 -83.84
C LEU F 39 27.29 0.73 -82.52
N GLY F 40 26.41 1.51 -81.92
CA GLY F 40 25.53 0.97 -80.87
C GLY F 40 24.31 0.24 -81.40
N SER F 41 24.02 0.40 -82.71
CA SER F 41 23.09 -0.51 -83.38
C SER F 41 23.69 -1.90 -83.52
N SER F 42 25.02 -2.00 -83.50
CA SER F 42 25.73 -3.26 -83.57
C SER F 42 26.94 -3.12 -82.66
N LYS F 43 26.67 -3.00 -81.36
CA LYS F 43 27.75 -3.08 -80.38
C LYS F 43 28.42 -4.44 -80.54
N GLU F 44 29.73 -4.45 -80.39
CA GLU F 44 30.49 -5.64 -80.74
C GLU F 44 31.60 -5.81 -79.71
N ASP F 45 32.59 -6.61 -80.07
CA ASP F 45 33.87 -6.67 -79.40
C ASP F 45 34.84 -5.69 -80.07
N SER F 46 36.04 -5.58 -79.49
CA SER F 46 37.00 -4.61 -79.97
C SER F 46 37.29 -4.84 -81.45
N LYS F 47 37.13 -6.08 -81.91
CA LYS F 47 37.43 -6.40 -83.30
C LYS F 47 36.61 -5.56 -84.27
N ALA F 48 35.27 -5.74 -84.26
CA ALA F 48 34.45 -5.07 -85.27
C ALA F 48 34.46 -3.56 -85.11
N ILE F 49 34.51 -3.05 -83.88
CA ILE F 49 34.49 -1.61 -83.69
C ILE F 49 35.80 -0.98 -84.16
N ASP F 50 36.94 -1.62 -83.86
CA ASP F 50 38.19 -1.12 -84.40
C ASP F 50 38.23 -1.25 -85.92
N LYS F 51 37.55 -2.26 -86.48
CA LYS F 51 37.50 -2.35 -87.93
C LYS F 51 36.72 -1.20 -88.55
N ALA F 52 35.64 -0.76 -87.89
CA ALA F 52 34.88 0.36 -88.43
C ALA F 52 35.64 1.68 -88.27
N ALA F 53 36.33 1.85 -87.13
CA ALA F 53 37.21 2.99 -87.02
C ALA F 53 38.30 2.94 -88.08
N LYS F 54 38.74 1.72 -88.41
CA LYS F 54 39.75 1.54 -89.45
C LYS F 54 39.23 1.99 -90.81
N GLU F 55 37.97 1.66 -91.13
CA GLU F 55 37.46 2.01 -92.45
C GLU F 55 37.19 3.51 -92.56
N LEU F 56 36.64 4.13 -91.50
CA LEU F 56 36.49 5.58 -91.55
C LEU F 56 37.83 6.29 -91.64
N ALA F 57 38.85 5.76 -90.93
CA ALA F 57 40.17 6.37 -91.01
C ALA F 57 40.78 6.24 -92.40
N LEU F 58 40.59 5.08 -93.03
CA LEU F 58 41.10 4.90 -94.38
C LEU F 58 40.40 5.84 -95.35
N ILE F 59 39.11 6.07 -95.13
CA ILE F 59 38.35 6.99 -95.96
C ILE F 59 38.82 8.44 -95.76
N THR F 60 39.28 8.77 -94.54
CA THR F 60 39.46 10.17 -94.18
C THR F 60 40.88 10.68 -94.30
N LEU F 61 41.87 9.84 -94.01
CA LEU F 61 43.20 10.29 -93.56
C LEU F 61 43.07 11.11 -92.27
N GLN F 62 42.29 10.55 -91.33
CA GLN F 62 42.17 11.08 -89.98
C GLN F 62 42.03 9.91 -89.02
N LYS F 63 42.31 10.16 -87.74
CA LYS F 63 42.06 9.15 -86.72
C LYS F 63 40.68 9.43 -86.15
N PRO F 64 39.69 8.58 -86.37
CA PRO F 64 38.39 8.75 -85.73
C PRO F 64 38.47 8.59 -84.21
N ILE F 65 37.62 9.35 -83.49
CA ILE F 65 37.48 9.19 -82.04
C ILE F 65 36.23 8.37 -81.77
N ILE F 66 36.25 7.70 -80.63
CA ILE F 66 35.10 6.95 -80.13
C ILE F 66 34.30 7.88 -79.22
N THR F 67 33.02 8.08 -79.52
CA THR F 67 32.11 8.60 -78.51
C THR F 67 31.82 7.51 -77.48
N LYS F 68 31.70 7.92 -76.22
CA LYS F 68 31.58 6.98 -75.12
C LYS F 68 30.26 7.17 -74.40
N ALA F 69 29.71 6.04 -73.93
CA ALA F 69 28.34 6.02 -73.42
C ALA F 69 28.20 6.87 -72.17
N LYS F 70 27.13 7.64 -72.13
CA LYS F 70 26.80 8.41 -70.94
C LYS F 70 26.20 7.51 -69.86
N LYS F 71 26.37 7.93 -68.61
CA LYS F 71 25.69 7.29 -67.49
C LYS F 71 24.19 7.26 -67.81
N SER F 72 23.68 6.06 -68.12
CA SER F 72 22.29 5.91 -68.54
C SER F 72 21.91 4.44 -68.65
N ILE F 73 21.95 3.71 -67.52
CA ILE F 73 21.58 2.29 -67.54
C ILE F 73 20.12 2.17 -67.96
N SER F 74 19.85 1.23 -68.86
CA SER F 74 18.61 1.25 -69.62
C SER F 74 18.19 -0.17 -69.99
N ASN F 75 16.99 -0.26 -70.58
CA ASN F 75 16.49 -1.54 -71.04
C ASN F 75 17.30 -2.09 -72.21
N PHE F 76 17.93 -1.22 -72.98
CA PHE F 76 18.43 -1.62 -74.31
C PHE F 76 19.91 -1.98 -74.29
N LYS F 77 20.30 -2.91 -73.41
CA LYS F 77 21.69 -3.36 -73.27
C LYS F 77 22.62 -2.19 -72.92
N LEU F 78 22.08 -1.12 -72.34
CA LEU F 78 22.88 0.05 -72.04
C LEU F 78 23.69 -0.17 -70.76
N ARG F 79 24.85 0.48 -70.72
CA ARG F 79 25.86 0.24 -69.70
C ARG F 79 26.26 1.60 -69.12
N GLN F 80 27.48 1.66 -68.58
CA GLN F 80 27.97 2.88 -67.98
C GLN F 80 28.93 3.60 -68.92
N GLY F 81 30.20 3.18 -68.95
CA GLY F 81 31.20 3.91 -69.70
C GLY F 81 31.92 3.11 -70.79
N MET F 82 31.25 2.95 -71.93
CA MET F 82 31.72 2.08 -73.01
C MET F 82 31.51 2.77 -74.34
N PRO F 83 32.24 2.37 -75.39
CA PRO F 83 32.04 2.99 -76.70
C PRO F 83 30.64 2.75 -77.24
N VAL F 84 30.13 3.76 -77.97
CA VAL F 84 28.79 3.71 -78.54
C VAL F 84 28.72 4.47 -79.85
N GLY F 85 29.86 4.62 -80.54
CA GLY F 85 29.81 5.20 -81.87
C GLY F 85 30.92 6.18 -82.20
N ILE F 86 31.54 5.99 -83.35
CA ILE F 86 32.66 6.84 -83.75
C ILE F 86 32.18 8.25 -84.07
N LYS F 87 33.09 9.22 -83.97
CA LYS F 87 32.83 10.58 -84.42
C LYS F 87 34.08 11.10 -85.11
N VAL F 88 33.89 11.92 -86.15
CA VAL F 88 34.99 12.49 -86.93
C VAL F 88 34.63 13.93 -87.32
N THR F 89 35.34 14.90 -86.74
CA THR F 89 35.27 16.27 -87.26
C THR F 89 36.23 16.46 -88.41
N LEU F 90 35.88 17.38 -89.31
CA LEU F 90 36.76 17.79 -90.40
C LEU F 90 36.65 19.29 -90.56
N ARG F 91 37.80 19.97 -90.55
CA ARG F 91 37.88 21.38 -90.90
C ARG F 91 39.08 21.56 -91.82
N GLY F 92 39.13 22.71 -92.49
CA GLY F 92 40.31 22.94 -93.30
C GLY F 92 40.35 22.01 -94.51
N GLU F 93 41.58 21.76 -94.98
CA GLU F 93 41.76 21.01 -96.23
C GLU F 93 41.18 19.60 -96.14
N ARG F 94 41.21 18.97 -94.97
CA ARG F 94 40.65 17.64 -94.84
C ARG F 94 39.13 17.65 -94.98
N MET F 95 38.47 18.78 -94.73
CA MET F 95 37.02 18.87 -94.84
C MET F 95 36.58 19.10 -96.29
N TYR F 96 37.10 20.17 -96.90
CA TYR F 96 36.66 20.54 -98.24
C TYR F 96 36.91 19.42 -99.22
N VAL F 97 38.03 18.70 -99.05
CA VAL F 97 38.33 17.56 -99.92
C VAL F 97 37.14 16.60 -99.92
N PHE F 98 36.63 16.27 -98.74
CA PHE F 98 35.51 15.33 -98.67
C PHE F 98 34.29 15.89 -99.39
N LEU F 99 34.02 17.18 -99.22
CA LEU F 99 32.90 17.73 -99.95
C LEU F 99 33.18 17.73 -101.45
N GLU F 100 34.42 18.05 -101.86
CA GLU F 100 34.78 17.89 -103.27
C GLU F 100 34.89 16.43 -103.65
N LYS F 101 35.13 15.55 -102.68
CA LYS F 101 34.95 14.12 -102.95
C LYS F 101 33.49 13.80 -103.20
N LEU F 102 32.57 14.50 -102.52
CA LEU F 102 31.15 14.18 -102.63
C LEU F 102 30.41 14.96 -103.71
N ILE F 103 30.70 16.26 -103.89
CA ILE F 103 30.03 16.97 -104.96
C ILE F 103 30.39 16.39 -106.33
N ASN F 104 31.64 15.97 -106.55
CA ASN F 104 32.14 15.66 -107.90
C ASN F 104 32.39 14.17 -108.05
N ILE F 105 33.56 13.82 -108.60
CA ILE F 105 33.71 12.48 -109.18
C ILE F 105 33.66 11.41 -108.10
N GLY F 106 34.00 11.78 -106.86
CA GLY F 106 34.04 10.76 -105.84
C GLY F 106 32.71 10.41 -105.22
N LEU F 107 31.65 11.07 -105.68
CA LEU F 107 30.31 10.70 -105.24
C LEU F 107 30.04 9.27 -105.69
N PRO F 108 29.64 8.38 -104.78
CA PRO F 108 29.25 7.05 -105.21
C PRO F 108 28.10 7.05 -106.20
N ARG F 109 27.17 8.00 -106.08
CA ARG F 109 25.97 8.09 -106.90
C ARG F 109 25.22 6.76 -106.95
N ILE F 110 25.37 5.92 -105.92
CA ILE F 110 24.76 4.60 -105.92
C ILE F 110 23.24 4.70 -105.97
N ARG F 111 22.69 5.71 -105.32
CA ARG F 111 21.27 6.00 -105.36
C ARG F 111 21.09 7.50 -105.29
N ASP F 112 20.18 8.03 -106.11
CA ASP F 112 19.87 9.46 -106.10
C ASP F 112 18.70 9.83 -106.99
N PHE F 113 17.52 10.00 -106.39
CA PHE F 113 16.43 10.72 -107.05
C PHE F 113 16.84 12.18 -107.23
N ARG F 114 16.93 12.90 -106.12
CA ARG F 114 17.52 14.24 -106.05
C ARG F 114 18.48 14.27 -104.87
N GLY F 115 18.72 15.44 -104.30
CA GLY F 115 19.37 15.48 -103.01
C GLY F 115 18.44 14.99 -101.93
N ILE F 116 19.02 14.66 -100.77
CA ILE F 116 18.17 14.23 -99.67
C ILE F 116 17.19 15.36 -99.39
N ASN F 117 15.95 14.98 -99.10
CA ASN F 117 14.89 15.97 -99.04
C ASN F 117 15.12 16.93 -97.87
N PRO F 118 14.89 18.23 -98.06
CA PRO F 118 15.48 19.22 -97.16
C PRO F 118 15.03 19.05 -95.72
N ASN F 119 15.96 19.30 -94.80
CA ASN F 119 15.77 19.02 -93.38
C ASN F 119 16.16 20.15 -92.43
N ALA F 120 17.00 21.10 -92.86
CA ALA F 120 17.40 22.16 -91.94
C ALA F 120 16.20 23.00 -91.49
N PHE F 121 15.21 23.19 -92.38
CA PHE F 121 13.98 23.91 -92.10
C PHE F 121 14.26 25.35 -91.66
N ASP F 122 14.75 25.50 -90.42
CA ASP F 122 15.00 26.81 -89.84
C ASP F 122 16.04 27.60 -90.64
N GLY F 123 16.87 26.92 -91.43
CA GLY F 123 17.70 27.54 -92.44
C GLY F 123 19.06 27.99 -91.97
N ARG F 124 19.28 28.09 -90.65
CA ARG F 124 20.62 28.22 -90.13
C ARG F 124 21.37 26.91 -90.37
N GLY F 125 22.64 27.03 -90.73
CA GLY F 125 23.52 25.93 -91.09
C GLY F 125 22.99 24.51 -91.01
N ASN F 126 23.18 23.88 -89.84
CA ASN F 126 22.95 22.46 -89.58
C ASN F 126 22.13 21.78 -90.67
N TYR F 127 22.82 21.20 -91.64
CA TYR F 127 22.18 20.41 -92.69
C TYR F 127 22.60 18.96 -92.45
N ASN F 128 21.73 18.21 -91.77
CA ASN F 128 22.03 16.84 -91.45
C ASN F 128 21.89 15.96 -92.68
N LEU F 129 22.72 14.93 -92.76
CA LEU F 129 22.79 14.06 -93.93
C LEU F 129 22.78 12.61 -93.48
N GLY F 130 21.91 11.82 -94.09
CA GLY F 130 21.81 10.40 -93.79
C GLY F 130 22.25 9.57 -94.99
N ILE F 131 23.20 8.67 -94.73
CA ILE F 131 23.57 7.61 -95.66
C ILE F 131 23.01 6.33 -95.08
N LYS F 132 21.95 5.80 -95.70
CA LYS F 132 21.31 4.58 -95.19
C LYS F 132 22.28 3.40 -95.18
N GLU F 133 23.25 3.41 -96.09
CA GLU F 133 24.18 2.30 -96.27
C GLU F 133 25.48 2.80 -96.86
N GLN F 134 26.54 2.03 -96.66
CA GLN F 134 27.87 2.36 -97.16
C GLN F 134 28.30 1.51 -98.34
N LEU F 135 27.35 0.92 -99.09
CA LEU F 135 27.67 0.28 -100.37
C LEU F 135 27.94 1.38 -101.38
N ILE F 136 28.84 2.30 -101.02
CA ILE F 136 28.96 3.58 -101.69
C ILE F 136 30.44 3.90 -101.92
N PHE F 137 31.29 2.88 -101.93
CA PHE F 137 32.72 3.10 -102.05
C PHE F 137 33.35 2.16 -103.06
N PRO F 138 34.46 2.56 -103.66
CA PRO F 138 35.45 1.59 -104.15
C PRO F 138 36.46 1.17 -103.10
N GLU F 139 36.40 1.78 -101.91
CA GLU F 139 37.32 1.46 -100.81
C GLU F 139 37.02 0.12 -100.16
N ILE F 140 35.84 -0.44 -100.40
CA ILE F 140 35.45 -1.69 -99.78
C ILE F 140 35.25 -2.74 -100.86
N THR F 141 35.25 -4.00 -100.43
CA THR F 141 34.87 -5.15 -101.25
C THR F 141 33.71 -5.84 -100.54
N TYR F 142 32.56 -5.93 -101.22
CA TYR F 142 31.30 -6.16 -100.50
C TYR F 142 31.24 -7.52 -99.79
N ASP F 143 31.87 -8.55 -100.36
CA ASP F 143 31.78 -9.88 -99.74
C ASP F 143 32.43 -9.92 -98.35
N MET F 144 33.52 -9.16 -98.16
CA MET F 144 34.22 -9.13 -96.87
C MET F 144 33.55 -8.17 -95.90
N VAL F 145 33.09 -7.03 -96.39
CA VAL F 145 32.36 -6.07 -95.59
C VAL F 145 30.88 -6.30 -95.82
N ASP F 146 30.44 -7.56 -95.70
CA ASP F 146 29.03 -7.87 -95.94
C ASP F 146 28.12 -7.14 -94.96
N LYS F 147 28.63 -6.76 -93.79
CA LYS F 147 27.92 -5.83 -92.92
C LYS F 147 27.87 -4.44 -93.55
N THR F 148 26.74 -3.74 -93.37
CA THR F 148 26.59 -2.39 -93.92
C THR F 148 25.88 -1.50 -92.91
N ARG F 149 26.67 -0.84 -92.07
CA ARG F 149 26.20 0.24 -91.22
C ARG F 149 25.94 1.49 -92.05
N GLY F 150 25.08 2.37 -91.54
CA GLY F 150 24.87 3.68 -92.13
C GLY F 150 25.81 4.75 -91.56
N MET F 151 25.58 6.00 -91.99
CA MET F 151 26.38 7.12 -91.53
C MET F 151 25.55 8.38 -91.43
N ASP F 152 25.88 9.22 -90.45
CA ASP F 152 25.32 10.57 -90.31
C ASP F 152 26.41 11.59 -90.58
N ILE F 153 26.08 12.65 -91.32
CA ILE F 153 27.04 13.68 -91.72
C ILE F 153 26.36 15.04 -91.62
N THR F 154 26.70 15.81 -90.60
CA THR F 154 26.08 17.11 -90.37
C THR F 154 26.96 18.21 -90.94
N ILE F 155 26.39 19.05 -91.79
CA ILE F 155 27.04 20.25 -92.28
C ILE F 155 26.75 21.38 -91.31
N VAL F 156 27.79 22.11 -90.92
CA VAL F 156 27.61 23.28 -90.07
C VAL F 156 28.09 24.50 -90.86
N THR F 157 27.22 25.50 -90.96
CA THR F 157 27.43 26.70 -91.74
C THR F 157 26.79 27.85 -90.99
N THR F 158 27.36 29.04 -91.11
CA THR F 158 26.61 30.19 -90.63
C THR F 158 25.46 30.49 -91.59
N ALA F 159 24.36 30.97 -91.02
CA ALA F 159 23.16 31.39 -91.76
C ALA F 159 22.16 31.97 -90.77
N LYS F 160 21.99 33.29 -90.76
CA LYS F 160 21.02 33.90 -89.86
C LYS F 160 19.60 33.84 -90.39
N THR F 161 19.42 33.42 -91.66
CA THR F 161 18.13 33.38 -92.34
C THR F 161 17.80 31.94 -92.75
N ASP F 162 16.50 31.67 -92.90
CA ASP F 162 16.02 30.35 -93.31
C ASP F 162 16.27 30.07 -94.79
N GLU F 163 15.88 31.00 -95.67
CA GLU F 163 16.01 30.77 -97.10
C GLU F 163 17.47 30.67 -97.52
N GLU F 164 18.37 31.27 -96.75
CA GLU F 164 19.79 31.27 -97.09
C GLU F 164 20.39 29.87 -97.09
N ALA F 165 19.74 28.90 -96.44
CA ALA F 165 20.19 27.52 -96.52
C ALA F 165 20.20 27.03 -97.96
N ARG F 166 19.33 27.56 -98.81
CA ARG F 166 19.35 27.15 -100.21
C ARG F 166 20.71 27.40 -100.84
N ALA F 167 21.44 28.39 -100.35
CA ALA F 167 22.74 28.70 -100.92
C ALA F 167 23.75 27.57 -100.72
N LEU F 168 23.63 26.80 -99.63
CA LEU F 168 24.76 25.94 -99.29
C LEU F 168 24.77 24.64 -100.07
N LEU F 169 23.82 24.44 -100.99
CA LEU F 169 23.78 23.22 -101.78
C LEU F 169 23.63 23.54 -103.26
N GLN F 170 22.69 24.43 -103.60
CA GLN F 170 22.42 24.73 -105.00
C GLN F 170 23.69 25.18 -105.70
N SER F 171 24.31 26.23 -105.18
CA SER F 171 25.57 26.72 -105.72
C SER F 171 26.75 25.92 -105.22
N MET F 172 26.53 24.96 -104.30
CA MET F 172 27.58 24.15 -103.72
C MET F 172 27.61 22.74 -104.30
N GLY F 173 27.09 22.57 -105.52
CA GLY F 173 27.21 21.29 -106.19
C GLY F 173 26.34 20.21 -105.62
N LEU F 174 25.28 20.59 -104.91
CA LEU F 174 24.41 19.58 -104.37
C LEU F 174 23.03 19.74 -104.99
N PRO F 175 22.37 18.64 -105.32
CA PRO F 175 21.01 18.72 -105.88
C PRO F 175 20.03 19.29 -104.88
N PHE F 176 19.05 20.03 -105.39
CA PHE F 176 17.98 20.58 -104.58
C PHE F 176 16.66 20.43 -105.34
N GLY G 1 -54.90 45.11 -33.04
CA GLY G 1 -55.54 45.83 -31.96
C GLY G 1 -57.05 45.94 -32.11
N LYS G 2 -57.72 46.15 -30.98
CA LYS G 2 -59.16 46.34 -30.97
C LYS G 2 -59.53 47.22 -29.78
N GLN G 3 -60.52 48.11 -30.00
CA GLN G 3 -60.85 49.21 -29.09
C GLN G 3 -62.31 49.61 -29.13
N PRO G 4 -62.92 49.80 -30.32
CA PRO G 4 -64.30 50.31 -30.36
C PRO G 4 -65.28 49.38 -29.66
N ILE G 5 -66.30 49.99 -29.05
CA ILE G 5 -67.19 49.35 -28.09
C ILE G 5 -68.64 49.67 -28.44
N ALA G 6 -69.57 49.04 -27.72
CA ALA G 6 -71.01 49.27 -27.84
C ALA G 6 -71.67 48.79 -26.54
N VAL G 7 -71.75 49.68 -25.56
CA VAL G 7 -72.55 49.45 -24.36
C VAL G 7 -74.00 49.83 -24.66
N PRO G 8 -74.96 48.94 -24.41
CA PRO G 8 -76.36 49.21 -24.80
C PRO G 8 -77.10 50.14 -23.86
N SER G 9 -78.35 49.79 -23.53
CA SER G 9 -79.22 50.65 -22.75
C SER G 9 -79.57 50.11 -21.36
N GLY G 10 -79.63 48.80 -21.18
CA GLY G 10 -80.10 48.21 -19.95
C GLY G 10 -79.02 47.71 -19.02
N VAL G 11 -77.84 48.33 -19.04
CA VAL G 11 -76.69 47.90 -18.25
C VAL G 11 -76.00 49.10 -17.62
N THR G 12 -75.13 48.81 -16.66
CA THR G 12 -74.36 49.82 -15.95
C THR G 12 -72.99 49.26 -15.60
N VAL G 13 -71.95 50.09 -15.75
CA VAL G 13 -70.57 49.68 -15.55
C VAL G 13 -69.96 50.55 -14.45
N ASN G 14 -69.50 49.90 -13.37
CA ASN G 14 -68.70 50.52 -12.33
C ASN G 14 -67.23 50.54 -12.77
N ALA G 15 -66.36 51.12 -11.94
CA ALA G 15 -64.93 51.03 -12.19
C ALA G 15 -64.17 51.19 -10.87
N GLN G 16 -63.16 50.34 -10.68
CA GLN G 16 -62.40 50.31 -9.44
C GLN G 16 -61.05 49.65 -9.71
N ASP G 17 -59.97 50.44 -9.68
CA ASP G 17 -58.57 49.95 -9.78
C ASP G 17 -58.36 48.96 -10.92
N GLY G 18 -59.12 49.10 -12.01
CA GLY G 18 -59.07 48.19 -13.14
C GLY G 18 -60.13 47.11 -13.13
N VAL G 19 -60.67 46.78 -11.96
CA VAL G 19 -61.54 45.62 -11.77
C VAL G 19 -62.96 46.13 -11.59
N PHE G 20 -63.74 46.15 -12.67
CA PHE G 20 -65.06 46.76 -12.65
C PHE G 20 -66.16 45.77 -12.25
N LYS G 21 -67.27 46.33 -11.76
CA LYS G 21 -68.52 45.60 -11.54
C LYS G 21 -69.51 45.92 -12.66
N VAL G 22 -70.35 44.94 -13.03
CA VAL G 22 -71.36 45.14 -14.06
C VAL G 22 -72.66 44.48 -13.63
N LYS G 23 -73.78 45.13 -13.95
CA LYS G 23 -75.12 44.57 -13.76
C LYS G 23 -75.97 44.79 -15.01
N GLY G 24 -77.26 44.47 -14.92
CA GLY G 24 -78.16 44.58 -16.04
C GLY G 24 -79.31 43.59 -15.90
N PRO G 25 -79.74 43.00 -17.02
CA PRO G 25 -80.73 41.92 -16.93
C PRO G 25 -80.25 40.73 -16.08
N LYS G 26 -78.95 40.45 -16.06
CA LYS G 26 -78.37 39.47 -15.14
C LYS G 26 -77.05 40.04 -14.61
N GLY G 27 -77.10 40.57 -13.39
CA GLY G 27 -75.98 41.29 -12.82
C GLY G 27 -74.96 40.38 -12.16
N GLU G 28 -74.05 41.03 -11.43
CA GLU G 28 -72.94 40.35 -10.76
C GLU G 28 -72.11 39.53 -11.73
N LEU G 29 -71.84 40.10 -12.91
CA LEU G 29 -70.83 39.53 -13.81
C LEU G 29 -69.56 40.39 -13.77
N THR G 30 -68.91 40.34 -12.62
CA THR G 30 -67.62 40.99 -12.41
C THR G 30 -66.50 40.18 -13.08
N VAL G 31 -65.46 40.87 -13.53
CA VAL G 31 -64.28 40.20 -14.08
C VAL G 31 -63.02 40.88 -13.53
N PRO G 32 -61.95 40.12 -13.23
CA PRO G 32 -60.66 40.76 -12.94
C PRO G 32 -60.06 41.47 -14.14
N TYR G 33 -59.32 42.55 -13.86
CA TYR G 33 -58.49 43.20 -14.86
C TYR G 33 -57.28 43.81 -14.17
N ASN G 34 -56.26 44.09 -14.95
CA ASN G 34 -55.00 44.57 -14.42
C ASN G 34 -55.06 46.06 -14.08
N THR G 35 -54.33 46.44 -13.04
CA THR G 35 -54.19 47.85 -12.68
C THR G 35 -53.36 48.62 -13.71
N GLU G 36 -52.41 47.94 -14.36
CA GLU G 36 -51.49 48.62 -15.27
C GLU G 36 -52.21 49.22 -16.48
N LEU G 37 -53.36 48.69 -16.83
CA LEU G 37 -54.21 49.24 -17.88
C LEU G 37 -55.16 50.29 -17.32
N THR G 38 -55.79 51.03 -18.22
CA THR G 38 -56.68 52.13 -17.87
C THR G 38 -58.13 51.67 -18.00
N VAL G 39 -58.76 51.27 -16.89
CA VAL G 39 -60.18 50.96 -16.90
C VAL G 39 -60.91 52.30 -17.00
N ARG G 40 -61.62 52.50 -18.10
CA ARG G 40 -62.19 53.82 -18.31
C ARG G 40 -63.41 53.71 -19.20
N GLN G 41 -64.17 54.79 -19.23
CA GLN G 41 -65.34 54.91 -20.09
C GLN G 41 -65.69 56.38 -20.19
N ASP G 42 -66.19 56.78 -21.36
CA ASP G 42 -66.67 58.15 -21.53
C ASP G 42 -68.01 58.35 -20.85
N GLY G 43 -68.96 57.46 -21.11
CA GLY G 43 -70.32 57.62 -20.68
C GLY G 43 -71.23 56.79 -21.57
N ASP G 44 -71.57 57.34 -22.73
CA ASP G 44 -72.34 56.60 -23.72
C ASP G 44 -71.57 55.40 -24.27
N GLN G 45 -70.24 55.44 -24.22
CA GLN G 45 -69.41 54.35 -24.71
C GLN G 45 -68.14 54.28 -23.87
N LEU G 46 -67.50 53.13 -23.89
CA LEU G 46 -66.37 52.81 -23.05
C LEU G 46 -65.07 52.83 -23.87
N LEU G 47 -63.97 52.45 -23.24
CA LEU G 47 -62.72 52.11 -23.91
C LEU G 47 -61.74 51.54 -22.88
N VAL G 48 -60.77 50.80 -23.39
CA VAL G 48 -59.57 50.43 -22.65
C VAL G 48 -58.39 50.92 -23.47
N GLU G 49 -57.67 51.92 -22.95
CA GLU G 49 -56.45 52.39 -23.59
C GLU G 49 -55.23 51.75 -22.94
N ARG G 50 -54.23 51.48 -23.76
CA ARG G 50 -52.97 50.90 -23.30
C ARG G 50 -51.98 52.02 -23.00
N PRO G 51 -51.53 52.17 -21.74
CA PRO G 51 -50.57 53.25 -21.44
C PRO G 51 -49.24 53.16 -22.19
N SER G 52 -48.75 51.97 -22.51
CA SER G 52 -47.42 51.82 -23.09
C SER G 52 -47.39 50.65 -24.05
N ASP G 53 -46.60 50.79 -25.11
CA ASP G 53 -46.64 49.90 -26.26
C ASP G 53 -45.80 48.62 -26.08
N ALA G 54 -45.41 48.26 -24.86
CA ALA G 54 -44.57 47.08 -24.66
C ALA G 54 -45.32 45.80 -25.04
N GLN G 55 -44.54 44.77 -25.43
CA GLN G 55 -45.10 43.52 -25.91
C GLN G 55 -46.03 42.89 -24.88
N LYS G 56 -45.48 42.58 -23.70
CA LYS G 56 -46.32 42.07 -22.63
C LYS G 56 -47.37 43.10 -22.24
N HIS G 57 -47.04 44.38 -22.36
CA HIS G 57 -48.04 45.43 -22.14
C HIS G 57 -49.13 45.37 -23.20
N ARG G 58 -48.75 45.09 -24.45
CA ARG G 58 -49.73 45.11 -25.53
C ARG G 58 -50.71 43.93 -25.45
N ALA G 59 -50.24 42.77 -25.01
CA ALA G 59 -51.11 41.59 -24.99
C ALA G 59 -52.31 41.80 -24.06
N LEU G 60 -52.07 42.45 -22.92
CA LEU G 60 -53.12 42.61 -21.93
C LEU G 60 -54.26 43.48 -22.47
N HIS G 61 -53.95 44.40 -23.38
CA HIS G 61 -55.01 45.26 -23.90
C HIS G 61 -56.06 44.44 -24.65
N GLY G 62 -55.63 43.59 -25.58
CA GLY G 62 -56.58 42.81 -26.34
C GLY G 62 -57.26 41.76 -25.49
N LEU G 63 -56.52 41.16 -24.55
CA LEU G 63 -57.15 40.21 -23.63
C LEU G 63 -58.29 40.89 -22.87
N THR G 64 -57.98 41.99 -22.19
CA THR G 64 -58.97 42.67 -21.37
C THR G 64 -60.13 43.20 -22.20
N ARG G 65 -59.87 43.61 -23.45
CA ARG G 65 -60.95 44.17 -24.24
C ARG G 65 -61.93 43.10 -24.69
N THR G 66 -61.45 41.95 -25.17
CA THR G 66 -62.41 40.91 -25.48
C THR G 66 -63.13 40.45 -24.23
N LEU G 67 -62.43 40.43 -23.08
CA LEU G 67 -63.07 39.97 -21.86
C LEU G 67 -64.20 40.90 -21.45
N VAL G 68 -63.99 42.22 -21.52
CA VAL G 68 -65.09 43.13 -21.20
C VAL G 68 -66.18 43.03 -22.26
N ALA G 69 -65.80 42.75 -23.52
CA ALA G 69 -66.79 42.65 -24.58
C ALA G 69 -67.75 41.50 -24.31
N ASN G 70 -67.19 40.32 -24.03
CA ASN G 70 -68.02 39.17 -23.72
C ASN G 70 -68.80 39.37 -22.44
N ALA G 71 -68.15 39.87 -21.38
CA ALA G 71 -68.81 39.97 -20.08
C ALA G 71 -69.98 40.94 -20.12
N VAL G 72 -69.85 42.02 -20.88
CA VAL G 72 -70.95 42.99 -20.92
C VAL G 72 -72.00 42.56 -21.94
N LYS G 73 -71.59 42.07 -23.10
CA LYS G 73 -72.55 41.63 -24.09
C LYS G 73 -73.33 40.41 -23.62
N GLY G 74 -72.78 39.62 -22.70
CA GLY G 74 -73.52 38.48 -22.17
C GLY G 74 -74.61 38.90 -21.21
N VAL G 75 -74.37 39.93 -20.39
CA VAL G 75 -75.47 40.45 -19.59
C VAL G 75 -76.42 41.28 -20.42
N SER G 76 -75.99 41.74 -21.60
CA SER G 76 -76.88 42.54 -22.43
C SER G 76 -77.75 41.70 -23.34
N ASP G 77 -77.27 40.55 -23.78
CA ASP G 77 -78.03 39.69 -24.69
C ASP G 77 -77.93 38.21 -24.36
N GLY G 78 -76.87 37.75 -23.73
CA GLY G 78 -76.78 36.37 -23.32
C GLY G 78 -76.10 35.48 -24.34
N TYR G 79 -75.74 34.29 -23.87
CA TYR G 79 -75.10 33.27 -24.69
C TYR G 79 -75.91 31.98 -24.65
N THR G 80 -75.87 31.27 -25.77
CA THR G 80 -76.60 30.01 -25.91
C THR G 80 -75.88 29.16 -26.94
N ILE G 81 -75.35 28.01 -26.50
CA ILE G 81 -74.66 27.07 -27.38
C ILE G 81 -75.57 25.87 -27.63
N ASN G 82 -75.57 25.39 -28.89
CA ASN G 82 -76.38 24.24 -29.26
C ASN G 82 -75.49 23.13 -29.79
N LEU G 83 -75.92 21.89 -29.57
CA LEU G 83 -75.14 20.72 -29.93
C LEU G 83 -76.10 19.60 -30.30
N GLU G 84 -75.56 18.59 -30.98
CA GLU G 84 -76.31 17.40 -31.33
C GLU G 84 -75.49 16.17 -30.98
N LEU G 85 -76.15 15.14 -30.48
CA LEU G 85 -75.55 13.82 -30.38
C LEU G 85 -75.80 13.06 -31.67
N ARG G 86 -74.83 12.24 -32.07
CA ARG G 86 -74.98 11.43 -33.26
C ARG G 86 -74.45 10.03 -32.99
N GLY G 87 -75.00 9.07 -33.69
CA GLY G 87 -74.75 7.67 -33.39
C GLY G 87 -76.03 6.93 -33.05
N VAL G 88 -75.95 5.60 -33.07
CA VAL G 88 -77.10 4.78 -32.73
C VAL G 88 -77.41 4.94 -31.24
N GLY G 89 -78.69 5.01 -30.90
CA GLY G 89 -79.05 5.41 -29.55
C GLY G 89 -78.64 6.86 -29.30
N PHE G 90 -77.91 7.07 -28.21
CA PHE G 90 -77.44 8.38 -27.77
C PHE G 90 -78.62 9.32 -27.51
N ARG G 91 -79.37 8.95 -26.47
CA ARG G 91 -80.47 9.75 -25.97
C ARG G 91 -79.95 10.84 -25.03
N ALA G 92 -80.77 11.89 -24.88
CA ALA G 92 -80.56 12.85 -23.81
C ALA G 92 -81.92 13.30 -23.29
N LYS G 93 -81.94 13.71 -22.03
CA LYS G 93 -83.18 14.10 -21.37
C LYS G 93 -82.83 15.06 -20.23
N LEU G 94 -83.86 15.69 -19.67
CA LEU G 94 -83.71 16.62 -18.56
C LEU G 94 -84.48 16.10 -17.36
N THR G 95 -83.75 15.78 -16.27
CA THR G 95 -84.35 15.45 -14.98
C THR G 95 -84.24 16.69 -14.07
N GLY G 96 -85.36 17.37 -13.86
CA GLY G 96 -85.28 18.64 -13.16
C GLY G 96 -84.40 19.57 -13.98
N LYS G 97 -83.29 20.01 -13.37
CA LYS G 97 -82.32 20.81 -14.09
C LYS G 97 -81.19 19.99 -14.69
N ALA G 98 -80.95 18.78 -14.19
CA ALA G 98 -79.83 17.97 -14.64
C ALA G 98 -80.08 17.36 -16.02
N LEU G 99 -78.99 17.11 -16.76
CA LEU G 99 -79.07 16.53 -18.09
C LEU G 99 -78.59 15.08 -18.06
N GLU G 100 -79.50 14.17 -18.41
CA GLU G 100 -79.23 12.74 -18.47
C GLU G 100 -78.88 12.39 -19.90
N MET G 101 -77.58 12.27 -20.18
CA MET G 101 -77.18 11.56 -21.37
C MET G 101 -77.35 10.06 -21.18
N ASN G 102 -77.67 9.37 -22.28
CA ASN G 102 -77.92 7.94 -22.34
C ASN G 102 -77.20 7.50 -23.61
N ILE G 103 -75.85 7.49 -23.58
CA ILE G 103 -75.07 7.57 -24.81
C ILE G 103 -73.93 6.56 -24.92
N GLY G 104 -74.28 5.35 -25.39
CA GLY G 104 -73.29 4.41 -25.86
C GLY G 104 -72.42 3.77 -24.81
N TYR G 105 -72.87 3.76 -23.55
CA TYR G 105 -72.08 3.23 -22.44
C TYR G 105 -73.01 2.39 -21.58
N SER G 106 -72.39 1.59 -20.71
CA SER G 106 -73.15 0.67 -19.87
C SER G 106 -74.11 1.37 -18.92
N HIS G 107 -73.86 2.64 -18.63
CA HIS G 107 -74.59 3.40 -17.63
C HIS G 107 -75.12 4.69 -18.24
N PRO G 108 -76.16 5.27 -17.66
CA PRO G 108 -76.49 6.67 -17.96
C PRO G 108 -75.39 7.60 -17.48
N VAL G 109 -75.16 8.67 -18.24
CA VAL G 109 -74.13 9.66 -17.95
C VAL G 109 -74.81 10.99 -17.68
N ILE G 110 -74.79 11.42 -16.42
CA ILE G 110 -75.51 12.61 -15.98
C ILE G 110 -74.55 13.79 -15.84
N ILE G 111 -75.07 15.00 -16.00
CA ILE G 111 -74.33 16.21 -15.67
C ILE G 111 -75.23 17.16 -14.89
N GLU G 112 -74.70 17.68 -13.77
CA GLU G 112 -75.39 18.66 -12.93
C GLU G 112 -74.85 20.05 -13.21
N PRO G 113 -75.65 21.00 -13.67
CA PRO G 113 -75.11 22.29 -14.11
C PRO G 113 -74.45 23.03 -12.96
N PRO G 114 -73.32 23.68 -13.21
CA PRO G 114 -72.88 24.75 -12.32
C PRO G 114 -73.87 25.91 -12.37
N ALA G 115 -73.95 26.63 -11.27
CA ALA G 115 -74.96 27.68 -11.14
C ALA G 115 -74.78 28.76 -12.21
N GLY G 116 -75.91 29.28 -12.69
CA GLY G 116 -75.94 30.25 -13.76
C GLY G 116 -76.11 29.66 -15.14
N VAL G 117 -75.84 28.37 -15.30
CA VAL G 117 -75.95 27.68 -16.58
C VAL G 117 -77.27 26.91 -16.59
N THR G 118 -78.02 27.00 -17.69
CA THR G 118 -79.28 26.26 -17.82
C THR G 118 -79.18 25.33 -19.02
N PHE G 119 -79.24 24.02 -18.75
CA PHE G 119 -79.44 23.02 -19.79
C PHE G 119 -80.85 23.13 -20.37
N ALA G 120 -80.97 22.77 -21.63
CA ALA G 120 -82.25 22.59 -22.30
C ALA G 120 -82.10 21.50 -23.34
N VAL G 121 -83.13 20.71 -23.53
CA VAL G 121 -83.05 19.62 -24.51
C VAL G 121 -84.23 19.81 -25.44
N PRO G 122 -84.17 20.78 -26.35
CA PRO G 122 -85.33 21.06 -27.22
C PRO G 122 -85.77 19.87 -28.06
N GLU G 123 -84.84 19.00 -28.44
CA GLU G 123 -85.13 17.76 -29.14
C GLU G 123 -84.41 16.63 -28.42
N PRO G 124 -84.92 15.41 -28.55
CA PRO G 124 -84.29 14.27 -27.81
C PRO G 124 -82.83 14.11 -28.10
N THR G 125 -82.40 14.45 -29.33
CA THR G 125 -80.99 14.44 -29.71
C THR G 125 -80.48 15.85 -29.98
N ARG G 126 -80.82 16.81 -29.12
CA ARG G 126 -80.37 18.19 -29.27
C ARG G 126 -80.16 18.78 -27.89
N ILE G 127 -78.89 19.09 -27.57
CA ILE G 127 -78.52 19.74 -26.32
C ILE G 127 -78.43 21.25 -26.55
N ASP G 128 -78.70 22.01 -25.49
CA ASP G 128 -78.62 23.46 -25.55
C ASP G 128 -78.22 23.96 -24.17
N VAL G 129 -77.40 25.00 -24.13
CA VAL G 129 -76.90 25.54 -22.88
C VAL G 129 -77.04 27.05 -22.94
N SER G 130 -77.57 27.64 -21.87
CA SER G 130 -77.89 29.06 -21.85
C SER G 130 -77.29 29.72 -20.61
N GLY G 131 -76.78 30.95 -20.76
CA GLY G 131 -76.14 31.59 -19.63
C GLY G 131 -75.55 32.95 -19.99
N ILE G 132 -74.76 33.48 -19.05
CA ILE G 132 -74.09 34.77 -19.22
C ILE G 132 -72.57 34.60 -19.30
N ASP G 133 -71.94 34.08 -18.24
CA ASP G 133 -70.49 33.92 -18.22
C ASP G 133 -70.10 32.98 -19.34
N LYS G 134 -69.67 33.55 -20.46
CA LYS G 134 -69.37 32.76 -21.64
C LYS G 134 -68.30 31.73 -21.35
N GLN G 135 -67.38 32.05 -20.44
CA GLN G 135 -66.34 31.10 -20.05
C GLN G 135 -66.95 29.85 -19.44
N LEU G 136 -67.98 30.03 -18.60
CA LEU G 136 -68.58 28.89 -17.91
C LEU G 136 -69.50 28.12 -18.83
N VAL G 137 -70.21 28.80 -19.75
CA VAL G 137 -71.01 28.09 -20.73
C VAL G 137 -70.11 27.26 -21.64
N GLY G 138 -68.91 27.77 -21.94
CA GLY G 138 -67.98 27.01 -22.75
C GLY G 138 -67.44 25.79 -22.03
N GLN G 139 -67.05 25.95 -20.75
CA GLN G 139 -66.59 24.78 -20.00
C GLN G 139 -67.70 23.75 -19.79
N VAL G 140 -68.95 24.20 -19.68
CA VAL G 140 -70.08 23.28 -19.52
C VAL G 140 -70.31 22.51 -20.82
N ALA G 141 -70.35 23.22 -21.94
CA ALA G 141 -70.53 22.54 -23.21
C ALA G 141 -69.38 21.56 -23.45
N ALA G 142 -68.16 21.92 -23.02
CA ALA G 142 -67.02 21.03 -23.18
C ALA G 142 -67.13 19.81 -22.27
N ASN G 143 -67.65 19.99 -21.06
CA ASN G 143 -67.83 18.85 -20.17
C ASN G 143 -68.85 17.87 -20.71
N VAL G 144 -69.84 18.37 -21.44
CA VAL G 144 -70.77 17.44 -22.10
C VAL G 144 -70.10 16.79 -23.31
N ARG G 145 -69.37 17.57 -24.11
CA ARG G 145 -68.77 17.03 -25.33
C ARG G 145 -67.73 15.97 -25.03
N LYS G 146 -66.97 16.11 -23.94
CA LYS G 146 -65.88 15.17 -23.69
C LYS G 146 -66.41 13.77 -23.42
N VAL G 147 -67.68 13.64 -23.03
CA VAL G 147 -68.27 12.36 -22.63
C VAL G 147 -68.23 11.35 -23.77
N ARG G 148 -68.25 11.85 -25.02
CA ARG G 148 -68.02 11.03 -26.21
C ARG G 148 -67.52 11.98 -27.33
N LYS G 149 -66.22 12.25 -27.30
CA LYS G 149 -65.62 13.03 -28.37
C LYS G 149 -65.62 12.20 -29.66
N PRO G 150 -65.86 12.82 -30.81
CA PRO G 150 -66.11 12.02 -32.02
C PRO G 150 -64.93 11.14 -32.38
N ASP G 151 -65.25 9.92 -32.84
CA ASP G 151 -64.27 8.96 -33.29
C ASP G 151 -63.80 9.29 -34.71
N ALA G 152 -62.60 8.85 -35.04
CA ALA G 152 -62.02 9.22 -36.32
C ALA G 152 -62.65 8.51 -37.51
N TYR G 153 -63.49 7.51 -37.28
CA TYR G 153 -64.03 6.67 -38.34
C TYR G 153 -65.47 6.98 -38.71
N HIS G 154 -66.37 7.00 -37.72
CA HIS G 154 -67.79 7.11 -37.97
C HIS G 154 -68.45 8.33 -37.37
N GLY G 155 -67.77 9.10 -36.52
CA GLY G 155 -68.35 10.33 -36.04
C GLY G 155 -69.43 10.19 -35.00
N LYS G 156 -69.45 9.09 -34.25
CA LYS G 156 -70.32 9.01 -33.08
C LYS G 156 -69.91 10.05 -32.04
N GLY G 157 -70.89 10.74 -31.47
CA GLY G 157 -70.62 11.48 -30.26
C GLY G 157 -71.31 12.82 -30.23
N VAL G 158 -70.84 13.65 -29.30
CA VAL G 158 -71.27 15.04 -29.22
C VAL G 158 -70.66 15.85 -30.36
N ARG G 159 -71.43 16.80 -30.89
CA ARG G 159 -70.97 17.69 -31.94
C ARG G 159 -71.61 19.05 -31.75
N PHE G 160 -70.85 20.11 -32.03
CA PHE G 160 -71.45 21.42 -32.12
C PHE G 160 -72.51 21.38 -33.22
N VAL G 161 -73.61 22.13 -33.02
CA VAL G 161 -74.85 21.83 -33.73
C VAL G 161 -74.69 21.92 -35.25
N GLY G 162 -73.86 22.83 -35.74
CA GLY G 162 -73.59 22.86 -37.17
C GLY G 162 -72.41 22.04 -37.61
N GLU G 163 -71.72 21.36 -36.69
CA GLU G 163 -70.35 20.90 -36.92
C GLU G 163 -70.26 19.85 -38.03
N GLN G 164 -69.16 19.92 -38.76
CA GLN G 164 -68.65 18.89 -39.65
C GLN G 164 -67.44 18.25 -38.99
N ILE G 165 -67.02 17.11 -39.54
CA ILE G 165 -65.87 16.39 -39.00
C ILE G 165 -65.26 15.55 -40.11
N ALA G 166 -63.94 15.35 -40.01
CA ALA G 166 -63.21 14.41 -40.85
C ALA G 166 -63.48 12.97 -40.43
N LEU G 167 -63.44 12.06 -41.41
CA LEU G 167 -63.63 10.64 -41.17
C LEU G 167 -62.45 9.88 -41.78
N LYS G 168 -61.60 9.32 -40.94
CA LYS G 168 -60.63 8.37 -41.45
C LYS G 168 -61.35 7.21 -42.14
N ALA G 169 -60.59 6.43 -42.90
CA ALA G 169 -61.15 5.33 -43.69
C ALA G 169 -61.48 4.05 -42.90
N GLY G 170 -60.47 3.20 -42.65
CA GLY G 170 -60.66 1.92 -41.99
C GLY G 170 -60.96 0.77 -42.95
N LYS G 171 -61.37 -0.36 -42.35
CA LYS G 171 -61.78 -1.56 -43.09
C LYS G 171 -63.20 -1.43 -43.65
N LYS H 1 -9.66 44.74 28.95
CA LYS H 1 -9.68 46.15 28.62
C LYS H 1 -11.06 46.59 28.10
N THR H 2 -11.67 45.69 27.31
CA THR H 2 -12.89 46.00 26.60
C THR H 2 -14.13 45.80 27.46
N TYR H 3 -15.07 46.74 27.36
CA TYR H 3 -16.32 46.64 28.09
C TYR H 3 -17.10 45.39 27.67
N ILE H 4 -17.60 44.65 28.66
CA ILE H 4 -18.59 43.62 28.41
C ILE H 4 -19.73 43.87 29.38
N PRO H 5 -20.97 43.51 29.03
CA PRO H 5 -22.06 43.61 29.99
C PRO H 5 -22.73 42.29 30.34
N LYS H 6 -23.55 42.40 31.37
CA LYS H 6 -24.47 41.38 31.86
C LYS H 6 -25.66 41.22 30.92
N ASN H 7 -26.30 40.04 30.98
CA ASN H 7 -27.40 39.75 30.07
C ASN H 7 -28.70 40.29 30.61
N ASP H 8 -28.64 41.40 31.34
CA ASP H 8 -29.79 41.83 32.14
C ASP H 8 -31.02 42.12 31.28
N GLU H 9 -30.84 42.40 29.99
CA GLU H 9 -31.98 42.76 29.18
C GLU H 9 -32.79 41.54 28.76
N GLN H 10 -34.10 41.77 28.61
CA GLN H 10 -35.02 40.80 28.01
C GLN H 10 -36.08 41.61 27.28
N ASN H 11 -36.06 41.57 25.94
CA ASN H 11 -36.86 42.50 25.15
C ASN H 11 -37.73 41.76 24.14
N TRP H 12 -38.97 42.22 23.95
CA TRP H 12 -39.98 41.52 23.16
C TRP H 12 -40.48 42.41 22.03
N VAL H 13 -40.57 41.85 20.83
CA VAL H 13 -40.93 42.62 19.63
C VAL H 13 -41.83 41.82 18.71
N VAL H 14 -42.82 42.50 18.12
CA VAL H 14 -43.74 41.89 17.15
C VAL H 14 -43.42 42.31 15.73
N VAL H 15 -42.62 41.49 15.05
CA VAL H 15 -42.45 41.63 13.60
C VAL H 15 -43.74 41.25 12.90
N ASP H 16 -44.11 42.02 11.87
CA ASP H 16 -45.18 41.62 10.98
C ASP H 16 -44.58 40.90 9.77
N ALA H 17 -45.39 40.05 9.14
CA ALA H 17 -44.98 39.30 7.96
C ALA H 17 -45.89 39.51 6.75
N SER H 18 -47.05 40.13 6.92
CA SER H 18 -48.04 40.19 5.86
C SER H 18 -47.57 41.07 4.72
N GLY H 19 -47.52 40.49 3.52
CA GLY H 19 -47.05 41.14 2.32
C GLY H 19 -45.56 41.16 2.17
N VAL H 20 -44.83 40.81 3.23
CA VAL H 20 -43.37 40.82 3.19
C VAL H 20 -42.89 39.62 2.40
N PRO H 21 -41.82 39.75 1.63
CA PRO H 21 -41.13 38.54 1.16
C PRO H 21 -40.60 37.74 2.32
N LEU H 22 -40.62 36.41 2.17
CA LEU H 22 -39.84 35.57 3.05
C LEU H 22 -38.37 35.76 2.72
N GLY H 23 -37.51 35.47 3.68
CA GLY H 23 -36.09 35.74 3.45
C GLY H 23 -35.70 37.18 3.79
N ARG H 24 -36.35 38.15 3.14
CA ARG H 24 -36.14 39.53 3.51
C ARG H 24 -36.53 39.76 4.97
N LEU H 25 -37.73 39.37 5.34
CA LEU H 25 -38.12 39.40 6.75
C LEU H 25 -37.27 38.45 7.59
N ALA H 26 -36.89 37.30 7.00
CA ALA H 26 -36.19 36.30 7.78
C ALA H 26 -34.82 36.78 8.22
N THR H 27 -34.08 37.47 7.33
CA THR H 27 -32.78 37.99 7.74
C THR H 27 -32.91 39.06 8.81
N LEU H 28 -33.98 39.86 8.76
CA LEU H 28 -34.21 40.85 9.81
C LEU H 28 -34.42 40.18 11.15
N ILE H 29 -35.20 39.11 11.16
CA ILE H 29 -35.40 38.41 12.42
C ILE H 29 -34.11 37.72 12.87
N ALA H 30 -33.33 37.19 11.93
CA ALA H 30 -32.07 36.53 12.30
C ALA H 30 -31.07 37.52 12.87
N SER H 31 -31.07 38.74 12.33
CA SER H 31 -30.21 39.78 12.84
C SER H 31 -30.65 40.23 14.23
N ARG H 32 -31.96 40.41 14.44
CA ARG H 32 -32.44 40.81 15.75
C ARG H 32 -32.20 39.74 16.80
N ILE H 33 -32.32 38.46 16.42
CA ILE H 33 -32.07 37.36 17.35
C ILE H 33 -30.59 37.32 17.70
N ARG H 34 -29.73 37.37 16.67
CA ARG H 34 -28.31 37.18 16.87
C ARG H 34 -27.67 38.39 17.53
N GLY H 35 -28.39 39.51 17.60
CA GLY H 35 -28.03 40.64 18.43
C GLY H 35 -27.40 41.83 17.76
N LYS H 36 -27.33 41.87 16.42
CA LYS H 36 -26.56 42.91 15.74
C LYS H 36 -27.13 44.33 15.94
N HIS H 37 -28.42 44.46 16.26
CA HIS H 37 -29.07 45.77 16.31
C HIS H 37 -28.60 46.62 17.51
N ARG H 38 -28.45 45.99 18.68
CA ARG H 38 -27.80 46.57 19.85
C ARG H 38 -26.30 46.41 19.71
N PRO H 39 -25.50 47.23 20.38
CA PRO H 39 -24.05 47.04 20.28
C PRO H 39 -23.69 45.61 20.65
N ASP H 40 -23.86 44.68 19.70
CA ASP H 40 -23.52 43.25 19.77
C ASP H 40 -22.48 42.96 20.86
N PHE H 41 -22.92 43.05 22.12
CA PHE H 41 -21.95 43.25 23.20
C PHE H 41 -21.04 42.05 23.39
N THR H 42 -21.48 40.86 23.00
CA THR H 42 -20.51 39.79 22.98
C THR H 42 -20.89 38.80 21.89
N PRO H 43 -19.93 38.13 21.28
CA PRO H 43 -20.20 36.81 20.74
C PRO H 43 -20.69 35.81 21.78
N ASN H 44 -20.19 35.91 23.02
CA ASN H 44 -20.31 34.82 23.98
C ASN H 44 -21.75 34.57 24.41
N MET H 45 -22.59 35.60 24.38
CA MET H 45 -23.91 35.55 25.01
C MET H 45 -24.96 36.06 24.05
N ILE H 46 -26.18 35.60 24.25
CA ILE H 46 -27.28 35.88 23.33
C ILE H 46 -28.06 37.05 23.92
N GLN H 47 -27.79 38.25 23.42
CA GLN H 47 -28.45 39.44 23.91
C GLN H 47 -29.57 39.91 23.01
N GLY H 48 -29.98 39.08 22.05
CA GLY H 48 -31.01 39.46 21.12
C GLY H 48 -32.38 39.51 21.77
N ASP H 49 -33.26 40.26 21.11
CA ASP H 49 -34.64 40.44 21.48
C ASP H 49 -35.46 39.20 21.14
N PHE H 50 -36.60 39.03 21.84
CA PHE H 50 -37.55 37.97 21.55
C PHE H 50 -38.53 38.44 20.48
N VAL H 51 -38.74 37.60 19.46
CA VAL H 51 -39.31 38.03 18.18
C VAL H 51 -40.59 37.24 17.89
N VAL H 52 -41.72 37.95 17.78
CA VAL H 52 -43.05 37.34 17.76
C VAL H 52 -43.69 37.66 16.42
N VAL H 53 -43.50 36.78 15.43
CA VAL H 53 -44.07 37.02 14.11
C VAL H 53 -45.57 36.82 14.14
N ILE H 54 -46.31 37.66 13.42
CA ILE H 54 -47.75 37.48 13.27
C ILE H 54 -48.11 37.42 11.79
N ASN H 55 -49.30 36.89 11.54
CA ASN H 55 -49.85 36.76 10.18
C ASN H 55 -48.85 36.13 9.24
N ALA H 56 -48.09 35.17 9.76
CA ALA H 56 -47.04 34.58 8.95
C ALA H 56 -47.62 33.92 7.69
N ALA H 57 -48.86 33.43 7.76
CA ALA H 57 -49.51 32.74 6.66
C ALA H 57 -49.87 33.67 5.49
N GLN H 58 -49.77 34.99 5.69
CA GLN H 58 -49.82 35.96 4.61
C GLN H 58 -48.43 36.24 4.03
N VAL H 59 -47.44 35.39 4.30
CA VAL H 59 -46.09 35.58 3.78
C VAL H 59 -46.09 35.51 2.25
N ALA H 60 -45.19 36.29 1.65
CA ALA H 60 -45.05 36.36 0.19
C ALA H 60 -43.76 35.69 -0.26
N LEU H 61 -43.87 34.82 -1.28
CA LEU H 61 -42.72 34.30 -2.03
C LEU H 61 -42.76 34.91 -3.42
N THR H 62 -41.75 35.73 -3.73
CA THR H 62 -41.81 36.76 -4.77
C THR H 62 -41.64 36.24 -6.19
N GLY H 63 -41.34 34.95 -6.39
CA GLY H 63 -41.12 34.48 -7.74
C GLY H 63 -42.28 33.70 -8.30
N LYS H 64 -41.94 32.56 -8.92
CA LYS H 64 -42.86 31.45 -9.07
C LYS H 64 -42.84 30.54 -7.84
N LYS H 65 -42.14 30.97 -6.78
CA LYS H 65 -41.65 30.07 -5.76
C LYS H 65 -42.76 29.32 -5.06
N LEU H 66 -43.98 29.88 -5.00
CA LEU H 66 -45.04 29.25 -4.23
C LEU H 66 -45.28 27.80 -4.68
N ASP H 67 -45.11 27.54 -5.96
CA ASP H 67 -44.86 26.20 -6.51
C ASP H 67 -43.36 26.05 -6.80
N ASP H 68 -42.95 24.80 -6.99
CA ASP H 68 -41.65 24.46 -7.56
C ASP H 68 -40.49 24.69 -6.60
N LYS H 69 -40.66 25.55 -5.58
CA LYS H 69 -39.79 25.50 -4.40
C LYS H 69 -40.03 24.19 -3.64
N VAL H 70 -38.95 23.59 -3.14
CA VAL H 70 -39.01 22.25 -2.55
C VAL H 70 -38.41 22.29 -1.14
N TYR H 71 -38.77 21.25 -0.33
CA TYR H 71 -38.49 21.21 1.11
C TYR H 71 -38.04 19.80 1.52
N THR H 72 -36.88 19.39 1.01
CA THR H 72 -36.31 18.08 1.28
C THR H 72 -35.91 17.92 2.75
N ARG H 73 -36.23 16.75 3.35
CA ARG H 73 -35.92 16.47 4.75
C ARG H 73 -35.91 14.96 5.02
N TYR H 74 -34.75 14.42 5.38
CA TYR H 74 -34.45 12.99 5.31
C TYR H 74 -34.80 12.23 6.59
N THR H 75 -35.63 11.20 6.47
CA THR H 75 -36.04 10.38 7.62
C THR H 75 -35.10 9.19 7.88
N GLY H 76 -33.84 9.28 7.52
CA GLY H 76 -32.92 8.25 7.95
C GLY H 76 -33.14 6.96 7.19
N TYR H 77 -34.41 6.64 6.97
CA TYR H 77 -34.82 5.48 6.17
C TYR H 77 -34.54 5.69 4.68
N GLN H 78 -34.07 4.63 4.04
CA GLN H 78 -34.00 4.59 2.60
C GLN H 78 -35.40 4.59 2.01
N GLY H 79 -35.60 5.44 1.03
CA GLY H 79 -36.91 5.75 0.55
C GLY H 79 -37.59 6.81 1.38
N GLY H 80 -37.02 7.09 2.57
CA GLY H 80 -37.33 8.23 3.40
C GLY H 80 -36.64 9.46 2.91
N LEU H 81 -35.94 9.27 1.79
CA LEU H 81 -35.56 10.27 0.80
C LEU H 81 -36.38 11.55 0.81
N LYS H 82 -35.70 12.64 0.40
CA LYS H 82 -36.29 13.91 0.01
C LYS H 82 -37.80 13.80 0.07
N THR H 83 -38.32 14.09 1.24
CA THR H 83 -39.72 13.86 1.56
C THR H 83 -40.51 15.14 1.31
N GLU H 84 -40.46 15.49 0.02
CA GLU H 84 -40.55 16.84 -0.53
C GLU H 84 -41.92 17.45 -0.31
N THR H 85 -42.01 18.45 0.56
CA THR H 85 -43.29 19.11 0.79
C THR H 85 -43.37 20.51 0.20
N ALA H 86 -42.22 21.16 -0.03
CA ALA H 86 -42.07 22.05 -1.19
C ALA H 86 -42.82 23.39 -1.19
N ARG H 87 -44.14 23.35 -1.22
CA ARG H 87 -44.88 24.42 -1.85
C ARG H 87 -45.61 25.35 -0.87
N GLU H 88 -46.82 25.73 -1.29
CA GLU H 88 -47.86 26.32 -0.46
C GLU H 88 -48.65 25.28 0.33
N ALA H 89 -48.52 23.99 0.02
CA ALA H 89 -49.13 23.03 0.92
C ALA H 89 -48.34 22.90 2.21
N LEU H 90 -47.08 23.33 2.22
CA LEU H 90 -46.41 23.59 3.50
C LEU H 90 -47.03 24.76 4.25
N SER H 91 -47.73 25.64 3.54
CA SER H 91 -48.57 26.59 4.25
C SER H 91 -49.88 25.93 4.81
N LYS H 92 -49.92 24.59 4.81
CA LYS H 92 -50.78 23.83 5.74
C LYS H 92 -50.33 23.97 7.21
N HIS H 93 -49.02 24.17 7.46
CA HIS H 93 -48.53 24.59 8.77
C HIS H 93 -47.55 25.74 8.55
N PRO H 94 -48.07 26.94 8.27
CA PRO H 94 -47.21 27.98 7.67
C PRO H 94 -46.00 28.34 8.52
N GLU H 95 -46.16 28.32 9.84
CA GLU H 95 -45.18 28.94 10.71
C GLU H 95 -43.81 28.30 10.53
N ARG H 96 -43.74 26.97 10.37
CA ARG H 96 -42.42 26.36 10.29
C ARG H 96 -41.64 26.84 9.09
N VAL H 97 -42.32 27.16 7.97
CA VAL H 97 -41.61 27.69 6.82
C VAL H 97 -40.72 28.84 7.26
N ILE H 98 -41.31 29.81 7.96
CA ILE H 98 -40.54 30.98 8.36
C ILE H 98 -39.43 30.58 9.31
N GLU H 99 -39.75 29.71 10.28
CA GLU H 99 -38.72 29.23 11.19
C GLU H 99 -37.54 28.71 10.38
N HIS H 100 -37.86 27.88 9.36
CA HIS H 100 -36.83 27.18 8.63
C HIS H 100 -35.90 28.15 7.95
N ALA H 101 -36.41 29.31 7.56
CA ALA H 101 -35.52 30.32 7.01
C ALA H 101 -34.55 30.81 8.08
N VAL H 102 -35.07 31.40 9.15
CA VAL H 102 -34.19 32.08 10.09
C VAL H 102 -33.24 31.09 10.74
N PHE H 103 -33.71 29.86 10.98
CA PHE H 103 -32.80 28.83 11.44
C PHE H 103 -31.82 28.42 10.34
N GLY H 104 -32.15 28.68 9.09
CA GLY H 104 -31.16 28.49 8.04
C GLY H 104 -30.01 29.45 8.20
N MET H 105 -30.27 30.62 8.80
CA MET H 105 -29.25 31.65 9.02
C MET H 105 -28.86 31.83 10.48
N LEU H 106 -29.54 31.18 11.42
CA LEU H 106 -29.03 31.24 12.78
C LEU H 106 -27.91 30.23 12.97
N PRO H 107 -26.97 30.49 13.88
CA PRO H 107 -25.77 29.66 13.93
C PRO H 107 -26.10 28.22 14.28
N LYS H 108 -25.27 27.32 13.78
CA LYS H 108 -25.49 25.89 13.95
C LYS H 108 -24.92 25.32 15.24
N GLY H 109 -24.35 26.13 16.13
CA GLY H 109 -23.69 25.63 17.32
C GLY H 109 -24.64 25.44 18.50
N ARG H 110 -24.05 25.12 19.66
CA ARG H 110 -24.84 24.99 20.87
C ARG H 110 -25.66 26.25 21.09
N GLN H 111 -24.99 27.39 21.10
CA GLN H 111 -25.70 28.65 21.23
C GLN H 111 -26.66 28.84 20.08
N GLY H 112 -26.26 28.42 18.88
CA GLY H 112 -27.07 28.70 17.72
C GLY H 112 -28.37 27.92 17.72
N ARG H 113 -28.32 26.68 18.21
CA ARG H 113 -29.55 26.01 18.57
C ARG H 113 -30.32 26.89 19.53
N ALA H 114 -29.69 27.23 20.66
CA ALA H 114 -30.43 27.71 21.82
C ALA H 114 -31.16 29.02 21.53
N MET H 115 -30.67 29.82 20.59
CA MET H 115 -31.37 31.07 20.31
C MET H 115 -32.69 30.87 19.58
N HIS H 116 -32.87 29.74 18.87
CA HIS H 116 -34.09 29.54 18.09
C HIS H 116 -35.33 29.55 18.96
N THR H 117 -35.17 29.16 20.23
CA THR H 117 -36.07 29.45 21.33
C THR H 117 -36.89 30.71 21.13
N ARG H 118 -36.19 31.84 21.00
CA ARG H 118 -36.78 33.18 21.07
C ARG H 118 -37.57 33.54 19.83
N LEU H 119 -37.64 32.65 18.83
CA LEU H 119 -38.47 32.85 17.65
C LEU H 119 -39.87 32.32 17.92
N LYS H 120 -40.88 33.18 17.78
CA LYS H 120 -42.25 32.93 18.21
C LYS H 120 -43.16 33.23 17.02
N VAL H 121 -43.21 32.30 16.07
CA VAL H 121 -44.05 32.50 14.90
C VAL H 121 -45.51 32.35 15.27
N TYR H 122 -46.38 33.08 14.57
CA TYR H 122 -47.83 32.98 14.79
C TYR H 122 -48.53 33.32 13.48
N ALA H 123 -49.00 32.29 12.76
CA ALA H 123 -49.60 32.49 11.45
C ALA H 123 -50.87 33.35 11.48
N GLY H 124 -51.56 33.42 12.62
CA GLY H 124 -52.74 34.27 12.71
C GLY H 124 -52.40 35.72 13.04
N GLU H 125 -53.44 36.54 13.04
CA GLU H 125 -53.33 37.96 13.35
C GLU H 125 -53.12 38.20 14.85
N THR H 126 -53.29 37.16 15.66
CA THR H 126 -53.27 37.21 17.11
C THR H 126 -52.15 36.32 17.67
N HIS H 127 -51.59 36.74 18.80
CA HIS H 127 -50.55 36.05 19.56
C HIS H 127 -50.89 36.07 21.05
N PRO H 128 -50.45 35.05 21.80
CA PRO H 128 -50.68 35.04 23.26
C PRO H 128 -49.90 36.09 24.04
N HIS H 129 -48.77 36.60 23.52
CA HIS H 129 -47.73 37.18 24.37
C HIS H 129 -48.02 38.60 24.82
N SER H 130 -49.28 38.92 25.04
CA SER H 130 -49.63 40.24 25.54
C SER H 130 -49.00 40.51 26.91
N ALA H 131 -48.77 39.46 27.69
CA ALA H 131 -48.11 39.62 28.99
C ALA H 131 -46.66 40.09 28.83
N GLN H 132 -46.02 39.74 27.72
CA GLN H 132 -44.69 40.26 27.44
C GLN H 132 -44.71 41.68 26.91
N LYS H 133 -45.88 42.19 26.52
CA LYS H 133 -46.02 43.51 25.91
C LYS H 133 -44.99 43.78 24.83
N PRO H 134 -44.98 42.99 23.75
CA PRO H 134 -43.96 43.16 22.72
C PRO H 134 -44.08 44.51 22.01
N GLN H 135 -42.93 45.02 21.56
CA GLN H 135 -42.84 46.32 20.92
C GLN H 135 -42.82 46.17 19.40
N VAL H 136 -43.56 47.05 18.71
CA VAL H 136 -43.70 47.00 17.26
C VAL H 136 -42.36 47.30 16.58
N LEU H 137 -42.09 46.65 15.44
CA LEU H 137 -40.93 47.03 14.63
C LEU H 137 -41.18 46.78 13.14
N LYS H 138 -40.86 47.80 12.33
CA LYS H 138 -41.28 47.88 10.93
C LYS H 138 -40.47 46.98 10.01
N THR H 139 -41.19 46.41 9.02
CA THR H 139 -40.60 45.44 8.10
C THR H 139 -39.63 46.09 7.10
N GLN H 140 -39.80 47.38 6.80
CA GLN H 140 -38.82 48.08 5.99
C GLN H 140 -37.54 48.24 6.81
N PRO H 141 -36.38 47.95 6.25
CA PRO H 141 -35.14 48.29 6.96
C PRO H 141 -34.52 49.56 6.41
N LEU H 142 -33.79 50.32 7.25
CA LEU H 142 -32.91 51.40 6.77
C LEU H 142 -31.87 51.76 7.84
N MET I 1 -52.42 -32.10 -2.14
CA MET I 1 -51.37 -31.19 -2.63
C MET I 1 -50.48 -31.87 -3.63
N ILE I 2 -50.57 -31.42 -4.89
CA ILE I 2 -49.65 -31.87 -5.92
C ILE I 2 -48.56 -30.84 -6.19
N MET I 3 -47.35 -31.34 -6.37
CA MET I 3 -46.20 -30.53 -6.71
C MET I 3 -45.46 -31.22 -7.84
N PRO I 4 -44.60 -30.49 -8.52
CA PRO I 4 -43.77 -31.14 -9.53
C PRO I 4 -42.95 -32.25 -8.90
N GLN I 5 -42.71 -33.28 -9.69
CA GLN I 5 -42.06 -34.54 -9.38
C GLN I 5 -43.02 -35.56 -8.75
N SER I 6 -44.24 -35.18 -8.38
CA SER I 6 -45.13 -36.10 -7.67
C SER I 6 -45.83 -36.99 -8.68
N ARG I 7 -45.44 -38.26 -8.78
CA ARG I 7 -46.14 -39.18 -9.67
C ARG I 7 -47.55 -39.39 -9.19
N LEU I 8 -48.52 -39.42 -10.10
CA LEU I 8 -49.88 -39.76 -9.73
C LEU I 8 -50.35 -40.91 -10.61
N ASP I 9 -51.45 -41.57 -10.18
CA ASP I 9 -52.01 -42.71 -10.90
C ASP I 9 -53.16 -42.23 -11.75
N VAL I 10 -53.16 -42.65 -13.01
CA VAL I 10 -54.21 -42.28 -13.95
C VAL I 10 -55.53 -42.92 -13.56
N ALA I 11 -56.60 -42.13 -13.62
CA ALA I 11 -57.93 -42.55 -13.22
C ALA I 11 -58.76 -43.06 -14.39
N ASP I 12 -58.17 -43.24 -15.57
CA ASP I 12 -58.93 -43.66 -16.74
C ASP I 12 -58.32 -44.87 -17.44
N ASN I 13 -58.80 -45.13 -18.66
CA ASN I 13 -58.37 -46.26 -19.48
C ASN I 13 -57.77 -45.76 -20.79
N SER I 14 -57.26 -44.54 -20.76
CA SER I 14 -56.48 -43.98 -21.85
C SER I 14 -55.20 -44.77 -22.11
N GLY I 15 -54.74 -45.57 -21.16
CA GLY I 15 -53.65 -46.49 -21.45
C GLY I 15 -52.27 -46.10 -21.00
N ALA I 16 -52.14 -45.06 -20.16
CA ALA I 16 -50.98 -44.85 -19.30
C ALA I 16 -51.38 -45.28 -17.90
N ARG I 17 -50.39 -45.68 -17.09
CA ARG I 17 -50.68 -46.01 -15.70
C ARG I 17 -50.19 -44.94 -14.72
N GLU I 18 -49.05 -44.31 -14.98
CA GLU I 18 -48.36 -43.46 -14.02
C GLU I 18 -47.83 -42.20 -14.70
N ILE I 19 -48.14 -41.03 -14.17
CA ILE I 19 -47.75 -39.77 -14.79
C ILE I 19 -47.11 -38.85 -13.76
N MET I 20 -45.84 -38.50 -13.97
CA MET I 20 -45.18 -37.58 -13.06
C MET I 20 -45.57 -36.15 -13.41
N CYS I 21 -46.08 -35.43 -12.42
CA CYS I 21 -46.51 -34.07 -12.67
C CYS I 21 -45.32 -33.22 -13.09
N ILE I 22 -45.58 -32.13 -13.85
CA ILE I 22 -44.55 -31.09 -14.08
C ILE I 22 -45.08 -29.66 -14.04
N ARG I 23 -46.37 -29.46 -13.80
CA ARG I 23 -46.77 -28.10 -13.45
C ARG I 23 -48.14 -28.09 -12.79
N VAL I 24 -48.32 -27.23 -11.81
CA VAL I 24 -49.65 -26.87 -11.32
C VAL I 24 -50.13 -25.67 -12.12
N LEU I 25 -51.43 -25.60 -12.36
CA LEU I 25 -51.95 -24.46 -13.13
C LEU I 25 -52.91 -23.68 -12.27
N ASN I 26 -53.86 -22.99 -12.87
CA ASN I 26 -54.80 -22.25 -12.05
C ASN I 26 -56.00 -21.87 -12.91
N SER I 27 -56.26 -22.65 -13.94
CA SER I 27 -57.35 -22.40 -14.86
C SER I 27 -58.41 -23.44 -14.65
N GLY I 28 -59.65 -23.04 -14.96
CA GLY I 28 -60.80 -23.93 -14.86
C GLY I 28 -61.39 -24.34 -16.19
N ILE I 29 -62.68 -24.63 -16.20
CA ILE I 29 -63.41 -24.94 -17.41
C ILE I 29 -64.12 -23.67 -17.87
N GLY I 30 -63.70 -23.09 -19.00
CA GLY I 30 -64.40 -21.97 -19.60
C GLY I 30 -65.30 -22.35 -20.79
N GLY I 31 -65.96 -21.33 -21.33
CA GLY I 31 -66.79 -21.58 -22.50
C GLY I 31 -66.04 -21.67 -23.81
N LYS I 32 -64.75 -21.33 -23.79
CA LYS I 32 -63.85 -21.62 -24.90
C LYS I 32 -62.99 -22.83 -24.57
N GLY I 33 -63.58 -23.80 -23.84
CA GLY I 33 -62.82 -24.90 -23.28
C GLY I 33 -62.07 -24.50 -21.99
N LEU I 34 -60.93 -25.15 -21.79
CA LEU I 34 -60.07 -24.79 -20.68
C LEU I 34 -59.64 -23.32 -20.80
N THR I 35 -59.46 -22.68 -19.64
CA THR I 35 -58.96 -21.32 -19.54
C THR I 35 -57.42 -21.32 -19.54
N THR I 36 -56.86 -20.12 -19.66
CA THR I 36 -55.43 -19.86 -19.53
C THR I 36 -55.17 -19.06 -18.26
N GLY I 37 -53.91 -19.08 -17.82
CA GLY I 37 -53.51 -18.14 -16.80
C GLY I 37 -53.90 -18.57 -15.41
N GLY I 38 -54.60 -17.67 -14.70
CA GLY I 38 -54.78 -17.74 -13.26
C GLY I 38 -53.59 -17.26 -12.44
N GLY I 39 -52.60 -16.66 -13.07
CA GLY I 39 -51.35 -16.52 -12.41
C GLY I 39 -50.58 -17.80 -12.61
N GLY I 40 -49.28 -17.65 -12.82
CA GLY I 40 -48.38 -18.77 -13.06
C GLY I 40 -47.46 -19.18 -11.92
N ASN I 41 -47.69 -18.74 -10.68
CA ASN I 41 -46.83 -19.15 -9.58
C ASN I 41 -47.43 -20.16 -8.62
N LYS I 42 -48.68 -20.55 -8.76
CA LYS I 42 -49.26 -21.49 -7.80
C LYS I 42 -48.44 -22.78 -7.79
N ARG I 43 -48.38 -23.44 -6.64
CA ARG I 43 -47.48 -24.57 -6.50
C ARG I 43 -48.13 -25.82 -5.92
N TYR I 44 -49.45 -25.83 -5.73
CA TYR I 44 -50.11 -27.03 -5.22
C TYR I 44 -51.44 -27.25 -5.94
N ALA I 45 -51.51 -28.28 -6.79
CA ALA I 45 -52.80 -28.80 -7.26
C ALA I 45 -53.47 -29.51 -6.12
N HIS I 46 -54.68 -29.06 -5.81
CA HIS I 46 -55.61 -29.76 -4.93
C HIS I 46 -56.68 -30.40 -5.83
N VAL I 47 -57.62 -31.14 -5.26
CA VAL I 47 -58.57 -31.84 -6.13
C VAL I 47 -59.28 -30.84 -7.05
N GLY I 48 -59.37 -31.21 -8.32
CA GLY I 48 -60.04 -30.40 -9.31
C GLY I 48 -59.19 -29.35 -9.98
N ASP I 49 -57.87 -29.40 -9.82
CA ASP I 49 -56.96 -28.49 -10.51
C ASP I 49 -56.27 -29.22 -11.67
N ILE I 50 -56.08 -28.52 -12.77
CA ILE I 50 -55.36 -29.06 -13.91
C ILE I 50 -53.87 -29.11 -13.62
N ILE I 51 -53.18 -30.06 -14.23
CA ILE I 51 -51.77 -30.23 -13.95
C ILE I 51 -51.14 -30.93 -15.13
N VAL I 52 -50.19 -30.28 -15.78
CA VAL I 52 -49.40 -30.91 -16.83
C VAL I 52 -48.59 -32.05 -16.23
N ALA I 53 -48.25 -33.04 -17.04
CA ALA I 53 -47.44 -34.13 -16.52
C ALA I 53 -46.84 -34.91 -17.67
N SER I 54 -45.67 -35.46 -17.43
CA SER I 54 -45.15 -36.45 -18.35
C SER I 54 -45.57 -37.84 -17.95
N VAL I 55 -46.15 -38.57 -18.91
CA VAL I 55 -46.50 -39.98 -18.74
C VAL I 55 -45.25 -40.81 -18.53
N LYS I 56 -45.27 -41.71 -17.54
CA LYS I 56 -44.04 -42.42 -17.23
C LYS I 56 -44.10 -43.90 -17.59
N ASP I 57 -45.03 -44.66 -17.06
CA ASP I 57 -45.31 -45.95 -17.70
C ASP I 57 -46.72 -45.96 -18.26
N ALA I 58 -46.84 -46.49 -19.46
CA ALA I 58 -48.12 -46.63 -20.10
C ALA I 58 -48.33 -48.10 -20.39
N ALA I 59 -49.52 -48.41 -20.85
CA ALA I 59 -49.81 -49.76 -21.30
C ALA I 59 -49.33 -49.94 -22.73
N PRO I 60 -48.81 -51.14 -23.07
CA PRO I 60 -48.78 -51.54 -24.48
C PRO I 60 -50.22 -51.61 -24.99
N ARG I 61 -50.41 -51.21 -26.25
CA ARG I 61 -51.71 -50.82 -26.79
C ARG I 61 -52.34 -49.69 -25.96
N GLY I 62 -52.20 -48.46 -26.47
CA GLY I 62 -52.67 -47.27 -25.77
C GLY I 62 -52.85 -46.02 -26.62
N ALA I 63 -53.87 -45.22 -26.31
CA ALA I 63 -53.96 -43.91 -26.92
C ALA I 63 -52.75 -43.10 -26.54
N VAL I 64 -52.47 -43.02 -25.25
CA VAL I 64 -51.30 -42.35 -24.70
C VAL I 64 -50.20 -43.39 -24.48
N LYS I 65 -49.04 -43.16 -25.08
CA LYS I 65 -47.86 -43.98 -24.86
C LYS I 65 -46.99 -43.30 -23.82
N ALA I 66 -45.76 -43.82 -23.61
CA ALA I 66 -44.83 -43.30 -22.58
C ALA I 66 -44.13 -42.01 -23.01
N GLY I 67 -43.86 -41.17 -22.02
CA GLY I 67 -43.08 -39.98 -22.21
C GLY I 67 -43.81 -38.79 -22.78
N ASP I 68 -45.10 -38.91 -23.05
CA ASP I 68 -45.81 -37.81 -23.69
C ASP I 68 -46.27 -36.79 -22.67
N VAL I 69 -46.39 -35.55 -23.12
CA VAL I 69 -46.83 -34.44 -22.29
C VAL I 69 -48.36 -34.38 -22.33
N VAL I 70 -49.00 -34.32 -21.17
CA VAL I 70 -50.44 -34.35 -21.14
C VAL I 70 -50.95 -33.56 -19.95
N LYS I 71 -52.07 -32.86 -20.14
CA LYS I 71 -52.74 -32.15 -19.07
C LYS I 71 -53.74 -33.09 -18.38
N ALA I 72 -53.46 -33.47 -17.13
CA ALA I 72 -54.42 -34.24 -16.34
C ALA I 72 -55.26 -33.31 -15.47
N VAL I 73 -56.37 -33.83 -14.95
CA VAL I 73 -57.03 -33.22 -13.80
C VAL I 73 -57.03 -34.27 -12.68
N VAL I 74 -57.07 -33.83 -11.40
CA VAL I 74 -56.81 -34.71 -10.26
C VAL I 74 -58.10 -35.03 -9.52
N VAL I 75 -58.26 -36.30 -9.14
CA VAL I 75 -59.53 -36.79 -8.59
C VAL I 75 -59.36 -37.48 -7.24
N ARG I 76 -58.15 -37.52 -6.68
CA ARG I 76 -57.85 -38.40 -5.53
C ARG I 76 -56.58 -37.92 -4.84
N THR I 77 -56.73 -37.00 -3.87
CA THR I 77 -55.62 -36.61 -2.99
C THR I 77 -55.38 -37.61 -1.89
N SER I 78 -54.13 -37.74 -1.48
CA SER I 78 -53.87 -38.34 -0.17
C SER I 78 -54.06 -37.31 0.93
N HIS I 79 -53.78 -36.07 0.58
CA HIS I 79 -54.04 -34.91 1.42
C HIS I 79 -55.53 -34.75 1.64
N ALA I 80 -55.89 -34.19 2.78
CA ALA I 80 -57.30 -33.95 3.10
C ALA I 80 -57.90 -32.80 2.30
N ILE I 81 -59.18 -32.93 1.94
CA ILE I 81 -59.97 -31.82 1.41
C ILE I 81 -61.20 -31.65 2.30
N LYS I 82 -61.63 -30.39 2.51
CA LYS I 82 -62.63 -30.08 3.53
C LYS I 82 -63.77 -29.25 2.98
N ARG I 83 -64.99 -29.76 3.11
CA ARG I 83 -66.21 -29.17 2.59
C ARG I 83 -66.70 -27.98 3.43
N ALA I 84 -67.73 -27.28 2.92
CA ALA I 84 -68.30 -26.14 3.63
C ALA I 84 -69.03 -26.53 4.90
N ASP I 85 -69.35 -27.81 5.09
CA ASP I 85 -69.97 -28.30 6.32
C ASP I 85 -68.97 -28.71 7.37
N GLY I 86 -67.76 -29.12 7.00
CA GLY I 86 -66.85 -29.71 7.96
C GLY I 86 -66.51 -31.18 7.73
N SER I 87 -67.06 -31.84 6.74
CA SER I 87 -66.56 -33.14 6.32
C SER I 87 -65.10 -32.98 5.92
N THR I 88 -64.31 -34.03 6.10
CA THR I 88 -62.99 -34.11 5.46
C THR I 88 -62.96 -35.37 4.63
N ILE I 89 -62.29 -35.35 3.46
CA ILE I 89 -62.06 -36.59 2.72
C ILE I 89 -60.58 -36.74 2.47
N ARG I 90 -60.12 -37.99 2.46
CA ARG I 90 -58.77 -38.34 2.04
C ARG I 90 -58.80 -39.69 1.39
N PHE I 91 -57.93 -39.90 0.42
CA PHE I 91 -57.85 -41.18 -0.24
C PHE I 91 -56.47 -41.76 -0.05
N ASP I 92 -56.41 -43.09 0.03
CA ASP I 92 -55.13 -43.72 0.29
C ASP I 92 -54.09 -43.38 -0.76
N ARG I 93 -54.49 -43.30 -2.02
CA ARG I 93 -53.53 -43.04 -3.09
C ARG I 93 -53.90 -41.79 -3.89
N ASN I 94 -52.90 -41.04 -4.29
CA ASN I 94 -53.17 -39.94 -5.18
C ASN I 94 -53.59 -40.52 -6.51
N ALA I 95 -54.42 -39.76 -7.26
CA ALA I 95 -54.73 -40.22 -8.60
C ALA I 95 -55.24 -39.07 -9.48
N ALA I 96 -54.89 -39.12 -10.76
CA ALA I 96 -55.36 -38.14 -11.73
C ALA I 96 -55.93 -38.86 -12.96
N VAL I 97 -56.42 -38.09 -13.92
CA VAL I 97 -57.07 -38.58 -15.12
C VAL I 97 -56.79 -37.61 -16.27
N ILE I 98 -56.23 -38.14 -17.37
CA ILE I 98 -55.71 -37.30 -18.45
C ILE I 98 -56.87 -36.65 -19.18
N ILE I 99 -56.62 -35.49 -19.79
CA ILE I 99 -57.65 -34.87 -20.62
C ILE I 99 -57.02 -34.20 -21.85
N ASN I 100 -57.91 -33.75 -22.75
CA ASN I 100 -57.61 -32.82 -23.81
C ASN I 100 -58.05 -31.43 -23.38
N ASN I 101 -57.78 -30.45 -24.24
CA ASN I 101 -57.78 -29.05 -23.80
C ASN I 101 -59.19 -28.45 -23.69
N GLN I 102 -60.24 -29.27 -23.77
CA GLN I 102 -61.60 -28.80 -23.52
C GLN I 102 -62.17 -29.32 -22.22
N GLY I 103 -61.39 -30.06 -21.45
CA GLY I 103 -61.87 -30.69 -20.23
C GLY I 103 -62.40 -32.09 -20.42
N GLU I 104 -62.63 -32.51 -21.64
CA GLU I 104 -63.11 -33.85 -21.89
C GLU I 104 -62.00 -34.86 -21.60
N PRO I 105 -62.29 -35.94 -20.90
CA PRO I 105 -61.25 -36.95 -20.64
C PRO I 105 -60.76 -37.56 -21.94
N ARG I 106 -59.62 -38.22 -21.88
CA ARG I 106 -59.13 -38.89 -23.07
C ARG I 106 -59.31 -40.41 -23.03
N GLY I 107 -59.75 -40.99 -21.89
CA GLY I 107 -60.12 -42.40 -21.80
C GLY I 107 -61.64 -42.66 -21.89
N THR I 108 -62.00 -43.95 -21.94
CA THR I 108 -63.42 -44.35 -22.04
C THR I 108 -64.15 -44.27 -20.72
N ARG I 109 -63.50 -44.63 -19.64
CA ARG I 109 -64.17 -44.66 -18.34
C ARG I 109 -63.19 -44.21 -17.27
N VAL I 110 -63.69 -43.50 -16.30
CA VAL I 110 -62.86 -43.16 -15.14
C VAL I 110 -62.91 -44.33 -14.15
N PHE I 111 -61.85 -44.46 -13.35
CA PHE I 111 -61.52 -45.66 -12.57
C PHE I 111 -61.42 -45.32 -11.08
N GLY I 112 -62.49 -45.57 -10.32
CA GLY I 112 -62.48 -45.24 -8.91
C GLY I 112 -63.11 -43.89 -8.64
N PRO I 113 -63.52 -43.67 -7.40
CA PRO I 113 -64.31 -42.47 -7.07
C PRO I 113 -63.50 -41.19 -7.27
N VAL I 114 -64.19 -40.13 -7.67
CA VAL I 114 -63.59 -38.81 -7.82
C VAL I 114 -64.09 -37.91 -6.70
N ALA I 115 -63.29 -36.89 -6.36
CA ALA I 115 -63.71 -35.91 -5.36
C ALA I 115 -64.90 -35.13 -5.87
N ARG I 116 -65.68 -34.60 -4.93
CA ARG I 116 -66.84 -33.86 -5.40
C ARG I 116 -66.49 -32.45 -5.79
N GLU I 117 -65.28 -31.98 -5.49
CA GLU I 117 -64.89 -30.65 -5.94
C GLU I 117 -64.88 -30.56 -7.45
N LEU I 118 -64.64 -31.67 -8.14
CA LEU I 118 -64.70 -31.62 -9.59
C LEU I 118 -66.07 -31.14 -10.03
N ARG I 119 -67.11 -31.52 -9.33
CA ARG I 119 -68.43 -31.03 -9.67
C ARG I 119 -68.55 -29.53 -9.44
N ASP I 120 -67.86 -29.00 -8.45
CA ASP I 120 -67.86 -27.56 -8.25
C ASP I 120 -67.15 -26.82 -9.41
N ARG I 121 -66.14 -27.43 -10.06
CA ARG I 121 -65.44 -26.78 -11.17
C ARG I 121 -66.02 -27.21 -12.51
N ARG I 122 -67.31 -27.50 -12.55
CA ARG I 122 -68.09 -27.68 -13.76
C ARG I 122 -67.50 -28.72 -14.70
N PHE I 123 -66.53 -29.50 -14.23
CA PHE I 123 -66.02 -30.70 -14.89
C PHE I 123 -67.12 -31.74 -15.04
N MET I 124 -68.08 -31.51 -15.94
CA MET I 124 -69.27 -32.36 -16.00
C MET I 124 -68.97 -33.70 -16.67
N LYS I 125 -68.19 -33.61 -17.74
CA LYS I 125 -67.84 -34.74 -18.58
C LYS I 125 -67.09 -35.84 -17.81
N ILE I 126 -66.10 -35.46 -16.99
CA ILE I 126 -65.35 -36.46 -16.22
C ILE I 126 -66.27 -37.20 -15.27
N VAL I 127 -67.07 -36.44 -14.53
CA VAL I 127 -67.84 -36.90 -13.40
C VAL I 127 -69.06 -37.70 -13.87
N SER I 128 -69.38 -37.61 -15.16
CA SER I 128 -70.38 -38.52 -15.74
C SER I 128 -69.88 -39.95 -15.82
N LEU I 129 -68.57 -40.16 -15.93
CA LEU I 129 -68.02 -41.50 -16.14
C LEU I 129 -67.62 -42.19 -14.84
N ALA I 130 -67.95 -41.61 -13.71
CA ALA I 130 -67.28 -42.00 -12.48
C ALA I 130 -68.21 -42.78 -11.56
N PRO I 131 -67.79 -43.99 -11.14
CA PRO I 131 -68.72 -44.91 -10.44
C PRO I 131 -69.28 -44.34 -9.15
N GLU I 132 -68.51 -43.48 -8.47
CA GLU I 132 -68.97 -42.76 -7.29
C GLU I 132 -68.27 -41.41 -7.26
N VAL I 133 -68.97 -40.42 -6.73
CA VAL I 133 -68.38 -39.16 -6.27
C VAL I 133 -68.38 -39.18 -4.75
N LEU I 134 -67.17 -39.18 -4.16
CA LEU I 134 -66.93 -39.28 -2.70
C LEU I 134 -66.91 -40.70 -2.10
N MET J 1 51.30 29.01 38.86
CA MET J 1 49.96 29.48 39.16
C MET J 1 49.25 28.54 40.15
N LYS J 2 47.95 28.76 40.30
CA LYS J 2 47.11 28.01 41.23
C LYS J 2 46.33 26.87 40.58
N LEU J 3 46.50 26.66 39.27
CA LEU J 3 46.07 25.44 38.58
C LEU J 3 44.57 25.35 38.29
N HIS J 4 43.71 25.90 39.14
CA HIS J 4 42.32 26.08 38.71
C HIS J 4 42.11 27.36 37.92
N ASP J 5 43.17 28.16 37.76
CA ASP J 5 43.21 29.27 36.82
C ASP J 5 43.77 28.85 35.47
N LEU J 6 44.29 27.64 35.34
CA LEU J 6 44.75 27.14 34.06
C LEU J 6 43.60 27.09 33.07
N LYS J 7 43.87 27.48 31.81
CA LYS J 7 42.96 27.27 30.66
C LYS J 7 43.78 27.15 29.37
N PRO J 8 43.52 26.15 28.54
CA PRO J 8 44.23 26.03 27.26
C PRO J 8 43.85 27.16 26.31
N THR J 9 44.73 27.41 25.36
CA THR J 9 44.65 28.62 24.58
C THR J 9 43.32 28.65 23.83
N PRO J 10 42.66 29.81 23.71
CA PRO J 10 41.34 29.84 23.08
C PRO J 10 41.41 29.30 21.67
N GLY J 11 40.47 28.43 21.32
CA GLY J 11 40.51 27.80 20.01
C GLY J 11 41.65 26.82 19.80
N SER J 12 42.37 26.43 20.86
CA SER J 12 43.34 25.36 20.76
C SER J 12 42.74 23.97 20.98
N ARG J 13 41.45 23.90 21.33
CA ARG J 13 40.72 22.64 21.54
C ARG J 13 39.27 22.85 21.11
N LYS J 14 38.85 22.28 19.98
CA LYS J 14 37.43 22.24 19.64
C LYS J 14 36.80 20.96 20.17
N ASP J 15 35.52 21.06 20.54
CA ASP J 15 34.76 19.92 21.02
C ASP J 15 34.46 18.98 19.85
N ARG J 16 33.85 17.84 20.17
CA ARG J 16 33.55 16.81 19.17
C ARG J 16 32.28 17.12 18.40
N LYS J 17 32.07 16.34 17.35
CA LYS J 17 30.79 16.28 16.66
C LYS J 17 29.95 15.15 17.27
N ARG J 18 28.92 15.54 18.01
CA ARG J 18 27.94 14.58 18.52
C ARG J 18 26.84 14.41 17.47
N VAL J 19 27.22 13.77 16.37
CA VAL J 19 26.26 13.41 15.34
C VAL J 19 25.29 12.43 15.95
N GLY J 20 23.99 12.66 15.72
CA GLY J 20 22.91 11.98 16.45
C GLY J 20 22.16 12.96 17.33
N ARG J 21 21.65 12.54 18.48
CA ARG J 21 21.29 13.44 19.58
C ARG J 21 20.29 14.54 19.23
N GLY J 22 19.51 14.40 18.16
CA GLY J 22 18.24 15.09 18.08
C GLY J 22 18.15 16.49 17.51
N PRO J 23 16.94 17.05 17.55
CA PRO J 23 16.55 18.10 16.59
C PRO J 23 17.25 19.44 16.77
N GLY J 24 17.95 19.67 17.87
CA GLY J 24 18.67 20.93 17.90
C GLY J 24 19.92 20.94 17.03
N GLY J 25 20.27 19.80 16.44
CA GLY J 25 21.49 19.76 15.67
C GLY J 25 21.79 18.39 15.14
N THR J 26 21.64 18.24 13.83
CA THR J 26 22.11 17.06 13.11
C THR J 26 21.31 15.87 13.61
N ASP J 27 20.12 15.65 13.04
CA ASP J 27 19.05 14.92 13.70
C ASP J 27 18.92 13.51 13.11
N LYS J 28 17.73 13.10 12.66
CA LYS J 28 17.34 11.73 12.36
C LYS J 28 18.47 10.88 11.79
N THR J 29 18.78 11.11 10.52
CA THR J 29 20.05 10.66 9.99
C THR J 29 21.15 11.59 10.48
N ALA J 30 22.33 11.03 10.69
CA ALA J 30 23.41 11.78 11.31
C ALA J 30 23.93 12.90 10.39
N GLY J 31 25.05 12.68 9.71
CA GLY J 31 25.34 13.50 8.54
C GLY J 31 24.86 12.79 7.28
N ARG J 32 24.56 11.51 7.42
CA ARG J 32 24.32 10.64 6.27
C ARG J 32 23.00 10.99 5.62
N GLY J 33 22.85 10.60 4.36
CA GLY J 33 21.64 10.92 3.62
C GLY J 33 20.46 10.03 3.97
N HIS J 34 19.55 9.87 3.00
CA HIS J 34 18.49 8.87 3.06
C HIS J 34 18.91 7.73 2.15
N LYS J 35 19.39 6.65 2.76
CA LYS J 35 19.69 5.40 2.06
C LYS J 35 20.93 5.54 1.21
N GLY J 36 21.19 4.53 0.37
CA GLY J 36 22.44 4.43 -0.35
C GLY J 36 23.55 3.88 0.52
N GLN J 37 24.73 3.79 -0.06
CA GLN J 37 25.89 3.27 0.67
C GLN J 37 26.44 4.36 1.59
N LYS J 38 25.64 4.60 2.62
CA LYS J 38 25.88 5.39 3.83
C LYS J 38 25.23 4.53 4.94
N SER J 39 25.92 3.43 5.29
CA SER J 39 25.34 2.37 6.13
C SER J 39 26.34 1.75 7.11
N ARG J 40 27.31 1.03 6.58
CA ARG J 40 28.48 0.59 7.34
C ARG J 40 29.64 0.43 6.36
N SER J 41 30.86 0.67 6.85
CA SER J 41 31.94 1.07 5.95
C SER J 41 32.23 0.01 4.88
N GLY J 42 32.68 0.49 3.72
CA GLY J 42 33.06 -0.37 2.60
C GLY J 42 32.83 0.22 1.22
N ALA J 43 33.96 0.45 0.52
CA ALA J 43 34.09 0.76 -0.91
C ALA J 43 35.48 1.33 -1.21
N GLY J 44 36.02 2.18 -0.34
CA GLY J 44 37.28 2.83 -0.65
C GLY J 44 37.15 3.82 -1.82
N LYS J 45 38.13 3.81 -2.75
CA LYS J 45 38.32 4.86 -3.77
C LYS J 45 38.47 4.36 -5.24
N GLY J 46 37.34 4.23 -5.93
CA GLY J 46 37.25 3.82 -7.32
C GLY J 46 35.81 3.91 -7.82
N ALA J 47 35.63 4.33 -9.07
CA ALA J 47 34.33 4.74 -9.60
C ALA J 47 33.33 3.60 -9.82
N PHE J 48 33.81 2.35 -9.90
CA PHE J 48 32.96 1.14 -9.99
C PHE J 48 32.12 1.05 -11.26
N PHE J 49 32.62 1.63 -12.35
CA PHE J 49 32.42 1.14 -13.72
C PHE J 49 33.75 0.85 -14.36
N GLU J 50 34.65 1.84 -14.37
CA GLU J 50 35.91 1.77 -15.08
C GLU J 50 36.98 2.58 -14.32
N GLY J 51 38.23 2.19 -14.51
CA GLY J 51 39.27 2.73 -13.66
C GLY J 51 39.89 4.07 -14.04
N GLY J 52 39.50 4.73 -15.11
CA GLY J 52 40.35 5.85 -15.51
C GLY J 52 41.68 5.37 -16.03
N ARG J 53 41.67 4.25 -16.77
CA ARG J 53 42.85 3.42 -16.98
C ARG J 53 43.68 3.87 -18.18
N SER J 54 44.99 3.96 -17.95
CA SER J 54 45.96 4.37 -18.94
C SER J 54 47.13 3.38 -18.94
N ARG J 55 47.95 3.44 -19.98
CA ARG J 55 49.02 2.47 -20.18
C ARG J 55 50.15 2.73 -19.19
N LEU J 56 51.14 1.85 -19.20
CA LEU J 56 52.27 1.94 -18.28
C LEU J 56 53.57 1.74 -19.03
N ILE J 57 54.47 2.71 -18.95
CA ILE J 57 55.87 2.50 -19.32
C ILE J 57 56.68 2.45 -18.04
N ALA J 58 57.65 1.55 -17.96
CA ALA J 58 57.97 1.01 -16.65
C ALA J 58 59.47 0.82 -16.43
N ARG J 59 59.94 1.27 -15.28
CA ARG J 59 61.28 0.96 -14.78
C ARG J 59 61.22 0.93 -13.27
N LEU J 60 62.25 0.35 -12.66
CA LEU J 60 62.19 -0.13 -11.28
C LEU J 60 63.08 0.61 -10.26
N PRO J 61 64.36 0.97 -10.61
CA PRO J 61 65.24 1.55 -9.59
C PRO J 61 65.48 3.05 -9.75
N LYS J 62 66.32 3.59 -8.87
CA LYS J 62 67.00 4.88 -8.98
C LYS J 62 67.97 4.99 -7.81
N ARG J 63 68.79 6.05 -7.84
CA ARG J 63 69.72 6.32 -6.75
C ARG J 63 70.12 7.80 -6.80
N GLY J 64 69.50 8.63 -5.94
CA GLY J 64 69.79 10.06 -5.94
C GLY J 64 71.07 10.46 -5.20
N PHE J 65 71.60 11.62 -5.59
CA PHE J 65 72.66 12.27 -4.81
C PHE J 65 72.04 13.13 -3.73
N ASN J 66 72.77 13.28 -2.62
CA ASN J 66 72.46 14.36 -1.69
C ASN J 66 72.86 15.69 -2.29
N ASN J 67 72.12 16.74 -1.94
CA ASN J 67 72.22 18.05 -2.58
C ASN J 67 72.92 19.07 -1.69
N VAL J 68 73.80 19.87 -2.30
CA VAL J 68 74.48 20.98 -1.63
C VAL J 68 74.57 22.19 -2.56
N GLY J 69 73.72 23.19 -2.35
CA GLY J 69 73.82 24.42 -3.11
C GLY J 69 74.98 25.27 -2.64
N THR J 70 75.49 26.11 -3.57
CA THR J 70 76.58 27.00 -3.21
C THR J 70 76.12 28.35 -2.67
N THR J 71 74.82 28.67 -2.76
CA THR J 71 74.35 29.95 -2.21
C THR J 71 74.33 29.92 -0.69
N TYR J 72 73.77 28.86 -0.11
CA TYR J 72 73.90 28.70 1.32
C TYR J 72 75.37 28.55 1.70
N GLU J 73 76.19 28.08 0.76
CA GLU J 73 77.60 27.82 1.05
C GLU J 73 78.43 29.10 1.15
N VAL J 74 78.16 30.10 0.28
CA VAL J 74 78.97 31.33 0.25
C VAL J 74 78.80 32.12 1.54
N VAL J 75 77.66 31.95 2.22
CA VAL J 75 77.38 32.66 3.46
C VAL J 75 78.11 32.05 4.65
N LYS J 76 78.82 30.95 4.43
CA LYS J 76 79.40 30.19 5.55
C LYS J 76 80.48 30.96 6.32
N LEU J 77 81.23 31.84 5.67
CA LEU J 77 82.33 32.62 6.28
C LEU J 77 83.41 31.75 6.94
N SER J 78 83.54 30.50 6.51
CA SER J 78 84.51 29.58 7.10
C SER J 78 84.74 28.44 6.13
N GLN J 79 85.56 28.67 5.12
CA GLN J 79 85.64 27.78 3.98
C GLN J 79 86.60 26.62 4.24
N LEU J 80 87.24 26.13 3.17
CA LEU J 80 88.17 25.00 3.21
C LEU J 80 87.59 23.82 3.98
N GLN J 81 86.28 23.62 3.86
CA GLN J 81 85.58 22.64 4.69
C GLN J 81 85.49 21.28 3.98
N ASP J 82 85.94 20.24 4.69
CA ASP J 82 85.89 18.88 4.19
C ASP J 82 84.45 18.46 4.02
N LEU J 83 84.21 17.60 3.03
CA LEU J 83 82.86 17.16 2.72
C LEU J 83 82.19 16.50 3.92
N GLU J 84 82.46 15.21 4.12
CA GLU J 84 81.74 14.43 5.13
C GLU J 84 81.90 15.05 6.51
N ASP J 85 83.14 15.25 6.93
CA ASP J 85 83.44 15.74 8.27
C ASP J 85 82.72 17.04 8.54
N THR J 86 83.15 18.12 7.89
CA THR J 86 82.68 19.46 8.23
C THR J 86 81.29 19.78 7.70
N THR J 87 80.71 18.92 6.86
CA THR J 87 79.31 19.15 6.54
C THR J 87 78.38 18.44 7.50
N PHE J 88 78.82 17.32 8.10
CA PHE J 88 77.93 16.59 9.01
C PHE J 88 77.52 17.45 10.21
N ASP J 89 78.41 18.31 10.67
CA ASP J 89 78.21 19.17 11.83
C ASP J 89 77.36 20.39 11.54
N ARG J 90 76.98 20.62 10.29
CA ARG J 90 76.07 21.69 9.93
C ARG J 90 75.19 21.15 8.80
N ASP J 91 74.28 20.24 9.17
CA ASP J 91 73.26 19.61 8.32
C ASP J 91 73.84 18.57 7.36
N THR J 92 73.32 18.52 6.13
CA THR J 92 73.58 17.44 5.18
C THR J 92 73.25 16.09 5.81
N LEU J 93 71.97 15.67 5.71
CA LEU J 93 71.35 14.70 6.63
C LEU J 93 71.53 13.25 6.20
N GLU J 94 71.41 12.93 4.91
CA GLU J 94 71.35 11.54 4.49
C GLU J 94 72.65 10.82 4.79
N ALA J 95 72.53 9.61 5.35
CA ALA J 95 73.70 8.81 5.68
C ALA J 95 74.00 7.71 4.66
N TYR J 96 73.00 7.28 3.90
CA TYR J 96 73.25 6.32 2.83
C TYR J 96 72.90 6.92 1.48
N ARG J 97 73.56 8.04 1.15
CA ARG J 97 73.45 8.71 -0.14
C ARG J 97 74.81 9.33 -0.46
N LEU J 98 74.98 9.71 -1.72
CA LEU J 98 76.19 10.42 -2.13
C LEU J 98 75.93 11.92 -2.25
N VAL J 99 76.98 12.72 -2.00
CA VAL J 99 76.86 14.18 -1.98
C VAL J 99 77.13 14.76 -3.36
N ARG J 100 76.52 15.91 -3.64
CA ARG J 100 76.76 16.61 -4.89
C ARG J 100 76.51 18.10 -4.68
N ARG J 101 76.97 18.90 -5.64
CA ARG J 101 76.78 20.34 -5.57
C ARG J 101 76.10 20.85 -6.82
N LYS J 102 75.22 21.83 -6.63
CA LYS J 102 74.51 22.53 -7.68
C LYS J 102 75.04 23.96 -7.80
N ASN J 103 74.75 24.58 -8.95
CA ASN J 103 75.19 25.95 -9.23
C ASN J 103 74.13 26.99 -8.91
N ARG J 104 73.55 26.88 -7.75
CA ARG J 104 72.62 27.91 -7.31
C ARG J 104 73.39 29.14 -6.83
N PRO J 105 72.85 30.38 -7.12
CA PRO J 105 73.63 31.64 -7.04
C PRO J 105 75.17 31.66 -7.00
N VAL J 106 75.74 32.80 -6.57
CA VAL J 106 77.13 33.15 -6.87
C VAL J 106 78.04 32.66 -5.76
N LYS J 107 79.17 32.04 -6.16
CA LYS J 107 80.11 31.47 -5.21
C LYS J 107 80.84 32.53 -4.41
N LEU J 108 81.09 33.71 -5.01
CA LEU J 108 81.94 34.74 -4.42
C LEU J 108 83.25 34.16 -3.91
N LEU J 109 83.52 34.30 -2.61
CA LEU J 109 84.86 34.11 -2.06
C LEU J 109 85.32 32.66 -2.15
N ALA J 110 86.65 32.49 -2.16
CA ALA J 110 87.29 31.20 -2.39
C ALA J 110 87.00 30.19 -1.28
N SER J 111 86.99 28.92 -1.66
CA SER J 111 86.73 27.80 -0.74
C SER J 111 87.34 26.54 -1.33
N GLY J 112 87.28 25.44 -0.59
CA GLY J 112 87.78 24.18 -1.10
C GLY J 112 87.02 22.95 -0.63
N GLU J 113 85.87 22.68 -1.25
CA GLU J 113 85.00 21.57 -0.88
C GLU J 113 85.37 20.28 -1.61
N ILE J 114 85.14 19.15 -0.93
CA ILE J 114 85.62 17.85 -1.42
C ILE J 114 84.43 16.92 -1.66
N SER J 115 83.51 17.33 -2.52
CA SER J 115 82.21 16.67 -2.66
C SER J 115 82.32 15.35 -3.42
N ARG J 116 81.33 14.48 -3.21
CA ARG J 116 81.30 13.18 -3.87
C ARG J 116 80.90 13.27 -5.33
N ALA J 117 80.30 14.38 -5.76
CA ALA J 117 79.92 14.60 -7.16
C ALA J 117 79.59 16.06 -7.33
N VAL J 118 79.64 16.53 -8.58
CA VAL J 118 79.42 17.95 -8.83
C VAL J 118 79.00 18.14 -10.28
N THR J 119 78.23 19.18 -10.53
CA THR J 119 77.85 19.55 -11.89
C THR J 119 79.02 20.20 -12.63
N VAL J 120 79.04 20.03 -13.96
CA VAL J 120 80.18 20.47 -14.77
C VAL J 120 80.42 21.97 -14.61
N HIS J 121 79.36 22.75 -14.43
CA HIS J 121 79.52 24.20 -14.30
C HIS J 121 79.89 24.63 -12.88
N VAL J 122 79.71 23.76 -11.88
CA VAL J 122 80.10 24.15 -10.52
C VAL J 122 81.61 24.31 -10.43
N ASP J 123 82.34 23.51 -11.21
CA ASP J 123 83.77 23.72 -11.32
C ASP J 123 84.07 25.06 -11.97
N ALA J 124 83.22 25.51 -12.89
CA ALA J 124 83.43 26.80 -13.53
C ALA J 124 83.34 27.93 -12.51
N ALA J 125 82.22 28.04 -11.81
CA ALA J 125 82.04 29.13 -10.85
C ALA J 125 82.84 28.92 -9.58
N SER J 126 83.38 27.72 -9.36
CA SER J 126 84.22 27.43 -8.21
C SER J 126 85.67 27.83 -8.48
N ALA J 127 86.32 27.19 -9.45
CA ALA J 127 87.71 27.51 -9.77
C ALA J 127 87.86 28.91 -10.33
N ALA J 128 86.80 29.46 -10.95
CA ALA J 128 86.88 30.85 -11.42
C ALA J 128 87.06 31.81 -10.25
N ALA J 129 86.59 31.42 -9.06
CA ALA J 129 86.83 32.15 -7.82
C ALA J 129 87.92 31.49 -6.99
N ILE J 130 88.99 31.03 -7.66
CA ILE J 130 90.08 30.21 -7.12
C ILE J 130 89.59 29.22 -6.06
N LYS J 131 89.31 27.99 -6.50
CA LYS J 131 88.78 26.98 -5.57
C LYS J 131 89.04 25.61 -6.16
N ALA J 132 89.90 24.83 -5.50
CA ALA J 132 90.00 23.42 -5.82
C ALA J 132 88.74 22.69 -5.32
N VAL J 133 88.25 21.73 -6.10
CA VAL J 133 87.11 20.91 -5.74
C VAL J 133 87.49 19.45 -6.02
N GLU J 134 87.63 18.65 -4.96
CA GLU J 134 88.17 17.29 -5.08
C GLU J 134 87.04 16.28 -4.99
N ALA J 135 86.68 15.69 -6.12
CA ALA J 135 85.87 14.48 -6.10
C ALA J 135 86.74 13.30 -5.71
N ALA J 136 86.10 12.26 -5.17
CA ALA J 136 86.85 11.10 -4.70
C ALA J 136 87.62 10.48 -5.85
N GLY J 137 88.90 10.19 -5.62
CA GLY J 137 89.79 9.75 -6.68
C GLY J 137 90.40 8.38 -6.48
N LYS K 1 -9.63 11.85 -52.54
CA LYS K 1 -9.60 11.95 -51.09
C LYS K 1 -8.42 11.17 -50.49
N ARG K 2 -8.32 9.86 -50.73
CA ARG K 2 -7.07 9.16 -50.47
C ARG K 2 -5.97 9.68 -51.40
N THR K 3 -4.76 9.78 -50.86
CA THR K 3 -3.63 10.37 -51.57
C THR K 3 -2.74 9.26 -52.12
N LYS K 4 -2.50 9.29 -53.43
CA LYS K 4 -2.02 8.10 -54.15
C LYS K 4 -0.62 7.64 -53.72
N PHE K 5 0.25 8.55 -53.26
CA PHE K 5 1.54 8.19 -52.67
C PHE K 5 2.13 9.41 -51.96
N ARG K 6 2.95 9.17 -50.94
CA ARG K 6 3.15 10.16 -49.87
C ARG K 6 4.56 10.05 -49.25
N LYS K 7 4.72 10.63 -48.04
CA LYS K 7 5.47 10.14 -46.89
C LYS K 7 4.48 9.88 -45.75
N GLN K 8 4.87 9.01 -44.81
CA GLN K 8 3.89 8.12 -44.17
C GLN K 8 3.01 8.78 -43.10
N PHE K 9 3.55 9.68 -42.28
CA PHE K 9 2.84 10.14 -41.07
C PHE K 9 2.90 11.65 -40.91
N ARG K 10 2.28 12.16 -39.82
CA ARG K 10 2.17 13.59 -39.58
C ARG K 10 2.20 14.06 -38.12
N GLY K 11 1.21 14.87 -37.76
CA GLY K 11 1.19 15.64 -36.53
C GLY K 11 -0.01 16.56 -36.60
N ARG K 12 -0.07 17.61 -35.78
CA ARG K 12 -1.20 18.53 -35.95
C ARG K 12 -1.00 19.87 -35.23
N MET K 13 -1.81 20.86 -35.62
CA MET K 13 -1.97 22.17 -34.96
C MET K 13 -3.03 23.03 -35.67
N THR K 14 -3.31 24.24 -35.18
CA THR K 14 -4.23 25.13 -35.89
C THR K 14 -3.93 26.63 -35.68
N GLY K 15 -4.09 27.40 -36.75
CA GLY K 15 -4.42 28.82 -36.67
C GLY K 15 -5.07 29.24 -37.97
N ASP K 16 -5.66 30.43 -37.96
CA ASP K 16 -6.69 30.77 -38.95
C ASP K 16 -6.15 30.74 -40.40
N ALA K 17 -7.07 30.43 -41.31
CA ALA K 17 -6.75 30.02 -42.67
C ALA K 17 -6.12 31.13 -43.49
N LYS K 18 -5.16 30.74 -44.35
CA LYS K 18 -4.46 31.67 -45.24
C LYS K 18 -4.53 31.24 -46.70
N GLY K 19 -5.39 30.29 -47.06
CA GLY K 19 -5.47 29.84 -48.43
C GLY K 19 -6.87 29.46 -48.86
N GLY K 20 -7.53 30.32 -49.62
CA GLY K 20 -8.88 30.07 -50.06
C GLY K 20 -9.95 30.74 -49.23
N ASP K 21 -9.70 31.96 -48.78
CA ASP K 21 -10.74 32.68 -48.06
C ASP K 21 -11.81 33.23 -48.98
N TYR K 22 -11.52 33.37 -50.28
CA TYR K 22 -12.43 33.90 -51.27
C TYR K 22 -12.85 32.79 -52.25
N VAL K 23 -14.08 32.90 -52.79
CA VAL K 23 -14.60 31.92 -53.76
C VAL K 23 -14.26 32.34 -55.19
N ALA K 24 -13.95 31.34 -56.00
CA ALA K 24 -13.88 31.49 -57.44
C ALA K 24 -14.68 30.34 -58.05
N PHE K 25 -14.52 30.08 -59.36
CA PHE K 25 -15.15 28.95 -60.00
C PHE K 25 -16.68 29.03 -59.99
N GLY K 26 -17.28 28.92 -58.81
CA GLY K 26 -18.71 28.70 -58.71
C GLY K 26 -19.53 29.98 -58.77
N ASP K 27 -20.83 29.81 -58.53
CA ASP K 27 -21.77 30.91 -58.30
C ASP K 27 -21.90 31.22 -56.81
N TYR K 28 -22.37 30.28 -56.02
CA TYR K 28 -22.43 30.47 -54.59
C TYR K 28 -21.44 29.54 -53.92
N GLY K 29 -21.43 29.55 -52.60
CA GLY K 29 -20.52 28.66 -51.92
C GLY K 29 -20.82 28.54 -50.45
N LEU K 30 -19.91 27.86 -49.76
CA LEU K 30 -20.06 27.50 -48.36
C LEU K 30 -18.68 27.55 -47.72
N ILE K 31 -18.66 28.00 -46.46
CA ILE K 31 -17.46 28.41 -45.73
C ILE K 31 -17.54 27.81 -44.33
N ALA K 32 -16.38 27.46 -43.78
CA ALA K 32 -16.32 26.95 -42.41
C ALA K 32 -16.50 28.06 -41.39
N MET K 33 -17.04 27.70 -40.24
CA MET K 33 -17.03 28.57 -39.08
C MET K 33 -16.08 28.07 -37.99
N GLU K 34 -15.61 26.83 -38.08
CA GLU K 34 -14.88 26.21 -37.00
C GLU K 34 -13.65 25.48 -37.54
N PRO K 35 -12.50 25.64 -36.88
CA PRO K 35 -11.31 24.89 -37.27
C PRO K 35 -11.53 23.40 -37.07
N ALA K 36 -10.98 22.59 -37.97
CA ALA K 36 -11.24 21.16 -37.79
C ALA K 36 -10.52 20.35 -38.84
N TRP K 37 -10.26 19.10 -38.51
CA TRP K 37 -10.04 18.09 -39.55
C TRP K 37 -11.37 17.65 -40.15
N ILE K 38 -11.33 17.28 -41.42
CA ILE K 38 -12.47 16.68 -42.10
C ILE K 38 -11.98 15.46 -42.85
N LYS K 39 -12.66 14.35 -42.66
CA LYS K 39 -12.22 13.09 -43.25
C LYS K 39 -12.63 13.01 -44.73
N SER K 40 -11.92 12.15 -45.46
CA SER K 40 -12.29 11.83 -46.83
C SER K 40 -13.78 11.54 -46.93
N ASN K 41 -14.28 10.75 -45.99
CA ASN K 41 -15.66 10.29 -46.01
C ASN K 41 -16.66 11.42 -45.81
N GLN K 42 -16.33 12.44 -45.00
CA GLN K 42 -17.26 13.56 -44.86
C GLN K 42 -17.36 14.33 -46.18
N ILE K 43 -16.24 14.49 -46.87
CA ILE K 43 -16.31 15.02 -48.21
C ILE K 43 -17.23 14.16 -49.05
N GLU K 44 -16.92 12.86 -49.12
CA GLU K 44 -17.63 12.03 -50.09
C GLU K 44 -19.13 12.02 -49.81
N ALA K 45 -19.54 12.15 -48.55
CA ALA K 45 -20.97 12.23 -48.27
C ALA K 45 -21.54 13.56 -48.75
N CYS K 46 -20.79 14.65 -48.62
CA CYS K 46 -21.29 15.90 -49.19
C CYS K 46 -21.41 15.80 -50.70
N ARG K 47 -20.47 15.09 -51.34
CA ARG K 47 -20.55 14.89 -52.78
C ARG K 47 -21.77 14.04 -53.15
N ILE K 48 -21.99 12.96 -52.41
CA ILE K 48 -23.12 12.06 -52.67
C ILE K 48 -24.45 12.80 -52.53
N VAL K 49 -24.60 13.61 -51.48
CA VAL K 49 -25.87 14.30 -51.28
C VAL K 49 -26.05 15.46 -52.26
N MET K 50 -24.99 16.24 -52.53
CA MET K 50 -25.16 17.36 -53.46
C MET K 50 -25.22 16.90 -54.91
N SER K 51 -24.74 15.69 -55.21
CA SER K 51 -25.03 15.06 -56.49
C SER K 51 -26.45 14.49 -56.54
N ARG K 52 -27.02 14.11 -55.38
CA ARG K 52 -28.44 13.76 -55.34
C ARG K 52 -29.31 14.96 -55.71
N HIS K 53 -28.97 16.14 -55.17
CA HIS K 53 -29.73 17.34 -55.50
C HIS K 53 -29.37 17.91 -56.87
N PHE K 54 -28.26 17.46 -57.47
CA PHE K 54 -27.84 17.98 -58.76
C PHE K 54 -27.83 16.86 -59.80
N ARG K 55 -28.98 16.30 -60.11
CA ARG K 55 -29.05 15.31 -61.17
C ARG K 55 -28.80 15.97 -62.52
N ARG K 56 -28.02 15.27 -63.36
CA ARG K 56 -27.61 15.80 -64.67
C ARG K 56 -26.95 17.18 -64.55
N GLY K 57 -26.28 17.43 -63.41
CA GLY K 57 -25.78 18.73 -63.03
C GLY K 57 -24.34 19.02 -63.41
N GLY K 58 -23.38 18.56 -62.60
CA GLY K 58 -21.99 18.85 -62.88
C GLY K 58 -21.46 20.22 -62.47
N LYS K 59 -21.98 20.80 -61.40
CA LYS K 59 -21.46 22.08 -60.91
C LYS K 59 -20.94 21.95 -59.47
N ILE K 60 -19.97 21.07 -59.25
CA ILE K 60 -19.57 20.66 -57.91
C ILE K 60 -18.05 20.61 -57.88
N TYR K 61 -17.42 21.75 -57.62
CA TYR K 61 -16.00 21.75 -57.30
C TYR K 61 -15.80 21.36 -55.84
N ILE K 62 -14.65 20.77 -55.52
CA ILE K 62 -14.45 20.37 -54.14
C ILE K 62 -13.15 21.01 -53.69
N ARG K 63 -13.21 22.28 -53.34
CA ARG K 63 -11.96 22.99 -53.12
C ARG K 63 -11.48 22.69 -51.70
N ILE K 64 -11.39 21.42 -51.35
CA ILE K 64 -10.68 20.98 -50.17
C ILE K 64 -10.22 19.56 -50.46
N PHE K 65 -9.29 19.06 -49.65
CA PHE K 65 -8.78 17.74 -49.94
C PHE K 65 -8.00 17.13 -48.76
N PRO K 66 -8.39 15.93 -48.28
CA PRO K 66 -7.60 15.20 -47.28
C PRO K 66 -6.15 14.93 -47.67
N ASP K 67 -5.26 15.82 -47.20
CA ASP K 67 -3.82 15.72 -47.32
C ASP K 67 -3.16 14.92 -46.19
N LYS K 68 -3.72 14.96 -44.96
CA LYS K 68 -3.02 14.53 -43.74
C LYS K 68 -3.45 13.14 -43.29
N PRO K 69 -2.54 12.17 -43.20
CA PRO K 69 -2.86 10.91 -42.54
C PRO K 69 -3.08 11.10 -41.05
N VAL K 70 -3.90 10.24 -40.45
CA VAL K 70 -4.00 10.15 -39.00
C VAL K 70 -4.22 8.69 -38.63
N THR K 71 -3.39 8.20 -37.69
CA THR K 71 -3.10 6.79 -37.51
C THR K 71 -3.38 6.40 -36.07
N LYS K 72 -4.52 5.74 -35.86
CA LYS K 72 -4.86 5.21 -34.55
C LYS K 72 -3.97 4.02 -34.24
N LYS K 73 -3.72 3.81 -32.94
CA LYS K 73 -3.05 2.60 -32.46
C LYS K 73 -3.99 1.39 -32.52
N PRO K 74 -3.44 0.20 -32.76
CA PRO K 74 -4.28 -1.00 -32.90
C PRO K 74 -5.17 -1.31 -31.70
N ALA K 75 -5.93 -2.42 -31.79
CA ALA K 75 -6.96 -2.84 -30.84
C ALA K 75 -6.78 -2.38 -29.40
N GLU K 76 -6.41 -3.31 -28.51
CA GLU K 76 -6.07 -2.98 -27.13
C GLU K 76 -4.58 -3.28 -26.96
N THR K 77 -3.76 -2.22 -26.99
CA THR K 77 -2.32 -2.32 -26.79
C THR K 77 -1.82 -1.22 -25.86
N ARG K 78 -0.92 -1.62 -24.98
CA ARG K 78 -0.25 -0.65 -24.17
C ARG K 78 0.67 0.14 -25.09
N MET K 79 0.96 1.37 -24.68
CA MET K 79 1.78 2.26 -25.48
C MET K 79 3.19 1.70 -25.62
N GLY K 80 3.80 1.97 -26.79
CA GLY K 80 5.06 1.38 -27.18
C GLY K 80 5.03 0.78 -28.57
N LYS K 81 5.86 1.36 -29.45
CA LYS K 81 5.97 1.16 -30.89
C LYS K 81 5.32 2.33 -31.60
N GLY K 82 5.42 2.38 -32.92
CA GLY K 82 5.07 3.59 -33.60
C GLY K 82 3.59 3.85 -33.59
N LYS K 83 3.26 5.04 -34.09
CA LYS K 83 1.92 5.29 -34.59
C LYS K 83 1.55 4.21 -35.61
N GLY K 84 0.54 3.40 -35.29
CA GLY K 84 0.37 2.09 -35.89
C GLY K 84 0.59 1.99 -37.39
N ALA K 85 -0.49 2.20 -38.12
CA ALA K 85 -0.45 2.59 -39.52
C ALA K 85 -1.73 3.39 -39.75
N VAL K 86 -1.72 4.21 -40.80
CA VAL K 86 -2.73 5.27 -40.89
C VAL K 86 -4.12 4.68 -40.99
N GLU K 87 -5.04 5.25 -40.20
CA GLU K 87 -6.42 4.78 -40.21
C GLU K 87 -7.29 5.61 -41.15
N TYR K 88 -7.04 6.91 -41.30
CA TYR K 88 -7.84 7.67 -42.26
C TYR K 88 -7.16 8.99 -42.58
N TRP K 89 -7.58 9.62 -43.67
CA TRP K 89 -7.04 10.92 -44.05
C TRP K 89 -7.99 12.05 -43.66
N VAL K 90 -7.42 13.21 -43.41
CA VAL K 90 -8.16 14.36 -42.94
C VAL K 90 -7.57 15.60 -43.57
N SER K 91 -8.41 16.62 -43.68
CA SER K 91 -8.05 17.93 -44.19
C SER K 91 -8.21 18.97 -43.09
N VAL K 92 -7.15 19.73 -42.84
CA VAL K 92 -7.27 20.90 -41.98
C VAL K 92 -8.22 21.88 -42.63
N VAL K 93 -9.13 22.45 -41.84
CA VAL K 93 -10.13 23.40 -42.33
C VAL K 93 -10.25 24.50 -41.27
N LYS K 94 -9.46 25.55 -41.40
CA LYS K 94 -9.54 26.68 -40.52
C LYS K 94 -10.66 27.63 -40.93
N PRO K 95 -11.18 28.45 -40.02
CA PRO K 95 -12.34 29.29 -40.33
C PRO K 95 -12.06 30.30 -41.42
N GLY K 96 -13.08 30.60 -42.21
CA GLY K 96 -12.97 31.51 -43.31
C GLY K 96 -12.47 30.87 -44.58
N ARG K 97 -11.94 29.65 -44.48
CA ARG K 97 -11.57 28.88 -45.66
C ARG K 97 -12.82 28.25 -46.25
N VAL K 98 -13.07 28.57 -47.51
CA VAL K 98 -14.23 28.01 -48.19
C VAL K 98 -14.03 26.50 -48.32
N MET K 99 -15.12 25.78 -48.24
CA MET K 99 -15.07 24.41 -48.69
C MET K 99 -15.73 24.26 -50.05
N PHE K 100 -16.93 24.81 -50.22
CA PHE K 100 -17.80 24.42 -51.33
C PHE K 100 -18.25 25.63 -52.13
N GLU K 101 -18.68 25.36 -53.36
CA GLU K 101 -18.76 26.36 -54.42
C GLU K 101 -19.58 25.81 -55.59
N VAL K 102 -20.86 26.17 -55.67
CA VAL K 102 -21.73 25.71 -56.74
C VAL K 102 -21.91 26.78 -57.81
N ALA K 103 -22.46 26.37 -58.95
CA ALA K 103 -22.89 27.27 -60.00
C ALA K 103 -24.10 26.64 -60.69
N GLY K 104 -24.85 27.46 -61.43
CA GLY K 104 -25.89 26.96 -62.31
C GLY K 104 -27.19 26.54 -61.65
N VAL K 105 -27.38 26.84 -60.37
CA VAL K 105 -28.58 26.40 -59.65
C VAL K 105 -29.12 27.57 -58.83
N THR K 106 -30.45 27.75 -58.88
CA THR K 106 -31.11 28.92 -58.32
C THR K 106 -30.94 28.97 -56.81
N GLU K 107 -31.05 30.19 -56.26
CA GLU K 107 -30.61 30.46 -54.89
C GLU K 107 -31.18 29.48 -53.88
N GLU K 108 -32.50 29.26 -53.90
CA GLU K 108 -33.07 28.34 -52.91
C GLU K 108 -32.67 26.89 -53.17
N GLN K 109 -32.35 26.54 -54.42
CA GLN K 109 -31.88 25.18 -54.71
C GLN K 109 -30.47 24.96 -54.18
N ALA K 110 -29.57 25.92 -54.44
CA ALA K 110 -28.24 25.82 -53.85
C ALA K 110 -28.31 25.90 -52.32
N LYS K 111 -29.25 26.68 -51.79
CA LYS K 111 -29.38 26.81 -50.35
C LYS K 111 -29.79 25.49 -49.71
N GLU K 112 -30.75 24.78 -50.31
CA GLU K 112 -31.09 23.45 -49.78
C GLU K 112 -29.91 22.48 -49.96
N ALA K 113 -29.20 22.60 -51.10
CA ALA K 113 -28.06 21.74 -51.35
C ALA K 113 -27.03 21.90 -50.25
N PHE K 114 -26.81 23.14 -49.82
CA PHE K 114 -25.86 23.43 -48.75
C PHE K 114 -26.39 23.05 -47.36
N ARG K 115 -27.71 23.09 -47.16
CA ARG K 115 -28.29 22.60 -45.91
C ARG K 115 -27.91 21.14 -45.66
N LEU K 116 -28.22 20.30 -46.65
CA LEU K 116 -27.90 18.89 -46.50
C LEU K 116 -26.39 18.65 -46.48
N ALA K 117 -25.63 19.38 -47.32
CA ALA K 117 -24.19 19.16 -47.39
C ALA K 117 -23.50 19.58 -46.10
N GLY K 118 -24.03 20.58 -45.40
CA GLY K 118 -23.53 20.89 -44.09
C GLY K 118 -23.98 19.95 -42.99
N HIS K 119 -25.21 19.40 -43.08
CA HIS K 119 -25.69 18.62 -41.93
C HIS K 119 -24.91 17.34 -41.73
N LYS K 120 -24.32 16.75 -42.78
CA LYS K 120 -23.45 15.60 -42.58
C LYS K 120 -22.09 15.99 -42.02
N LEU K 121 -21.74 17.29 -42.03
CA LEU K 121 -20.47 17.87 -41.59
C LEU K 121 -20.34 18.02 -40.07
N PRO K 122 -19.09 18.03 -39.56
CA PRO K 122 -18.88 18.15 -38.13
C PRO K 122 -18.69 19.58 -37.67
N ILE K 123 -19.08 20.57 -38.48
CA ILE K 123 -18.76 21.95 -38.16
C ILE K 123 -19.93 22.86 -38.53
N GLN K 124 -19.92 24.05 -37.94
CA GLN K 124 -20.73 25.15 -38.42
C GLN K 124 -20.25 25.55 -39.80
N THR K 125 -21.14 26.14 -40.60
CA THR K 125 -20.80 26.60 -41.95
C THR K 125 -21.77 27.70 -42.38
N LYS K 126 -21.46 28.34 -43.49
CA LYS K 126 -22.26 29.47 -43.96
C LYS K 126 -22.19 29.59 -45.49
N MET K 127 -23.34 29.87 -46.10
CA MET K 127 -23.41 30.07 -47.53
C MET K 127 -23.14 31.53 -47.88
N VAL K 128 -22.39 31.74 -48.98
CA VAL K 128 -21.91 33.06 -49.38
C VAL K 128 -22.07 33.25 -50.88
N LYS K 129 -22.32 34.50 -51.26
CA LYS K 129 -22.52 34.92 -52.64
C LYS K 129 -21.41 35.91 -52.98
N ARG K 130 -20.91 35.88 -54.21
CA ARG K 130 -19.60 36.50 -54.48
C ARG K 130 -19.70 37.87 -55.14
N GLU K 131 -18.97 38.85 -54.60
CA GLU K 131 -19.03 40.24 -55.06
C GLU K 131 -17.86 41.11 -54.57
N VAL K 132 -17.36 40.88 -53.34
CA VAL K 132 -16.17 41.58 -52.85
C VAL K 132 -14.95 40.72 -53.21
N TYR K 133 -14.75 40.49 -54.50
CA TYR K 133 -13.65 39.65 -54.97
C TYR K 133 -12.86 40.37 -56.06
N ASP K 134 -11.55 40.48 -55.83
CA ASP K 134 -10.59 41.10 -56.73
C ASP K 134 -10.24 40.16 -57.89
N MET L 1 -41.01 -21.40 23.62
CA MET L 1 -41.64 -20.78 24.79
C MET L 1 -42.45 -21.75 25.65
N ARG L 2 -42.95 -21.30 26.78
CA ARG L 2 -43.75 -22.23 27.54
C ARG L 2 -45.13 -21.66 27.82
N HIS L 3 -45.74 -20.93 26.86
CA HIS L 3 -46.94 -20.13 27.15
C HIS L 3 -48.09 -20.92 27.81
N GLY L 4 -47.82 -22.16 28.20
CA GLY L 4 -48.65 -22.88 29.12
C GLY L 4 -47.98 -24.08 29.78
N LYS L 5 -46.79 -24.50 29.37
CA LYS L 5 -46.28 -25.79 29.88
C LYS L 5 -46.04 -25.71 31.40
N ALA L 6 -45.72 -26.84 32.00
CA ALA L 6 -45.71 -26.89 33.45
C ALA L 6 -44.61 -27.82 33.90
N GLY L 7 -43.94 -27.44 34.98
CA GLY L 7 -42.82 -28.21 35.50
C GLY L 7 -41.50 -27.48 35.56
N ARG L 8 -40.42 -28.25 35.63
CA ARG L 8 -39.04 -27.81 35.48
C ARG L 8 -38.24 -29.04 35.14
N LYS L 9 -37.35 -28.92 34.17
CA LYS L 9 -36.14 -29.72 34.22
C LYS L 9 -35.36 -29.20 35.39
N LEU L 10 -34.51 -30.03 35.96
CA LEU L 10 -33.66 -29.41 36.97
C LEU L 10 -32.25 -29.54 36.46
N ASN L 11 -32.01 -29.05 35.26
CA ASN L 11 -30.78 -29.32 34.57
C ASN L 11 -30.47 -30.82 34.63
N ARG L 12 -31.42 -31.62 34.21
CA ARG L 12 -31.09 -33.02 34.01
C ARG L 12 -32.10 -33.62 33.03
N ASN L 13 -31.86 -34.88 32.65
CA ASN L 13 -32.70 -35.57 31.69
C ASN L 13 -34.02 -36.05 32.25
N SER L 14 -34.65 -37.04 31.63
CA SER L 14 -35.97 -37.47 32.09
C SER L 14 -35.87 -38.45 33.27
N SER L 15 -35.02 -39.47 33.13
CA SER L 15 -34.96 -40.46 34.20
C SER L 15 -34.36 -39.86 35.45
N ALA L 16 -33.45 -38.88 35.29
CA ALA L 16 -32.86 -38.18 36.45
C ALA L 16 -33.88 -37.30 37.13
N ARG L 17 -34.60 -36.47 36.36
CA ARG L 17 -35.72 -35.74 36.94
C ARG L 17 -36.53 -36.70 37.79
N VAL L 18 -36.68 -37.91 37.30
CA VAL L 18 -37.60 -38.84 37.91
C VAL L 18 -37.04 -39.40 39.21
N ALA L 19 -35.81 -39.91 39.18
CA ALA L 19 -35.25 -40.51 40.39
C ALA L 19 -35.09 -39.46 41.47
N LEU L 20 -34.74 -38.24 41.09
CA LEU L 20 -34.63 -37.18 42.08
C LEU L 20 -35.97 -36.93 42.75
N ALA L 21 -37.04 -36.84 41.96
CA ALA L 21 -38.34 -36.66 42.58
C ALA L 21 -38.67 -37.85 43.47
N ARG L 22 -38.41 -39.07 42.99
CA ARG L 22 -38.81 -40.23 43.78
C ARG L 22 -38.00 -40.29 45.08
N ALA L 23 -36.73 -39.93 45.04
CA ALA L 23 -35.86 -40.17 46.18
C ALA L 23 -35.95 -39.09 47.24
N GLN L 24 -36.14 -37.83 46.84
CA GLN L 24 -36.46 -36.83 47.86
C GLN L 24 -37.85 -37.06 48.42
N ALA L 25 -38.74 -37.65 47.63
CA ALA L 25 -39.95 -38.14 48.26
C ALA L 25 -39.59 -39.11 49.36
N THR L 26 -38.79 -40.14 49.03
CA THR L 26 -38.48 -41.21 49.98
C THR L 26 -37.89 -40.64 51.24
N ALA L 27 -37.10 -39.56 51.11
CA ALA L 27 -36.40 -39.00 52.25
C ALA L 27 -37.34 -38.18 53.14
N LEU L 28 -38.10 -37.26 52.57
CA LEU L 28 -38.98 -36.49 53.44
C LEU L 28 -40.12 -37.33 53.98
N LEU L 29 -40.36 -38.52 53.42
CA LEU L 29 -41.31 -39.43 54.05
C LEU L 29 -40.63 -40.25 55.13
N ARG L 30 -39.41 -40.69 54.86
CA ARG L 30 -38.59 -41.34 55.87
C ARG L 30 -38.38 -40.45 57.08
N GLU L 31 -38.33 -39.11 56.91
CA GLU L 31 -37.83 -38.23 57.96
C GLU L 31 -38.67 -36.99 58.24
N GLY L 32 -39.84 -36.80 57.64
CA GLY L 32 -40.72 -35.72 58.07
C GLY L 32 -40.28 -34.28 57.79
N ARG L 33 -38.98 -34.07 57.76
CA ARG L 33 -38.44 -32.82 57.29
C ARG L 33 -37.13 -33.10 56.60
N ILE L 34 -36.82 -32.33 55.55
CA ILE L 34 -35.48 -32.23 55.01
C ILE L 34 -35.21 -30.82 54.55
N GLN L 35 -33.93 -30.49 54.45
CA GLN L 35 -33.53 -29.19 53.97
C GLN L 35 -32.75 -29.35 52.67
N THR L 36 -33.12 -28.54 51.68
CA THR L 36 -32.69 -28.69 50.29
C THR L 36 -32.91 -27.35 49.62
N THR L 37 -32.44 -27.22 48.38
CA THR L 37 -32.51 -25.92 47.73
C THR L 37 -33.97 -25.50 47.51
N LEU L 38 -34.21 -24.17 47.45
CA LEU L 38 -35.58 -23.67 47.41
C LEU L 38 -36.29 -24.11 46.14
N THR L 39 -35.59 -24.08 44.99
CA THR L 39 -36.21 -24.58 43.77
C THR L 39 -36.69 -26.01 43.99
N LYS L 40 -35.75 -26.91 44.30
CA LYS L 40 -36.06 -28.31 44.39
C LYS L 40 -37.12 -28.61 45.44
N ALA L 41 -37.27 -27.76 46.43
CA ALA L 41 -38.36 -27.98 47.36
C ALA L 41 -39.68 -27.60 46.74
N LYS L 42 -39.72 -26.48 46.01
CA LYS L 42 -40.99 -26.17 45.35
C LYS L 42 -41.36 -27.28 44.37
N GLU L 43 -40.34 -27.88 43.76
CA GLU L 43 -40.52 -29.05 42.89
C GLU L 43 -41.15 -30.18 43.65
N LEU L 44 -40.59 -30.49 44.81
CA LEU L 44 -40.99 -31.70 45.51
C LEU L 44 -42.42 -31.62 46.02
N ARG L 45 -42.89 -30.44 46.41
CA ARG L 45 -44.15 -30.41 47.14
C ARG L 45 -45.34 -31.02 46.37
N PRO L 46 -45.68 -30.59 45.14
CA PRO L 46 -46.78 -31.28 44.44
C PRO L 46 -46.56 -32.76 44.20
N PHE L 47 -45.33 -33.19 43.96
CA PHE L 47 -45.10 -34.62 43.77
C PHE L 47 -45.53 -35.41 44.99
N VAL L 48 -44.93 -35.07 46.14
CA VAL L 48 -45.13 -35.82 47.37
C VAL L 48 -46.57 -35.68 47.87
N GLU L 49 -47.24 -34.55 47.59
CA GLU L 49 -48.65 -34.44 47.99
C GLU L 49 -49.53 -35.36 47.16
N GLN L 50 -49.33 -35.37 45.83
CA GLN L 50 -49.97 -36.37 45.00
C GLN L 50 -49.77 -37.76 45.59
N LEU L 51 -48.53 -38.06 45.98
CA LEU L 51 -48.22 -39.39 46.48
C LEU L 51 -48.90 -39.69 47.80
N ILE L 52 -48.99 -38.71 48.70
CA ILE L 52 -49.66 -39.09 49.93
C ILE L 52 -51.14 -39.31 49.65
N THR L 53 -51.72 -38.56 48.71
CA THR L 53 -53.12 -38.80 48.41
C THR L 53 -53.34 -40.13 47.68
N THR L 54 -52.34 -40.61 46.95
CA THR L 54 -52.38 -41.99 46.45
C THR L 54 -52.48 -42.98 47.60
N ALA L 55 -51.72 -42.74 48.66
CA ALA L 55 -51.70 -43.65 49.82
C ALA L 55 -52.93 -43.54 50.70
N LYS L 56 -53.70 -42.46 50.58
CA LYS L 56 -54.93 -42.30 51.33
C LYS L 56 -56.07 -43.24 50.85
N GLY L 57 -55.87 -44.09 49.84
CA GLY L 57 -56.94 -45.03 49.49
C GLY L 57 -57.06 -46.25 50.39
N GLY L 58 -55.99 -46.64 51.07
CA GLY L 58 -55.93 -47.74 52.00
C GLY L 58 -55.44 -48.98 51.31
N ASP L 59 -55.88 -49.16 50.08
CA ASP L 59 -56.01 -50.46 49.46
C ASP L 59 -54.68 -51.01 48.97
N LEU L 60 -54.69 -52.30 48.61
CA LEU L 60 -53.49 -52.89 48.04
C LEU L 60 -53.13 -52.23 46.74
N HIS L 61 -54.12 -51.73 46.00
CA HIS L 61 -53.80 -51.00 44.79
C HIS L 61 -53.09 -49.71 45.13
N SER L 62 -53.60 -48.98 46.12
CA SER L 62 -52.93 -47.72 46.44
C SER L 62 -51.51 -47.98 46.93
N ARG L 63 -51.32 -49.02 47.73
CA ARG L 63 -49.96 -49.28 48.20
C ARG L 63 -49.08 -49.79 47.07
N ARG L 64 -49.63 -50.40 46.04
CA ARG L 64 -48.74 -50.81 44.96
C ARG L 64 -48.42 -49.65 44.05
N LEU L 65 -49.38 -48.72 43.90
CA LEU L 65 -49.15 -47.48 43.16
C LEU L 65 -48.12 -46.61 43.84
N VAL L 66 -48.02 -46.71 45.15
CA VAL L 66 -46.94 -46.03 45.84
C VAL L 66 -45.69 -46.85 45.76
N ALA L 67 -45.81 -48.17 45.85
CA ALA L 67 -44.60 -48.99 45.82
C ALA L 67 -43.84 -48.77 44.54
N GLN L 68 -44.51 -48.37 43.47
CA GLN L 68 -43.74 -48.17 42.25
C GLN L 68 -42.78 -46.99 42.38
N ASP L 69 -43.10 -45.97 43.15
CA ASP L 69 -42.21 -44.81 43.24
C ASP L 69 -41.27 -44.82 44.44
N ILE L 70 -41.39 -45.80 45.35
CA ILE L 70 -40.82 -45.70 46.67
C ILE L 70 -40.31 -47.07 47.06
N HIS L 71 -39.20 -47.50 46.50
CA HIS L 71 -38.87 -48.92 46.49
C HIS L 71 -38.06 -49.38 47.70
N ASP L 72 -38.08 -48.64 48.80
CA ASP L 72 -37.59 -49.07 50.11
C ASP L 72 -38.82 -49.39 50.98
N LYS L 73 -39.00 -50.69 51.35
CA LYS L 73 -40.30 -51.16 51.82
C LYS L 73 -40.73 -50.43 53.07
N ASP L 74 -39.78 -50.11 53.93
CA ASP L 74 -40.09 -49.58 55.23
C ASP L 74 -40.74 -48.20 55.14
N VAL L 75 -40.28 -47.37 54.18
CA VAL L 75 -40.95 -46.10 53.97
C VAL L 75 -42.35 -46.32 53.41
N VAL L 76 -42.56 -47.40 52.64
CA VAL L 76 -43.87 -47.65 52.03
C VAL L 76 -44.86 -47.97 53.10
N ARG L 77 -44.41 -48.74 54.10
CA ARG L 77 -45.27 -49.01 55.24
C ARG L 77 -45.49 -47.75 56.07
N LYS L 78 -44.45 -46.93 56.25
CA LYS L 78 -44.68 -45.70 56.99
C LYS L 78 -45.74 -44.87 56.31
N VAL L 79 -45.50 -44.53 55.04
CA VAL L 79 -46.39 -43.58 54.37
C VAL L 79 -47.79 -44.15 54.29
N MET L 80 -47.90 -45.48 54.22
CA MET L 80 -49.20 -46.10 53.97
C MET L 80 -50.01 -46.26 55.25
N ASP L 81 -49.42 -46.93 56.24
CA ASP L 81 -50.06 -47.21 57.52
C ASP L 81 -49.85 -46.13 58.57
N GLU L 82 -48.70 -45.43 58.56
CA GLU L 82 -48.45 -44.37 59.53
C GLU L 82 -49.00 -43.01 59.10
N VAL L 83 -48.67 -42.52 57.90
CA VAL L 83 -48.74 -41.08 57.62
C VAL L 83 -50.02 -40.68 56.86
N ALA L 84 -50.37 -41.38 55.79
CA ALA L 84 -51.62 -41.04 55.11
C ALA L 84 -52.87 -41.17 55.99
N PRO L 85 -53.05 -42.24 56.78
CA PRO L 85 -54.17 -42.22 57.72
C PRO L 85 -54.10 -41.05 58.68
N LYS L 86 -52.90 -40.61 59.07
CA LYS L 86 -52.81 -39.41 59.90
C LYS L 86 -53.45 -38.23 59.21
N TYR L 87 -53.15 -38.06 57.92
CA TYR L 87 -53.67 -36.88 57.22
C TYR L 87 -55.11 -37.02 56.81
N ALA L 88 -55.72 -38.20 57.07
CA ALA L 88 -57.16 -38.45 56.95
C ALA L 88 -58.04 -37.21 56.85
N GLU L 89 -57.96 -36.34 57.84
CA GLU L 89 -58.82 -35.15 57.91
C GLU L 89 -58.40 -34.02 56.98
N ARG L 90 -57.22 -34.11 56.38
CA ARG L 90 -56.66 -32.97 55.68
C ARG L 90 -57.20 -32.91 54.25
N PRO L 91 -57.89 -31.86 53.87
CA PRO L 91 -58.22 -31.72 52.44
C PRO L 91 -57.04 -31.16 51.67
N GLY L 92 -55.97 -31.93 51.54
CA GLY L 92 -54.90 -31.46 50.68
C GLY L 92 -54.03 -30.35 51.26
N GLY L 93 -52.74 -30.43 51.07
CA GLY L 93 -51.93 -29.40 51.65
C GLY L 93 -51.23 -30.03 52.82
N TYR L 94 -50.34 -30.96 52.51
CA TYR L 94 -49.71 -31.82 53.49
C TYR L 94 -48.24 -31.51 53.63
N THR L 95 -47.88 -30.26 53.33
CA THR L 95 -46.48 -29.90 53.31
C THR L 95 -46.38 -28.39 53.36
N ARG L 96 -45.26 -27.90 53.87
CA ARG L 96 -44.94 -26.47 53.86
C ARG L 96 -43.47 -26.27 53.64
N ILE L 97 -43.17 -25.06 53.19
CA ILE L 97 -41.81 -24.61 52.97
C ILE L 97 -41.62 -23.31 53.72
N LEU L 98 -40.56 -23.28 54.51
CA LEU L 98 -39.96 -22.05 54.94
C LEU L 98 -38.51 -22.08 54.42
N ARG L 99 -37.97 -20.89 54.18
CA ARG L 99 -36.64 -20.77 53.57
C ARG L 99 -35.61 -20.31 54.61
N VAL L 100 -34.67 -21.22 54.91
CA VAL L 100 -33.62 -21.02 55.86
C VAL L 100 -32.62 -19.98 55.39
N GLY L 101 -32.56 -19.70 54.09
CA GLY L 101 -31.62 -18.68 53.61
C GLY L 101 -30.39 -19.29 52.93
N THR L 102 -29.40 -18.43 52.68
CA THR L 102 -28.39 -18.68 51.66
C THR L 102 -27.20 -19.50 52.11
N ARG L 103 -26.77 -20.42 51.27
CA ARG L 103 -25.60 -21.26 51.50
C ARG L 103 -24.33 -20.54 51.07
N ARG L 104 -23.18 -21.00 51.59
CA ARG L 104 -21.94 -20.29 51.30
C ARG L 104 -21.27 -20.76 50.02
N GLY L 105 -21.01 -22.06 49.89
CA GLY L 105 -20.31 -22.55 48.70
C GLY L 105 -20.80 -21.94 47.39
N ASP L 106 -21.99 -22.35 46.94
CA ASP L 106 -22.62 -21.87 45.72
C ASP L 106 -23.58 -20.70 45.90
N GLY L 107 -23.72 -20.14 47.09
CA GLY L 107 -24.63 -19.00 47.23
C GLY L 107 -26.09 -19.27 46.89
N VAL L 108 -26.55 -20.55 47.00
CA VAL L 108 -27.96 -20.93 46.86
C VAL L 108 -28.74 -20.49 48.09
N THR L 109 -30.03 -20.17 47.91
CA THR L 109 -30.89 -19.92 49.07
C THR L 109 -31.71 -21.17 49.42
N MET L 110 -31.19 -21.98 50.34
CA MET L 110 -31.83 -23.23 50.72
C MET L 110 -33.07 -22.98 51.59
N ALA L 111 -33.88 -24.04 51.74
CA ALA L 111 -35.12 -24.01 52.51
C ALA L 111 -35.42 -25.38 53.11
N LEU L 112 -36.36 -25.38 54.05
CA LEU L 112 -36.84 -26.60 54.70
C LEU L 112 -38.20 -26.98 54.15
N ILE L 113 -38.44 -28.29 54.02
CA ILE L 113 -39.72 -28.83 53.58
C ILE L 113 -40.13 -29.89 54.59
N GLU L 114 -41.32 -29.74 55.17
CA GLU L 114 -41.83 -30.63 56.22
C GLU L 114 -43.34 -30.81 56.05
N LEU L 115 -43.99 -31.43 57.04
CA LEU L 115 -45.40 -31.79 56.84
C LEU L 115 -46.38 -31.31 57.92
N ARG M 1 33.53 28.21 -72.51
CA ARG M 1 33.78 29.63 -72.43
C ARG M 1 35.17 29.88 -71.90
N ARG M 2 35.48 31.16 -71.70
CA ARG M 2 36.80 31.58 -71.26
C ARG M 2 36.85 31.73 -69.74
N LYS M 3 36.45 30.64 -69.09
CA LYS M 3 36.61 30.52 -67.65
C LYS M 3 38.07 30.33 -67.25
N LEU M 4 39.00 30.53 -68.20
CA LEU M 4 40.44 30.60 -67.87
C LEU M 4 40.79 31.82 -67.03
N ARG M 5 40.16 32.97 -67.34
CA ARG M 5 40.61 34.21 -66.71
C ARG M 5 39.99 34.43 -65.32
N THR M 6 38.71 34.14 -65.13
CA THR M 6 38.16 34.23 -63.78
C THR M 6 38.80 33.22 -62.85
N ARG M 7 39.16 32.05 -63.38
CA ARG M 7 39.85 31.05 -62.59
C ARG M 7 41.23 31.53 -62.18
N ARG M 8 42.04 31.97 -63.16
CA ARG M 8 43.39 32.40 -62.86
C ARG M 8 43.40 33.67 -62.01
N LYS M 9 42.37 34.51 -62.12
CA LYS M 9 42.28 35.72 -61.33
C LYS M 9 41.54 35.52 -60.00
N VAL M 10 40.92 34.35 -59.77
CA VAL M 10 40.59 33.98 -58.40
C VAL M 10 41.79 33.31 -57.74
N ARG M 11 42.71 32.76 -58.53
CA ARG M 11 43.89 32.14 -57.93
C ARG M 11 44.94 33.15 -57.51
N THR M 12 44.73 34.44 -57.80
CA THR M 12 45.53 35.49 -57.17
C THR M 12 44.90 35.91 -55.85
N THR M 13 44.58 34.90 -55.03
CA THR M 13 44.25 35.14 -53.63
C THR M 13 45.48 35.65 -52.90
N THR M 14 46.65 35.37 -53.44
CA THR M 14 47.93 35.79 -52.90
C THR M 14 48.25 37.27 -53.22
N ALA M 15 47.26 38.03 -53.68
CA ALA M 15 47.29 39.47 -53.45
C ALA M 15 47.13 39.78 -51.96
N ALA M 16 46.62 38.83 -51.18
CA ALA M 16 46.69 38.91 -49.72
C ALA M 16 48.11 38.72 -49.21
N SER M 17 49.02 38.21 -50.06
CA SER M 17 50.44 38.07 -49.71
C SER M 17 51.20 39.38 -49.78
N GLY M 18 50.62 40.40 -50.40
CA GLY M 18 51.23 41.71 -50.53
C GLY M 18 51.91 41.98 -51.85
N ARG M 19 52.25 40.94 -52.61
CA ARG M 19 52.86 41.15 -53.91
C ARG M 19 51.85 41.75 -54.88
N LEU M 20 52.36 42.55 -55.81
CA LEU M 20 51.53 43.12 -56.86
C LEU M 20 51.35 42.11 -57.99
N ARG M 21 50.31 42.31 -58.81
CA ARG M 21 50.07 41.38 -59.89
C ARG M 21 50.23 42.05 -61.26
N LEU M 22 50.57 41.24 -62.26
CA LEU M 22 51.08 41.67 -63.56
C LEU M 22 50.21 41.10 -64.69
N SER M 23 49.14 41.82 -65.03
CA SER M 23 48.20 41.38 -66.05
C SER M 23 48.77 41.58 -67.47
N VAL M 24 48.39 40.66 -68.37
CA VAL M 24 48.88 40.60 -69.75
C VAL M 24 47.72 40.21 -70.67
N TYR M 25 47.74 40.72 -71.92
CA TYR M 25 46.59 40.64 -72.82
C TYR M 25 47.00 40.21 -74.22
N ARG M 26 47.60 39.02 -74.35
CA ARG M 26 48.04 38.51 -75.63
C ARG M 26 46.88 38.48 -76.61
N SER M 27 46.47 39.66 -77.09
CA SER M 27 45.28 39.82 -77.94
C SER M 27 45.68 40.16 -79.38
N SER M 28 45.82 41.44 -79.68
CA SER M 28 46.36 41.89 -80.97
C SER M 28 47.88 42.04 -80.94
N LYS M 29 48.55 41.29 -80.06
CA LYS M 29 49.86 41.60 -79.50
C LYS M 29 49.88 42.95 -78.82
N HIS M 30 48.73 43.43 -78.35
CA HIS M 30 48.68 44.69 -77.62
C HIS M 30 49.31 44.56 -76.25
N ILE M 31 49.39 43.34 -75.75
CA ILE M 31 50.12 42.88 -74.57
C ILE M 31 50.50 44.02 -73.62
N TYR M 32 49.49 44.77 -73.15
CA TYR M 32 49.79 46.02 -72.44
C TYR M 32 50.34 45.77 -71.05
N ALA M 33 49.98 44.65 -70.44
CA ALA M 33 50.61 44.10 -69.24
C ALA M 33 50.79 45.12 -68.11
N GLN M 34 49.70 45.50 -67.47
CA GLN M 34 49.73 46.44 -66.37
C GLN M 34 50.21 45.76 -65.09
N ILE M 35 50.76 46.56 -64.18
CA ILE M 35 51.06 46.13 -62.82
C ILE M 35 50.10 46.82 -61.87
N ILE M 36 49.50 46.05 -60.97
CA ILE M 36 48.41 46.54 -60.14
C ILE M 36 48.64 46.16 -58.69
N ASP M 37 48.44 47.13 -57.81
CA ASP M 37 48.14 46.94 -56.41
C ASP M 37 46.62 46.95 -56.27
N ASP M 38 46.04 45.79 -55.95
CA ASP M 38 44.58 45.64 -55.98
C ASP M 38 43.86 46.39 -54.85
N SER M 39 44.54 46.65 -53.73
CA SER M 39 43.82 47.12 -52.53
C SER M 39 43.14 48.46 -52.79
N ARG M 40 43.89 49.44 -53.23
CA ARG M 40 43.30 50.58 -53.91
C ARG M 40 42.86 50.15 -55.30
N GLY M 41 41.88 50.85 -55.84
CA GLY M 41 41.55 50.58 -57.23
C GLY M 41 42.56 51.21 -58.17
N GLN M 42 43.85 50.86 -58.03
CA GLN M 42 44.93 51.62 -58.65
C GLN M 42 45.90 50.72 -59.40
N THR M 43 46.33 51.20 -60.57
CA THR M 43 47.37 50.60 -61.39
C THR M 43 48.61 51.50 -61.38
N LEU M 44 49.79 50.90 -61.48
CA LEU M 44 51.03 51.61 -61.15
C LEU M 44 52.10 51.62 -62.23
N ALA M 45 51.99 50.82 -63.31
CA ALA M 45 53.09 50.70 -64.25
C ALA M 45 52.67 50.17 -65.61
N ALA M 46 52.13 51.05 -66.46
CA ALA M 46 51.70 50.65 -67.80
C ALA M 46 52.89 50.44 -68.75
N ALA M 47 52.67 49.58 -69.76
CA ALA M 47 53.61 49.34 -70.85
C ALA M 47 52.83 48.94 -72.10
N SER M 48 52.06 49.88 -72.64
CA SER M 48 51.36 49.66 -73.90
C SER M 48 52.31 49.74 -75.09
N SER M 49 52.01 48.93 -76.11
CA SER M 49 52.78 48.92 -77.36
C SER M 49 52.09 49.85 -78.35
N ALA M 50 52.42 51.13 -78.24
CA ALA M 50 51.78 52.12 -79.11
C ALA M 50 52.53 52.26 -80.43
N ALA M 51 53.86 52.34 -80.36
CA ALA M 51 54.69 52.48 -81.56
C ALA M 51 56.06 51.86 -81.34
N LEU M 52 56.16 50.87 -80.45
CA LEU M 52 57.43 50.22 -80.12
C LEU M 52 58.03 49.45 -81.30
N LYS M 53 57.20 49.07 -82.28
CA LYS M 53 57.63 48.27 -83.43
C LYS M 53 58.23 46.93 -83.00
N SER M 54 59.54 46.75 -83.19
CA SER M 54 60.34 45.61 -82.76
C SER M 54 60.08 44.33 -83.53
N GLY M 55 59.13 44.29 -84.46
CA GLY M 55 59.03 43.19 -85.39
C GLY M 55 57.91 42.18 -85.18
N ASN M 56 58.28 40.91 -85.04
CA ASN M 56 57.31 39.85 -84.80
C ASN M 56 56.84 39.85 -83.34
N LYS M 57 55.60 39.37 -83.14
CA LYS M 57 54.93 39.59 -81.86
C LYS M 57 55.66 38.94 -80.69
N THR M 58 56.26 37.77 -80.91
CA THR M 58 56.91 37.08 -79.79
C THR M 58 58.11 37.85 -79.25
N ASP M 59 58.77 38.63 -80.08
CA ASP M 59 59.91 39.43 -79.66
C ASP M 59 59.55 40.86 -79.27
N THR M 60 58.50 41.43 -79.89
CA THR M 60 57.97 42.68 -79.39
C THR M 60 57.42 42.52 -77.99
N ALA M 61 56.93 41.33 -77.67
CA ALA M 61 56.45 41.06 -76.32
C ALA M 61 57.58 41.12 -75.31
N ALA M 62 58.73 40.50 -75.62
CA ALA M 62 59.88 40.59 -74.74
C ALA M 62 60.37 42.03 -74.65
N ALA M 63 60.26 42.80 -75.74
CA ALA M 63 60.59 44.21 -75.67
C ALA M 63 59.67 44.96 -74.70
N VAL M 64 58.37 44.62 -74.70
CA VAL M 64 57.43 45.25 -73.77
C VAL M 64 57.77 44.89 -72.33
N GLY M 65 58.21 43.65 -72.11
CA GLY M 65 58.57 43.24 -70.76
C GLY M 65 59.82 43.95 -70.27
N LYS M 66 60.85 44.00 -71.11
CA LYS M 66 62.09 44.67 -70.72
C LYS M 66 61.90 46.17 -70.52
N ALA M 67 61.00 46.81 -71.28
CA ALA M 67 60.74 48.21 -71.05
C ALA M 67 59.92 48.44 -69.78
N LEU M 68 58.89 47.61 -69.55
CA LEU M 68 58.10 47.78 -68.34
C LEU M 68 58.94 47.50 -67.09
N ALA M 69 59.92 46.61 -67.17
CA ALA M 69 60.72 46.32 -65.98
C ALA M 69 61.41 47.59 -65.50
N ALA M 70 61.91 48.40 -66.43
CA ALA M 70 62.42 49.70 -66.04
C ALA M 70 61.30 50.62 -65.58
N ALA M 71 60.16 50.59 -66.29
CA ALA M 71 59.09 51.54 -65.99
C ALA M 71 58.56 51.37 -64.58
N ALA M 72 58.65 50.16 -64.04
CA ALA M 72 58.24 49.88 -62.66
C ALA M 72 59.39 49.98 -61.67
N ALA M 73 60.61 49.61 -62.07
CA ALA M 73 61.75 49.74 -61.15
C ALA M 73 62.02 51.19 -60.79
N GLU M 74 61.62 52.14 -61.65
CA GLU M 74 61.79 53.54 -61.29
C GLU M 74 61.05 53.87 -59.99
N LYS M 75 59.85 53.31 -59.83
CA LYS M 75 58.99 53.65 -58.71
C LYS M 75 59.30 52.87 -57.44
N GLY M 76 60.14 51.84 -57.53
CA GLY M 76 60.46 51.03 -56.37
C GLY M 76 59.51 49.87 -56.16
N ILE M 77 59.70 48.81 -56.96
CA ILE M 77 58.87 47.62 -56.92
C ILE M 77 59.77 46.43 -57.24
N LYS M 78 59.50 45.28 -56.61
CA LYS M 78 60.30 44.09 -56.89
C LYS M 78 59.53 42.79 -56.68
N GLN M 79 58.64 42.74 -55.69
CA GLN M 79 57.77 41.58 -55.54
C GLN M 79 56.86 41.46 -56.77
N VAL M 80 56.68 40.24 -57.24
CA VAL M 80 56.00 40.02 -58.50
C VAL M 80 55.07 38.82 -58.38
N VAL M 81 53.93 38.90 -59.06
CA VAL M 81 53.03 37.78 -59.26
C VAL M 81 52.52 37.85 -60.69
N PHE M 82 52.79 36.82 -61.47
CA PHE M 82 52.46 36.82 -62.90
C PHE M 82 51.06 36.26 -63.11
N ASP M 83 50.09 37.14 -62.89
CA ASP M 83 48.68 36.91 -63.20
C ASP M 83 48.57 36.80 -64.72
N ARG M 84 48.78 35.60 -65.24
CA ARG M 84 48.52 35.40 -66.66
C ARG M 84 47.04 35.61 -66.93
N GLY M 85 46.74 36.05 -68.14
CA GLY M 85 45.37 36.07 -68.59
C GLY M 85 44.93 34.67 -68.90
N SER M 86 43.94 34.54 -69.77
CA SER M 86 43.52 33.22 -70.21
C SER M 86 44.68 32.47 -70.84
N TYR M 87 45.66 33.20 -71.33
CA TYR M 87 46.76 32.65 -72.10
C TYR M 87 47.64 31.71 -71.27
N LYS M 88 48.22 30.73 -71.95
CA LYS M 88 49.22 29.81 -71.44
C LYS M 88 50.55 30.55 -71.24
N TYR M 89 51.49 29.89 -70.58
CA TYR M 89 52.88 30.33 -70.50
C TYR M 89 53.65 29.81 -71.70
N HIS M 90 53.14 30.10 -72.90
CA HIS M 90 53.49 29.37 -74.11
C HIS M 90 54.72 29.89 -74.84
N GLY M 91 55.30 31.02 -74.43
CA GLY M 91 56.40 31.56 -75.19
C GLY M 91 56.27 33.03 -75.54
N ARG M 92 55.31 33.36 -76.42
CA ARG M 92 55.08 34.76 -76.77
C ARG M 92 54.73 35.60 -75.55
N VAL M 93 54.08 35.00 -74.56
CA VAL M 93 53.95 35.67 -73.28
C VAL M 93 55.12 35.31 -72.36
N LYS M 94 55.65 34.09 -72.45
CA LYS M 94 56.76 33.70 -71.60
C LYS M 94 57.95 34.63 -71.80
N ALA M 95 58.15 35.11 -73.02
CA ALA M 95 59.19 36.09 -73.23
C ALA M 95 58.93 37.33 -72.40
N LEU M 96 57.67 37.70 -72.17
CA LEU M 96 57.43 38.88 -71.35
C LEU M 96 57.95 38.66 -69.95
N ALA M 97 57.78 37.46 -69.40
CA ALA M 97 58.26 37.21 -68.05
C ALA M 97 59.78 37.11 -68.02
N ASP M 98 60.35 36.45 -69.02
CA ASP M 98 61.80 36.31 -69.07
C ASP M 98 62.47 37.68 -69.10
N ALA M 99 62.04 38.54 -70.02
CA ALA M 99 62.63 39.87 -70.14
C ALA M 99 62.24 40.78 -68.98
N ALA M 100 61.10 40.53 -68.33
CA ALA M 100 60.70 41.38 -67.23
C ALA M 100 61.56 41.14 -66.00
N ARG M 101 61.72 39.88 -65.61
CA ARG M 101 62.55 39.59 -64.46
C ARG M 101 64.02 39.48 -64.82
N GLU M 102 64.37 39.57 -66.10
CA GLU M 102 65.76 39.74 -66.46
C GLU M 102 66.32 41.03 -65.91
N GLY M 103 65.48 42.06 -65.79
CA GLY M 103 65.94 43.36 -65.33
C GLY M 103 64.94 44.05 -64.42
N GLY M 104 64.56 43.38 -63.33
CA GLY M 104 63.65 43.97 -62.37
C GLY M 104 64.19 45.25 -61.77
N GLN N 1 -54.87 -8.03 29.22
CA GLN N 1 -55.65 -9.10 29.89
C GLN N 1 -56.58 -8.57 30.98
N THR N 2 -57.87 -8.51 30.69
CA THR N 2 -58.81 -8.12 31.71
C THR N 2 -58.96 -9.23 32.74
N HIS N 3 -59.42 -8.87 33.92
CA HIS N 3 -59.44 -9.89 34.97
C HIS N 3 -60.83 -10.10 35.53
N ILE N 4 -61.77 -10.46 34.66
CA ILE N 4 -63.09 -10.83 35.14
C ILE N 4 -63.03 -12.18 35.84
N LYS N 5 -63.90 -12.34 36.84
CA LYS N 5 -64.25 -13.66 37.38
C LYS N 5 -65.26 -14.25 36.42
N ILE N 6 -64.84 -15.23 35.65
CA ILE N 6 -65.72 -15.79 34.63
C ILE N 6 -65.40 -17.27 34.48
N ASN N 7 -66.43 -18.08 34.29
CA ASN N 7 -66.20 -19.45 33.86
C ASN N 7 -66.13 -19.46 32.34
N ARG N 8 -64.90 -19.41 31.81
CA ARG N 8 -64.71 -19.56 30.37
C ARG N 8 -65.42 -20.80 29.89
N GLY N 9 -65.34 -21.87 30.69
CA GLY N 9 -65.87 -23.15 30.25
C GLY N 9 -67.38 -23.13 30.06
N GLU N 10 -68.11 -22.70 31.08
CA GLU N 10 -69.56 -22.68 30.91
C GLU N 10 -69.99 -21.62 29.92
N LEU N 11 -69.20 -20.56 29.77
CA LEU N 11 -69.53 -19.57 28.74
C LEU N 11 -69.48 -20.21 27.35
N LEU N 12 -68.37 -20.89 27.03
CA LEU N 12 -68.28 -21.63 25.79
C LEU N 12 -69.37 -22.68 25.70
N ARG N 13 -69.45 -23.56 26.69
CA ARG N 13 -70.35 -24.69 26.60
C ARG N 13 -71.79 -24.24 26.39
N GLY N 14 -72.15 -23.05 26.85
CA GLY N 14 -73.51 -22.58 26.67
C GLY N 14 -73.88 -22.25 25.25
N ILE N 15 -72.90 -21.84 24.44
CA ILE N 15 -73.16 -21.58 23.03
C ILE N 15 -72.74 -22.72 22.14
N GLU N 16 -71.80 -23.54 22.59
CA GLU N 16 -71.42 -24.77 21.92
C GLU N 16 -72.45 -25.88 22.10
N GLN N 17 -73.40 -25.75 23.03
CA GLN N 17 -74.35 -26.82 23.27
C GLN N 17 -75.61 -26.70 22.41
N ASP N 18 -75.98 -25.49 21.97
CA ASP N 18 -77.08 -25.42 21.00
C ASP N 18 -76.73 -26.18 19.75
N HIS N 19 -75.44 -26.31 19.46
CA HIS N 19 -74.91 -26.96 18.28
C HIS N 19 -74.23 -28.29 18.62
N THR N 20 -74.85 -29.08 19.47
CA THR N 20 -74.31 -30.41 19.72
C THR N 20 -75.46 -31.43 19.72
N ARG N 21 -75.32 -32.45 18.86
CA ARG N 21 -76.23 -33.58 18.84
C ARG N 21 -75.46 -34.86 19.13
N GLN N 22 -76.15 -35.84 19.70
CA GLN N 22 -75.54 -37.12 20.03
C GLN N 22 -76.19 -38.23 19.23
N LEU N 23 -75.40 -39.27 18.96
CA LEU N 23 -75.84 -40.38 18.13
C LEU N 23 -75.26 -41.69 18.68
N PRO N 24 -75.95 -42.82 18.46
CA PRO N 24 -75.37 -44.16 18.67
C PRO N 24 -73.96 -44.29 19.20
N ASP N 25 -73.86 -44.75 20.43
CA ASP N 25 -72.54 -44.90 21.04
C ASP N 25 -71.74 -46.00 20.33
N PHE N 26 -70.49 -45.67 20.01
CA PHE N 26 -69.54 -46.65 19.52
C PHE N 26 -68.12 -46.19 19.79
N ARG N 27 -67.17 -47.11 19.60
CA ARG N 27 -66.17 -46.60 18.65
C ARG N 27 -65.97 -47.66 17.58
N PRO N 28 -65.02 -48.60 17.69
CA PRO N 28 -64.28 -49.06 16.48
C PRO N 28 -64.94 -50.11 15.54
N GLY N 29 -66.20 -50.55 15.66
CA GLY N 29 -66.75 -51.37 14.61
C GLY N 29 -67.45 -50.58 13.50
N ASP N 30 -67.88 -51.32 12.47
CA ASP N 30 -68.35 -50.87 11.16
C ASP N 30 -69.74 -50.24 11.22
N THR N 31 -69.99 -49.33 10.28
CA THR N 31 -71.04 -48.34 10.46
C THR N 31 -71.46 -47.82 9.09
N VAL N 32 -72.68 -47.24 9.03
CA VAL N 32 -73.24 -46.62 7.83
C VAL N 32 -73.80 -45.27 8.21
N ARG N 33 -73.14 -44.20 7.76
CA ARG N 33 -73.69 -42.87 7.81
C ARG N 33 -74.53 -42.65 6.55
N VAL N 34 -75.82 -42.35 6.75
CA VAL N 34 -76.68 -41.90 5.68
C VAL N 34 -76.60 -40.38 5.69
N ASP N 35 -75.89 -39.81 4.71
CA ASP N 35 -75.74 -38.37 4.63
C ASP N 35 -76.56 -37.80 3.47
N THR N 36 -76.94 -36.55 3.64
CA THR N 36 -77.31 -35.70 2.53
C THR N 36 -76.06 -35.15 1.84
N LYS N 37 -76.17 -34.91 0.54
CA LYS N 37 -75.39 -33.89 -0.15
C LYS N 37 -76.32 -33.22 -1.15
N VAL N 38 -76.16 -31.90 -1.29
CA VAL N 38 -77.01 -31.09 -2.13
C VAL N 38 -76.26 -30.45 -3.26
N ARG N 39 -74.94 -30.67 -3.36
CA ARG N 39 -74.13 -29.97 -4.36
C ARG N 39 -74.64 -30.25 -5.76
N GLU N 40 -75.31 -31.39 -5.93
CA GLU N 40 -76.23 -31.55 -7.03
C GLU N 40 -77.09 -30.30 -7.16
N GLY N 41 -76.63 -29.33 -7.98
CA GLY N 41 -77.35 -28.10 -8.30
C GLY N 41 -78.18 -27.46 -7.20
N ASN N 42 -79.52 -27.66 -7.29
CA ASN N 42 -80.43 -27.28 -6.21
C ASN N 42 -81.14 -28.46 -5.57
N ARG N 43 -81.28 -29.60 -6.27
CA ARG N 43 -81.96 -30.75 -5.69
C ARG N 43 -81.05 -31.46 -4.67
N THR N 44 -81.70 -32.21 -3.75
CA THR N 44 -81.07 -32.88 -2.63
C THR N 44 -80.90 -34.37 -2.90
N ARG N 45 -79.91 -34.97 -2.27
CA ARG N 45 -79.64 -36.38 -2.54
C ARG N 45 -79.08 -37.05 -1.29
N SER N 46 -79.33 -38.35 -1.16
CA SER N 46 -78.76 -39.16 -0.10
C SER N 46 -77.48 -39.83 -0.60
N GLN N 47 -76.70 -40.37 0.33
CA GLN N 47 -75.50 -41.12 -0.07
C GLN N 47 -74.96 -41.85 1.17
N ALA N 48 -74.30 -42.99 0.95
CA ALA N 48 -74.09 -43.96 2.04
C ALA N 48 -72.62 -44.31 2.26
N PHE N 49 -72.06 -43.91 3.40
CA PHE N 49 -70.73 -44.34 3.76
C PHE N 49 -70.83 -45.52 4.73
N GLU N 50 -70.21 -46.64 4.38
CA GLU N 50 -70.12 -47.78 5.30
C GLU N 50 -68.69 -48.27 5.42
N GLY N 51 -68.09 -48.01 6.57
CA GLY N 51 -66.76 -48.54 6.82
C GLY N 51 -66.52 -48.66 8.31
N VAL N 52 -65.29 -49.08 8.63
CA VAL N 52 -64.86 -49.20 10.02
C VAL N 52 -64.78 -47.81 10.63
N VAL N 53 -65.11 -47.68 11.89
CA VAL N 53 -64.86 -46.44 12.60
C VAL N 53 -63.50 -46.57 13.26
N ILE N 54 -62.55 -45.70 12.85
CA ILE N 54 -61.17 -45.72 13.34
C ILE N 54 -60.87 -44.66 14.39
N ALA N 55 -61.71 -43.66 14.55
CA ALA N 55 -61.36 -42.73 15.62
C ALA N 55 -62.57 -41.94 16.04
N ILE N 56 -62.47 -41.42 17.26
CA ILE N 56 -63.47 -40.56 17.88
C ILE N 56 -62.69 -39.39 18.46
N ASN N 57 -63.13 -38.17 18.17
CA ASN N 57 -62.36 -36.98 18.54
C ASN N 57 -63.33 -35.86 18.82
N GLY N 58 -62.94 -35.03 19.78
CA GLY N 58 -63.66 -33.82 20.08
C GLY N 58 -64.56 -33.98 21.28
N SER N 59 -65.36 -32.94 21.46
CA SER N 59 -66.51 -32.95 22.36
C SER N 59 -67.42 -31.81 21.96
N GLY N 60 -68.68 -31.93 22.36
CA GLY N 60 -69.64 -30.88 22.06
C GLY N 60 -69.62 -30.61 20.58
N SER N 61 -69.69 -29.33 20.22
CA SER N 61 -69.81 -29.01 18.80
C SER N 61 -68.63 -29.57 18.01
N ARG N 62 -67.46 -29.65 18.60
CA ARG N 62 -66.29 -30.00 17.81
C ARG N 62 -66.11 -31.50 17.65
N LYS N 63 -66.94 -32.30 18.28
CA LYS N 63 -66.73 -33.74 18.21
C LYS N 63 -66.88 -34.25 16.76
N SER N 64 -66.05 -35.23 16.39
CA SER N 64 -66.12 -35.75 15.03
C SER N 64 -65.54 -37.15 14.95
N PHE N 65 -66.15 -37.99 14.10
CA PHE N 65 -65.69 -39.37 13.94
C PHE N 65 -65.12 -39.62 12.54
N THR N 66 -64.28 -40.66 12.48
CA THR N 66 -63.56 -40.97 11.26
C THR N 66 -63.82 -42.42 10.88
N VAL N 67 -64.39 -42.62 9.66
CA VAL N 67 -64.86 -43.89 9.08
C VAL N 67 -64.05 -44.19 7.83
N ARG N 68 -63.77 -45.46 7.59
CA ARG N 68 -62.86 -45.87 6.52
C ARG N 68 -63.41 -47.05 5.76
N LYS N 69 -63.54 -46.85 4.44
CA LYS N 69 -64.17 -47.76 3.49
C LYS N 69 -63.14 -48.12 2.44
N ILE N 70 -63.35 -49.20 1.72
CA ILE N 70 -62.72 -49.37 0.41
C ILE N 70 -63.82 -49.32 -0.64
N SER N 71 -63.80 -48.27 -1.46
CA SER N 71 -64.78 -48.13 -2.52
C SER N 71 -64.06 -48.25 -3.87
N PHE N 72 -64.58 -49.11 -4.73
CA PHE N 72 -63.97 -49.37 -6.02
C PHE N 72 -62.46 -49.45 -5.91
N GLY N 73 -61.95 -50.43 -5.19
CA GLY N 73 -60.52 -50.61 -5.24
C GLY N 73 -59.72 -49.63 -4.43
N GLU N 74 -60.12 -48.35 -4.37
CA GLU N 74 -59.32 -47.37 -3.66
C GLU N 74 -59.83 -47.15 -2.24
N GLY N 75 -58.88 -47.04 -1.31
CA GLY N 75 -59.25 -46.75 0.07
C GLY N 75 -59.74 -45.32 0.23
N VAL N 76 -60.69 -45.14 1.14
CA VAL N 76 -61.32 -43.85 1.35
C VAL N 76 -61.56 -43.72 2.83
N GLU N 77 -61.49 -42.50 3.33
CA GLU N 77 -61.83 -42.23 4.72
C GLU N 77 -62.49 -40.89 4.82
N ARG N 78 -63.08 -40.62 5.96
CA ARG N 78 -63.83 -39.40 6.01
C ARG N 78 -64.12 -39.05 7.47
N VAL N 79 -64.16 -37.75 7.73
CA VAL N 79 -64.36 -37.22 9.06
C VAL N 79 -65.67 -36.44 9.05
N PHE N 80 -66.63 -36.92 9.85
CA PHE N 80 -67.88 -36.20 10.00
C PHE N 80 -67.96 -35.66 11.41
N PRO N 81 -68.17 -34.36 11.57
CA PRO N 81 -68.60 -33.88 12.88
C PRO N 81 -69.98 -34.41 13.20
N PHE N 82 -70.18 -34.84 14.46
CA PHE N 82 -71.52 -35.32 14.80
C PHE N 82 -72.51 -34.21 14.58
N ALA N 83 -72.06 -32.97 14.62
CA ALA N 83 -73.00 -31.88 14.51
C ALA N 83 -73.37 -31.58 13.08
N SER N 84 -72.66 -32.14 12.10
CA SER N 84 -72.77 -31.66 10.71
C SER N 84 -74.17 -31.83 10.18
N PRO N 85 -74.82 -30.77 9.70
CA PRO N 85 -76.13 -30.91 9.07
C PRO N 85 -76.14 -31.81 7.83
N LEU N 86 -75.06 -31.90 7.09
CA LEU N 86 -75.04 -32.86 6.00
C LEU N 86 -74.64 -34.24 6.47
N VAL N 87 -75.10 -34.65 7.64
CA VAL N 87 -74.99 -36.04 8.08
C VAL N 87 -76.32 -36.41 8.71
N ASN N 88 -77.23 -36.95 7.91
CA ASN N 88 -78.58 -37.12 8.40
C ASN N 88 -78.65 -38.15 9.53
N GLN N 89 -78.04 -39.31 9.34
CA GLN N 89 -78.29 -40.42 10.25
C GLN N 89 -77.08 -41.35 10.25
N VAL N 90 -76.92 -42.09 11.35
CA VAL N 90 -75.81 -43.02 11.52
C VAL N 90 -76.33 -44.29 12.17
N THR N 91 -76.08 -45.43 11.54
CA THR N 91 -76.40 -46.69 12.19
C THR N 91 -75.17 -47.58 12.25
N ILE N 92 -75.09 -48.36 13.33
CA ILE N 92 -74.07 -49.38 13.41
C ILE N 92 -74.42 -50.49 12.43
N VAL N 93 -73.42 -51.25 12.03
CA VAL N 93 -73.66 -52.53 11.42
C VAL N 93 -73.17 -53.69 12.29
N GLU N 94 -72.00 -53.57 12.92
CA GLU N 94 -71.63 -54.60 13.88
C GLU N 94 -70.54 -54.11 14.83
N ARG N 95 -70.63 -54.53 16.10
CA ARG N 95 -69.64 -54.21 17.12
C ARG N 95 -68.33 -54.95 16.88
N GLY N 96 -67.23 -54.24 17.09
CA GLY N 96 -65.90 -54.80 16.91
C GLY N 96 -65.18 -54.99 18.22
N LYS N 97 -64.45 -56.10 18.34
CA LYS N 97 -63.49 -56.28 19.41
C LYS N 97 -62.22 -55.53 19.03
N VAL N 98 -61.69 -54.78 19.97
CA VAL N 98 -60.55 -53.96 19.64
C VAL N 98 -59.82 -53.54 20.93
N ARG N 99 -58.51 -53.73 20.94
CA ARG N 99 -57.69 -53.43 22.10
C ARG N 99 -57.27 -51.96 22.20
N ARG N 100 -57.83 -51.04 21.43
CA ARG N 100 -57.07 -49.81 21.24
C ARG N 100 -57.92 -48.74 20.57
N ALA N 101 -57.64 -47.48 20.87
CA ALA N 101 -58.61 -46.46 20.55
C ALA N 101 -58.51 -45.88 19.14
N LYS N 102 -57.52 -46.27 18.33
CA LYS N 102 -57.21 -45.51 17.10
C LYS N 102 -57.23 -46.31 15.81
N LEU N 103 -56.65 -47.51 15.76
CA LEU N 103 -56.78 -48.38 14.58
C LEU N 103 -56.16 -47.78 13.33
N TYR N 104 -55.08 -47.02 13.49
CA TYR N 104 -54.41 -46.54 12.31
C TYR N 104 -53.70 -47.67 11.58
N TYR N 105 -53.51 -48.82 12.22
CA TYR N 105 -52.91 -49.96 11.52
C TYR N 105 -53.79 -50.47 10.38
N LEU N 106 -55.08 -50.15 10.39
CA LEU N 106 -55.94 -50.53 9.28
C LEU N 106 -55.47 -49.92 7.97
N ARG N 107 -54.81 -48.75 8.02
CA ARG N 107 -54.22 -48.16 6.82
C ARG N 107 -53.15 -49.04 6.22
N GLU N 108 -52.39 -49.75 7.04
CA GLU N 108 -51.29 -50.50 6.45
C GLU N 108 -51.69 -51.88 5.97
N LEU N 109 -52.92 -52.28 6.16
CA LEU N 109 -53.27 -53.68 6.01
C LEU N 109 -54.09 -53.97 4.76
N ARG N 110 -55.27 -53.35 4.62
CA ARG N 110 -56.02 -53.27 3.37
C ARG N 110 -56.26 -54.64 2.72
N GLY N 111 -56.27 -55.72 3.53
CA GLY N 111 -56.64 -57.02 3.06
C GLY N 111 -58.05 -57.43 3.53
N LYS N 112 -58.47 -58.62 3.09
CA LYS N 112 -59.69 -59.19 3.65
C LYS N 112 -59.42 -59.72 5.06
N ALA N 113 -58.27 -60.35 5.24
CA ALA N 113 -57.84 -60.88 6.52
C ALA N 113 -57.48 -59.79 7.54
N ALA N 114 -57.44 -58.53 7.11
CA ALA N 114 -57.21 -57.33 7.93
C ALA N 114 -58.50 -56.74 8.47
N ARG N 115 -59.43 -57.64 8.83
CA ARG N 115 -60.79 -57.32 9.23
C ARG N 115 -60.86 -56.80 10.67
N ILE N 116 -62.10 -56.52 11.10
CA ILE N 116 -62.41 -56.28 12.50
C ILE N 116 -63.10 -57.53 13.09
N LYS N 117 -62.79 -57.81 14.35
CA LYS N 117 -63.39 -58.96 15.02
C LYS N 117 -64.88 -58.73 15.23
N SER N 118 -65.60 -59.85 15.33
CA SER N 118 -66.96 -59.86 15.86
C SER N 118 -67.00 -60.75 17.09
N PRO O 1 34.49 5.85 31.93
CA PRO O 1 33.41 6.27 32.83
C PRO O 1 32.01 6.02 32.27
N ARG O 2 31.26 5.15 32.94
CA ARG O 2 29.85 5.06 32.65
C ARG O 2 29.17 6.37 33.02
N ALA O 3 28.05 6.64 32.37
CA ALA O 3 27.22 7.79 32.72
C ALA O 3 25.77 7.56 32.32
N LYS O 4 25.05 6.78 33.12
CA LYS O 4 23.67 6.41 32.84
C LYS O 4 22.78 7.66 32.77
N THR O 5 21.68 7.54 32.02
CA THR O 5 20.72 8.64 31.94
C THR O 5 20.28 9.10 33.33
N GLY O 6 19.59 8.21 34.06
CA GLY O 6 19.26 8.49 35.47
C GLY O 6 18.31 9.66 35.66
N ILE O 7 18.73 10.61 36.50
CA ILE O 7 17.88 11.73 36.93
C ILE O 7 17.53 12.69 35.78
N VAL O 8 18.33 12.73 34.71
CA VAL O 8 18.08 13.69 33.63
C VAL O 8 16.71 13.44 33.00
N ARG O 9 16.53 12.25 32.46
CA ARG O 9 15.33 11.97 31.69
C ARG O 9 14.10 12.42 32.46
N ARG O 10 14.00 11.99 33.72
CA ARG O 10 12.79 12.17 34.51
C ARG O 10 12.55 13.63 34.89
N ARG O 11 13.60 14.45 34.94
CA ARG O 11 13.41 15.89 35.06
C ARG O 11 12.66 16.39 33.84
N ARG O 12 13.13 15.99 32.66
CA ARG O 12 12.55 16.51 31.43
C ARG O 12 11.08 16.13 31.35
N HIS O 13 10.83 14.85 31.62
CA HIS O 13 9.48 14.31 31.61
C HIS O 13 8.56 15.10 32.53
N LYS O 14 8.99 15.30 33.79
CA LYS O 14 8.11 16.00 34.71
C LYS O 14 7.84 17.44 34.27
N LYS O 15 8.82 18.07 33.62
CA LYS O 15 8.54 19.40 33.07
C LYS O 15 7.36 19.32 32.10
N VAL O 16 7.40 18.35 31.17
CA VAL O 16 6.33 18.27 30.15
C VAL O 16 4.99 18.02 30.84
N LEU O 17 4.96 17.02 31.71
CA LEU O 17 3.73 16.67 32.42
C LEU O 17 3.18 17.85 33.20
N LYS O 18 4.07 18.77 33.64
CA LYS O 18 3.66 19.96 34.40
C LYS O 18 3.15 21.07 33.50
N ARG O 19 3.65 21.15 32.26
CA ARG O 19 2.99 22.04 31.31
C ARG O 19 1.59 21.54 31.01
N ALA O 20 1.44 20.21 30.93
CA ALA O 20 0.18 19.59 30.53
C ALA O 20 -0.62 19.22 31.77
N LYS O 21 -1.33 20.18 32.32
CA LYS O 21 -2.09 19.84 33.49
C LYS O 21 -3.56 20.17 33.38
N GLY O 22 -3.99 20.96 32.40
CA GLY O 22 -5.44 20.97 32.26
C GLY O 22 -6.05 19.79 31.47
N PHE O 23 -5.18 18.98 30.86
CA PHE O 23 -5.54 18.18 29.71
C PHE O 23 -6.29 16.95 30.12
N TRP O 24 -7.14 16.48 29.21
CA TRP O 24 -8.00 15.32 29.40
C TRP O 24 -7.21 14.02 29.19
N GLY O 25 -7.65 12.94 29.84
CA GLY O 25 -7.08 11.61 29.59
C GLY O 25 -5.57 11.56 29.72
N SER O 26 -4.95 10.72 28.91
CA SER O 26 -3.50 10.60 29.08
C SER O 26 -2.74 11.76 28.46
N ARG O 27 -3.43 12.67 27.74
CA ARG O 27 -2.82 13.96 27.44
C ARG O 27 -2.32 14.64 28.73
N SER O 28 -2.81 14.23 29.89
CA SER O 28 -2.37 14.77 31.17
C SER O 28 -1.34 13.92 31.93
N LYS O 29 -1.33 12.59 31.77
CA LYS O 29 -0.58 11.77 32.72
C LYS O 29 0.55 10.94 32.10
N GLN O 30 0.37 10.42 30.89
CA GLN O 30 1.52 9.83 30.22
C GLN O 30 2.37 10.92 29.59
N TYR O 31 3.70 10.69 29.58
CA TYR O 31 4.56 11.69 28.97
C TYR O 31 4.31 11.74 27.49
N ARG O 32 4.39 10.58 26.83
CA ARG O 32 4.45 10.58 25.37
C ARG O 32 3.30 11.38 24.81
N ASN O 33 2.08 11.05 25.22
CA ASN O 33 0.97 11.81 24.69
C ASN O 33 0.95 13.23 25.24
N ALA O 34 1.50 13.47 26.42
CA ALA O 34 1.51 14.84 26.92
C ALA O 34 2.30 15.72 25.97
N PHE O 35 3.50 15.26 25.62
CA PHE O 35 4.43 15.95 24.71
C PHE O 35 3.84 16.09 23.32
N GLN O 36 3.08 15.07 22.90
CA GLN O 36 2.45 15.12 21.59
C GLN O 36 1.33 16.16 21.57
N THR O 37 0.46 16.18 22.58
CA THR O 37 -0.57 17.20 22.60
C THR O 37 0.03 18.58 22.65
N LEU O 38 1.16 18.72 23.34
CA LEU O 38 1.80 20.03 23.39
C LEU O 38 2.35 20.44 22.04
N LEU O 39 2.66 19.48 21.16
CA LEU O 39 3.07 19.87 19.82
C LEU O 39 1.98 20.69 19.11
N ASN O 40 0.78 20.12 18.99
CA ASN O 40 -0.28 20.91 18.38
C ASN O 40 -0.63 22.11 19.25
N ALA O 41 -0.39 22.04 20.57
CA ALA O 41 -0.67 23.19 21.41
C ALA O 41 0.19 24.37 21.02
N ALA O 42 1.47 24.11 20.68
CA ALA O 42 2.38 25.18 20.26
C ALA O 42 1.89 25.81 18.97
N THR O 43 1.51 24.95 18.02
CA THR O 43 0.94 25.47 16.79
C THR O 43 -0.22 26.43 17.07
N TYR O 44 -1.21 25.96 17.84
CA TYR O 44 -2.40 26.78 18.07
C TYR O 44 -2.06 28.03 18.87
N GLU O 45 -1.09 27.94 19.79
CA GLU O 45 -0.67 29.12 20.54
C GLU O 45 -0.18 30.21 19.60
N TYR O 46 0.79 29.85 18.77
CA TYR O 46 1.45 30.85 17.94
C TYR O 46 0.48 31.40 16.90
N ARG O 47 -0.53 30.59 16.53
CA ARG O 47 -1.53 31.14 15.63
C ARG O 47 -2.35 32.20 16.35
N ASP O 48 -2.89 31.84 17.50
CA ASP O 48 -3.93 32.69 18.04
C ASP O 48 -3.36 34.00 18.50
N ARG O 49 -2.08 34.03 18.87
CA ARG O 49 -1.62 35.27 19.47
C ARG O 49 -1.78 36.46 18.51
N ARG O 50 -1.59 36.24 17.20
CA ARG O 50 -1.82 37.29 16.19
C ARG O 50 -3.15 37.17 15.46
N ASN O 51 -3.91 36.08 15.67
CA ASN O 51 -5.29 36.08 15.18
C ASN O 51 -6.25 36.77 16.13
N LYS O 52 -5.88 36.82 17.40
CA LYS O 52 -6.75 37.41 18.40
C LYS O 52 -6.95 38.88 18.12
N LYS O 53 -5.97 39.51 17.49
CA LYS O 53 -6.17 40.86 17.01
C LYS O 53 -7.24 40.88 15.91
N ARG O 54 -7.29 39.85 15.07
CA ARG O 54 -8.32 39.83 14.04
C ARG O 54 -9.69 39.77 14.67
N ASP O 55 -9.84 38.89 15.65
CA ASP O 55 -11.14 38.71 16.29
C ASP O 55 -11.56 39.98 17.01
N PHE O 56 -10.65 40.57 17.77
CA PHE O 56 -11.03 41.76 18.51
C PHE O 56 -11.31 42.93 17.55
N ARG O 57 -10.58 43.04 16.44
CA ARG O 57 -10.88 44.07 15.47
C ARG O 57 -12.28 43.88 14.91
N ARG O 58 -12.64 42.61 14.67
CA ARG O 58 -14.01 42.28 14.27
C ARG O 58 -15.00 42.78 15.30
N LEU O 59 -14.74 42.49 16.58
CA LEU O 59 -15.70 42.83 17.62
C LEU O 59 -15.86 44.34 17.75
N TRP O 60 -14.76 45.08 17.55
CA TRP O 60 -14.83 46.53 17.60
C TRP O 60 -15.71 47.04 16.47
N ILE O 61 -15.41 46.62 15.24
CA ILE O 61 -16.16 47.10 14.07
C ILE O 61 -17.63 46.72 14.22
N GLN O 62 -17.87 45.49 14.66
CA GLN O 62 -19.20 44.94 14.81
C GLN O 62 -19.99 45.72 15.84
N ARG O 63 -19.31 46.21 16.88
CA ARG O 63 -20.01 47.05 17.83
C ARG O 63 -20.19 48.49 17.30
N ILE O 64 -19.33 48.94 16.39
CA ILE O 64 -19.45 50.34 15.95
C ILE O 64 -20.63 50.52 15.01
N ASN O 65 -20.80 49.61 14.03
CA ASN O 65 -21.90 49.82 13.11
C ASN O 65 -23.25 49.68 13.80
N ALA O 66 -23.30 49.02 14.96
CA ALA O 66 -24.56 48.90 15.69
C ALA O 66 -25.09 50.26 16.12
N GLY O 67 -24.27 51.05 16.81
CA GLY O 67 -24.71 52.41 17.11
C GLY O 67 -24.81 53.27 15.86
N ALA O 68 -23.98 53.00 14.85
CA ALA O 68 -24.10 53.72 13.60
C ALA O 68 -25.53 53.62 13.05
N ARG O 69 -26.00 52.38 12.86
CA ARG O 69 -27.35 52.13 12.41
C ARG O 69 -28.39 52.53 13.45
N LEU O 70 -28.03 52.49 14.74
CA LEU O 70 -28.95 52.95 15.77
C LEU O 70 -29.33 54.39 15.51
N HIS O 71 -28.40 55.17 14.95
CA HIS O 71 -28.72 56.55 14.61
C HIS O 71 -29.18 56.72 13.16
N GLY O 72 -29.21 55.67 12.35
CA GLY O 72 -29.53 55.86 10.94
C GLY O 72 -28.37 56.26 10.05
N MET O 73 -27.14 55.88 10.44
CA MET O 73 -26.03 55.78 9.51
C MET O 73 -25.58 54.34 9.50
N ASN O 74 -24.34 54.09 9.10
CA ASN O 74 -23.81 52.74 9.20
C ASN O 74 -22.29 52.82 9.19
N TYR O 75 -21.66 51.68 9.49
CA TYR O 75 -20.23 51.65 9.69
C TYR O 75 -19.48 52.26 8.52
N SER O 76 -19.79 51.82 7.30
CA SER O 76 -19.03 52.34 6.16
C SER O 76 -19.20 53.85 6.05
N THR O 77 -20.44 54.33 6.05
CA THR O 77 -20.68 55.76 5.98
C THR O 77 -20.18 56.49 7.22
N PHE O 78 -20.26 55.87 8.39
CA PHE O 78 -19.88 56.57 9.62
C PHE O 78 -18.37 56.74 9.74
N ILE O 79 -17.59 55.69 9.48
CA ILE O 79 -16.14 55.91 9.47
C ILE O 79 -15.71 56.72 8.26
N ASN O 80 -16.43 56.67 7.14
CA ASN O 80 -16.05 57.58 6.08
C ASN O 80 -16.32 59.03 6.48
N GLY O 81 -17.33 59.27 7.32
CA GLY O 81 -17.57 60.63 7.81
C GLY O 81 -16.66 61.05 8.95
N LEU O 82 -16.17 60.11 9.74
CA LEU O 82 -15.15 60.39 10.76
C LEU O 82 -13.76 60.46 10.17
N LYS O 83 -13.58 60.01 8.93
CA LYS O 83 -12.34 60.21 8.20
C LYS O 83 -12.39 61.50 7.36
N ARG O 84 -13.57 61.82 6.83
CA ARG O 84 -13.73 62.98 5.96
C ARG O 84 -13.42 64.27 6.70
N ALA O 85 -13.68 64.29 8.02
CA ALA O 85 -13.04 65.26 8.89
C ALA O 85 -11.69 64.70 9.29
N ASN O 86 -10.63 65.45 9.01
CA ASN O 86 -9.28 64.91 9.19
C ASN O 86 -8.99 64.59 10.64
N ILE O 87 -9.64 65.32 11.55
CA ILE O 87 -9.18 65.42 12.93
C ILE O 87 -9.51 64.19 13.78
N ASP O 88 -10.32 63.26 13.28
CA ASP O 88 -10.68 62.07 14.03
C ASP O 88 -9.72 60.94 13.66
N LEU O 89 -8.80 60.62 14.57
CA LEU O 89 -7.82 59.57 14.31
C LEU O 89 -7.78 58.53 15.44
N ASN O 90 -8.85 58.42 16.22
CA ASN O 90 -8.92 57.45 17.30
C ASN O 90 -9.14 56.05 16.76
N ARG O 91 -8.65 55.06 17.51
CA ARG O 91 -8.80 53.66 17.13
C ARG O 91 -10.26 53.21 17.31
N LYS O 92 -10.62 52.17 16.57
CA LYS O 92 -11.99 51.63 16.63
C LYS O 92 -12.38 51.24 18.05
N VAL O 93 -11.42 50.77 18.86
CA VAL O 93 -11.72 50.36 20.23
C VAL O 93 -12.27 51.54 21.03
N LEU O 94 -11.73 52.74 20.78
CA LEU O 94 -12.21 53.94 21.46
C LEU O 94 -13.55 54.41 20.91
N ALA O 95 -13.82 54.16 19.63
CA ALA O 95 -15.17 54.31 19.13
C ALA O 95 -16.12 53.32 19.78
N ASP O 96 -15.64 52.14 20.18
CA ASP O 96 -16.49 51.20 20.91
C ASP O 96 -16.82 51.74 22.29
N ILE O 97 -15.79 52.19 23.01
CA ILE O 97 -16.05 52.71 24.33
C ILE O 97 -17.03 53.87 24.23
N ALA O 98 -16.94 54.66 23.15
CA ALA O 98 -17.93 55.71 22.94
C ALA O 98 -19.31 55.13 22.64
N ALA O 99 -19.36 54.00 21.93
CA ALA O 99 -20.63 53.32 21.68
C ALA O 99 -21.29 52.85 22.96
N ARG O 100 -20.49 52.66 24.02
CA ARG O 100 -20.97 52.46 25.39
C ARG O 100 -21.30 53.78 26.11
N GLU O 101 -21.06 54.94 25.48
CA GLU O 101 -21.50 56.20 26.05
C GLU O 101 -22.29 56.98 25.00
N PRO O 102 -23.61 56.77 24.95
CA PRO O 102 -24.37 57.15 23.74
C PRO O 102 -24.28 58.60 23.33
N GLU O 103 -24.17 59.51 24.30
CA GLU O 103 -24.23 60.94 24.00
C GLU O 103 -23.04 61.36 23.16
N ALA O 104 -21.83 60.98 23.58
CA ALA O 104 -20.63 61.28 22.80
C ALA O 104 -20.63 60.56 21.45
N PHE O 105 -21.17 59.33 21.40
CA PHE O 105 -21.24 58.64 20.12
C PHE O 105 -22.13 59.38 19.14
N LYS O 106 -23.29 59.86 19.61
CA LYS O 106 -24.17 60.66 18.78
C LYS O 106 -23.53 61.97 18.38
N ALA O 107 -22.72 62.55 19.25
CA ALA O 107 -21.99 63.76 18.86
C ALA O 107 -21.04 63.46 17.71
N LEU O 108 -20.34 62.33 17.77
CA LEU O 108 -19.48 61.96 16.65
C LEU O 108 -20.27 61.58 15.41
N VAL O 109 -21.49 61.05 15.58
CA VAL O 109 -22.32 60.69 14.43
C VAL O 109 -22.77 61.93 13.68
N ASP O 110 -23.19 62.95 14.43
CA ASP O 110 -23.54 64.23 13.81
C ASP O 110 -22.32 64.97 13.25
N ALA O 111 -21.15 64.80 13.89
CA ALA O 111 -19.92 65.33 13.32
C ALA O 111 -19.58 64.67 11.99
N SER O 112 -19.57 63.34 11.97
CA SER O 112 -19.28 62.60 10.74
C SER O 112 -20.26 62.95 9.64
N ARG O 113 -21.56 62.92 9.97
CA ARG O 113 -22.58 63.19 8.97
C ARG O 113 -22.56 64.63 8.48
N ASN O 114 -21.99 65.55 9.25
CA ASN O 114 -21.75 66.87 8.71
C ASN O 114 -20.45 66.97 7.89
N ALA O 115 -19.93 65.83 7.41
CA ALA O 115 -18.72 65.83 6.59
C ALA O 115 -18.87 65.07 5.29
N ARG O 116 -19.96 64.33 5.08
CA ARG O 116 -20.28 63.78 3.78
C ARG O 116 -21.29 64.61 3.01
N GLN O 117 -21.72 65.74 3.57
CA GLN O 117 -22.65 66.66 2.91
C GLN O 117 -21.92 67.53 1.86
N MET P 1 -12.70 55.05 32.06
CA MET P 1 -13.57 55.55 31.00
C MET P 1 -12.84 55.49 29.66
N PHE P 2 -11.73 56.23 29.59
CA PHE P 2 -10.93 56.39 28.38
C PHE P 2 -9.56 55.73 28.53
N ALA P 3 -8.88 55.51 27.39
CA ALA P 3 -7.74 54.61 27.37
C ALA P 3 -6.66 55.11 26.41
N ILE P 4 -5.44 54.64 26.69
CA ILE P 4 -4.33 54.84 25.75
C ILE P 4 -4.65 54.18 24.43
N ILE P 5 -4.33 54.85 23.33
CA ILE P 5 -4.32 54.22 22.01
C ILE P 5 -2.91 53.69 21.79
N GLN P 6 -2.77 52.36 21.72
CA GLN P 6 -1.48 51.72 22.05
C GLN P 6 -0.34 52.28 21.21
N THR P 7 -0.63 52.70 19.97
CA THR P 7 0.40 52.86 18.96
C THR P 7 1.63 53.59 19.49
N GLY P 8 1.45 54.49 20.45
CA GLY P 8 2.57 55.01 21.22
C GLY P 8 2.15 55.45 22.61
N GLY P 9 1.44 56.57 22.64
CA GLY P 9 0.67 56.98 23.80
C GLY P 9 -0.65 57.49 23.28
N LYS P 10 -1.05 58.67 23.71
CA LYS P 10 -2.20 59.41 23.18
C LYS P 10 -3.51 58.71 23.51
N GLN P 11 -4.46 59.47 24.04
CA GLN P 11 -5.62 58.86 24.66
C GLN P 11 -6.74 59.91 24.82
N ALA P 12 -7.65 59.69 25.78
CA ALA P 12 -8.83 60.54 25.98
C ALA P 12 -9.07 60.85 27.45
N ARG P 13 -10.33 60.98 27.89
CA ARG P 13 -10.67 61.50 29.22
C ARG P 13 -10.59 60.42 30.31
N VAL P 14 -9.40 60.22 30.89
CA VAL P 14 -9.11 59.22 31.91
C VAL P 14 -8.84 59.87 33.27
N SER P 15 -8.53 59.05 34.29
CA SER P 15 -7.84 59.42 35.54
C SER P 15 -7.58 58.14 36.35
N GLU P 16 -6.33 57.68 36.37
CA GLU P 16 -6.01 56.30 36.75
C GLU P 16 -4.51 56.04 36.91
N GLY P 17 -4.13 54.77 36.85
CA GLY P 17 -2.72 54.35 36.83
C GLY P 17 -2.49 53.17 35.92
N ASP P 18 -2.16 53.43 34.66
CA ASP P 18 -2.10 52.41 33.62
C ASP P 18 -0.66 52.17 33.14
N VAL P 19 -0.40 50.92 32.76
CA VAL P 19 0.83 50.53 32.09
C VAL P 19 0.77 51.03 30.64
N ILE P 20 1.94 51.15 29.99
CA ILE P 20 2.02 51.24 28.54
C ILE P 20 3.45 50.95 28.09
N ARG P 21 3.70 50.92 26.78
CA ARG P 21 5.02 50.64 26.21
C ARG P 21 6.05 51.72 26.56
N VAL P 22 7.32 51.31 26.57
CA VAL P 22 8.39 52.02 27.27
C VAL P 22 8.61 53.43 26.70
N GLU P 23 9.07 54.34 27.57
CA GLU P 23 8.97 55.76 27.32
C GLU P 23 10.28 56.48 26.99
N SER P 24 11.44 55.87 27.24
CA SER P 24 12.74 56.53 27.01
C SER P 24 12.84 57.88 27.74
N LEU P 25 12.13 58.02 28.85
CA LEU P 25 12.41 59.04 29.85
C LEU P 25 12.34 58.30 31.18
N GLN P 26 13.48 58.16 31.86
CA GLN P 26 13.55 57.26 33.00
C GLN P 26 13.43 57.99 34.34
N GLY P 27 13.02 57.24 35.35
CA GLY P 27 12.56 57.79 36.61
C GLY P 27 11.06 58.08 36.60
N GLU P 28 10.63 58.82 37.61
CA GLU P 28 9.33 59.48 37.61
C GLU P 28 9.42 60.90 37.02
N ALA P 29 10.46 61.16 36.21
CA ALA P 29 10.75 62.53 35.81
C ALA P 29 9.80 63.02 34.71
N GLY P 30 9.48 62.17 33.74
CA GLY P 30 8.84 62.57 32.51
C GLY P 30 7.77 63.65 32.58
N ASP P 31 6.83 63.52 33.51
CA ASP P 31 5.67 64.44 33.62
C ASP P 31 4.94 64.60 32.29
N LYS P 32 4.75 63.49 31.58
CA LYS P 32 4.43 63.55 30.16
C LYS P 32 3.11 64.27 29.92
N VAL P 33 3.12 65.20 28.97
CA VAL P 33 1.95 66.01 28.62
C VAL P 33 1.49 65.54 27.26
N GLU P 34 0.50 64.66 27.25
CA GLU P 34 0.03 64.06 26.01
C GLU P 34 -1.26 64.70 25.53
N LEU P 35 -1.49 64.57 24.22
CA LEU P 35 -2.35 65.46 23.45
C LEU P 35 -3.84 65.14 23.55
N LYS P 36 -4.21 63.86 23.47
CA LYS P 36 -5.60 63.42 23.58
C LYS P 36 -6.51 63.87 22.43
N ALA P 37 -7.33 62.95 21.90
CA ALA P 37 -8.25 63.27 20.82
C ALA P 37 -9.69 63.36 21.25
N LEU P 38 -9.99 63.21 22.54
CA LEU P 38 -11.37 63.18 23.02
C LEU P 38 -11.40 63.42 24.53
N PHE P 39 -12.50 63.98 25.02
CA PHE P 39 -12.62 64.26 26.44
C PHE P 39 -14.09 64.39 26.81
N VAL P 40 -14.46 63.84 27.97
CA VAL P 40 -15.79 64.03 28.53
C VAL P 40 -15.64 64.69 29.89
N GLY P 41 -15.04 65.89 29.93
CA GLY P 41 -14.91 66.65 31.15
C GLY P 41 -16.11 67.54 31.39
N GLY P 42 -16.77 67.39 32.54
CA GLY P 42 -18.07 68.03 32.75
C GLY P 42 -19.24 67.36 32.05
N GLU P 43 -19.08 66.07 31.67
CA GLU P 43 -19.94 65.34 30.73
C GLU P 43 -20.07 66.07 29.39
N GLN P 44 -19.37 67.20 29.24
CA GLN P 44 -19.32 67.96 28.00
C GLN P 44 -18.29 67.30 27.09
N THR P 45 -18.76 66.58 26.08
CA THR P 45 -17.87 65.90 25.15
C THR P 45 -17.18 66.90 24.22
N VAL P 46 -15.89 66.66 23.97
CA VAL P 46 -15.07 67.47 23.07
C VAL P 46 -14.10 66.56 22.33
N PHE P 47 -13.94 66.78 21.02
CA PHE P 47 -13.17 65.88 20.16
C PHE P 47 -12.58 66.66 18.98
N GLY P 48 -11.85 65.96 18.11
CA GLY P 48 -11.32 66.60 16.93
C GLY P 48 -10.16 67.54 17.25
N GLU P 49 -9.96 68.53 16.38
CA GLU P 49 -8.95 69.57 16.63
C GLU P 49 -9.33 70.46 17.79
N ASP P 50 -10.55 70.32 18.33
CA ASP P 50 -10.82 70.83 19.66
C ASP P 50 -9.91 70.17 20.70
N ALA P 51 -9.62 68.87 20.50
CA ALA P 51 -8.79 68.11 21.41
C ALA P 51 -7.28 68.29 21.16
N GLY P 52 -6.91 68.98 20.09
CA GLY P 52 -5.58 69.55 19.99
C GLY P 52 -5.42 70.84 20.76
N LYS P 53 -6.51 71.37 21.30
CA LYS P 53 -6.45 72.48 22.24
C LYS P 53 -6.09 72.00 23.64
N TYR P 54 -6.77 70.96 24.10
CA TYR P 54 -6.56 70.45 25.45
C TYR P 54 -5.44 69.41 25.44
N THR P 55 -4.78 69.26 26.59
CA THR P 55 -3.66 68.34 26.79
C THR P 55 -3.64 67.95 28.26
N VAL P 56 -3.16 66.75 28.55
CA VAL P 56 -3.21 66.21 29.91
C VAL P 56 -1.81 65.76 30.32
N GLN P 57 -1.39 66.17 31.52
CA GLN P 57 -0.14 65.72 32.12
C GLN P 57 -0.35 64.43 32.92
N ALA P 58 0.74 63.67 33.06
CA ALA P 58 0.74 62.42 33.81
C ALA P 58 2.18 62.05 34.15
N GLU P 59 2.49 61.94 35.45
CA GLU P 59 3.82 61.52 35.86
C GLU P 59 4.11 60.08 35.43
N VAL P 60 5.37 59.84 35.05
CA VAL P 60 5.90 58.49 34.97
C VAL P 60 5.99 57.89 36.37
N VAL P 61 5.64 56.61 36.51
CA VAL P 61 5.63 55.93 37.82
C VAL P 61 6.73 54.88 37.92
N GLU P 62 6.91 54.06 36.89
CA GLU P 62 7.89 52.99 37.02
C GLU P 62 8.19 52.27 35.70
N HIS P 63 9.47 52.03 35.42
CA HIS P 63 9.84 51.14 34.33
C HIS P 63 9.64 49.69 34.73
N GLY P 64 9.34 48.83 33.74
CA GLY P 64 8.99 47.47 34.10
C GLY P 64 9.06 46.45 32.98
N ARG P 65 9.22 45.20 33.39
CA ARG P 65 9.20 44.06 32.47
C ARG P 65 7.92 43.24 32.75
N GLY P 66 7.16 42.97 31.70
CA GLY P 66 5.87 42.32 31.85
C GLY P 66 6.03 40.83 32.11
N LYS P 67 4.87 40.19 32.29
CA LYS P 67 4.83 38.77 32.62
C LYS P 67 5.36 37.94 31.45
N LYS P 68 6.08 36.86 31.78
CA LYS P 68 6.84 36.15 30.77
C LYS P 68 5.92 35.39 29.82
N ILE P 69 6.44 35.15 28.62
CA ILE P 69 5.77 34.51 27.48
C ILE P 69 6.82 33.66 26.79
N TYR P 70 6.44 32.48 26.34
CA TYR P 70 7.36 31.79 25.44
C TYR P 70 6.89 31.97 24.00
N ILE P 71 7.83 31.91 23.09
CA ILE P 71 7.59 31.95 21.65
C ILE P 71 7.90 30.55 21.14
N ARG P 72 6.86 29.76 20.91
CA ARG P 72 7.01 28.38 20.49
C ARG P 72 6.44 28.18 19.09
N LYS P 73 7.12 27.38 18.30
CA LYS P 73 6.68 27.18 16.93
C LYS P 73 6.97 25.75 16.54
N TYR P 74 6.13 25.25 15.64
CA TYR P 74 6.08 23.84 15.31
C TYR P 74 5.76 23.71 13.81
N LYS P 75 6.24 22.62 13.20
CA LYS P 75 5.84 22.23 11.86
C LYS P 75 5.92 20.72 11.75
N SER P 76 4.94 20.11 11.07
CA SER P 76 4.70 18.67 11.13
C SER P 76 5.60 17.89 10.19
N GLY P 77 6.20 16.83 10.70
CA GLY P 77 6.91 15.86 9.89
C GLY P 77 8.24 16.33 9.39
N VAL P 78 8.71 17.46 9.90
CA VAL P 78 9.89 18.15 9.40
C VAL P 78 10.98 18.24 10.48
N GLN P 79 10.88 17.40 11.53
CA GLN P 79 11.36 17.72 12.87
C GLN P 79 10.94 19.15 13.21
N TYR P 80 11.92 20.02 13.40
CA TYR P 80 11.64 21.45 13.55
C TYR P 80 10.60 21.73 14.64
N ARG P 81 11.10 21.95 15.84
CA ARG P 81 10.42 22.69 16.89
C ARG P 81 11.33 23.85 17.33
N ARG P 82 10.70 24.96 17.73
CA ARG P 82 11.38 26.18 18.11
C ARG P 82 10.82 26.66 19.44
N ARG P 83 11.68 27.27 20.24
CA ARG P 83 11.23 27.79 21.52
C ARG P 83 12.18 28.90 21.97
N THR P 84 11.58 29.97 22.51
CA THR P 84 12.27 31.23 22.79
C THR P 84 11.56 31.93 23.95
N GLY P 85 12.29 32.78 24.69
CA GLY P 85 11.69 33.54 25.76
C GLY P 85 11.35 34.98 25.37
N HIS P 86 10.38 35.58 26.08
CA HIS P 86 10.08 36.98 25.81
C HIS P 86 9.29 37.63 26.94
N ARG P 87 9.66 38.88 27.25
CA ARG P 87 8.95 39.78 28.17
C ARG P 87 9.04 41.20 27.62
N GLN P 88 7.92 41.93 27.67
CA GLN P 88 7.81 43.23 27.03
C GLN P 88 8.05 44.35 28.05
N ASN P 89 9.00 45.22 27.77
CA ASN P 89 9.26 46.35 28.63
C ASN P 89 8.16 47.39 28.50
N PHE P 90 7.97 48.16 29.57
CA PHE P 90 6.88 49.12 29.69
C PHE P 90 7.30 50.19 30.71
N THR P 91 6.44 51.20 30.87
CA THR P 91 6.70 52.30 31.79
C THR P 91 5.35 52.78 32.34
N ALA P 92 4.94 52.19 33.47
CA ALA P 92 3.64 52.49 34.04
C ALA P 92 3.58 53.93 34.48
N ILE P 93 2.45 54.59 34.21
CA ILE P 93 2.25 55.98 34.56
C ILE P 93 0.86 56.18 35.14
N LYS P 94 0.75 57.19 36.02
CA LYS P 94 -0.46 57.60 36.69
C LYS P 94 -0.83 58.99 36.18
N ILE P 95 -2.13 59.26 36.08
CA ILE P 95 -2.66 60.40 35.32
C ILE P 95 -3.13 61.49 36.26
N LEU P 96 -2.90 62.75 35.86
CA LEU P 96 -3.44 63.90 36.59
C LEU P 96 -3.43 65.19 35.77
N GLY P 97 -3.72 65.08 34.46
CA GLY P 97 -3.78 66.24 33.59
C GLY P 97 -5.14 66.92 33.57
N ILE P 98 -5.19 68.02 32.82
CA ILE P 98 -6.43 68.76 32.58
C ILE P 98 -7.37 67.87 31.80
N GLN Q 1 3.49 25.60 70.40
CA GLN Q 1 2.48 24.64 69.99
C GLN Q 1 3.04 23.78 68.83
N THR Q 2 4.33 24.00 68.54
CA THR Q 2 5.12 23.15 67.65
C THR Q 2 6.55 23.10 68.17
N PHE Q 3 7.33 22.14 67.66
CA PHE Q 3 8.64 21.82 68.21
C PHE Q 3 9.76 22.56 67.48
N ARG Q 4 10.99 22.18 67.77
CA ARG Q 4 12.12 22.69 67.01
C ARG Q 4 12.02 22.07 65.64
N ASN Q 5 12.47 20.83 65.53
CA ASN Q 5 12.66 20.19 64.24
C ASN Q 5 11.88 18.89 64.20
N LYS Q 6 11.86 18.28 63.02
CA LYS Q 6 11.23 16.97 62.86
C LYS Q 6 11.91 15.93 63.74
N LYS Q 7 13.21 16.07 63.99
CA LYS Q 7 13.88 15.14 64.87
C LYS Q 7 13.30 15.20 66.28
N GLN Q 8 12.82 16.36 66.70
CA GLN Q 8 12.21 16.41 68.02
C GLN Q 8 10.75 15.96 67.98
N ARG Q 9 10.01 16.42 66.99
CA ARG Q 9 8.63 15.99 66.85
C ARG Q 9 8.50 14.48 66.79
N LYS Q 10 9.49 13.80 66.18
CA LYS Q 10 9.46 12.34 66.12
C LYS Q 10 9.57 11.74 67.51
N GLN Q 11 10.33 12.39 68.39
CA GLN Q 11 10.49 11.87 69.73
C GLN Q 11 9.27 12.14 70.60
N GLN Q 12 8.72 13.37 70.54
CA GLN Q 12 7.68 13.74 71.50
C GLN Q 12 6.27 13.38 71.03
N VAL Q 13 5.91 13.69 69.79
CA VAL Q 13 4.62 13.26 69.26
C VAL Q 13 4.80 11.95 68.49
N LYS Q 14 4.07 10.91 68.93
CA LYS Q 14 4.26 9.57 68.43
C LYS Q 14 3.22 9.15 67.39
N LEU Q 15 2.17 9.97 67.18
CA LEU Q 15 1.26 9.79 66.05
C LEU Q 15 0.51 8.46 66.10
N ARG Q 16 -0.75 8.47 66.53
CA ARG Q 16 -1.58 7.27 66.52
C ARG Q 16 -2.65 7.38 65.44
N LYS Q 17 -3.27 6.25 65.08
CA LYS Q 17 -4.20 6.19 63.96
C LYS Q 17 -5.54 5.71 64.50
N PRO Q 18 -6.31 6.62 65.13
CA PRO Q 18 -7.55 6.20 65.78
C PRO Q 18 -8.55 5.65 64.78
N GLY Q 19 -9.27 4.62 65.22
CA GLY Q 19 -10.31 3.97 64.43
C GLY Q 19 -9.79 3.02 63.38
N PHE Q 20 -8.49 2.79 63.30
CA PHE Q 20 -7.93 2.24 62.08
C PHE Q 20 -7.70 0.75 62.20
N ALA Q 21 -8.03 0.05 61.12
CA ALA Q 21 -7.69 -1.34 60.94
C ALA Q 21 -7.42 -1.57 59.47
N VAL Q 22 -6.55 -2.53 59.20
CA VAL Q 22 -6.25 -2.91 57.84
C VAL Q 22 -5.95 -4.40 57.83
N ALA Q 23 -6.44 -5.08 56.81
CA ALA Q 23 -6.22 -6.50 56.58
C ALA Q 23 -5.44 -6.62 55.29
N LYS Q 24 -4.17 -6.97 55.44
CA LYS Q 24 -3.24 -7.04 54.32
C LYS Q 24 -3.24 -8.43 53.72
N TYR Q 25 -2.90 -8.46 52.43
CA TYR Q 25 -2.60 -9.66 51.66
C TYR Q 25 -3.79 -10.62 51.53
N VAL Q 26 -5.01 -10.12 51.70
CA VAL Q 26 -6.16 -10.99 51.61
C VAL Q 26 -6.18 -11.55 50.20
N ARG Q 27 -6.14 -12.88 50.10
CA ARG Q 27 -6.11 -13.56 48.80
C ARG Q 27 -7.50 -13.45 48.17
N MET Q 28 -7.73 -12.31 47.54
CA MET Q 28 -9.00 -12.03 46.88
C MET Q 28 -8.79 -10.89 45.90
N SER Q 29 -9.63 -10.85 44.89
CA SER Q 29 -9.64 -9.69 44.02
C SER Q 29 -10.14 -8.49 44.80
N PRO Q 30 -9.40 -7.38 44.82
CA PRO Q 30 -9.97 -6.15 45.37
C PRO Q 30 -11.25 -5.75 44.65
N ARG Q 31 -11.26 -5.97 43.33
CA ARG Q 31 -12.35 -5.45 42.54
C ARG Q 31 -13.65 -6.00 43.06
N LYS Q 32 -13.63 -7.27 43.46
CA LYS Q 32 -14.77 -7.92 44.08
C LYS Q 32 -15.06 -7.36 45.49
N VAL Q 33 -13.99 -7.02 46.22
CA VAL Q 33 -14.15 -6.71 47.63
C VAL Q 33 -14.76 -5.34 47.82
N ARG Q 34 -14.36 -4.39 46.99
CA ARG Q 34 -14.97 -3.07 47.06
C ARG Q 34 -16.47 -3.16 46.84
N LEU Q 35 -16.98 -4.20 46.19
CA LEU Q 35 -18.40 -4.21 45.87
C LEU Q 35 -19.25 -4.15 47.14
N VAL Q 36 -18.83 -4.87 48.18
CA VAL Q 36 -19.49 -4.80 49.48
C VAL Q 36 -18.98 -3.59 50.28
N VAL Q 37 -17.67 -3.35 50.20
CA VAL Q 37 -17.07 -2.29 51.01
C VAL Q 37 -17.76 -0.96 50.74
N ASP Q 38 -18.26 -0.76 49.53
CA ASP Q 38 -19.09 0.42 49.27
C ASP Q 38 -20.39 0.38 50.03
N VAL Q 39 -20.98 -0.81 50.22
CA VAL Q 39 -22.31 -0.88 50.84
C VAL Q 39 -22.20 -0.42 52.28
N ILE Q 40 -21.18 -0.92 52.96
CA ILE Q 40 -20.94 -0.59 54.37
C ILE Q 40 -20.81 0.91 54.57
N ARG Q 41 -20.04 1.56 53.67
CA ARG Q 41 -19.32 2.80 53.97
C ARG Q 41 -20.24 3.98 54.29
N GLY Q 42 -19.87 4.72 55.36
CA GLY Q 42 -20.61 5.86 55.87
C GLY Q 42 -21.72 5.55 56.85
N LYS Q 43 -21.95 4.27 57.15
CA LYS Q 43 -23.14 3.79 57.85
C LYS Q 43 -22.81 3.43 59.30
N SER Q 44 -23.88 3.30 60.10
CA SER Q 44 -23.75 2.94 61.52
C SER Q 44 -23.09 1.58 61.70
N VAL Q 45 -22.11 1.50 62.60
CA VAL Q 45 -21.24 0.34 62.64
C VAL Q 45 -22.01 -0.91 63.02
N GLN Q 46 -23.20 -0.75 63.58
CA GLN Q 46 -24.07 -1.90 63.76
C GLN Q 46 -24.76 -2.30 62.44
N ASP Q 47 -25.20 -1.32 61.63
CA ASP Q 47 -25.68 -1.65 60.31
C ASP Q 47 -24.58 -2.23 59.48
N ALA Q 48 -23.36 -1.77 59.66
CA ALA Q 48 -22.27 -2.49 59.01
C ALA Q 48 -22.20 -3.93 59.51
N GLU Q 49 -22.40 -4.13 60.82
CA GLU Q 49 -22.34 -5.49 61.34
C GLU Q 49 -23.40 -6.38 60.70
N ASP Q 50 -24.57 -5.81 60.34
CA ASP Q 50 -25.72 -6.56 59.82
C ASP Q 50 -25.73 -6.68 58.29
N LEU Q 51 -25.62 -5.55 57.58
CA LEU Q 51 -25.31 -5.53 56.15
C LEU Q 51 -24.28 -6.58 55.88
N LEU Q 52 -23.05 -6.38 56.33
CA LEU Q 52 -22.00 -7.32 55.99
C LEU Q 52 -22.39 -8.77 56.16
N ARG Q 53 -23.42 -9.07 56.97
CA ARG Q 53 -23.73 -10.44 57.36
C ARG Q 53 -24.77 -11.12 56.48
N PHE Q 54 -25.42 -10.40 55.58
CA PHE Q 54 -26.36 -11.00 54.66
C PHE Q 54 -26.00 -10.82 53.21
N ILE Q 55 -25.18 -9.82 52.89
CA ILE Q 55 -24.64 -9.69 51.54
C ILE Q 55 -23.88 -10.95 51.20
N PRO Q 56 -24.14 -11.57 50.06
CA PRO Q 56 -23.87 -12.99 49.93
C PRO Q 56 -22.55 -13.34 49.26
N ARG Q 57 -21.48 -12.62 49.59
CA ARG Q 57 -20.22 -12.75 48.86
C ARG Q 57 -19.13 -13.33 49.75
N SER Q 58 -18.26 -14.13 49.13
CA SER Q 58 -17.08 -14.64 49.83
C SER Q 58 -16.31 -13.48 50.44
N ALA Q 59 -16.26 -12.36 49.71
CA ALA Q 59 -15.50 -11.19 50.15
C ALA Q 59 -16.08 -10.57 51.40
N SER Q 60 -17.32 -10.91 51.75
CA SER Q 60 -17.87 -10.39 53.00
C SER Q 60 -17.18 -10.97 54.24
N GLU Q 61 -16.55 -12.14 54.17
CA GLU Q 61 -15.88 -12.65 55.37
C GLU Q 61 -14.75 -11.74 55.81
N PRO Q 62 -13.69 -11.53 55.03
CA PRO Q 62 -12.60 -10.67 55.52
C PRO Q 62 -13.04 -9.26 55.85
N VAL Q 63 -13.95 -8.69 55.05
CA VAL Q 63 -14.46 -7.37 55.36
C VAL Q 63 -15.27 -7.40 56.66
N ALA Q 64 -15.79 -8.57 57.05
CA ALA Q 64 -16.38 -8.65 58.39
C ALA Q 64 -15.31 -8.54 59.46
N LYS Q 65 -14.26 -9.37 59.39
CA LYS Q 65 -13.36 -9.48 60.53
C LYS Q 65 -12.68 -8.15 60.84
N VAL Q 66 -12.20 -7.48 59.78
CA VAL Q 66 -11.61 -6.15 59.91
C VAL Q 66 -12.58 -5.21 60.61
N LEU Q 67 -13.84 -5.20 60.19
CA LEU Q 67 -14.75 -4.26 60.81
C LEU Q 67 -14.74 -4.44 62.31
N ASN Q 68 -14.70 -5.68 62.77
CA ASN Q 68 -14.66 -5.87 64.22
C ASN Q 68 -13.40 -5.26 64.82
N SER Q 69 -12.25 -5.53 64.22
CA SER Q 69 -11.00 -4.96 64.71
C SER Q 69 -11.05 -3.45 64.71
N ALA Q 70 -11.71 -2.85 63.72
CA ALA Q 70 -11.85 -1.40 63.77
C ALA Q 70 -12.56 -1.01 65.05
N LYS Q 71 -13.76 -1.57 65.25
CA LYS Q 71 -14.51 -1.31 66.46
C LYS Q 71 -13.71 -1.74 67.67
N ALA Q 72 -12.93 -2.82 67.55
CA ALA Q 72 -12.16 -3.27 68.70
C ALA Q 72 -11.17 -2.19 69.14
N ASN Q 73 -10.38 -1.67 68.20
CA ASN Q 73 -9.44 -0.67 68.62
C ASN Q 73 -10.09 0.68 68.73
N ALA Q 74 -11.34 0.80 68.28
CA ALA Q 74 -12.09 2.00 68.60
C ALA Q 74 -12.48 2.01 70.07
N LEU Q 75 -12.57 0.85 70.68
CA LEU Q 75 -13.12 0.81 72.01
C LEU Q 75 -12.07 0.47 73.04
N HIS Q 76 -11.27 -0.58 72.82
CA HIS Q 76 -10.24 -0.93 73.79
C HIS Q 76 -9.17 0.15 73.87
N ASN Q 77 -8.65 0.57 72.71
CA ASN Q 77 -7.52 1.47 72.65
C ASN Q 77 -7.93 2.93 72.71
N ASP Q 78 -9.07 3.31 72.17
CA ASP Q 78 -9.29 4.72 71.90
C ASP Q 78 -10.33 5.39 72.78
N GLU Q 79 -10.91 4.68 73.75
CA GLU Q 79 -11.89 5.21 74.67
C GLU Q 79 -13.20 5.62 74.00
N MET Q 80 -13.41 5.28 72.73
CA MET Q 80 -14.59 5.75 72.04
C MET Q 80 -15.84 5.02 72.55
N LEU Q 81 -17.00 5.66 72.37
CA LEU Q 81 -18.27 5.09 72.83
C LEU Q 81 -18.98 4.40 71.67
N GLU Q 82 -19.22 3.09 71.83
CA GLU Q 82 -19.68 2.23 70.74
C GLU Q 82 -21.07 2.59 70.22
N ASP Q 83 -21.88 3.29 71.00
CA ASP Q 83 -23.13 3.84 70.50
C ASP Q 83 -22.92 5.11 69.72
N ARG Q 84 -21.69 5.57 69.63
CA ARG Q 84 -21.42 6.55 68.62
C ARG Q 84 -20.80 5.95 67.37
N LEU Q 85 -20.09 4.81 67.48
CA LEU Q 85 -19.19 4.40 66.40
C LEU Q 85 -19.90 4.31 65.05
N PHE Q 86 -19.18 4.69 63.98
CA PHE Q 86 -19.68 4.43 62.64
C PHE Q 86 -18.54 4.45 61.62
N VAL Q 87 -18.87 3.96 60.44
CA VAL Q 87 -17.88 3.73 59.39
C VAL Q 87 -17.59 5.05 58.68
N LYS Q 88 -16.78 5.90 59.31
CA LYS Q 88 -16.33 7.12 58.63
C LYS Q 88 -15.49 6.77 57.41
N GLU Q 89 -14.77 5.66 57.45
CA GLU Q 89 -13.93 5.34 56.32
C GLU Q 89 -13.87 3.83 56.12
N ALA Q 90 -13.70 3.47 54.84
CA ALA Q 90 -13.62 2.12 54.34
C ALA Q 90 -13.08 2.21 52.93
N TYR Q 91 -12.09 1.38 52.59
CA TYR Q 91 -11.58 1.28 51.22
C TYR Q 91 -10.69 0.06 51.11
N VAL Q 92 -10.55 -0.46 49.91
CA VAL Q 92 -9.65 -1.57 49.67
C VAL Q 92 -8.70 -1.16 48.58
N ASP Q 93 -7.41 -1.32 48.83
CA ASP Q 93 -6.40 -1.16 47.78
C ASP Q 93 -5.78 -2.52 47.49
N ALA Q 94 -5.13 -2.64 46.34
CA ALA Q 94 -4.62 -3.94 45.95
C ALA Q 94 -3.29 -4.24 46.59
N GLY Q 95 -3.13 -5.46 47.07
CA GLY Q 95 -1.86 -5.91 47.56
C GLY Q 95 -0.99 -6.44 46.44
N PRO Q 96 -0.06 -7.33 46.76
CA PRO Q 96 0.74 -7.98 45.73
C PRO Q 96 -0.09 -8.96 44.93
N THR Q 97 0.55 -9.70 44.02
CA THR Q 97 -0.19 -10.54 43.08
C THR Q 97 0.60 -11.81 42.84
N LEU Q 98 -0.03 -12.95 43.09
CA LEU Q 98 0.57 -14.22 42.72
C LEU Q 98 0.36 -14.40 41.24
N LYS Q 99 1.44 -14.62 40.50
CA LYS Q 99 1.32 -14.96 39.10
C LYS Q 99 1.53 -16.45 38.91
N ARG Q 100 0.66 -17.09 38.10
CA ARG Q 100 0.81 -18.51 37.80
C ARG Q 100 0.68 -18.77 36.30
N LEU Q 101 1.47 -19.73 35.81
CA LEU Q 101 1.32 -20.27 34.46
C LEU Q 101 0.04 -21.11 34.31
N ILE Q 102 -0.65 -20.96 33.18
CA ILE Q 102 -1.79 -21.82 32.90
C ILE Q 102 -1.70 -22.27 31.46
N PRO Q 103 -1.59 -23.58 31.21
CA PRO Q 103 -1.57 -24.08 29.82
C PRO Q 103 -2.86 -23.81 29.05
N ARG Q 104 -2.72 -23.56 27.76
CA ARG Q 104 -3.86 -23.33 26.87
C ARG Q 104 -3.57 -24.03 25.55
N ALA Q 105 -4.54 -23.97 24.62
CA ALA Q 105 -4.50 -24.89 23.49
C ALA Q 105 -3.30 -24.68 22.57
N ARG Q 106 -2.84 -25.80 22.00
CA ARG Q 106 -1.82 -25.83 20.94
C ARG Q 106 -0.46 -25.40 21.43
N GLY Q 107 -0.24 -25.50 22.74
CA GLY Q 107 1.07 -25.36 23.32
C GLY Q 107 1.41 -23.99 23.88
N SER Q 108 0.57 -22.99 23.68
CA SER Q 108 0.81 -21.73 24.37
C SER Q 108 0.39 -21.81 25.85
N ALA Q 109 1.13 -21.09 26.70
CA ALA Q 109 0.73 -20.78 28.07
C ALA Q 109 0.20 -19.37 28.16
N ASN Q 110 -0.44 -19.08 29.28
CA ASN Q 110 -0.68 -17.71 29.68
C ASN Q 110 -0.33 -17.52 31.13
N ILE Q 111 -0.36 -16.26 31.52
CA ILE Q 111 -0.11 -15.86 32.89
C ILE Q 111 -1.43 -15.42 33.46
N ILE Q 112 -1.60 -15.71 34.75
CA ILE Q 112 -2.86 -15.53 35.44
C ILE Q 112 -2.59 -14.83 36.79
N LYS Q 113 -3.44 -13.84 37.10
CA LYS Q 113 -3.27 -12.88 38.19
C LYS Q 113 -4.16 -13.26 39.40
N LYS Q 114 -3.57 -13.85 40.42
CA LYS Q 114 -4.27 -14.04 41.67
C LYS Q 114 -4.00 -12.81 42.52
N ARG Q 115 -4.86 -11.81 42.40
CA ARG Q 115 -4.70 -10.58 43.14
C ARG Q 115 -5.00 -10.77 44.62
N THR Q 116 -4.24 -10.09 45.48
CA THR Q 116 -4.51 -10.02 46.91
C THR Q 116 -5.21 -8.71 47.26
N SER Q 117 -5.70 -8.61 48.51
CA SER Q 117 -6.45 -7.41 48.92
C SER Q 117 -5.98 -6.86 50.26
N HIS Q 118 -5.85 -5.52 50.35
CA HIS Q 118 -5.60 -4.76 51.57
C HIS Q 118 -6.88 -4.01 51.85
N ILE Q 119 -7.73 -4.65 52.58
CA ILE Q 119 -8.97 -4.05 53.01
C ILE Q 119 -8.66 -3.13 54.16
N THR Q 120 -9.39 -2.04 54.32
CA THR Q 120 -9.09 -1.18 55.46
C THR Q 120 -10.33 -0.39 55.84
N ILE Q 121 -10.54 -0.24 57.16
CA ILE Q 121 -11.74 0.41 57.70
C ILE Q 121 -11.35 1.25 58.90
N ILE Q 122 -12.05 2.38 59.05
CA ILE Q 122 -11.79 3.37 60.09
C ILE Q 122 -13.13 3.82 60.65
N VAL Q 123 -13.48 3.29 61.81
CA VAL Q 123 -14.70 3.69 62.50
C VAL Q 123 -14.43 4.92 63.35
N ALA Q 124 -15.50 5.66 63.64
CA ALA Q 124 -15.39 6.87 64.43
C ALA Q 124 -16.75 7.22 65.01
N GLU Q 125 -16.74 8.05 66.04
CA GLU Q 125 -17.97 8.43 66.72
C GLU Q 125 -18.85 9.31 65.85
N LYS Q 126 -20.15 8.99 65.84
CA LYS Q 126 -21.19 9.69 65.09
C LYS Q 126 -21.44 11.00 65.77
N GLY Q 127 -20.44 11.46 66.52
CA GLY Q 127 -20.47 12.75 67.17
C GLY Q 127 -20.28 13.89 66.23
N ASN Q 128 -19.70 13.59 65.06
CA ASN Q 128 -19.77 14.50 63.92
C ASN Q 128 -21.24 14.67 63.51
N LYS Q 129 -21.65 15.93 63.30
CA LYS Q 129 -23.05 16.36 63.41
C LYS Q 129 -23.51 16.18 64.86
N SER R 1 36.35 -53.48 64.22
CA SER R 1 36.45 -54.86 63.77
C SER R 1 35.09 -55.39 63.39
N HIS R 2 34.11 -55.10 64.22
CA HIS R 2 32.75 -55.55 63.99
C HIS R 2 31.76 -54.77 64.84
N TYR R 3 32.24 -54.17 65.94
CA TYR R 3 31.38 -53.24 66.66
C TYR R 3 31.03 -52.03 65.79
N ASP R 4 31.96 -51.65 64.91
CA ASP R 4 31.73 -50.54 63.99
C ASP R 4 30.61 -50.86 63.00
N ILE R 5 30.42 -52.15 62.69
CA ILE R 5 29.44 -52.58 61.69
C ILE R 5 28.02 -52.26 62.13
N LEU R 6 27.75 -52.34 63.43
CA LEU R 6 26.38 -52.29 63.94
C LEU R 6 26.01 -50.83 64.18
N GLN R 7 25.38 -50.19 63.18
CA GLN R 7 25.27 -48.75 63.22
C GLN R 7 24.41 -48.28 64.38
N ALA R 8 23.37 -49.04 64.72
CA ALA R 8 22.35 -48.67 65.71
C ALA R 8 21.29 -49.75 65.76
N PRO R 9 20.72 -50.06 66.93
CA PRO R 9 19.54 -50.92 66.95
C PRO R 9 18.40 -50.19 66.27
N VAL R 10 17.56 -50.93 65.56
CA VAL R 10 16.36 -50.30 65.05
C VAL R 10 15.41 -49.99 66.20
N ILE R 11 14.82 -48.81 66.18
CA ILE R 11 13.78 -48.47 67.13
C ILE R 11 12.47 -48.98 66.54
N SER R 12 11.36 -48.32 66.90
CA SER R 12 10.02 -48.56 66.35
C SER R 12 9.24 -49.75 66.92
N GLU R 13 7.93 -49.60 66.88
CA GLU R 13 7.01 -50.55 67.49
C GLU R 13 7.13 -51.94 66.90
N LYS R 14 7.41 -52.04 65.60
CA LYS R 14 7.51 -53.36 64.99
C LYS R 14 8.76 -54.08 65.45
N ALA R 15 9.89 -53.37 65.49
CA ALA R 15 11.11 -54.01 65.96
C ALA R 15 10.98 -54.41 67.42
N TYR R 16 10.20 -53.64 68.20
CA TYR R 16 9.96 -54.05 69.58
C TYR R 16 9.08 -55.29 69.66
N SER R 17 8.00 -55.33 68.88
CA SER R 17 7.11 -56.48 68.87
C SER R 17 7.81 -57.74 68.38
N ALA R 18 8.78 -57.58 67.49
CA ALA R 18 9.61 -58.72 67.11
C ALA R 18 10.58 -59.08 68.22
N MET R 19 11.13 -58.07 68.90
CA MET R 19 12.05 -58.29 70.00
C MET R 19 11.39 -59.07 71.12
N GLU R 20 10.05 -58.99 71.22
CA GLU R 20 9.30 -59.87 72.10
C GLU R 20 9.33 -61.32 71.62
N ARG R 21 9.50 -61.53 70.32
CA ARG R 21 9.52 -62.88 69.74
C ARG R 21 10.90 -63.51 69.76
N GLY R 22 11.93 -62.78 70.16
CA GLY R 22 13.28 -63.32 70.16
C GLY R 22 14.10 -63.01 68.92
N VAL R 23 13.53 -62.38 67.93
CA VAL R 23 14.28 -61.87 66.79
C VAL R 23 14.70 -60.44 67.07
N TYR R 24 15.82 -60.03 66.51
CA TYR R 24 16.38 -58.71 66.74
C TYR R 24 16.78 -58.10 65.42
N SER R 25 16.65 -56.78 65.32
CA SER R 25 16.91 -56.08 64.08
C SER R 25 17.77 -54.86 64.34
N PHE R 26 18.72 -54.59 63.45
CA PHE R 26 19.45 -53.33 63.52
C PHE R 26 19.87 -52.87 62.14
N TRP R 27 20.06 -51.57 62.03
CA TRP R 27 20.74 -50.98 60.89
C TRP R 27 22.23 -51.30 60.94
N VAL R 28 22.81 -51.58 59.77
CA VAL R 28 24.23 -51.88 59.63
C VAL R 28 24.75 -51.09 58.44
N SER R 29 26.07 -51.10 58.27
CA SER R 29 26.66 -50.33 57.18
C SER R 29 26.24 -50.91 55.84
N PRO R 30 25.87 -50.07 54.89
CA PRO R 30 25.35 -50.56 53.59
C PRO R 30 26.31 -51.50 52.88
N LYS R 31 27.61 -51.30 53.05
CA LYS R 31 28.58 -52.19 52.45
C LYS R 31 28.55 -53.60 53.06
N ALA R 32 27.94 -53.79 54.23
CA ALA R 32 28.07 -55.05 54.97
C ALA R 32 27.37 -56.23 54.28
N THR R 33 28.05 -57.38 54.26
CA THR R 33 27.47 -58.61 53.73
C THR R 33 26.86 -59.44 54.87
N LYS R 34 26.04 -60.42 54.47
CA LYS R 34 25.30 -61.19 55.47
C LYS R 34 26.21 -61.96 56.40
N THR R 35 27.30 -62.51 55.86
CA THR R 35 28.13 -63.36 56.69
C THR R 35 28.85 -62.55 57.77
N GLU R 36 29.42 -61.42 57.38
CA GLU R 36 30.13 -60.58 58.34
C GLU R 36 29.19 -60.02 59.39
N ILE R 37 27.94 -59.73 59.05
CA ILE R 37 27.07 -59.21 60.10
C ILE R 37 26.60 -60.34 61.01
N LYS R 38 26.39 -61.54 60.48
CA LYS R 38 26.11 -62.66 61.36
C LYS R 38 27.26 -62.88 62.35
N ASP R 39 28.48 -62.88 61.83
CA ASP R 39 29.64 -63.05 62.70
C ASP R 39 29.80 -61.88 63.67
N ALA R 40 29.47 -60.65 63.25
CA ALA R 40 29.58 -59.51 64.14
C ALA R 40 28.58 -59.59 65.28
N ILE R 41 27.38 -60.13 65.03
CA ILE R 41 26.43 -60.33 66.12
C ILE R 41 26.93 -61.43 67.06
N GLN R 42 27.41 -62.54 66.49
CA GLN R 42 27.90 -63.65 67.30
C GLN R 42 29.13 -63.25 68.12
N GLN R 43 29.88 -62.24 67.67
CA GLN R 43 30.95 -61.67 68.47
C GLN R 43 30.42 -60.68 69.50
N ALA R 44 29.56 -59.76 69.08
CA ALA R 44 29.18 -58.63 69.92
C ALA R 44 28.32 -59.06 71.08
N PHE R 45 27.61 -60.18 70.95
CA PHE R 45 26.71 -60.57 72.02
C PHE R 45 26.77 -62.05 72.40
N GLY R 46 27.50 -62.89 71.67
CA GLY R 46 27.81 -64.24 72.13
C GLY R 46 26.73 -65.27 71.88
N VAL R 47 25.58 -64.88 71.36
CA VAL R 47 24.53 -65.83 70.96
C VAL R 47 24.86 -66.38 69.58
N ARG R 48 24.34 -67.58 69.28
CA ARG R 48 24.39 -68.10 67.91
C ARG R 48 23.23 -67.56 67.08
N VAL R 49 23.54 -67.07 65.88
CA VAL R 49 22.51 -66.76 64.89
C VAL R 49 21.98 -68.05 64.29
N ILE R 50 20.67 -68.09 64.02
CA ILE R 50 20.10 -69.21 63.29
C ILE R 50 19.39 -68.77 62.02
N GLY R 51 19.04 -67.50 61.88
CA GLY R 51 18.40 -67.02 60.66
C GLY R 51 18.69 -65.55 60.43
N ILE R 52 18.61 -65.16 59.17
CA ILE R 52 19.05 -63.83 58.74
C ILE R 52 18.16 -63.35 57.59
N SER R 53 18.07 -62.03 57.47
CA SER R 53 17.62 -61.36 56.26
C SER R 53 18.10 -59.91 56.33
N THR R 54 18.27 -59.29 55.16
CA THR R 54 18.79 -57.94 55.05
C THR R 54 18.04 -57.19 53.95
N MET R 55 18.15 -55.87 53.96
CA MET R 55 17.39 -55.04 53.02
C MET R 55 18.00 -53.65 52.96
N ASN R 56 18.59 -53.29 51.82
CA ASN R 56 19.06 -51.93 51.63
C ASN R 56 17.89 -50.96 51.63
N VAL R 57 18.09 -49.77 52.20
CA VAL R 57 17.01 -48.80 52.33
C VAL R 57 17.50 -47.42 51.94
N PRO R 58 17.18 -46.94 50.73
CA PRO R 58 17.49 -45.56 50.38
C PRO R 58 16.80 -44.58 51.30
N GLY R 59 17.49 -43.51 51.63
CA GLY R 59 16.94 -42.57 52.59
C GLY R 59 15.77 -41.82 51.99
N LYS R 60 14.88 -41.36 52.86
CA LYS R 60 13.85 -40.43 52.45
C LYS R 60 14.50 -39.14 52.00
N ARG R 61 14.09 -38.62 50.85
CA ARG R 61 14.68 -37.42 50.28
C ARG R 61 13.93 -36.20 50.82
N LYS R 62 14.61 -35.42 51.65
CA LYS R 62 13.95 -34.36 52.42
C LYS R 62 14.63 -33.02 52.15
N ARG R 63 13.96 -31.94 52.54
CA ARG R 63 14.36 -30.61 52.12
C ARG R 63 14.17 -29.63 53.26
N VAL R 64 15.17 -28.77 53.46
CA VAL R 64 15.05 -27.67 54.42
C VAL R 64 15.37 -26.38 53.70
N GLY R 65 14.52 -25.38 53.89
CA GLY R 65 14.82 -24.03 53.42
C GLY R 65 15.01 -23.92 51.92
N ARG R 66 14.25 -24.69 51.13
CA ARG R 66 14.40 -24.71 49.67
C ARG R 66 15.79 -25.16 49.25
N PHE R 67 16.35 -26.05 50.06
CA PHE R 67 17.53 -26.86 49.77
C PHE R 67 17.08 -28.31 49.87
N ILE R 68 17.05 -29.01 48.73
CA ILE R 68 16.51 -30.37 48.64
C ILE R 68 17.65 -31.37 48.60
N GLY R 69 17.59 -32.42 49.41
CA GLY R 69 18.71 -33.33 49.51
C GLY R 69 18.31 -34.76 49.83
N GLN R 70 19.11 -35.68 49.32
CA GLN R 70 19.08 -37.06 49.76
C GLN R 70 19.68 -37.21 51.15
N ARG R 71 19.08 -38.08 51.96
CA ARG R 71 19.58 -38.50 53.26
C ARG R 71 20.34 -39.81 53.13
N ASN R 72 21.13 -40.15 54.16
CA ASN R 72 21.99 -41.33 54.10
C ASN R 72 21.17 -42.60 53.89
N ASP R 73 21.69 -43.49 53.04
CA ASP R 73 21.06 -44.77 52.74
C ASP R 73 21.43 -45.81 53.80
N ARG R 74 20.42 -46.33 54.51
CA ARG R 74 20.63 -47.34 55.53
C ARG R 74 20.63 -48.74 54.92
N LYS R 75 20.87 -49.74 55.75
CA LYS R 75 20.70 -51.15 55.39
C LYS R 75 20.17 -51.86 56.63
N LYS R 76 18.86 -52.14 56.65
CA LYS R 76 18.28 -52.85 57.79
C LYS R 76 18.61 -54.33 57.72
N ALA R 77 18.77 -54.96 58.89
CA ALA R 77 19.15 -56.37 58.93
C ALA R 77 18.55 -57.03 60.16
N ILE R 78 17.77 -58.08 59.92
CA ILE R 78 16.97 -58.76 60.93
C ILE R 78 17.50 -60.17 61.11
N VAL R 79 17.55 -60.64 62.35
CA VAL R 79 18.19 -61.91 62.63
C VAL R 79 17.45 -62.62 63.76
N ARG R 80 17.26 -63.93 63.59
CA ARG R 80 16.67 -64.80 64.60
C ARG R 80 17.76 -65.69 65.18
N LEU R 81 17.70 -65.89 66.49
CA LEU R 81 18.67 -66.69 67.22
C LEU R 81 18.06 -68.04 67.61
N ALA R 82 18.92 -68.98 67.94
CA ALA R 82 18.47 -70.26 68.46
C ALA R 82 17.94 -70.05 69.89
N GLU R 83 17.66 -71.18 70.58
CA GLU R 83 16.88 -71.13 71.82
C GLU R 83 17.58 -70.34 72.93
N GLY R 84 18.90 -70.19 72.88
CA GLY R 84 19.58 -69.27 73.75
C GLY R 84 19.46 -67.88 73.18
N GLN R 85 18.25 -67.35 73.15
CA GLN R 85 18.01 -66.01 72.63
C GLN R 85 18.27 -65.00 73.73
N SER R 86 17.38 -64.00 73.84
CA SER R 86 17.25 -62.91 74.81
C SER R 86 18.32 -61.81 74.64
N ILE R 87 19.34 -61.98 73.77
CA ILE R 87 20.44 -61.03 73.58
C ILE R 87 20.95 -60.51 74.93
N GLU R 88 21.58 -59.33 74.97
CA GLU R 88 21.70 -58.63 76.24
C GLU R 88 20.36 -58.02 76.61
N ALA R 89 20.03 -58.05 77.91
CA ALA R 89 18.69 -57.68 78.34
C ALA R 89 18.41 -56.20 78.14
N LEU R 90 18.69 -55.69 76.93
CA LEU R 90 18.39 -54.31 76.57
C LEU R 90 17.09 -54.23 75.77
N ALA R 91 16.00 -54.64 76.42
CA ALA R 91 14.69 -54.61 75.77
C ALA R 91 14.04 -53.25 75.94
N GLY R 92 12.72 -53.24 76.11
CA GLY R 92 12.00 -51.98 76.27
C GLY R 92 12.09 -51.38 77.64
N GLN R 93 12.33 -52.20 78.67
CA GLN R 93 12.55 -51.74 80.05
C GLN R 93 11.53 -50.74 80.55
N PRO S 1 28.21 -10.52 54.47
CA PRO S 1 29.49 -11.17 54.72
C PRO S 1 30.63 -10.19 54.77
N SER S 2 30.90 -9.62 55.94
CA SER S 2 32.04 -8.72 56.13
C SER S 2 32.52 -8.90 57.57
N ALA S 3 33.76 -9.37 57.73
CA ALA S 3 34.13 -10.10 58.95
C ALA S 3 33.88 -9.33 60.25
N GLY S 4 33.96 -8.00 60.20
CA GLY S 4 33.75 -7.17 61.38
C GLY S 4 34.98 -6.95 62.23
N SER S 5 36.05 -7.70 62.01
CA SER S 5 37.35 -7.42 62.58
C SER S 5 38.22 -6.80 61.50
N HIS S 6 38.35 -5.48 61.54
CA HIS S 6 39.44 -4.78 60.87
C HIS S 6 40.63 -4.69 61.77
N HIS S 7 40.53 -5.38 62.90
CA HIS S 7 41.49 -5.35 63.98
C HIS S 7 42.12 -6.72 64.18
N ASN S 8 42.10 -7.54 63.13
CA ASN S 8 42.98 -8.72 62.97
C ASN S 8 42.77 -9.77 64.04
N ASP S 9 41.54 -9.89 64.55
CA ASP S 9 41.23 -10.83 65.62
C ASP S 9 42.20 -10.63 66.80
N LYS S 10 42.67 -9.40 66.97
CA LYS S 10 43.38 -9.01 68.18
C LYS S 10 42.40 -8.37 69.15
N LEU S 11 42.74 -8.44 70.43
CA LEU S 11 41.92 -7.83 71.47
C LEU S 11 42.83 -7.18 72.51
N HIS S 12 42.50 -5.96 72.90
CA HIS S 12 43.36 -5.27 73.85
C HIS S 12 43.03 -5.57 75.30
N PHE S 13 41.99 -6.35 75.56
CA PHE S 13 41.61 -6.70 76.91
C PHE S 13 41.53 -8.21 77.06
N LYS S 14 41.83 -8.67 78.27
CA LYS S 14 41.63 -10.02 78.75
C LYS S 14 40.21 -10.18 79.31
N LYS S 15 39.78 -11.42 79.48
CA LYS S 15 38.57 -11.68 80.25
C LYS S 15 38.78 -11.36 81.72
N GLY S 16 37.81 -10.70 82.33
CA GLY S 16 37.88 -10.31 83.73
C GLY S 16 38.60 -9.01 84.00
N ASP S 17 39.13 -8.34 82.98
CA ASP S 17 39.80 -7.06 83.18
C ASP S 17 38.80 -5.96 83.53
N THR S 18 39.18 -5.11 84.47
CA THR S 18 38.41 -3.91 84.73
C THR S 18 38.61 -2.92 83.59
N VAL S 19 37.56 -2.17 83.28
CA VAL S 19 37.41 -1.52 82.00
C VAL S 19 36.53 -0.29 82.18
N ILE S 20 36.78 0.74 81.40
CA ILE S 20 35.90 1.90 81.39
C ILE S 20 35.44 2.14 79.96
N VAL S 21 34.23 2.68 79.81
CA VAL S 21 33.61 2.92 78.51
C VAL S 21 34.05 4.29 77.99
N LEU S 22 34.45 4.34 76.71
CA LEU S 22 34.77 5.62 76.09
C LEU S 22 33.53 6.37 75.65
N SER S 23 32.59 5.69 74.98
CA SER S 23 31.59 6.34 74.15
C SER S 23 30.24 5.68 74.29
N GLY S 24 29.22 6.39 73.83
CA GLY S 24 27.85 6.03 74.13
C GLY S 24 27.42 6.63 75.44
N LYS S 25 26.19 6.30 75.85
CA LYS S 25 25.67 6.79 77.12
C LYS S 25 26.42 6.20 78.30
N HIS S 26 27.20 5.14 78.09
CA HIS S 26 27.98 4.52 79.16
C HIS S 26 29.36 5.12 79.36
N LYS S 27 29.69 6.21 78.66
CA LYS S 27 31.04 6.76 78.78
C LYS S 27 31.29 7.13 80.24
N GLY S 28 32.46 6.72 80.73
CA GLY S 28 32.79 6.96 82.12
C GLY S 28 32.19 6.00 83.11
N GLN S 29 31.65 4.87 82.67
CA GLN S 29 31.21 3.82 83.58
C GLN S 29 32.21 2.67 83.58
N THR S 30 32.12 1.83 84.62
CA THR S 30 33.19 0.95 85.04
C THR S 30 32.72 -0.50 85.00
N GLY S 31 33.61 -1.43 84.64
CA GLY S 31 33.24 -2.83 84.58
C GLY S 31 34.31 -3.86 84.22
N LYS S 32 34.27 -5.01 84.90
CA LYS S 32 35.12 -6.16 84.59
C LYS S 32 34.62 -6.91 83.37
N VAL S 33 35.57 -7.50 82.63
CA VAL S 33 35.27 -8.15 81.36
C VAL S 33 34.65 -9.52 81.65
N LEU S 34 33.32 -9.61 81.61
CA LEU S 34 32.65 -10.90 81.80
C LEU S 34 32.73 -11.78 80.56
N LEU S 35 32.78 -11.21 79.36
CA LEU S 35 32.87 -12.05 78.17
C LEU S 35 33.52 -11.28 77.04
N ALA S 36 34.49 -11.92 76.42
CA ALA S 36 35.35 -11.29 75.44
C ALA S 36 35.25 -12.11 74.16
N LEU S 37 34.64 -11.52 73.13
CA LEU S 37 34.39 -12.22 71.86
C LEU S 37 35.27 -11.58 70.82
N PRO S 38 36.41 -12.16 70.51
CA PRO S 38 37.44 -11.45 69.74
C PRO S 38 36.99 -11.12 68.34
N ARG S 39 36.73 -12.17 67.58
CA ARG S 39 36.55 -12.00 66.15
C ARG S 39 35.33 -11.13 65.84
N ASP S 40 34.28 -11.20 66.66
CA ASP S 40 33.15 -10.30 66.46
C ASP S 40 33.35 -8.90 67.04
N GLN S 41 34.41 -8.69 67.83
CA GLN S 41 34.65 -7.43 68.53
C GLN S 41 33.60 -7.13 69.61
N LYS S 42 33.02 -8.14 70.26
CA LYS S 42 32.00 -7.88 71.26
C LYS S 42 32.56 -7.99 72.66
N VAL S 43 32.15 -7.06 73.53
CA VAL S 43 32.70 -6.90 74.87
C VAL S 43 31.55 -6.81 75.86
N VAL S 44 31.59 -7.63 76.92
CA VAL S 44 30.57 -7.59 77.97
C VAL S 44 31.19 -7.10 79.28
N VAL S 45 30.60 -6.05 79.83
CA VAL S 45 30.91 -5.55 81.15
C VAL S 45 29.60 -5.40 81.91
N GLU S 46 29.64 -5.63 83.24
CA GLU S 46 28.43 -5.44 84.03
C GLU S 46 28.04 -3.97 84.03
N GLY S 47 26.74 -3.70 83.98
CA GLY S 47 26.24 -2.35 83.94
C GLY S 47 25.75 -1.84 82.60
N VAL S 48 25.93 -2.59 81.52
CA VAL S 48 25.32 -2.22 80.23
C VAL S 48 23.87 -2.71 80.18
N ASN S 49 23.02 -2.06 80.98
CA ASN S 49 21.69 -2.56 81.26
C ASN S 49 20.84 -2.54 79.99
N VAL S 50 20.09 -3.62 79.79
CA VAL S 50 19.23 -3.78 78.62
C VAL S 50 18.03 -4.62 79.02
N ILE S 51 16.83 -4.19 78.64
CA ILE S 51 15.58 -4.80 79.15
C ILE S 51 15.06 -5.75 78.07
N THR S 52 15.57 -6.98 78.05
CA THR S 52 15.05 -7.94 77.08
C THR S 52 13.68 -8.40 77.55
N LYS S 53 12.74 -8.49 76.62
CA LYS S 53 11.38 -8.89 76.97
C LYS S 53 11.10 -10.24 76.34
N ASN S 54 10.48 -11.14 77.13
CA ASN S 54 9.84 -12.37 76.63
C ASN S 54 9.09 -13.19 77.72
N VAL S 55 7.75 -13.16 77.75
CA VAL S 55 6.96 -14.30 78.25
C VAL S 55 6.13 -14.94 77.14
N LYS S 56 6.24 -14.46 75.90
CA LYS S 56 5.81 -15.27 74.77
C LYS S 56 6.46 -16.67 74.74
N PRO S 57 7.77 -16.83 74.99
CA PRO S 57 8.37 -18.17 74.84
C PRO S 57 7.73 -19.22 75.76
N SER S 58 7.61 -20.45 75.25
CA SER S 58 7.14 -21.56 76.06
C SER S 58 8.27 -22.28 76.81
N MET S 59 9.46 -22.37 76.19
CA MET S 59 10.47 -23.32 76.66
C MET S 59 10.90 -23.01 78.09
N THR S 60 11.21 -21.75 78.38
CA THR S 60 11.52 -21.44 79.76
C THR S 60 10.31 -21.68 80.64
N ASN S 61 9.10 -21.43 80.11
CA ASN S 61 7.86 -21.50 80.87
C ASN S 61 6.69 -21.17 79.96
N PRO S 62 5.45 -21.56 80.31
CA PRO S 62 4.30 -21.17 79.45
C PRO S 62 4.16 -19.67 79.29
N GLN S 63 4.48 -18.91 80.35
CA GLN S 63 4.74 -17.49 80.22
C GLN S 63 6.25 -17.30 80.08
N GLY S 64 6.88 -16.55 80.97
CA GLY S 64 8.28 -16.19 80.77
C GLY S 64 8.72 -14.98 81.54
N GLY S 65 9.31 -14.00 80.84
CA GLY S 65 9.64 -12.75 81.50
C GLY S 65 10.20 -11.59 80.68
N GLN S 66 9.84 -10.37 81.05
CA GLN S 66 10.79 -9.28 80.89
C GLN S 66 11.90 -9.45 81.93
N GLU S 67 13.12 -9.11 81.55
CA GLU S 67 14.27 -9.25 82.44
C GLU S 67 15.41 -8.35 82.00
N GLN S 68 16.24 -7.98 82.99
CA GLN S 68 17.40 -7.16 82.76
C GLN S 68 18.62 -8.03 82.46
N ARG S 69 19.36 -7.64 81.42
CA ARG S 69 20.45 -8.44 80.88
C ARG S 69 21.54 -7.51 80.36
N GLU S 70 22.69 -8.11 80.04
CA GLU S 70 23.78 -7.36 79.45
C GLU S 70 23.60 -7.19 77.95
N LEU S 71 24.14 -6.09 77.43
CA LEU S 71 24.22 -5.89 75.98
C LEU S 71 25.69 -5.68 75.64
N ALA S 72 26.31 -6.68 75.02
CA ALA S 72 27.73 -6.63 74.69
C ALA S 72 28.01 -5.53 73.68
N LEU S 73 29.23 -5.01 73.71
CA LEU S 73 29.55 -3.80 72.99
C LEU S 73 30.87 -3.96 72.24
N HIS S 74 31.13 -2.98 71.38
CA HIS S 74 32.36 -2.92 70.60
C HIS S 74 33.54 -2.57 71.50
N ALA S 75 34.73 -2.97 71.07
CA ALA S 75 35.95 -2.50 71.72
C ALA S 75 36.02 -0.98 71.67
N SER S 76 34.98 -0.34 72.18
CA SER S 76 34.85 1.12 72.29
C SER S 76 34.78 1.54 73.75
N LYS S 77 34.95 0.60 74.67
CA LYS S 77 35.39 0.86 76.01
C LYS S 77 36.89 1.10 76.01
N VAL S 78 37.37 1.89 76.99
CA VAL S 78 38.82 1.88 77.27
C VAL S 78 39.22 0.53 77.81
N ALA S 79 40.31 -0.01 77.27
CA ALA S 79 40.68 -1.37 77.60
C ALA S 79 41.09 -1.48 79.06
N LEU S 80 41.98 -0.62 79.51
CA LEU S 80 42.42 -0.76 80.89
C LEU S 80 42.72 0.64 81.44
N VAL S 81 42.69 0.73 82.77
CA VAL S 81 42.51 2.01 83.45
C VAL S 81 43.77 2.42 84.20
N ASP S 82 43.64 2.59 85.55
CA ASP S 82 44.61 2.83 86.64
C ASP S 82 44.06 3.92 87.56
N PRO S 83 44.83 4.41 88.56
CA PRO S 83 44.37 5.62 89.28
C PRO S 83 44.14 6.78 88.34
N GLU S 84 44.86 6.83 87.23
CA GLU S 84 44.42 7.56 86.04
C GLU S 84 43.53 6.66 85.16
N THR S 85 42.35 7.17 84.78
CA THR S 85 41.43 6.40 83.98
C THR S 85 41.75 6.55 82.51
N GLY S 86 41.07 5.73 81.68
CA GLY S 86 41.21 5.82 80.23
C GLY S 86 42.59 5.42 79.75
N LYS S 87 43.13 6.22 78.84
CA LYS S 87 44.54 6.20 78.46
C LYS S 87 44.98 4.96 77.70
N ALA S 88 46.14 5.05 77.01
CA ALA S 88 46.64 4.01 76.11
C ALA S 88 47.34 2.89 76.88
N THR S 89 48.20 2.11 76.20
CA THR S 89 48.89 1.01 76.89
C THR S 89 50.20 0.65 76.20
N ARG S 90 51.32 0.91 76.91
CA ARG S 90 52.63 0.33 76.60
C ARG S 90 52.68 -1.14 77.03
N VAL S 91 53.49 -1.92 76.33
CA VAL S 91 53.64 -3.34 76.64
C VAL S 91 55.12 -3.65 76.70
N ARG S 92 55.47 -4.94 76.86
CA ARG S 92 56.80 -5.56 76.76
C ARG S 92 57.64 -5.37 78.02
N LYS S 93 57.12 -4.77 79.07
CA LYS S 93 57.82 -4.84 80.35
C LYS S 93 57.72 -6.27 80.88
N GLN S 94 58.67 -6.62 81.74
CA GLN S 94 58.87 -7.99 82.18
C GLN S 94 58.18 -8.26 83.51
N ILE S 95 57.65 -9.47 83.68
CA ILE S 95 57.05 -9.94 84.92
C ILE S 95 58.21 -10.43 85.80
N VAL S 96 57.89 -11.07 86.94
CA VAL S 96 58.97 -11.53 87.84
C VAL S 96 59.87 -12.54 87.13
N ASP S 97 59.31 -13.34 86.20
CA ASP S 97 60.08 -14.18 85.30
C ASP S 97 60.44 -13.47 83.99
N GLY S 98 59.67 -12.46 83.61
CA GLY S 98 59.84 -11.78 82.34
C GLY S 98 59.14 -12.43 81.18
N LYS S 99 58.54 -13.61 81.40
CA LYS S 99 57.83 -14.33 80.34
C LYS S 99 56.46 -13.73 80.05
N LYS S 100 55.98 -12.82 80.88
CA LYS S 100 54.70 -12.14 80.67
C LYS S 100 54.95 -10.71 80.18
N VAL S 101 54.65 -10.47 78.90
CA VAL S 101 54.50 -9.10 78.43
C VAL S 101 53.38 -8.43 79.23
N ARG S 102 53.64 -7.21 79.67
CA ARG S 102 52.67 -6.58 80.57
C ARG S 102 52.15 -5.25 80.05
N VAL S 103 51.69 -4.39 80.95
CA VAL S 103 50.96 -3.19 80.56
C VAL S 103 51.46 -2.02 81.39
N ALA S 104 51.38 -0.82 80.81
CA ALA S 104 51.66 0.41 81.53
C ALA S 104 51.09 1.58 80.75
N VAL S 105 50.69 2.63 81.48
CA VAL S 105 50.39 3.91 80.88
C VAL S 105 51.59 4.82 81.11
N ALA S 106 51.47 5.75 82.06
CA ALA S 106 52.64 6.48 82.53
C ALA S 106 53.64 5.51 83.14
N SER S 107 53.17 4.65 84.03
CA SER S 107 53.90 3.49 84.51
C SER S 107 52.95 2.67 85.38
N GLY S 108 53.27 1.39 85.52
CA GLY S 108 52.44 0.48 86.29
C GLY S 108 52.35 -0.89 85.68
N LYS S 109 51.18 -1.53 85.80
CA LYS S 109 50.96 -2.84 85.22
C LYS S 109 49.46 -3.15 85.26
N THR S 110 49.03 -4.02 84.34
CA THR S 110 47.65 -4.51 84.27
C THR S 110 46.64 -3.39 84.06
N MET T 1 -19.87 62.53 -52.03
N GLU T 2 -18.62 63.05 -45.90
CA GLU T 2 -17.91 61.90 -46.44
C GLU T 2 -16.83 61.36 -45.50
N LEU T 3 -15.73 60.90 -46.08
CA LEU T 3 -14.60 60.38 -45.33
C LEU T 3 -13.96 61.48 -44.48
N THR T 4 -13.47 61.12 -43.30
CA THR T 4 -12.68 62.04 -42.50
C THR T 4 -11.23 61.53 -42.40
N ALA T 5 -10.31 62.44 -42.08
CA ALA T 5 -8.94 62.02 -41.86
C ALA T 5 -8.86 61.15 -40.61
N LYS T 6 -8.13 60.03 -40.71
CA LYS T 6 -7.65 59.29 -39.53
C LYS T 6 -6.23 58.81 -39.78
N PRO T 7 -5.26 59.72 -39.84
CA PRO T 7 -3.86 59.31 -40.04
C PRO T 7 -3.30 58.58 -38.82
N ARG T 8 -2.22 57.82 -39.06
CA ARG T 8 -1.57 56.96 -38.07
C ARG T 8 -2.49 55.81 -37.72
N THR T 9 -2.75 55.55 -36.44
CA THR T 9 -3.56 54.39 -36.04
C THR T 9 -4.66 54.75 -35.03
N PRO T 10 -5.62 55.59 -35.42
CA PRO T 10 -6.77 55.85 -34.54
C PRO T 10 -7.72 54.66 -34.43
N LYS T 11 -8.47 54.64 -33.34
CA LYS T 11 -9.51 53.66 -33.12
C LYS T 11 -10.73 53.97 -33.99
N GLN T 12 -11.48 52.92 -34.32
CA GLN T 12 -12.68 53.00 -35.16
C GLN T 12 -13.94 52.87 -34.32
N LYS T 13 -15.02 53.40 -34.88
CA LYS T 13 -16.34 53.22 -34.29
C LYS T 13 -16.83 51.79 -34.54
N LEU T 14 -17.70 51.31 -33.64
CA LEU T 14 -18.38 50.04 -33.90
C LEU T 14 -19.24 50.15 -35.16
N ASP T 15 -19.73 51.36 -35.46
CA ASP T 15 -20.04 51.68 -36.85
C ASP T 15 -18.73 51.60 -37.63
N GLU T 16 -18.65 50.64 -38.56
CA GLU T 16 -17.36 50.11 -39.00
C GLU T 16 -16.45 51.19 -39.55
N SER T 17 -17.02 52.22 -40.18
CA SER T 17 -16.25 53.33 -40.74
C SER T 17 -15.21 52.85 -41.75
N MET T 18 -15.48 51.68 -42.36
CA MET T 18 -14.61 50.94 -43.28
C MET T 18 -13.24 51.56 -43.43
N ILE T 19 -12.38 51.35 -42.43
CA ILE T 19 -11.20 52.19 -42.26
C ILE T 19 -10.10 51.84 -43.27
N ALA T 20 -8.85 52.10 -42.88
CA ALA T 20 -7.68 51.47 -43.49
C ALA T 20 -7.69 51.64 -45.01
N ALA T 21 -8.06 52.83 -45.45
CA ALA T 21 -8.20 53.15 -46.87
C ALA T 21 -7.14 54.17 -47.26
N VAL T 22 -6.32 53.82 -48.25
CA VAL T 22 -5.36 54.74 -48.84
C VAL T 22 -5.69 54.86 -50.32
N ALA T 23 -5.70 56.09 -50.82
CA ALA T 23 -5.67 56.38 -52.25
C ALA T 23 -4.29 56.91 -52.61
N TYR T 24 -3.72 56.44 -53.72
CA TYR T 24 -2.39 56.89 -54.04
C TYR T 24 -2.10 56.76 -55.53
N ASN T 25 -1.21 57.66 -56.00
CA ASN T 25 -0.48 57.57 -57.26
C ASN T 25 0.90 58.16 -57.01
N LYS T 26 1.47 58.83 -58.01
CA LYS T 26 2.71 59.56 -57.76
C LYS T 26 2.52 60.67 -56.75
N GLU T 27 1.31 61.27 -56.69
CA GLU T 27 1.17 62.56 -56.03
C GLU T 27 1.11 62.42 -54.50
N ASN T 28 -0.06 62.12 -53.93
CA ASN T 28 -0.18 62.12 -52.48
C ASN T 28 -0.90 60.88 -51.98
N ASN T 29 -0.58 60.51 -50.74
CA ASN T 29 -1.27 59.49 -49.96
C ASN T 29 -2.31 60.14 -49.06
N VAL T 30 -3.40 59.43 -48.79
CA VAL T 30 -4.53 60.02 -48.08
C VAL T 30 -4.95 59.16 -46.89
N SER T 31 -5.87 59.70 -46.11
CA SER T 31 -6.31 59.17 -44.82
C SER T 31 -7.43 58.14 -44.98
N PHE T 32 -7.80 57.54 -43.84
CA PHE T 32 -8.56 56.30 -43.83
C PHE T 32 -10.05 56.49 -43.72
N ALA T 33 -10.51 57.27 -42.74
CA ALA T 33 -11.80 57.01 -42.13
C ALA T 33 -12.94 57.08 -43.13
N LEU T 34 -13.83 56.09 -43.07
CA LEU T 34 -14.99 55.97 -43.96
C LEU T 34 -16.27 55.94 -43.11
N ASP T 35 -17.38 55.62 -43.76
CA ASP T 35 -18.69 55.71 -43.14
C ASP T 35 -19.41 54.38 -43.25
N ARG T 36 -18.66 53.29 -43.05
CA ARG T 36 -19.16 51.96 -42.69
C ARG T 36 -20.11 51.45 -43.78
N LYS T 37 -21.38 51.16 -43.45
CA LYS T 37 -22.33 50.66 -44.46
C LYS T 37 -22.50 51.60 -45.64
N ALA T 38 -22.39 52.90 -45.42
CA ALA T 38 -22.55 53.84 -46.51
C ALA T 38 -21.49 53.58 -47.57
N PHE T 39 -20.32 53.09 -47.17
CA PHE T 39 -19.33 52.66 -48.16
C PHE T 39 -19.86 51.49 -48.97
N ASP T 40 -20.33 50.45 -48.27
CA ASP T 40 -20.76 49.24 -48.97
C ASP T 40 -21.90 49.54 -49.92
N ARG T 41 -22.80 50.43 -49.51
CA ARG T 41 -23.96 50.76 -50.35
C ARG T 41 -23.53 51.34 -51.68
N ALA T 42 -22.39 52.04 -51.71
CA ALA T 42 -21.88 52.50 -52.99
C ALA T 42 -21.03 51.45 -53.67
N PHE T 43 -20.23 50.70 -52.91
CA PHE T 43 -19.22 49.87 -53.55
C PHE T 43 -19.85 48.81 -54.43
N ARG T 44 -20.91 48.17 -53.93
CA ARG T 44 -21.58 47.15 -54.71
C ARG T 44 -22.14 47.72 -56.00
N GLN T 45 -22.58 48.99 -55.98
CA GLN T 45 -23.05 49.60 -57.22
C GLN T 45 -21.91 49.83 -58.19
N GLN T 46 -20.75 50.26 -57.68
CA GLN T 46 -19.62 50.63 -58.54
C GLN T 46 -18.68 49.45 -58.80
N SER T 47 -18.29 48.72 -57.75
CA SER T 47 -17.72 47.37 -57.87
C SER T 47 -16.49 47.30 -58.79
N THR T 48 -15.54 48.22 -58.55
CA THR T 48 -14.23 48.30 -59.21
C THR T 48 -14.28 48.92 -60.61
N THR T 49 -15.44 48.89 -61.26
CA THR T 49 -15.57 49.35 -62.64
C THR T 49 -16.04 50.80 -62.75
N GLY T 50 -15.95 51.58 -61.67
CA GLY T 50 -16.24 53.00 -61.75
C GLY T 50 -15.55 53.75 -60.65
N LEU T 51 -15.53 55.08 -60.78
CA LEU T 51 -14.93 55.97 -59.79
C LEU T 51 -16.00 56.79 -59.09
N PHE T 52 -15.65 57.29 -57.90
CA PHE T 52 -16.53 58.21 -57.18
C PHE T 52 -15.67 59.12 -56.34
N ASP T 53 -16.08 60.39 -56.24
CA ASP T 53 -15.32 61.38 -55.51
C ASP T 53 -15.54 61.27 -54.00
N ILE T 54 -14.55 61.71 -53.25
CA ILE T 54 -14.63 61.80 -51.80
C ILE T 54 -14.28 63.22 -51.40
N THR T 55 -14.77 63.65 -50.22
CA THR T 55 -14.50 65.01 -49.76
C THR T 55 -14.13 64.99 -48.27
N VAL T 56 -12.85 64.73 -48.01
CA VAL T 56 -12.27 65.01 -46.70
C VAL T 56 -12.18 66.52 -46.52
N GLU T 57 -12.23 66.97 -45.28
CA GLU T 57 -12.03 68.39 -45.01
C GLU T 57 -10.62 68.78 -45.43
N GLY T 58 -10.52 69.88 -46.18
CA GLY T 58 -9.30 70.18 -46.90
C GLY T 58 -9.45 69.95 -48.39
N GLY T 59 -9.31 68.71 -48.84
CA GLY T 59 -9.50 68.39 -50.25
C GLY T 59 -10.95 68.09 -50.60
N GLU T 60 -11.61 69.01 -51.32
CA GLU T 60 -13.03 68.86 -51.55
C GLU T 60 -13.38 67.80 -52.59
N THR T 61 -12.41 67.36 -53.40
CA THR T 61 -12.68 66.33 -54.39
C THR T 61 -11.43 65.51 -54.68
N PHE T 62 -11.64 64.24 -55.03
CA PHE T 62 -10.60 63.28 -55.38
C PHE T 62 -11.25 62.06 -56.03
N PRO T 63 -10.96 61.78 -57.31
CA PRO T 63 -11.55 60.59 -57.95
C PRO T 63 -10.67 59.35 -57.84
N ALA T 64 -11.26 58.21 -57.49
CA ALA T 64 -10.53 56.95 -57.45
C ALA T 64 -11.51 55.83 -57.75
N LEU T 65 -10.97 54.69 -58.22
CA LEU T 65 -11.77 53.63 -58.82
C LEU T 65 -11.70 52.30 -58.08
N VAL T 66 -11.25 52.30 -56.81
CA VAL T 66 -11.08 51.09 -55.98
C VAL T 66 -10.10 50.13 -56.64
N LYS T 67 -8.88 50.06 -56.09
CA LYS T 67 -7.89 49.11 -56.59
C LYS T 67 -8.09 47.73 -56.00
N ALA T 68 -8.33 47.63 -54.68
CA ALA T 68 -8.47 46.35 -54.01
C ALA T 68 -9.04 46.57 -52.62
N VAL T 69 -9.63 45.50 -52.07
CA VAL T 69 -10.28 45.50 -50.77
C VAL T 69 -9.61 44.43 -49.91
N GLN T 70 -9.63 44.65 -48.59
CA GLN T 70 -9.09 43.74 -47.59
C GLN T 70 -10.22 43.43 -46.59
N MET T 71 -11.02 42.41 -46.89
CA MET T 71 -12.11 42.01 -46.03
C MET T 71 -11.64 41.08 -44.91
N ASP T 72 -12.42 41.03 -43.84
CA ASP T 72 -12.19 40.05 -42.79
C ASP T 72 -12.37 38.66 -43.37
N LYS T 73 -11.64 37.70 -42.79
CA LYS T 73 -11.87 36.29 -43.12
C LYS T 73 -12.87 35.61 -42.18
N ARG T 74 -12.81 35.96 -40.91
CA ARG T 74 -13.58 35.26 -39.89
C ARG T 74 -15.04 35.68 -39.92
N LYS T 75 -15.30 36.96 -40.20
CA LYS T 75 -16.64 37.46 -40.40
C LYS T 75 -16.64 38.22 -41.72
N ARG T 76 -17.24 37.60 -42.73
CA ARG T 76 -17.22 38.13 -44.09
C ARG T 76 -17.69 39.59 -44.11
N ALA T 77 -16.80 40.50 -43.71
CA ALA T 77 -17.01 41.94 -43.78
C ALA T 77 -15.72 42.63 -44.25
N PRO T 78 -15.84 43.81 -44.86
CA PRO T 78 -14.64 44.55 -45.30
C PRO T 78 -13.87 45.16 -44.14
N ILE T 79 -12.62 45.56 -44.43
CA ILE T 79 -11.72 46.17 -43.44
C ILE T 79 -10.97 47.35 -44.09
N HIS T 80 -10.02 47.02 -44.98
CA HIS T 80 -9.16 47.95 -45.69
C HIS T 80 -9.49 47.95 -47.18
N VAL T 81 -9.41 49.13 -47.81
CA VAL T 81 -9.68 49.24 -49.24
C VAL T 81 -8.58 50.09 -49.86
N ASP T 82 -8.06 49.66 -51.01
CA ASP T 82 -7.04 50.43 -51.73
C ASP T 82 -7.67 51.21 -52.89
N PHE T 83 -7.02 52.31 -53.26
CA PHE T 83 -7.56 53.19 -54.29
C PHE T 83 -6.42 53.65 -55.19
N TYR T 84 -6.78 54.06 -56.42
CA TYR T 84 -5.82 54.65 -57.35
C TYR T 84 -6.44 55.85 -58.04
N MET T 85 -5.70 56.96 -58.08
CA MET T 85 -6.18 58.18 -58.72
C MET T 85 -6.13 58.05 -60.24
N VAL T 86 -6.92 58.88 -60.92
CA VAL T 86 -7.09 58.77 -62.37
C VAL T 86 -6.42 59.97 -63.05
N THR T 87 -5.30 59.74 -63.72
CA THR T 87 -4.58 60.81 -64.42
C THR T 87 -5.14 61.09 -65.81
N TYR T 88 -6.19 60.37 -66.21
CA TYR T 88 -6.90 60.55 -67.48
C TYR T 88 -6.06 60.19 -68.69
N GLY T 89 -6.69 60.08 -69.86
CA GLY T 89 -5.96 59.83 -71.09
C GLY T 89 -5.37 58.43 -71.19
N GLU T 90 -6.25 57.43 -71.37
CA GLU T 90 -5.94 56.00 -71.32
C GLU T 90 -4.82 55.70 -70.35
N PRO T 91 -5.10 55.70 -69.04
CA PRO T 91 -4.11 55.18 -68.09
C PRO T 91 -4.64 54.02 -67.28
N VAL T 92 -5.90 53.63 -67.54
CA VAL T 92 -6.66 52.80 -66.62
C VAL T 92 -6.50 51.33 -67.00
N GLU T 93 -6.10 50.51 -66.03
CA GLU T 93 -5.96 49.06 -66.18
C GLU T 93 -6.96 48.40 -65.23
N VAL T 94 -8.17 48.13 -65.73
CA VAL T 94 -9.31 47.79 -64.89
C VAL T 94 -9.86 46.42 -65.29
N SER T 95 -10.44 45.72 -64.31
CA SER T 95 -11.02 44.39 -64.51
C SER T 95 -12.52 44.50 -64.73
N VAL T 96 -12.94 44.38 -65.98
CA VAL T 96 -14.36 44.45 -66.36
C VAL T 96 -15.05 43.15 -66.01
N PRO T 97 -16.22 43.21 -65.39
CA PRO T 97 -17.04 42.00 -65.21
C PRO T 97 -17.52 41.44 -66.56
N VAL T 98 -17.64 40.11 -66.61
CA VAL T 98 -18.21 39.44 -67.77
C VAL T 98 -19.69 39.22 -67.52
N HIS T 99 -20.48 39.19 -68.60
CA HIS T 99 -21.90 38.86 -68.54
C HIS T 99 -22.33 38.17 -69.84
N THR T 100 -23.40 37.37 -69.74
CA THR T 100 -23.83 36.51 -70.84
C THR T 100 -25.30 36.75 -71.16
N THR T 101 -25.63 36.83 -72.46
CA THR T 101 -26.97 37.20 -72.93
C THR T 101 -27.74 36.00 -73.46
N GLY T 102 -29.01 35.93 -73.08
CA GLY T 102 -30.00 35.14 -73.80
C GLY T 102 -29.84 33.65 -73.65
N ARG T 103 -30.65 32.92 -74.43
CA ARG T 103 -30.48 31.49 -74.54
C ARG T 103 -29.38 31.17 -75.54
N SER T 104 -28.55 30.19 -75.19
CA SER T 104 -27.53 29.66 -76.09
C SER T 104 -28.06 28.42 -76.78
N GLN T 105 -27.47 28.09 -77.94
CA GLN T 105 -27.85 26.85 -78.59
C GLN T 105 -27.54 25.64 -77.70
N GLY T 106 -26.47 25.73 -76.90
CA GLY T 106 -26.23 24.71 -75.89
C GLY T 106 -27.06 24.87 -74.63
N GLU T 107 -27.65 26.04 -74.42
CA GLU T 107 -28.62 26.16 -73.34
C GLU T 107 -29.99 25.65 -73.74
N VAL T 108 -30.20 25.44 -75.04
CA VAL T 108 -31.42 24.82 -75.53
C VAL T 108 -31.38 23.34 -75.14
N GLN T 109 -30.56 22.57 -75.85
CA GLN T 109 -30.56 21.12 -75.75
C GLN T 109 -29.41 20.56 -74.93
N GLY T 110 -28.41 21.37 -74.61
CA GLY T 110 -27.24 20.93 -73.89
C GLY T 110 -27.37 21.11 -72.39
N GLY T 111 -26.25 21.42 -71.76
CA GLY T 111 -26.23 21.58 -70.32
C GLY T 111 -25.68 22.89 -69.80
N LEU T 112 -24.51 22.82 -69.19
CA LEU T 112 -24.00 23.90 -68.36
C LEU T 112 -23.46 25.04 -69.22
N VAL T 113 -23.49 26.25 -68.65
CA VAL T 113 -22.99 27.45 -69.34
C VAL T 113 -22.07 28.16 -68.34
N ASP T 114 -20.79 27.78 -68.31
CA ASP T 114 -19.87 28.21 -67.26
C ASP T 114 -19.06 29.41 -67.74
N ILE T 115 -18.97 30.42 -66.89
CA ILE T 115 -18.05 31.53 -67.12
C ILE T 115 -16.76 31.17 -66.38
N VAL T 116 -15.74 30.75 -67.15
CA VAL T 116 -14.44 30.39 -66.59
C VAL T 116 -13.68 31.60 -66.08
N VAL T 117 -13.99 32.80 -66.58
CA VAL T 117 -13.38 34.02 -66.07
C VAL T 117 -14.55 34.97 -65.80
N HIS T 118 -15.00 35.04 -64.55
CA HIS T 118 -16.13 35.90 -64.23
C HIS T 118 -15.81 37.38 -64.45
N ASN T 119 -14.52 37.75 -64.35
CA ASN T 119 -14.02 39.09 -64.63
C ASN T 119 -12.70 38.97 -65.39
N LEU T 120 -12.36 40.01 -66.14
CA LEU T 120 -11.14 39.97 -66.95
C LEU T 120 -10.58 41.38 -67.06
N GLN T 121 -9.24 41.49 -67.02
CA GLN T 121 -8.58 42.78 -67.01
C GLN T 121 -8.30 43.30 -68.43
N ILE T 122 -8.44 44.62 -68.60
CA ILE T 122 -8.18 45.28 -69.87
C ILE T 122 -7.78 46.72 -69.57
N VAL T 123 -7.03 47.34 -70.47
CA VAL T 123 -6.80 48.78 -70.43
C VAL T 123 -7.99 49.50 -71.07
N ALA T 124 -8.29 50.69 -70.58
CA ALA T 124 -9.39 51.49 -71.12
C ALA T 124 -8.85 52.73 -71.81
N PRO T 125 -9.08 52.91 -73.11
CA PRO T 125 -8.69 54.19 -73.75
C PRO T 125 -9.32 55.40 -73.09
N GLY T 126 -10.55 55.29 -72.61
CA GLY T 126 -11.17 56.35 -71.85
C GLY T 126 -10.92 56.16 -70.38
N PRO T 127 -10.47 57.21 -69.70
CA PRO T 127 -10.20 57.11 -68.27
C PRO T 127 -11.45 57.15 -67.41
N ARG T 128 -12.29 58.16 -67.66
CA ARG T 128 -13.53 58.31 -66.91
C ARG T 128 -14.68 57.48 -67.47
N ARG T 129 -14.50 56.82 -68.61
CA ARG T 129 -15.51 55.96 -69.22
C ARG T 129 -14.91 54.57 -69.39
N ILE T 130 -15.36 53.64 -68.56
CA ILE T 130 -14.91 52.26 -68.58
C ILE T 130 -16.16 51.38 -68.59
N PRO T 131 -16.15 50.21 -69.25
CA PRO T 131 -17.39 49.43 -69.31
C PRO T 131 -17.78 49.02 -67.91
N GLN T 132 -19.08 49.02 -67.65
CA GLN T 132 -19.54 48.50 -66.38
C GLN T 132 -19.80 47.00 -66.43
N GLU T 133 -19.72 46.40 -67.61
CA GLU T 133 -19.98 44.99 -67.84
C GLU T 133 -19.48 44.62 -69.23
N LEU T 134 -19.77 43.39 -69.65
CA LEU T 134 -19.34 42.89 -70.94
C LEU T 134 -20.26 41.76 -71.41
N VAL T 135 -21.46 42.10 -71.89
CA VAL T 135 -22.41 41.09 -72.32
C VAL T 135 -21.85 40.31 -73.50
N VAL T 136 -21.95 38.97 -73.44
CA VAL T 136 -21.33 38.09 -74.41
C VAL T 136 -22.41 37.33 -75.15
N ASP T 137 -22.32 37.30 -76.48
CA ASP T 137 -23.33 36.65 -77.34
C ASP T 137 -23.03 35.15 -77.44
N VAL T 138 -23.51 34.41 -76.43
CA VAL T 138 -23.29 32.97 -76.37
C VAL T 138 -24.32 32.18 -77.17
N THR T 139 -25.26 32.85 -77.82
CA THR T 139 -26.38 32.15 -78.44
C THR T 139 -25.91 31.14 -79.48
N LYS T 140 -24.83 31.44 -80.20
CA LYS T 140 -24.47 30.69 -81.39
C LYS T 140 -23.49 29.53 -81.18
N MET T 141 -23.02 29.28 -79.96
CA MET T 141 -22.08 28.18 -79.74
C MET T 141 -22.79 26.84 -79.60
N ASN T 142 -22.09 25.78 -80.04
CA ASN T 142 -22.52 24.39 -79.91
C ASN T 142 -21.95 23.77 -78.64
N ILE T 143 -22.55 22.64 -78.22
CA ILE T 143 -22.12 21.95 -76.99
C ILE T 143 -20.69 21.45 -77.12
N GLY T 144 -19.86 21.71 -76.10
CA GLY T 144 -18.44 21.43 -76.16
C GLY T 144 -17.56 22.49 -76.81
N ASP T 145 -18.12 23.65 -77.17
CA ASP T 145 -17.33 24.77 -77.67
C ASP T 145 -17.08 25.78 -76.55
N HIS T 146 -16.00 26.54 -76.68
CA HIS T 146 -15.64 27.55 -75.69
C HIS T 146 -15.36 28.86 -76.38
N ILE T 147 -16.09 29.90 -76.01
CA ILE T 147 -15.76 31.26 -76.44
C ILE T 147 -14.42 31.62 -75.78
N THR T 148 -13.41 31.83 -76.62
CA THR T 148 -12.13 32.34 -76.15
C THR T 148 -12.18 33.87 -76.02
N ALA T 149 -11.27 34.39 -75.20
CA ALA T 149 -11.19 35.83 -75.02
C ALA T 149 -10.95 36.57 -76.33
N GLY T 150 -10.37 35.91 -77.33
CA GLY T 150 -9.97 36.61 -78.54
C GLY T 150 -11.13 37.28 -79.27
N ASP T 151 -12.30 36.67 -79.24
CA ASP T 151 -13.50 37.21 -79.89
C ASP T 151 -14.48 37.80 -78.86
N ILE T 152 -13.96 38.53 -77.90
CA ILE T 152 -14.77 39.19 -76.88
C ILE T 152 -14.84 40.67 -77.22
N LYS T 153 -16.05 41.20 -77.40
CA LYS T 153 -16.21 42.57 -77.89
C LYS T 153 -15.59 43.57 -76.93
N LEU T 154 -14.83 44.52 -77.49
CA LEU T 154 -14.04 45.48 -76.73
C LEU T 154 -14.36 46.88 -77.24
N PRO T 155 -15.42 47.52 -76.73
CA PRO T 155 -15.90 48.76 -77.36
C PRO T 155 -14.87 49.88 -77.37
N GLU T 156 -14.86 50.63 -78.49
CA GLU T 156 -14.18 51.94 -78.63
C GLU T 156 -12.65 51.89 -78.52
N GLY T 157 -12.03 50.89 -79.13
CA GLY T 157 -10.56 50.84 -79.16
C GLY T 157 -9.88 50.26 -77.95
N CYS T 158 -10.60 49.55 -77.08
CA CYS T 158 -10.01 48.91 -75.90
C CYS T 158 -9.00 47.83 -76.29
N THR T 159 -7.89 47.76 -75.55
CA THR T 159 -6.97 46.64 -75.65
C THR T 159 -7.36 45.52 -74.68
N LEU T 160 -6.88 44.32 -74.98
CA LEU T 160 -7.15 43.12 -74.17
C LEU T 160 -5.89 42.74 -73.41
N ALA T 161 -5.98 42.75 -72.08
CA ALA T 161 -4.85 42.50 -71.19
C ALA T 161 -4.69 41.03 -70.82
N ALA T 162 -5.25 40.12 -71.62
CA ALA T 162 -5.12 38.69 -71.37
C ALA T 162 -4.88 37.95 -72.69
N ASP T 163 -4.60 36.66 -72.55
CA ASP T 163 -4.22 35.82 -73.67
C ASP T 163 -5.36 35.74 -74.68
N PRO T 164 -5.07 35.92 -75.98
CA PRO T 164 -6.15 35.75 -76.97
C PRO T 164 -6.77 34.37 -76.96
N GLU T 165 -6.00 33.33 -76.63
CA GLU T 165 -6.48 31.96 -76.72
C GLU T 165 -7.15 31.46 -75.45
N LEU T 166 -7.18 32.26 -74.38
CA LEU T 166 -7.80 31.82 -73.14
C LEU T 166 -9.31 31.66 -73.30
N THR T 167 -9.84 30.55 -72.78
CA THR T 167 -11.29 30.35 -72.71
C THR T 167 -11.91 31.27 -71.65
N VAL T 168 -13.08 31.81 -71.94
CA VAL T 168 -13.78 32.65 -70.96
C VAL T 168 -15.06 31.97 -70.53
N VAL T 169 -16.07 31.92 -71.39
CA VAL T 169 -17.21 31.07 -71.14
C VAL T 169 -17.04 29.80 -71.95
N SER T 170 -17.73 28.76 -71.51
CA SER T 170 -17.70 27.47 -72.19
C SER T 170 -18.95 26.69 -71.78
N VAL T 171 -19.66 26.15 -72.79
CA VAL T 171 -20.72 25.21 -72.53
C VAL T 171 -20.11 23.88 -72.09
N LEU T 172 -20.79 23.20 -71.18
CA LEU T 172 -20.25 21.97 -70.62
C LEU T 172 -21.30 20.87 -70.69
N PRO T 173 -20.87 19.62 -70.91
CA PRO T 173 -21.82 18.50 -70.93
C PRO T 173 -22.44 18.29 -69.56
N PRO T 174 -23.70 17.85 -69.51
CA PRO T 174 -24.31 17.46 -68.23
C PRO T 174 -23.64 16.26 -67.59
N ARG T 175 -23.69 16.20 -66.26
CA ARG T 175 -23.03 15.18 -65.44
C ARG T 175 -21.52 15.37 -65.40
N ASN U 1 13.20 2.36 -36.69
CA ASN U 1 14.02 3.57 -36.52
C ASN U 1 14.56 3.76 -35.10
N GLY U 2 14.23 4.89 -34.48
CA GLY U 2 14.68 5.15 -33.12
C GLY U 2 16.16 5.41 -33.03
N ARG U 3 16.82 5.58 -34.18
CA ARG U 3 18.23 5.95 -34.33
C ARG U 3 18.37 7.48 -34.36
N ASP U 4 19.58 7.93 -34.04
CA ASP U 4 19.97 9.32 -34.20
C ASP U 4 21.46 9.41 -33.86
N SER U 5 22.01 10.60 -34.09
CA SER U 5 23.44 10.84 -34.17
C SER U 5 23.80 12.04 -33.31
N ASN U 6 25.06 12.08 -32.89
CA ASN U 6 25.47 13.01 -31.87
C ASN U 6 25.25 14.44 -32.39
N PRO U 7 24.99 15.38 -31.50
CA PRO U 7 25.01 16.79 -31.91
C PRO U 7 26.40 17.22 -32.35
N LYS U 8 26.45 18.06 -33.36
CA LYS U 8 27.67 18.71 -33.78
C LYS U 8 27.39 20.19 -33.55
N TYR U 9 27.83 20.68 -32.42
CA TYR U 9 27.46 22.02 -32.01
C TYR U 9 28.12 23.02 -32.95
N LEU U 10 27.66 23.09 -34.20
CA LEU U 10 28.25 23.98 -35.17
C LEU U 10 27.75 25.41 -34.98
N GLY U 11 28.54 26.37 -35.43
CA GLY U 11 28.02 27.72 -35.52
C GLY U 11 29.07 28.76 -35.83
N VAL U 12 28.57 30.00 -35.86
CA VAL U 12 29.32 31.24 -35.77
C VAL U 12 29.90 31.35 -34.37
N LYS U 13 31.03 30.69 -34.12
CA LYS U 13 31.58 30.65 -32.76
C LYS U 13 31.95 32.03 -32.25
N LYS U 14 32.38 32.93 -33.13
CA LYS U 14 32.77 34.30 -32.80
C LYS U 14 31.95 35.25 -33.67
N PHE U 15 31.17 36.11 -33.02
CA PHE U 15 30.27 37.01 -33.73
C PHE U 15 30.92 38.37 -33.94
N GLY U 16 30.62 38.99 -35.08
CA GLY U 16 31.25 40.25 -35.48
C GLY U 16 31.15 41.28 -34.37
N GLY U 17 32.26 41.94 -34.04
CA GLY U 17 32.35 42.63 -32.77
C GLY U 17 33.02 41.85 -31.66
N GLU U 18 33.78 40.81 -31.99
CA GLU U 18 34.52 40.01 -31.01
C GLU U 18 35.99 39.99 -31.38
N VAL U 19 36.84 40.52 -30.51
CA VAL U 19 38.28 40.40 -30.72
C VAL U 19 38.66 38.93 -30.62
N VAL U 20 39.64 38.52 -31.42
CA VAL U 20 39.98 37.11 -31.54
C VAL U 20 41.49 36.94 -31.50
N LYS U 21 41.96 35.95 -30.74
CA LYS U 21 43.36 35.58 -30.84
C LYS U 21 43.59 34.81 -32.14
N ALA U 22 44.84 34.81 -32.58
CA ALA U 22 45.22 33.97 -33.71
C ALA U 22 44.88 32.52 -33.39
N GLY U 23 44.29 31.83 -34.37
CA GLY U 23 43.91 30.45 -34.19
C GLY U 23 42.59 30.23 -33.50
N ASN U 24 41.91 31.30 -33.08
CA ASN U 24 40.54 31.17 -32.59
C ASN U 24 39.66 30.64 -33.71
N ILE U 25 38.70 29.82 -33.35
CA ILE U 25 37.74 29.34 -34.33
C ILE U 25 36.50 30.21 -34.23
N LEU U 26 36.02 30.69 -35.38
CA LEU U 26 34.98 31.70 -35.46
C LEU U 26 33.71 31.19 -36.10
N VAL U 27 33.80 30.40 -37.16
CA VAL U 27 32.63 29.73 -37.68
C VAL U 27 32.93 28.25 -37.86
N ARG U 28 32.00 27.42 -37.39
CA ARG U 28 31.91 26.01 -37.69
C ARG U 28 30.85 25.84 -38.77
N GLN U 29 31.08 24.89 -39.67
CA GLN U 29 30.12 24.73 -40.75
C GLN U 29 30.34 23.40 -41.44
N ARG U 30 29.24 22.87 -41.98
CA ARG U 30 29.32 21.67 -42.79
C ARG U 30 30.14 21.92 -44.06
N GLY U 31 30.09 23.15 -44.58
CA GLY U 31 30.69 23.48 -45.87
C GLY U 31 31.20 24.90 -45.94
N THR U 32 30.82 25.63 -47.00
CA THR U 32 31.18 27.04 -47.00
C THR U 32 29.93 27.89 -46.81
N LYS U 33 29.20 27.65 -45.72
CA LYS U 33 28.18 28.59 -45.31
C LYS U 33 28.80 29.94 -45.01
N PHE U 34 30.10 29.94 -44.74
CA PHE U 34 30.90 31.14 -44.71
C PHE U 34 32.19 30.91 -45.49
N LYS U 35 32.68 31.95 -46.14
CA LYS U 35 33.71 31.80 -47.17
C LYS U 35 35.02 32.50 -46.84
N ALA U 36 35.22 32.96 -45.61
CA ALA U 36 36.51 33.41 -45.12
C ALA U 36 37.07 34.62 -45.87
N GLY U 37 37.06 35.78 -45.21
CA GLY U 37 37.61 36.98 -45.78
C GLY U 37 39.10 37.12 -45.49
N GLN U 38 39.58 38.37 -45.60
CA GLN U 38 40.99 38.65 -45.36
C GLN U 38 41.36 38.35 -43.91
N GLY U 39 42.54 37.72 -43.73
CA GLY U 39 43.09 37.41 -42.43
C GLY U 39 42.72 36.05 -41.88
N VAL U 40 41.69 35.42 -42.44
CA VAL U 40 41.14 34.15 -41.97
C VAL U 40 41.58 33.05 -42.91
N GLY U 41 41.71 31.83 -42.39
CA GLY U 41 42.03 30.68 -43.21
C GLY U 41 41.17 29.50 -42.82
N MET U 42 40.68 28.77 -43.83
CA MET U 42 39.68 27.72 -43.63
C MET U 42 40.29 26.33 -43.64
N GLY U 43 39.88 25.51 -42.67
CA GLY U 43 40.52 24.24 -42.40
C GLY U 43 40.04 23.12 -43.29
N ARG U 44 40.15 21.89 -42.77
CA ARG U 44 39.76 20.69 -43.50
C ARG U 44 38.24 20.48 -43.52
N ASP U 45 37.61 20.53 -42.36
CA ASP U 45 36.16 20.39 -42.28
C ASP U 45 35.44 21.69 -42.57
N HIS U 46 36.17 22.65 -43.13
CA HIS U 46 35.73 23.98 -43.52
C HIS U 46 35.38 24.88 -42.32
N THR U 47 35.86 24.59 -41.11
CA THR U 47 35.93 25.63 -40.10
C THR U 47 37.01 26.64 -40.47
N LEU U 48 36.73 27.91 -40.25
CA LEU U 48 37.66 28.96 -40.63
C LEU U 48 38.12 29.69 -39.38
N PHE U 49 39.42 29.72 -39.19
CA PHE U 49 40.06 30.29 -38.01
C PHE U 49 40.87 31.51 -38.40
N ALA U 50 40.87 32.52 -37.53
CA ALA U 50 41.65 33.71 -37.74
C ALA U 50 43.13 33.38 -37.69
N LEU U 51 43.91 34.06 -38.53
CA LEU U 51 45.37 34.02 -38.51
C LEU U 51 45.98 35.14 -37.70
N SER U 52 45.34 36.31 -37.68
CA SER U 52 45.89 37.52 -37.10
C SER U 52 45.00 38.06 -35.99
N ASP U 53 45.63 38.49 -34.91
CA ASP U 53 44.90 39.00 -33.75
C ASP U 53 44.22 40.34 -34.05
N GLY U 54 42.96 40.47 -33.65
CA GLY U 54 42.20 41.68 -33.91
C GLY U 54 40.70 41.45 -33.85
N LYS U 55 39.97 42.48 -34.30
CA LYS U 55 38.51 42.49 -34.34
C LYS U 55 37.99 41.61 -35.48
N VAL U 56 36.77 41.07 -35.31
CA VAL U 56 36.14 40.23 -36.33
C VAL U 56 35.00 41.00 -36.98
N VAL U 57 34.93 40.92 -38.31
CA VAL U 57 34.00 41.72 -39.10
C VAL U 57 33.41 40.83 -40.17
N PHE U 58 32.12 41.03 -40.46
CA PHE U 58 31.35 40.20 -41.38
C PHE U 58 31.12 40.99 -42.65
N ILE U 59 31.72 40.55 -43.74
CA ILE U 59 31.29 40.90 -45.09
C ILE U 59 30.17 39.92 -45.46
N ASN U 60 29.03 40.45 -45.89
CA ASN U 60 27.85 39.61 -45.98
C ASN U 60 26.78 40.15 -46.94
N LYS U 61 27.03 40.05 -48.25
CA LYS U 61 25.95 40.24 -49.21
C LYS U 61 25.03 39.03 -49.26
N GLY U 62 25.49 37.88 -48.76
CA GLY U 62 24.63 36.73 -48.54
C GLY U 62 24.42 35.86 -49.77
N LYS U 63 23.58 34.82 -49.59
CA LYS U 63 23.29 33.81 -50.60
C LYS U 63 24.56 33.05 -50.99
N GLY U 64 25.25 32.53 -49.98
CA GLY U 64 26.55 31.94 -50.21
C GLY U 64 27.65 32.94 -50.39
N ALA U 65 27.38 34.23 -50.16
CA ALA U 65 28.35 35.28 -50.38
C ALA U 65 28.68 36.00 -49.08
N ARG U 66 28.76 35.24 -47.99
CA ARG U 66 29.09 35.77 -46.68
C ARG U 66 30.54 35.41 -46.32
N PHE U 67 31.33 36.42 -45.92
CA PHE U 67 32.76 36.26 -45.67
C PHE U 67 33.12 36.85 -44.32
N ILE U 68 34.13 36.26 -43.68
CA ILE U 68 34.57 36.69 -42.37
C ILE U 68 35.98 37.22 -42.51
N SER U 69 36.13 38.53 -42.33
CA SER U 69 37.45 39.13 -42.24
C SER U 69 37.78 39.44 -40.78
N ILE U 70 39.07 39.68 -40.55
CA ILE U 70 39.57 40.19 -39.28
C ILE U 70 40.35 41.46 -39.55
N GLU U 71 40.10 42.49 -38.77
CA GLU U 71 40.78 43.78 -38.89
C GLU U 71 41.71 43.97 -37.71
N ALA U 72 42.95 44.38 -38.00
CA ALA U 72 43.91 44.65 -36.93
C ALA U 72 43.95 46.15 -36.58
N TYR V 1 49.84 -46.94 8.71
CA TYR V 1 50.87 -45.93 8.61
C TYR V 1 51.99 -46.46 7.70
N LEU V 2 52.23 -45.74 6.62
CA LEU V 2 53.10 -46.15 5.54
C LEU V 2 54.58 -45.98 5.86
N THR V 3 54.91 -45.71 7.12
CA THR V 3 56.29 -45.43 7.53
C THR V 3 57.27 -46.48 7.00
N GLY V 4 58.02 -46.11 5.96
CA GLY V 4 58.95 -47.03 5.31
C GLY V 4 60.23 -47.26 6.08
N LYS V 5 60.09 -47.76 7.31
CA LYS V 5 61.23 -48.08 8.19
C LYS V 5 62.17 -46.90 8.38
N LYS V 6 63.39 -46.98 7.83
CA LYS V 6 64.44 -46.04 8.21
C LYS V 6 64.10 -44.60 7.81
N ASN V 7 63.78 -44.40 6.53
CA ASN V 7 63.44 -43.07 6.02
C ASN V 7 61.97 -43.06 5.62
N LEU V 8 61.13 -43.17 6.64
CA LEU V 8 59.68 -43.18 6.48
C LEU V 8 59.16 -41.85 5.93
N VAL V 9 58.12 -41.94 5.11
CA VAL V 9 57.54 -40.73 4.52
C VAL V 9 56.19 -40.98 3.83
N VAL V 10 55.28 -40.00 3.91
CA VAL V 10 54.02 -39.95 3.17
C VAL V 10 53.73 -38.49 2.85
N ASN V 11 53.70 -38.13 1.57
CA ASN V 11 53.65 -36.72 1.22
C ASN V 11 52.34 -36.34 0.56
N SER V 12 52.04 -35.05 0.59
CA SER V 12 50.89 -34.45 -0.07
C SER V 12 51.31 -33.14 -0.71
N VAL V 13 50.76 -32.85 -1.89
CA VAL V 13 50.96 -31.58 -2.60
C VAL V 13 49.64 -31.17 -3.26
N ILE V 14 49.58 -29.89 -3.67
CA ILE V 14 48.54 -29.39 -4.56
C ILE V 14 49.09 -29.42 -5.99
N ARG V 15 48.20 -29.52 -6.97
CA ARG V 15 48.61 -29.78 -8.36
C ARG V 15 47.73 -28.97 -9.31
N ARG V 16 48.34 -28.55 -10.43
CA ARG V 16 47.78 -27.47 -11.24
C ARG V 16 47.51 -27.93 -12.66
N GLY V 17 46.23 -28.09 -12.99
CA GLY V 17 45.81 -28.23 -14.37
C GLY V 17 46.04 -26.94 -15.11
N LYS V 18 47.17 -26.87 -15.81
CA LYS V 18 47.56 -25.69 -16.56
C LYS V 18 46.93 -25.70 -17.95
N ALA V 19 46.50 -24.52 -18.40
CA ALA V 19 45.84 -24.38 -19.69
C ALA V 19 46.86 -24.46 -20.82
N ARG V 20 46.56 -23.84 -21.97
CA ARG V 20 47.22 -24.14 -23.24
C ARG V 20 48.62 -23.53 -23.24
N ALA V 21 49.53 -24.23 -22.56
CA ALA V 21 50.80 -23.66 -22.16
C ALA V 21 51.63 -23.25 -23.37
N ASP V 22 52.28 -22.09 -23.26
CA ASP V 22 53.30 -21.63 -24.19
C ASP V 22 54.41 -20.97 -23.38
N GLY V 23 54.02 -20.13 -22.43
CA GLY V 23 54.99 -19.52 -21.55
C GLY V 23 55.84 -18.53 -22.29
N GLY V 24 57.11 -18.88 -22.52
CA GLY V 24 58.03 -18.14 -23.38
C GLY V 24 57.92 -18.48 -24.85
N VAL V 25 57.00 -19.38 -25.18
CA VAL V 25 56.64 -19.65 -26.57
C VAL V 25 55.70 -18.57 -27.12
N GLY V 26 54.68 -18.18 -26.35
CA GLY V 26 53.74 -17.21 -26.85
C GLY V 26 52.80 -16.72 -25.78
N ARG V 27 51.82 -15.92 -26.22
CA ARG V 27 50.92 -15.23 -25.30
C ARG V 27 50.17 -16.18 -24.38
N LYS V 28 49.87 -17.40 -24.85
CA LYS V 28 49.10 -18.29 -24.00
C LYS V 28 50.04 -18.72 -22.88
N THR V 29 49.74 -18.26 -21.68
CA THR V 29 50.72 -18.31 -20.60
C THR V 29 50.11 -19.04 -19.42
N THR V 30 49.50 -20.20 -19.68
CA THR V 30 48.92 -21.08 -18.67
C THR V 30 47.88 -20.40 -17.77
N GLY V 31 46.60 -20.74 -17.99
CA GLY V 31 45.52 -20.16 -17.22
C GLY V 31 45.31 -20.77 -15.85
N ILE V 32 45.89 -21.95 -15.58
CA ILE V 32 45.73 -22.65 -14.31
C ILE V 32 44.25 -22.82 -14.01
N THR V 33 43.70 -23.97 -14.37
CA THR V 33 42.30 -24.23 -14.08
C THR V 33 42.09 -25.26 -12.98
N LYS V 34 43.14 -25.81 -12.39
CA LYS V 34 42.97 -26.87 -11.39
C LYS V 34 43.84 -26.63 -10.17
N ARG V 35 43.20 -26.62 -8.99
CA ARG V 35 43.89 -26.51 -7.71
C ARG V 35 43.22 -27.52 -6.79
N VAL V 36 43.84 -28.70 -6.66
CA VAL V 36 43.37 -29.78 -5.79
C VAL V 36 44.58 -30.46 -5.16
N GLN V 37 44.40 -31.00 -3.95
CA GLN V 37 45.50 -31.63 -3.23
C GLN V 37 45.55 -33.14 -3.50
N ARG V 38 46.78 -33.68 -3.49
CA ARG V 38 47.11 -35.06 -3.83
C ARG V 38 47.86 -35.74 -2.66
N ALA V 39 48.21 -37.01 -2.84
CA ALA V 39 48.97 -37.77 -1.87
C ALA V 39 49.66 -38.92 -2.60
N ASN V 40 50.57 -39.59 -1.90
CA ASN V 40 51.27 -40.74 -2.47
C ASN V 40 51.95 -41.52 -1.35
N LEU V 41 52.52 -42.68 -1.71
CA LEU V 41 53.22 -43.52 -0.73
C LEU V 41 54.22 -44.50 -1.36
N HIS V 42 54.22 -45.77 -0.90
CA HIS V 42 55.11 -46.82 -1.39
C HIS V 42 54.67 -48.20 -0.88
N LYS V 43 55.34 -49.25 -1.40
CA LYS V 43 55.02 -50.68 -1.26
C LYS V 43 55.87 -51.38 -0.17
N LYS V 44 55.95 -52.73 -0.25
CA LYS V 44 56.21 -53.62 0.88
C LYS V 44 57.40 -54.55 0.64
N ALA V 45 58.06 -54.92 1.73
CA ALA V 45 59.19 -55.88 1.70
C ALA V 45 59.24 -56.63 3.03
N ILE V 46 60.40 -57.25 3.31
CA ILE V 46 60.60 -58.09 4.50
C ILE V 46 62.10 -58.12 4.81
N ARG V 47 62.44 -58.09 6.11
CA ARG V 47 63.83 -57.89 6.52
C ARG V 47 64.08 -58.52 7.89
N GLU V 48 65.35 -58.47 8.30
CA GLU V 48 65.84 -59.11 9.51
C GLU V 48 66.78 -58.18 10.27
N ASN V 49 66.68 -58.21 11.60
CA ASN V 49 67.56 -57.44 12.47
C ASN V 49 67.36 -57.88 13.92
N GLY V 50 68.42 -58.34 14.58
CA GLY V 50 68.25 -58.98 15.88
C GLY V 50 67.61 -60.33 15.68
N GLN V 51 66.31 -60.35 15.41
CA GLN V 51 65.63 -61.52 14.89
C GLN V 51 64.64 -61.10 13.81
N VAL V 52 64.57 -61.93 12.75
CA VAL V 52 63.97 -61.52 11.50
C VAL V 52 62.50 -61.14 11.71
N LYS V 53 62.03 -60.20 10.89
CA LYS V 53 60.61 -59.86 10.83
C LYS V 53 60.22 -59.55 9.38
N THR V 54 59.29 -58.63 9.19
CA THR V 54 58.93 -58.17 7.85
C THR V 54 58.26 -56.81 7.99
N VAL V 55 58.58 -55.89 7.08
CA VAL V 55 58.12 -54.52 7.20
C VAL V 55 58.04 -53.88 5.82
N TRP V 56 57.15 -52.90 5.68
CA TRP V 56 57.17 -52.05 4.50
C TRP V 56 58.53 -51.41 4.39
N LEU V 57 59.06 -51.39 3.16
CA LEU V 57 60.42 -50.92 2.93
C LEU V 57 60.45 -50.17 1.61
N SER V 58 60.98 -48.95 1.65
CA SER V 58 61.04 -48.14 0.44
C SER V 58 61.88 -48.85 -0.61
N ALA V 59 61.47 -48.73 -1.88
CA ALA V 59 62.27 -49.30 -2.95
C ALA V 59 63.63 -48.64 -2.98
N ASN V 60 63.69 -47.33 -2.68
CA ASN V 60 64.97 -46.68 -2.47
C ASN V 60 65.69 -47.24 -1.25
N ALA V 61 64.93 -47.60 -0.20
CA ALA V 61 65.54 -48.31 0.92
C ALA V 61 65.96 -49.72 0.54
N LEU V 62 65.26 -50.37 -0.40
CA LEU V 62 65.75 -51.64 -0.93
C LEU V 62 67.07 -51.45 -1.68
N ARG V 63 67.19 -50.34 -2.40
CA ARG V 63 68.42 -50.06 -3.13
C ARG V 63 69.58 -49.81 -2.18
N THR V 64 69.32 -49.14 -1.06
CA THR V 64 70.36 -49.03 -0.02
C THR V 64 70.63 -50.38 0.63
N LEU V 65 69.60 -51.24 0.75
CA LEU V 65 69.76 -52.53 1.41
C LEU V 65 70.46 -53.57 0.56
N SER V 66 70.51 -53.39 -0.76
CA SER V 66 71.28 -54.30 -1.61
C SER V 66 72.78 -53.97 -1.60
N LYS V 67 73.15 -52.82 -1.03
CA LYS V 67 74.53 -52.39 -0.87
C LYS V 67 75.14 -52.79 0.48
N GLY V 68 74.35 -53.36 1.38
CA GLY V 68 74.79 -53.70 2.72
C GLY V 68 73.76 -53.30 3.77
N PRO V 69 73.73 -54.03 4.89
CA PRO V 69 72.79 -53.70 5.96
C PRO V 69 73.07 -52.31 6.53
N TYR V 70 72.00 -51.62 6.91
CA TYR V 70 72.08 -50.26 7.46
C TYR V 70 71.22 -50.23 8.73
N LYS V 71 71.88 -50.31 9.90
CA LYS V 71 71.27 -50.46 11.21
C LYS V 71 70.64 -51.84 11.35
N GLY V 72 69.84 -52.25 10.37
CA GLY V 72 69.29 -53.59 10.33
C GLY V 72 69.70 -54.31 9.06
N ILE V 73 69.81 -55.64 9.14
CA ILE V 73 70.23 -56.43 7.98
C ILE V 73 69.05 -56.61 7.02
N GLU V 74 69.37 -56.83 5.74
CA GLU V 74 68.37 -57.06 4.66
C GLU V 74 67.08 -57.70 5.14
N ASP W 1 50.11 -55.27 72.11
CA ASP W 1 49.01 -55.09 73.06
C ASP W 1 48.02 -54.02 72.57
N PHE W 2 48.45 -53.19 71.62
CA PHE W 2 47.71 -51.97 71.27
C PHE W 2 46.31 -52.28 70.77
N ALA W 3 46.16 -53.38 70.03
CA ALA W 3 44.87 -53.71 69.43
C ALA W 3 43.81 -53.98 70.49
N LYS W 4 44.23 -54.49 71.66
CA LYS W 4 43.29 -54.80 72.72
C LYS W 4 42.62 -53.55 73.24
N GLU W 5 43.40 -52.51 73.52
CA GLU W 5 42.81 -51.25 73.94
C GLU W 5 42.01 -50.60 72.83
N ILE W 6 42.46 -50.72 71.57
CA ILE W 6 41.67 -50.20 70.45
C ILE W 6 40.26 -50.81 70.48
N ASP W 7 40.20 -52.15 70.47
CA ASP W 7 38.90 -52.81 70.39
C ASP W 7 38.06 -52.58 71.64
N ALA W 8 38.70 -52.45 72.80
CA ALA W 8 37.94 -52.10 73.99
C ALA W 8 37.30 -50.73 73.85
N ARG W 9 38.01 -49.80 73.19
CA ARG W 9 37.40 -48.50 72.89
C ARG W 9 36.25 -48.67 71.91
N LYS W 10 36.43 -49.52 70.90
CA LYS W 10 35.42 -49.67 69.85
C LYS W 10 34.11 -50.21 70.40
N LYS W 11 34.20 -51.10 71.41
CA LYS W 11 32.98 -51.69 71.95
C LYS W 11 32.12 -50.64 72.63
N GLU W 12 32.69 -49.87 73.56
CA GLU W 12 31.90 -48.83 74.21
C GLU W 12 31.46 -47.76 73.23
N LEU W 13 32.26 -47.50 72.18
CA LEU W 13 31.85 -46.52 71.20
C LEU W 13 30.57 -46.96 70.51
N MET W 14 30.52 -48.23 70.11
CA MET W 14 29.30 -48.76 69.53
C MET W 14 28.16 -48.79 70.55
N GLU W 15 28.47 -49.02 71.83
CA GLU W 15 27.43 -48.97 72.85
C GLU W 15 26.82 -47.58 72.95
N LEU W 16 27.66 -46.56 72.82
CA LEU W 16 27.19 -45.18 72.82
C LEU W 16 26.34 -44.91 71.59
N ARG W 17 26.72 -45.46 70.45
CA ARG W 17 25.90 -45.30 69.25
C ARG W 17 24.53 -45.95 69.43
N PHE W 18 24.51 -47.10 70.10
CA PHE W 18 23.25 -47.82 70.30
C PHE W 18 22.32 -47.05 71.22
N GLN W 19 22.85 -46.50 72.31
CA GLN W 19 22.01 -45.64 73.13
C GLN W 19 21.58 -44.39 72.37
N ALA W 20 22.48 -43.86 71.52
CA ALA W 20 22.18 -42.61 70.84
C ALA W 20 21.04 -42.76 69.85
N ALA W 21 20.85 -43.95 69.28
CA ALA W 21 19.63 -44.22 68.53
C ALA W 21 18.40 -44.14 69.44
N ALA W 22 18.56 -44.49 70.71
CA ALA W 22 17.57 -44.32 71.76
C ALA W 22 17.66 -42.93 72.38
N GLY W 23 16.75 -42.66 73.32
CA GLY W 23 16.68 -41.34 73.95
C GLY W 23 17.77 -41.06 74.95
N GLN W 24 18.55 -42.08 75.33
CA GLN W 24 19.62 -41.92 76.31
C GLN W 24 20.91 -41.53 75.60
N LEU W 25 21.35 -40.30 75.80
CA LEU W 25 22.73 -39.91 75.49
C LEU W 25 23.15 -38.67 76.25
N ALA W 26 23.37 -38.78 77.57
CA ALA W 26 23.57 -37.60 78.41
C ALA W 26 24.93 -36.92 78.21
N GLN W 27 25.92 -37.65 77.70
CA GLN W 27 27.28 -37.14 77.59
C GLN W 27 27.81 -37.34 76.18
N PRO W 28 27.34 -36.55 75.21
CA PRO W 28 27.80 -36.71 73.83
C PRO W 28 29.30 -36.49 73.66
N HIS W 29 29.93 -35.71 74.53
CA HIS W 29 31.35 -35.47 74.36
C HIS W 29 32.13 -36.78 74.41
N ARG W 30 31.70 -37.72 75.25
CA ARG W 30 32.45 -38.95 75.39
C ARG W 30 32.54 -39.67 74.06
N VAL W 31 31.59 -39.40 73.17
CA VAL W 31 31.60 -39.89 71.80
C VAL W 31 32.91 -39.50 71.14
N ARG W 32 33.09 -38.21 70.84
CA ARG W 32 34.26 -37.84 70.05
C ARG W 32 35.55 -38.09 70.83
N GLN W 33 35.51 -37.95 72.16
CA GLN W 33 36.70 -38.22 72.95
C GLN W 33 37.11 -39.69 72.84
N LEU W 34 36.14 -40.58 72.65
CA LEU W 34 36.51 -41.98 72.47
C LEU W 34 37.20 -42.23 71.15
N ARG W 35 36.94 -41.40 70.15
CA ARG W 35 37.50 -41.65 68.82
C ARG W 35 38.94 -41.17 68.72
N ARG W 36 39.25 -40.01 69.29
CA ARG W 36 40.62 -39.50 69.24
C ARG W 36 41.57 -40.46 69.94
N GLU W 37 41.13 -41.07 71.05
CA GLU W 37 41.95 -42.08 71.71
C GLU W 37 42.22 -43.25 70.77
N VAL W 38 41.27 -43.55 69.89
CA VAL W 38 41.53 -44.53 68.85
C VAL W 38 42.60 -44.03 67.91
N ALA W 39 42.42 -42.81 67.39
CA ALA W 39 43.33 -42.30 66.37
C ALA W 39 44.74 -42.18 66.94
N GLN W 40 44.87 -41.53 68.09
CA GLN W 40 46.15 -41.45 68.77
C GLN W 40 46.76 -42.85 68.85
N LEU W 41 45.95 -43.83 69.27
CA LEU W 41 46.42 -45.21 69.34
C LEU W 41 47.09 -45.60 68.03
N ASN W 42 46.32 -45.57 66.96
CA ASN W 42 46.85 -46.00 65.67
C ASN W 42 48.07 -45.17 65.32
N THR W 43 47.98 -43.86 65.57
CA THR W 43 49.09 -42.99 65.18
C THR W 43 50.36 -43.44 65.85
N VAL W 44 50.29 -43.68 67.17
CA VAL W 44 51.50 -44.03 67.89
C VAL W 44 52.04 -45.35 67.39
N LYS W 45 51.15 -46.26 66.98
CA LYS W 45 51.63 -47.53 66.45
C LYS W 45 52.49 -47.30 65.22
N ALA W 46 52.04 -46.42 64.31
CA ALA W 46 52.84 -46.12 63.15
C ALA W 46 54.15 -45.49 63.57
N GLU W 47 54.12 -44.70 64.65
CA GLU W 47 55.32 -44.03 65.14
C GLU W 47 56.33 -45.03 65.67
N LEU W 48 55.87 -46.21 66.10
CA LEU W 48 56.82 -47.26 66.44
C LEU W 48 57.25 -48.07 65.21
N ALA W 49 56.38 -48.17 64.21
CA ALA W 49 56.66 -49.04 63.06
C ALA W 49 57.97 -48.66 62.38
N ARG W 50 58.11 -47.38 62.04
CA ARG W 50 59.35 -46.93 61.42
C ARG W 50 60.53 -46.98 62.40
N LYS W 51 60.27 -46.83 63.70
CA LYS W 51 61.37 -46.80 64.67
C LYS W 51 61.98 -48.18 64.83
N GLY W 52 63.29 -48.21 65.02
CA GLY W 52 64.02 -49.46 65.18
C GLY W 52 64.22 -50.19 63.88
N GLU W 53 63.13 -50.52 63.18
CA GLU W 53 63.24 -51.14 61.89
C GLU W 53 63.90 -50.22 60.87
N GLN W 54 63.74 -48.91 61.02
CA GLN W 54 64.22 -47.90 60.08
C GLN W 54 63.56 -48.09 58.70
N MET X 1 12.01 60.37 -11.42
CA MET X 1 10.68 59.76 -11.50
C MET X 1 10.37 59.01 -10.22
N LYS X 2 9.14 59.19 -9.72
CA LYS X 2 8.68 58.49 -8.52
C LYS X 2 8.23 57.07 -8.84
N ILE X 3 8.59 56.13 -7.96
CA ILE X 3 8.37 54.71 -8.16
C ILE X 3 7.93 54.10 -6.83
N LYS X 4 6.95 53.21 -6.85
CA LYS X 4 6.65 52.46 -5.63
C LYS X 4 6.19 51.04 -5.96
N LEU X 5 6.82 50.06 -5.32
CA LEU X 5 6.35 48.69 -5.42
C LEU X 5 4.98 48.59 -4.76
N VAL X 6 4.05 47.93 -5.44
CA VAL X 6 2.72 47.65 -4.92
C VAL X 6 2.30 46.33 -5.53
N ARG X 7 3.29 45.46 -5.73
CA ARG X 7 3.08 44.08 -6.18
C ARG X 7 4.22 43.24 -5.61
N SER X 8 3.89 42.01 -5.21
CA SER X 8 4.91 41.09 -4.72
C SER X 8 5.81 40.63 -5.87
N VAL X 9 7.07 40.34 -5.56
CA VAL X 9 7.95 39.74 -6.55
C VAL X 9 7.80 38.24 -6.65
N ILE X 10 7.04 37.63 -5.74
CA ILE X 10 6.91 36.17 -5.68
C ILE X 10 6.11 35.68 -6.88
N GLY X 11 6.58 34.58 -7.46
CA GLY X 11 5.82 33.88 -8.46
C GLY X 11 5.87 34.46 -9.85
N ARG X 12 6.73 35.47 -10.08
CA ARG X 12 6.99 36.30 -11.25
C ARG X 12 8.36 35.98 -11.85
N PRO X 13 8.45 35.90 -13.18
CA PRO X 13 9.64 35.31 -13.79
C PRO X 13 10.87 36.11 -13.41
N GLY X 14 12.00 35.40 -13.25
CA GLY X 14 13.13 35.93 -12.48
C GLY X 14 13.81 37.16 -13.06
N ASN X 15 13.58 37.46 -14.34
CA ASN X 15 14.06 38.73 -14.84
C ASN X 15 13.33 39.88 -14.15
N GLN X 16 12.04 39.73 -13.87
CA GLN X 16 11.34 40.75 -13.12
C GLN X 16 11.83 40.82 -11.67
N VAL X 17 12.36 39.72 -11.13
CA VAL X 17 12.81 39.70 -9.75
C VAL X 17 14.15 40.41 -9.61
N LYS X 18 15.10 40.11 -10.51
CA LYS X 18 16.36 40.85 -10.49
C LYS X 18 16.16 42.29 -10.92
N THR X 19 15.11 42.55 -11.71
CA THR X 19 14.76 43.91 -12.09
C THR X 19 14.31 44.73 -10.89
N VAL X 20 13.39 44.20 -10.09
CA VAL X 20 13.00 44.96 -8.91
C VAL X 20 14.18 45.08 -7.96
N GLN X 21 15.03 44.04 -7.89
CA GLN X 21 16.15 44.08 -6.94
C GLN X 21 17.13 45.20 -7.30
N ALA X 22 17.52 45.28 -8.57
CA ALA X 22 18.39 46.38 -8.99
C ALA X 22 17.68 47.73 -8.96
N LEU X 23 16.35 47.75 -9.05
CA LEU X 23 15.65 49.01 -8.78
C LEU X 23 15.79 49.42 -7.32
N GLY X 24 16.05 48.46 -6.42
CA GLY X 24 16.32 48.80 -5.05
C GLY X 24 15.11 49.09 -4.20
N LEU X 25 13.94 48.58 -4.57
CA LEU X 25 12.83 48.39 -3.65
C LEU X 25 12.73 46.90 -3.32
N ARG X 26 13.15 46.53 -2.10
CA ARG X 26 13.14 45.14 -1.68
C ARG X 26 11.82 44.69 -1.05
N LYS X 27 10.89 45.61 -0.79
CA LYS X 27 9.61 45.26 -0.19
C LYS X 27 8.51 46.16 -0.76
N ILE X 28 7.31 45.59 -0.91
CA ILE X 28 6.18 46.39 -1.37
C ILE X 28 5.94 47.52 -0.38
N GLY X 29 5.48 48.65 -0.90
CA GLY X 29 5.36 49.85 -0.10
C GLY X 29 6.61 50.69 -0.04
N ASP X 30 7.69 50.26 -0.67
CA ASP X 30 8.88 51.07 -0.94
C ASP X 30 8.62 52.09 -2.04
N SER X 31 9.36 53.18 -2.01
CA SER X 31 9.33 54.13 -3.10
C SER X 31 10.72 54.71 -3.27
N ARG X 32 10.94 55.30 -4.44
CA ARG X 32 12.18 56.02 -4.70
C ARG X 32 12.01 56.96 -5.87
N GLU X 33 12.81 58.02 -5.87
CA GLU X 33 13.02 58.82 -7.07
C GLU X 33 13.93 58.08 -8.05
N VAL X 34 13.79 58.40 -9.33
CA VAL X 34 14.60 57.71 -10.33
C VAL X 34 15.08 58.70 -11.39
N SER X 35 16.22 58.38 -11.99
CA SER X 35 16.81 59.14 -13.07
C SER X 35 15.99 58.97 -14.35
N ASP X 36 16.05 59.97 -15.21
CA ASP X 36 15.35 59.93 -16.48
C ASP X 36 16.09 59.10 -17.53
N THR X 37 17.28 58.60 -17.21
CA THR X 37 18.14 57.97 -18.20
C THR X 37 17.42 56.78 -18.84
N PRO X 38 17.55 56.59 -20.16
CA PRO X 38 16.76 55.55 -20.82
C PRO X 38 17.00 54.18 -20.25
N ALA X 39 18.23 53.90 -19.78
CA ALA X 39 18.52 52.60 -19.16
C ALA X 39 17.54 52.33 -18.02
N VAL X 40 17.46 53.25 -17.06
CA VAL X 40 16.58 53.00 -15.92
C VAL X 40 15.11 53.25 -16.27
N ARG X 41 14.82 54.11 -17.24
CA ARG X 41 13.42 54.24 -17.64
C ARG X 41 12.91 52.92 -18.23
N GLY X 42 13.77 52.21 -18.97
CA GLY X 42 13.40 50.90 -19.47
C GLY X 42 13.41 49.83 -18.40
N MET X 43 14.30 49.98 -17.42
CA MET X 43 14.29 49.12 -16.24
C MET X 43 12.96 49.22 -15.51
N VAL X 44 12.33 50.39 -15.54
CA VAL X 44 11.02 50.53 -14.91
C VAL X 44 9.87 50.13 -15.83
N LYS X 45 9.99 50.39 -17.13
CA LYS X 45 8.95 49.91 -18.05
C LYS X 45 8.85 48.39 -18.01
N THR X 46 9.96 47.70 -17.76
CA THR X 46 9.95 46.25 -17.73
C THR X 46 9.02 45.70 -16.66
N VAL X 47 8.89 46.39 -15.52
CA VAL X 47 8.08 45.93 -14.39
C VAL X 47 7.09 47.00 -13.94
N LYS X 48 6.65 47.83 -14.90
CA LYS X 48 5.65 48.85 -14.60
C LYS X 48 4.35 48.27 -14.06
N HIS X 49 4.00 47.04 -14.43
CA HIS X 49 2.82 46.37 -13.90
C HIS X 49 2.95 46.01 -12.43
N LEU X 50 4.17 46.02 -11.89
CA LEU X 50 4.39 45.89 -10.46
C LEU X 50 4.36 47.22 -9.70
N LEU X 51 4.60 48.34 -10.37
CA LEU X 51 4.80 49.60 -9.66
C LEU X 51 3.68 50.59 -9.93
N GLU X 52 3.60 51.59 -9.04
CA GLU X 52 2.87 52.83 -9.30
C GLU X 52 3.89 53.88 -9.74
N VAL X 53 3.96 54.11 -11.04
CA VAL X 53 4.72 55.21 -11.60
C VAL X 53 3.93 56.49 -11.38
N GLN X 54 4.55 57.48 -10.73
CA GLN X 54 3.86 58.70 -10.32
C GLN X 54 4.10 59.87 -11.25
N GLU X 55 5.32 60.06 -11.71
CA GLU X 55 5.63 61.19 -12.56
C GLU X 55 5.94 60.68 -13.96
N LYS Y 1 -12.48 -14.54 10.25
CA LYS Y 1 -12.86 -14.76 11.63
C LYS Y 1 -12.04 -13.92 12.65
N HIS Y 2 -12.19 -14.24 13.97
CA HIS Y 2 -11.46 -13.85 15.19
C HIS Y 2 -11.59 -12.37 15.55
N PRO Y 3 -12.78 -11.85 15.86
CA PRO Y 3 -12.91 -10.43 16.14
C PRO Y 3 -12.03 -10.11 17.31
N VAL Y 4 -11.48 -8.89 17.32
CA VAL Y 4 -10.74 -8.40 18.48
C VAL Y 4 -11.25 -6.99 18.75
N PRO Y 5 -11.18 -6.45 19.97
CA PRO Y 5 -11.33 -5.00 20.16
C PRO Y 5 -10.21 -4.17 19.56
N LYS Y 6 -10.57 -2.96 19.10
CA LYS Y 6 -9.70 -2.11 18.27
C LYS Y 6 -8.71 -1.31 19.11
N LYS Y 7 -9.19 -0.24 19.73
CA LYS Y 7 -8.41 0.65 20.58
C LYS Y 7 -8.63 0.26 22.04
N LYS Y 8 -7.58 0.38 22.85
CA LYS Y 8 -7.74 0.08 24.27
C LYS Y 8 -8.83 0.96 24.86
N THR Y 9 -9.62 0.38 25.75
CA THR Y 9 -10.72 1.11 26.33
C THR Y 9 -10.27 2.00 27.48
N SER Y 10 -10.78 3.23 27.47
CA SER Y 10 -10.32 4.28 28.36
C SER Y 10 -10.89 4.09 29.74
N LYS Y 11 -10.20 4.64 30.74
CA LYS Y 11 -10.66 4.68 32.12
C LYS Y 11 -12.10 5.16 32.21
N SER Y 12 -12.43 6.26 31.54
CA SER Y 12 -13.72 6.88 31.79
C SER Y 12 -14.86 6.04 31.25
N LYS Y 13 -14.77 5.61 30.00
CA LYS Y 13 -15.83 4.80 29.43
C LYS Y 13 -15.96 3.47 30.14
N ARG Y 14 -14.84 2.89 30.59
CA ARG Y 14 -14.90 1.72 31.46
C ARG Y 14 -15.75 2.00 32.67
N ASP Y 15 -15.52 3.13 33.32
CA ASP Y 15 -16.32 3.38 34.50
C ASP Y 15 -17.79 3.59 34.18
N MET Y 16 -18.10 4.20 33.04
CA MET Y 16 -19.51 4.32 32.72
C MET Y 16 -20.13 2.94 32.53
N ARG Y 17 -19.35 2.00 32.01
CA ARG Y 17 -19.84 0.64 31.84
C ARG Y 17 -20.13 0.00 33.20
N ARG Y 18 -19.23 0.19 34.16
CA ARG Y 18 -19.38 -0.42 35.47
C ARG Y 18 -20.39 0.30 36.34
N SER Y 19 -20.97 1.40 35.82
CA SER Y 19 -21.99 2.19 36.50
C SER Y 19 -23.15 1.39 37.08
N HIS Y 20 -23.36 0.17 36.61
CA HIS Y 20 -24.52 -0.62 36.98
C HIS Y 20 -24.20 -1.73 37.94
N HIS Y 21 -22.95 -1.91 38.30
CA HIS Y 21 -22.55 -2.98 39.20
C HIS Y 21 -22.76 -2.63 40.63
N ALA Y 22 -23.41 -1.51 40.90
CA ALA Y 22 -23.71 -1.18 42.28
C ALA Y 22 -24.52 -2.30 42.92
N LEU Y 23 -24.10 -2.70 44.12
CA LEU Y 23 -24.72 -3.79 44.85
C LEU Y 23 -26.01 -3.32 45.50
N THR Y 24 -26.92 -4.24 45.73
CA THR Y 24 -28.16 -3.83 46.37
C THR Y 24 -28.17 -4.37 47.80
N ALA Y 25 -28.13 -3.44 48.75
CA ALA Y 25 -28.14 -3.84 50.14
C ALA Y 25 -29.41 -4.62 50.49
N PRO Y 26 -29.30 -5.76 51.19
CA PRO Y 26 -30.50 -6.53 51.57
C PRO Y 26 -31.42 -5.68 52.40
N ASN Y 27 -32.72 -5.89 52.21
CA ASN Y 27 -33.69 -5.20 53.07
C ASN Y 27 -33.79 -6.01 54.35
N LEU Y 28 -32.91 -5.68 55.29
CA LEU Y 28 -32.87 -6.37 56.56
C LEU Y 28 -34.04 -5.93 57.43
N THR Y 29 -34.46 -6.79 58.34
CA THR Y 29 -35.45 -6.34 59.29
C THR Y 29 -35.36 -7.22 60.53
N GLU Y 30 -35.49 -6.56 61.68
CA GLU Y 30 -35.20 -7.16 62.98
C GLU Y 30 -36.27 -8.17 63.39
N CYS Y 31 -35.83 -9.27 64.01
CA CYS Y 31 -36.76 -10.32 64.45
C CYS Y 31 -37.64 -9.81 65.59
N PRO Y 32 -38.97 -9.88 65.47
CA PRO Y 32 -39.84 -9.50 66.59
C PRO Y 32 -39.63 -10.31 67.85
N GLN Y 33 -39.22 -11.56 67.73
CA GLN Y 33 -39.05 -12.44 68.88
C GLN Y 33 -37.60 -12.60 69.31
N CYS Y 34 -36.74 -11.65 68.90
CA CYS Y 34 -35.36 -11.76 69.34
C CYS Y 34 -34.70 -10.39 69.30
N HIS Y 35 -33.38 -10.41 69.40
CA HIS Y 35 -32.54 -9.24 69.13
C HIS Y 35 -32.47 -8.98 67.62
N GLY Y 36 -31.76 -9.86 66.91
CA GLY Y 36 -31.01 -9.50 65.72
C GLY Y 36 -31.84 -9.36 64.44
N LYS Y 37 -31.11 -9.22 63.35
CA LYS Y 37 -31.73 -8.99 62.07
C LYS Y 37 -31.97 -10.30 61.30
N LYS Y 38 -32.91 -10.23 60.35
CA LYS Y 38 -33.44 -11.39 59.65
C LYS Y 38 -33.92 -10.93 58.29
N LEU Y 39 -33.68 -11.75 57.28
CA LEU Y 39 -34.20 -11.47 55.95
C LEU Y 39 -35.71 -11.69 55.92
N SER Y 40 -36.42 -10.79 55.24
CA SER Y 40 -37.87 -10.93 55.09
C SER Y 40 -38.26 -12.20 54.34
N HIS Y 41 -39.35 -12.81 54.82
CA HIS Y 41 -39.89 -14.13 54.43
C HIS Y 41 -38.87 -15.25 54.60
N HIS Y 42 -38.00 -15.12 55.60
CA HIS Y 42 -37.11 -16.17 56.05
C HIS Y 42 -37.20 -16.24 57.58
N ILE Y 43 -36.64 -17.32 58.13
CA ILE Y 43 -36.54 -17.48 59.58
C ILE Y 43 -35.35 -16.69 60.13
N CYS Y 44 -35.48 -16.17 61.37
CA CYS Y 44 -34.41 -15.40 61.99
C CYS Y 44 -33.20 -16.29 62.18
N PRO Y 45 -32.06 -15.98 61.58
CA PRO Y 45 -30.92 -16.88 61.69
C PRO Y 45 -30.47 -17.08 63.12
N ASN Y 46 -30.52 -16.01 63.91
CA ASN Y 46 -30.00 -15.98 65.26
C ASN Y 46 -30.89 -16.77 66.20
N CYS Y 47 -32.20 -16.47 66.19
CA CYS Y 47 -33.15 -17.19 67.04
C CYS Y 47 -33.68 -18.47 66.42
N GLY Y 48 -34.00 -18.49 65.13
CA GLY Y 48 -34.67 -19.64 64.55
C GLY Y 48 -36.19 -19.59 64.56
N TYR Y 49 -36.80 -18.45 64.88
CA TYR Y 49 -38.25 -18.32 64.89
C TYR Y 49 -38.72 -17.84 63.51
N TYR Y 50 -39.59 -18.62 62.88
CA TYR Y 50 -40.45 -18.03 61.88
C TYR Y 50 -41.83 -17.66 62.44
N ASP Y 51 -42.24 -18.27 63.56
CA ASP Y 51 -43.40 -17.85 64.37
C ASP Y 51 -43.43 -18.46 65.80
N GLY Y 52 -43.29 -19.80 65.91
CA GLY Y 52 -42.56 -20.43 66.98
C GLY Y 52 -41.11 -20.53 66.54
N ARG Y 53 -40.33 -21.37 67.21
CA ARG Y 53 -38.99 -21.64 66.70
C ARG Y 53 -39.09 -22.67 65.59
N GLN Y 54 -38.41 -22.43 64.48
CA GLN Y 54 -38.59 -23.23 63.27
C GLN Y 54 -37.35 -24.06 62.97
N VAL Y 55 -36.21 -23.42 62.82
CA VAL Y 55 -34.98 -24.17 62.68
C VAL Y 55 -34.51 -24.57 64.07
N LEU Y 56 -33.63 -25.57 64.09
CA LEU Y 56 -33.08 -26.09 65.33
C LEU Y 56 -32.40 -25.00 66.16
N ALA Y 57 -31.38 -24.35 65.61
CA ALA Y 57 -30.38 -23.59 66.37
C ALA Y 57 -30.83 -22.17 66.77
N PRO Z 1 38.69 -14.50 -45.03
CA PRO Z 1 39.78 -13.78 -45.70
C PRO Z 1 39.71 -12.25 -45.50
N ARG Z 2 40.44 -11.52 -46.35
CA ARG Z 2 40.29 -10.08 -46.52
C ARG Z 2 40.69 -9.74 -47.94
N ILE Z 3 40.43 -8.50 -48.32
CA ILE Z 3 40.74 -7.98 -49.66
C ILE Z 3 41.97 -7.07 -49.58
N ILE Z 4 41.75 -5.87 -49.03
CA ILE Z 4 42.81 -4.98 -48.65
C ILE Z 4 43.60 -5.57 -47.48
N VAL Z 5 44.87 -5.16 -47.36
CA VAL Z 5 45.75 -5.60 -46.29
C VAL Z 5 46.57 -4.41 -45.83
N LYS Z 6 47.18 -4.55 -44.65
CA LYS Z 6 48.14 -3.56 -44.12
C LYS Z 6 49.54 -4.06 -44.41
N MET Z 7 50.18 -3.50 -45.44
CA MET Z 7 51.52 -3.92 -45.83
C MET Z 7 52.56 -3.00 -45.20
N GLU Z 8 53.76 -3.55 -44.99
CA GLU Z 8 54.89 -2.83 -44.44
C GLU Z 8 55.90 -2.44 -45.52
N SER Z 9 56.75 -1.45 -45.19
CA SER Z 9 57.66 -0.83 -46.17
C SER Z 9 59.00 -0.54 -45.52
N SER Z 10 59.97 -1.42 -45.74
CA SER Z 10 61.32 -1.22 -45.23
C SER Z 10 62.18 -0.43 -46.23
N ALA Z 11 63.04 0.43 -45.70
CA ALA Z 11 63.92 1.28 -46.49
C ALA Z 11 65.08 0.47 -47.07
N GLY Z 12 65.68 0.97 -48.15
CA GLY Z 12 66.96 0.45 -48.57
C GLY Z 12 67.97 0.73 -47.47
N THR Z 13 68.54 -0.33 -46.90
CA THR Z 13 69.33 -0.44 -45.66
C THR Z 13 68.45 -0.68 -44.42
N GLY Z 14 67.12 -0.57 -44.52
CA GLY Z 14 66.21 -1.31 -43.65
C GLY Z 14 65.92 -0.81 -42.24
N PHE Z 15 66.16 0.46 -41.94
CA PHE Z 15 65.95 0.97 -40.59
C PHE Z 15 64.47 1.14 -40.19
N TYR Z 16 63.53 1.14 -41.13
CA TYR Z 16 62.25 1.78 -40.88
C TYR Z 16 61.13 1.00 -41.54
N TYR Z 17 59.89 1.31 -41.15
CA TYR Z 17 58.71 0.70 -41.76
C TYR Z 17 57.52 1.63 -41.55
N THR Z 18 56.93 2.11 -42.64
CA THR Z 18 55.90 3.14 -42.51
C THR Z 18 54.51 2.57 -42.31
N THR Z 19 54.23 1.37 -42.84
CA THR Z 19 52.96 0.65 -42.70
C THR Z 19 51.73 1.45 -43.13
N THR Z 20 51.14 1.07 -44.25
CA THR Z 20 49.83 1.58 -44.59
C THR Z 20 49.14 0.57 -45.48
N LYS Z 21 47.81 0.65 -45.51
CA LYS Z 21 47.04 -0.26 -46.33
C LYS Z 21 47.32 0.01 -47.80
N ASN Z 22 47.58 -1.08 -48.53
CA ASN Z 22 47.35 -1.14 -49.95
C ASN Z 22 46.04 -1.88 -50.15
N ARG Z 23 45.96 -2.68 -51.19
CA ARG Z 23 44.75 -3.42 -51.51
C ARG Z 23 45.03 -4.34 -52.70
N ARG Z 24 44.70 -5.63 -52.56
CA ARG Z 24 45.11 -6.62 -53.55
C ARG Z 24 44.34 -6.35 -54.83
N ASN Z 25 43.49 -5.33 -54.75
CA ASN Z 25 42.58 -4.88 -55.79
C ASN Z 25 43.30 -4.55 -57.07
N THR Z 26 43.49 -3.25 -57.37
CA THR Z 26 44.28 -2.90 -58.55
C THR Z 26 45.74 -3.26 -58.38
N GLN Z 27 46.25 -3.24 -57.14
CA GLN Z 27 47.67 -3.45 -56.87
C GLN Z 27 47.95 -4.94 -56.75
N ALA Z 28 48.22 -5.58 -57.90
CA ALA Z 28 48.42 -7.02 -57.97
C ALA Z 28 49.84 -7.45 -57.61
N LYS Z 29 50.73 -6.51 -57.30
CA LYS Z 29 52.10 -6.82 -56.91
C LYS Z 29 52.87 -5.55 -56.50
N LEU Z 30 52.52 -4.42 -57.10
CA LEU Z 30 53.34 -3.21 -57.01
C LEU Z 30 53.33 -2.64 -55.61
N GLU Z 31 54.49 -2.19 -55.14
CA GLU Z 31 54.56 -1.45 -53.88
C GLU Z 31 55.96 -0.82 -53.85
N LEU Z 32 56.07 0.43 -54.33
CA LEU Z 32 57.35 1.15 -54.38
C LEU Z 32 57.08 2.64 -54.16
N LYS Z 33 57.23 3.11 -52.92
CA LYS Z 33 57.09 4.53 -52.63
C LYS Z 33 58.39 5.10 -52.05
N LYS Z 34 58.31 6.13 -51.22
CA LYS Z 34 59.52 6.70 -50.63
C LYS Z 34 59.16 7.53 -49.40
N TYR Z 35 60.11 7.64 -48.49
CA TYR Z 35 59.94 8.51 -47.32
C TYR Z 35 61.29 8.70 -46.62
N ASP Z 36 61.37 9.71 -45.74
CA ASP Z 36 62.60 10.01 -45.02
C ASP Z 36 62.51 9.53 -43.58
N PRO Z 37 63.43 8.65 -43.15
CA PRO Z 37 63.47 8.26 -41.74
C PRO Z 37 64.78 8.62 -41.06
N VAL Z 38 65.79 7.76 -41.19
CA VAL Z 38 67.08 7.98 -40.55
C VAL Z 38 68.01 8.85 -41.40
N ALA Z 39 68.05 8.62 -42.71
CA ALA Z 39 68.81 9.48 -43.61
C ALA Z 39 68.08 10.80 -43.81
N LYS Z 40 68.84 11.82 -44.22
CA LYS Z 40 68.26 13.11 -44.54
C LYS Z 40 67.14 12.97 -45.57
N LYS Z 41 67.52 12.73 -46.82
CA LYS Z 41 66.57 12.76 -47.93
C LYS Z 41 65.60 11.59 -47.86
N HIS Z 42 64.41 11.78 -48.44
CA HIS Z 42 63.49 10.67 -48.63
C HIS Z 42 64.15 9.64 -49.53
N VAL Z 43 64.07 8.37 -49.14
CA VAL Z 43 64.71 7.28 -49.88
C VAL Z 43 63.64 6.31 -50.36
N VAL Z 44 64.02 5.47 -51.35
CA VAL Z 44 63.11 4.50 -51.95
C VAL Z 44 62.67 3.47 -50.92
N PHE Z 45 61.40 3.08 -51.00
CA PHE Z 45 60.78 2.19 -50.04
C PHE Z 45 60.10 1.07 -50.80
N ARG Z 46 60.62 -0.15 -50.63
CA ARG Z 46 60.04 -1.34 -51.24
C ARG Z 46 59.04 -1.92 -50.26
N GLU Z 47 57.75 -1.65 -50.52
CA GLU Z 47 56.71 -2.00 -49.57
C GLU Z 47 56.29 -3.47 -49.68
N LYS Z 48 57.12 -4.29 -50.33
CA LYS Z 48 56.98 -5.73 -50.24
C LYS Z 48 57.27 -6.21 -48.82
N LYS Z 49 56.55 -7.25 -48.39
CA LYS Z 49 56.83 -7.85 -47.10
C LYS Z 49 56.26 -9.27 -47.02
N MET AA 1 -0.95 -40.90 21.37
CA MET AA 1 -0.14 -40.27 20.33
C MET AA 1 1.35 -40.19 20.79
N LYS AA 2 2.14 -41.12 20.27
CA LYS AA 2 3.44 -41.44 20.86
C LYS AA 2 4.27 -40.17 20.93
N ARG AA 3 5.03 -40.04 21.99
CA ARG AA 3 5.89 -38.88 22.19
C ARG AA 3 7.35 -39.25 21.95
N THR AA 4 8.18 -38.21 21.80
CA THR AA 4 9.60 -38.39 21.47
C THR AA 4 10.36 -39.16 22.54
N TYR AA 5 9.99 -38.97 23.81
CA TYR AA 5 10.78 -39.45 24.94
C TYR AA 5 10.18 -40.74 25.45
N GLN AA 6 10.70 -41.88 24.99
CA GLN AA 6 10.39 -43.12 25.69
C GLN AA 6 11.61 -43.41 26.54
N PRO AA 7 11.53 -43.23 27.87
CA PRO AA 7 12.69 -43.46 28.72
C PRO AA 7 13.11 -44.92 28.74
N ASN AA 8 14.41 -45.13 28.87
CA ASN AA 8 14.94 -46.49 29.01
C ASN AA 8 16.32 -46.39 29.64
N ASN AA 9 16.48 -47.00 30.80
CA ASN AA 9 17.66 -46.73 31.60
C ASN AA 9 18.91 -47.32 30.95
N ARG AA 10 18.84 -48.56 30.48
CA ARG AA 10 20.01 -49.15 29.83
C ARG AA 10 20.36 -48.41 28.54
N LYS AA 11 19.35 -47.96 27.80
CA LYS AA 11 19.62 -47.12 26.64
C LYS AA 11 20.16 -45.77 27.06
N ARG AA 12 19.60 -45.19 28.12
CA ARG AA 12 20.04 -43.86 28.53
C ARG AA 12 21.51 -43.86 28.92
N ALA AA 13 21.97 -44.95 29.54
CA ALA AA 13 23.36 -45.05 29.99
C ALA AA 13 24.29 -45.70 28.98
N LYS AA 14 23.76 -46.49 28.05
CA LYS AA 14 24.60 -47.10 27.03
C LYS AA 14 25.05 -46.07 26.01
N THR AA 15 24.12 -45.27 25.52
CA THR AA 15 24.44 -43.95 25.03
C THR AA 15 24.76 -43.05 26.23
N HIS AA 16 25.46 -41.95 25.99
CA HIS AA 16 25.45 -40.85 26.95
C HIS AA 16 26.22 -41.12 28.25
N GLY AA 17 26.44 -42.38 28.62
CA GLY AA 17 27.07 -42.69 29.89
C GLY AA 17 28.56 -42.41 29.91
N PHE AA 18 29.08 -42.16 31.11
CA PHE AA 18 30.47 -41.74 31.26
C PHE AA 18 31.42 -42.77 30.68
N ARG AA 19 31.16 -44.05 30.94
CA ARG AA 19 31.99 -45.06 30.32
C ARG AA 19 31.84 -45.03 28.81
N ALA AA 20 30.65 -44.72 28.32
CA ALA AA 20 30.43 -44.64 26.87
C ALA AA 20 31.20 -43.48 26.25
N ARG AA 21 31.10 -42.30 26.86
CA ARG AA 21 31.85 -41.16 26.35
C ARG AA 21 33.34 -41.41 26.42
N MET AA 22 33.83 -42.11 27.44
CA MET AA 22 35.27 -42.24 27.57
C MET AA 22 35.87 -43.11 26.46
N LYS AA 23 35.06 -43.89 25.76
CA LYS AA 23 35.56 -44.77 24.71
C LYS AA 23 36.11 -44.02 23.50
N THR AA 24 35.77 -42.74 23.37
CA THR AA 24 36.01 -41.97 22.16
C THR AA 24 36.59 -40.62 22.52
N LYS AA 25 37.52 -40.16 21.68
CA LYS AA 25 38.17 -38.87 21.90
C LYS AA 25 37.16 -37.73 21.91
N SER AA 26 36.09 -37.84 21.11
CA SER AA 26 35.01 -36.86 21.19
C SER AA 26 34.36 -36.88 22.56
N GLY AA 27 34.18 -38.06 23.14
CA GLY AA 27 33.51 -38.13 24.42
C GLY AA 27 34.39 -37.68 25.57
N ARG AA 28 35.70 -37.96 25.49
CA ARG AA 28 36.61 -37.38 26.45
C ARG AA 28 36.66 -35.87 26.30
N ASN AA 29 36.50 -35.37 25.07
CA ASN AA 29 36.35 -33.93 24.87
C ASN AA 29 35.08 -33.41 25.53
N ILE AA 30 33.97 -34.16 25.43
CA ILE AA 30 32.74 -33.74 26.10
C ILE AA 30 32.97 -33.68 27.60
N LEU AA 31 33.70 -34.65 28.13
CA LEU AA 31 33.93 -34.72 29.58
C LEU AA 31 34.74 -33.53 30.06
N ALA AA 32 35.89 -33.29 29.43
CA ALA AA 32 36.70 -32.15 29.85
C ALA AA 32 35.98 -30.83 29.56
N ARG AA 33 35.18 -30.77 28.48
CA ARG AA 33 34.46 -29.54 28.19
C ARG AA 33 33.46 -29.24 29.29
N ARG AA 34 32.90 -30.28 29.87
CA ARG AA 34 31.97 -30.09 30.97
C ARG AA 34 32.71 -29.78 32.26
N ARG AA 35 33.85 -30.45 32.52
CA ARG AA 35 34.60 -30.14 33.74
C ARG AA 35 35.03 -28.71 33.73
N ALA AA 36 35.39 -28.20 32.56
CA ALA AA 36 35.81 -26.81 32.44
C ALA AA 36 34.63 -25.88 32.60
N LYS AA 37 33.53 -26.15 31.91
CA LYS AA 37 32.38 -25.30 32.17
C LYS AA 37 32.00 -25.38 33.63
N GLY AA 38 32.38 -26.47 34.31
CA GLY AA 38 32.12 -26.61 35.73
C GLY AA 38 30.73 -27.08 36.09
N ARG AA 39 30.10 -27.88 35.24
CA ARG AA 39 28.79 -28.43 35.56
C ARG AA 39 28.83 -29.39 36.73
N HIS AA 40 27.78 -29.36 37.54
CA HIS AA 40 27.64 -30.34 38.61
C HIS AA 40 27.42 -31.75 38.07
N GLN AA 41 26.81 -31.87 36.89
CA GLN AA 41 26.35 -33.19 36.40
C GLN AA 41 27.42 -33.95 35.64
N LEU AA 42 27.87 -33.40 34.50
CA LEU AA 42 28.87 -33.98 33.60
C LEU AA 42 28.36 -35.11 32.71
N THR AA 43 27.58 -36.06 33.23
CA THR AA 43 27.00 -37.10 32.38
C THR AA 43 25.64 -37.49 32.92
N VAL AA 44 24.97 -38.37 32.17
CA VAL AA 44 23.77 -39.03 32.66
C VAL AA 44 24.12 -40.01 33.78
N SER AA 45 25.41 -40.35 33.93
CA SER AA 45 25.85 -41.02 35.16
C SER AA 45 25.66 -40.14 36.39
N ASP AA 46 25.84 -38.81 36.24
CA ASP AA 46 25.98 -37.83 37.33
C ASP AA 46 27.31 -37.98 38.06
N PRO BA 1 48.99 2.51 9.15
CA PRO BA 1 49.80 2.52 7.92
C PRO BA 1 48.95 2.95 6.72
N LYS BA 2 49.56 2.97 5.54
CA LYS BA 2 48.84 3.26 4.32
C LYS BA 2 49.48 2.44 3.22
N MET BA 3 48.83 2.39 2.06
CA MET BA 3 49.46 1.81 0.89
C MET BA 3 49.13 2.68 -0.33
N LYS BA 4 49.84 2.40 -1.42
CA LYS BA 4 49.64 3.06 -2.71
C LYS BA 4 49.26 1.98 -3.72
N THR BA 5 48.17 2.19 -4.46
CA THR BA 5 47.74 1.13 -5.37
C THR BA 5 48.76 1.00 -6.49
N HIS BA 6 49.39 -0.18 -6.56
CA HIS BA 6 50.59 -0.32 -7.35
C HIS BA 6 50.32 -0.06 -8.81
N LYS BA 7 49.06 -0.15 -9.23
CA LYS BA 7 48.72 0.19 -10.59
C LYS BA 7 49.09 1.63 -10.91
N MET BA 8 49.05 2.52 -9.91
CA MET BA 8 49.38 3.91 -10.17
C MET BA 8 50.89 4.18 -10.23
N ALA BA 9 51.73 3.19 -9.90
CA ALA BA 9 53.16 3.43 -9.79
C ALA BA 9 53.80 3.75 -11.14
N LYS BA 10 53.58 2.90 -12.12
CA LYS BA 10 54.13 3.14 -13.45
C LYS BA 10 53.08 3.62 -14.41
N ARG BA 11 51.87 3.85 -13.93
CA ARG BA 11 50.82 4.29 -14.82
C ARG BA 11 50.88 5.78 -15.02
N ARG BA 12 50.17 6.22 -16.06
CA ARG BA 12 50.06 7.63 -16.46
C ARG BA 12 49.62 8.49 -15.30
N ILE BA 13 50.45 8.53 -14.28
CA ILE BA 13 50.25 9.43 -13.15
C ILE BA 13 51.66 9.77 -12.70
N LYS BA 14 52.00 11.04 -12.82
CA LYS BA 14 53.27 11.54 -12.35
C LYS BA 14 52.95 12.57 -11.29
N ILE BA 15 53.32 12.27 -10.05
CA ILE BA 15 53.03 13.16 -8.94
C ILE BA 15 53.95 14.36 -8.95
N THR BA 16 54.92 14.35 -9.85
CA THR BA 16 56.03 15.28 -9.81
C THR BA 16 55.52 16.71 -9.93
N GLY BA 17 56.27 17.64 -9.33
CA GLY BA 17 56.02 19.05 -9.58
C GLY BA 17 55.57 19.80 -8.34
N THR BA 18 54.63 20.74 -8.57
CA THR BA 18 53.96 21.43 -7.46
C THR BA 18 52.74 20.67 -6.97
N GLY BA 19 52.83 19.34 -6.92
CA GLY BA 19 51.75 18.48 -6.49
C GLY BA 19 50.75 18.11 -7.57
N LYS BA 20 50.98 18.51 -8.82
CA LYS BA 20 50.01 18.23 -9.86
C LYS BA 20 50.29 16.91 -10.56
N VAL BA 21 49.25 16.42 -11.25
CA VAL BA 21 49.10 15.04 -11.73
C VAL BA 21 49.24 14.96 -13.25
N MET BA 22 50.47 14.80 -13.74
CA MET BA 22 50.68 14.58 -15.17
C MET BA 22 50.27 13.17 -15.52
N ALA BA 23 49.78 13.00 -16.76
CA ALA BA 23 49.21 11.73 -17.20
C ALA BA 23 49.47 11.60 -18.69
N PHE BA 24 49.35 10.39 -19.21
CA PHE BA 24 49.71 10.14 -20.60
C PHE BA 24 48.54 10.50 -21.51
N LYS BA 25 48.78 10.39 -22.82
CA LYS BA 25 47.73 10.35 -23.81
C LYS BA 25 47.59 8.93 -24.35
N SER BA 26 46.34 8.51 -24.53
CA SER BA 26 45.90 7.12 -24.50
C SER BA 26 45.43 6.58 -25.83
N GLY BA 27 44.55 7.31 -26.51
CA GLY BA 27 43.87 6.83 -27.70
C GLY BA 27 44.85 6.35 -28.75
N LYS BA 28 44.59 5.16 -29.28
CA LYS BA 28 45.54 4.42 -30.09
C LYS BA 28 46.90 4.34 -29.42
N ARG BA 29 47.12 3.31 -28.61
CA ARG BA 29 48.48 3.03 -28.18
C ARG BA 29 49.00 1.88 -29.04
N HIS BA 30 49.11 0.68 -28.46
CA HIS BA 30 49.70 -0.46 -29.15
C HIS BA 30 48.65 -1.36 -29.79
N GLN BA 31 47.42 -0.90 -29.92
CA GLN BA 31 46.45 -1.62 -30.73
C GLN BA 31 46.64 -1.22 -32.18
N ASN BA 32 45.66 -1.48 -33.04
CA ASN BA 32 45.83 -1.13 -34.44
C ASN BA 32 46.12 0.35 -34.56
N THR BA 33 46.97 0.67 -35.53
CA THR BA 33 47.26 2.07 -35.84
C THR BA 33 47.45 2.15 -37.35
N GLY BA 34 46.47 2.76 -38.00
CA GLY BA 34 46.51 3.10 -39.40
C GLY BA 34 45.67 4.36 -39.54
N LYS BA 35 46.19 5.47 -39.00
CA LYS BA 35 45.54 6.77 -39.17
C LYS BA 35 46.56 7.88 -38.89
N SER BA 36 46.08 9.04 -38.41
CA SER BA 36 46.79 10.31 -38.58
C SER BA 36 48.15 10.31 -37.90
N GLY BA 37 49.16 10.80 -38.63
CA GLY BA 37 50.52 10.78 -38.12
C GLY BA 37 50.76 11.81 -37.04
N ASP BA 38 50.16 13.00 -37.16
CA ASP BA 38 50.21 13.99 -36.09
C ASP BA 38 49.29 13.61 -34.93
N GLU BA 39 48.38 12.65 -35.13
CA GLU BA 39 47.70 12.04 -34.01
C GLU BA 39 48.59 11.03 -33.30
N ILE BA 40 49.23 10.15 -34.06
CA ILE BA 40 50.07 9.12 -33.46
C ILE BA 40 51.33 9.71 -32.84
N ARG BA 41 51.67 10.93 -33.20
CA ARG BA 41 52.71 11.65 -32.48
C ARG BA 41 52.17 12.36 -31.24
N GLY BA 42 50.85 12.33 -31.05
CA GLY BA 42 50.19 13.02 -29.96
C GLY BA 42 49.73 12.15 -28.79
N LYS BA 43 50.41 11.03 -28.54
CA LYS BA 43 50.12 10.16 -27.40
C LYS BA 43 51.35 10.07 -26.50
N GLY BA 44 51.61 11.14 -25.73
CA GLY BA 44 52.87 11.25 -25.01
C GLY BA 44 52.79 11.59 -23.53
N LYS BA 45 52.60 12.88 -23.19
CA LYS BA 45 52.45 13.28 -21.79
C LYS BA 45 51.75 14.64 -21.71
N GLY BA 46 50.49 14.62 -21.27
CA GLY BA 46 49.74 15.81 -20.89
C GLY BA 46 49.39 15.74 -19.41
N PHE BA 47 48.22 16.23 -19.02
CA PHE BA 47 47.87 16.17 -17.60
C PHE BA 47 46.36 16.32 -17.39
N VAL BA 48 45.84 15.67 -16.34
CA VAL BA 48 44.41 15.63 -16.00
C VAL BA 48 44.06 16.84 -15.14
N LEU BA 49 42.77 17.00 -14.79
CA LEU BA 49 42.38 18.23 -14.11
C LEU BA 49 41.47 18.07 -12.90
N ALA BA 50 40.30 17.45 -13.06
CA ALA BA 50 39.31 17.34 -11.99
C ALA BA 50 39.40 16.01 -11.24
N LYS BA 51 40.50 15.27 -11.41
CA LYS BA 51 40.67 13.97 -10.77
C LYS BA 51 41.82 13.94 -9.78
N ALA BA 52 42.62 15.01 -9.72
CA ALA BA 52 43.95 14.93 -9.12
C ALA BA 52 43.91 14.47 -7.67
N GLU BA 53 42.86 14.82 -6.92
CA GLU BA 53 42.81 14.47 -5.51
C GLU BA 53 42.82 12.96 -5.29
N TRP BA 54 42.20 12.20 -6.20
CA TRP BA 54 42.24 10.74 -6.06
C TRP BA 54 43.63 10.20 -6.37
N ALA BA 55 44.27 10.73 -7.40
CA ALA BA 55 45.59 10.24 -7.76
C ALA BA 55 46.62 10.54 -6.68
N ARG BA 56 46.45 11.62 -5.92
CA ARG BA 56 47.46 11.90 -4.90
C ARG BA 56 47.51 10.75 -3.89
N MET BA 57 46.36 10.39 -3.34
CA MET BA 57 46.30 9.32 -2.36
C MET BA 57 46.47 7.95 -3.01
N LYS BA 58 46.45 7.90 -4.34
CA LYS BA 58 46.93 6.70 -5.02
C LYS BA 58 48.39 6.44 -4.71
N LEU BA 59 49.21 7.48 -4.54
CA LEU BA 59 50.64 7.30 -4.28
C LEU BA 59 51.30 8.56 -3.72
N MET BA 60 50.89 8.93 -2.49
CA MET BA 60 51.46 10.09 -1.82
C MET BA 60 52.96 9.97 -1.69
N LEU BA 61 53.45 8.80 -1.33
CA LEU BA 61 54.85 8.50 -1.54
C LEU BA 61 54.99 8.24 -3.04
N PRO BA 62 55.88 8.96 -3.73
CA PRO BA 62 55.76 9.20 -5.17
C PRO BA 62 56.38 8.11 -6.06
N ARG BA 63 55.89 6.89 -5.91
CA ARG BA 63 56.52 5.82 -6.67
C ARG BA 63 55.91 5.79 -8.06
O5 MIV CA . -5.27 -22.38 8.59
C24 MIV CA . -5.89 -21.50 9.18
C23 MIV CA . -6.16 -20.16 8.62
C22 MIV CA . -5.27 -19.52 7.88
C20 MIV CA . -5.44 -18.16 7.31
C21 MIV CA . -6.73 -18.06 6.49
C11 MIV CA . -4.23 -17.82 6.43
O2 MIV CA . -4.21 -16.43 6.08
C12 MIV CA . -4.51 -16.08 4.75
O4 MIV CA . -3.40 -16.27 3.89
C18 MIV CA . -3.73 -15.97 2.52
C19 MIV CA . -2.57 -16.41 1.68
C17 MIV CA . -4.07 -14.51 2.40
C14 MIV CA . -5.27 -14.20 3.29
N MIV CA . -5.84 -12.85 3.11
C16 MIV CA . -5.47 -12.22 1.83
C15 MIV CA . -5.60 -11.93 4.21
C13 MIV CA . -4.97 -14.63 4.74
O3 MIV CA . -6.13 -14.54 5.56
C9 MIV CA . -2.99 -18.13 7.30
C10 MIV CA . -1.82 -18.57 6.42
C8 MIV CA . -2.59 -16.95 8.19
C6 MIV CA . -1.96 -17.13 9.59
C7 MIV CA . -2.97 -16.85 10.70
C5 MIV CA . -1.36 -18.51 9.78
O1 MIV CA . -0.33 -18.81 9.18
C4 MIV CA . -2.13 -19.42 10.64
C3 MIV CA . -1.73 -20.62 11.05
C2 MIV CA . -2.54 -21.46 11.87
C1 MIV CA . -3.85 -21.43 11.64
O6 MIV CA . -6.40 -21.64 10.48
C25 MIV CA . -5.97 -22.74 11.28
C26 MIV CA . -7.16 -22.78 12.21
C27 MIV CA . -7.02 -21.61 13.19
C28 MIV CA . -4.77 -22.50 12.20
C29 MIV CA . -3.92 -23.66 12.69
O7 MIV CA . -4.59 -24.90 12.47
C30 MIV CA . -3.81 -26.04 12.74
O11 MIV CA . -4.43 -27.13 12.07
C36 MIV CA . -4.17 -28.45 12.57
C37 MIV CA . -5.02 -29.37 11.73
C35 MIV CA . -4.52 -28.49 14.06
O10 MIV CA . -4.44 -29.82 14.58
C33 MIV CA . -3.58 -27.57 14.83
O9 MIV CA . -2.26 -28.00 14.80
C34 MIV CA . -1.67 -27.98 16.05
C31 MIV CA . -3.74 -26.11 14.26
O8 MIV CA . -2.66 -25.29 14.73
C32 MIV CA . -1.40 -25.12 14.02
MG MG DA . 21.80 -37.49 -10.76
MG MG EA . 9.64 -34.30 12.14
MG MG FA . -0.93 -2.44 14.11
MG MG GA . 12.62 9.59 15.78
MG MG HA . -7.27 -62.55 3.64
MG MG IA . -5.70 -7.21 7.91
MG MG JA . -44.14 -41.73 21.69
MG MG KA . -8.28 -22.94 46.19
MG MG LA . -48.62 -41.83 13.24
MG MG MA . -20.23 -13.80 15.94
MG MG NA . 16.06 6.16 7.33
MG MG OA . -11.93 18.19 14.92
MG MG PA . -19.18 14.77 9.43
MG MG QA . -41.74 -62.77 37.97
MG MG RA . -1.19 19.05 10.11
MG MG SA . 15.39 -6.63 -16.06
MG MG TA . -4.81 -51.06 -7.97
MG MG UA . -56.98 -24.81 38.89
MG MG VA . 8.32 -38.59 -8.10
MG MG WA . 24.50 -9.01 11.13
MG MG XA . 6.57 -6.05 27.85
MG MG YA . -9.15 -57.48 0.42
MG MG ZA . 9.88 27.82 -2.60
MG MG AB . -24.26 -41.10 2.38
MG MG BB . 7.90 -8.60 2.39
MG MG CB . 8.26 -30.13 0.78
MG MG DB . 24.23 -8.42 36.45
MG MG EB . -2.47 -42.28 51.39
MG MG FB . -18.18 -9.86 -5.93
MG MG GB . -39.14 7.87 -17.60
MG MG HB . -1.89 -3.05 8.25
MG MG IB . 3.59 6.62 -4.13
MG MG JB . -21.14 11.52 21.55
MG MG KB . 41.48 -1.46 0.79
MG MG LB . -48.91 12.08 12.00
MG MG MB . 26.22 -29.17 -11.00
MG MG NB . -17.42 -37.71 42.45
MG MG OB . -25.58 -50.20 33.72
MG MG PB . -1.61 -36.53 4.77
MG MG QB . 21.42 3.73 56.88
MG MG RB . -54.15 -59.96 16.00
MG MG SB . 4.61 8.47 -13.78
MG MG TB . 18.59 24.70 -31.81
MG MG UB . 3.54 27.43 -41.18
MG MG VB . -29.01 -50.69 37.79
MG MG WB . -58.15 -3.08 -30.48
MG MG XB . 14.34 -38.42 -16.52
MG MG YB . 9.59 2.19 23.75
MG MG ZB . -0.16 -56.24 49.97
MG MG AC . -20.73 6.66 6.32
MG MG BC . -5.46 -39.02 31.09
MG MG CC . -18.36 -63.27 29.03
MG MG DC . -18.88 -55.35 25.18
MG MG EC . -29.37 -74.00 46.50
MG MG FC . -11.52 28.53 5.01
MG MG GC . 11.99 -50.49 38.42
MG MG HC . 15.64 21.69 49.41
MG MG IC . 10.34 8.51 74.11
MG MG JC . -12.41 -66.38 29.47
MG MG KC . 32.62 -17.79 -3.27
MG MG LC . 13.82 -64.14 30.48
MG MG MC . -50.26 26.87 32.83
MG MG NC . 7.66 17.46 3.61
MG MG OC . 42.57 -49.50 59.17
MG MG PC . 50.61 -29.26 4.26
MG MG QC . 11.20 36.25 6.67
MG MG RC . -13.14 25.38 -4.17
MG MG SC . 9.07 -11.70 1.39
MG MG TC . -36.81 11.90 15.58
MG MG UC . 6.93 -0.39 2.45
MG MG VC . 16.13 29.55 10.32
MG MG WC . 1.72 12.91 -14.50
MG MG XC . -28.28 -35.80 -27.59
MG MG YC . 32.00 -10.99 -3.92
MG MG ZC . 45.64 -16.06 69.83
MG MG AD . -23.42 -66.06 26.48
MG MG BD . 16.42 32.45 5.60
MG MG CD . 11.46 -50.06 44.39
MG MG DD . 6.76 40.75 10.17
MG MG ED . -2.07 11.51 -31.97
MG MG FD . -10.75 52.55 1.93
MG MG GD . 31.38 14.97 -6.81
MG MG HD . -28.17 21.04 28.78
MG MG ID . -47.16 -64.10 12.39
MG MG JD . -40.32 -37.49 -26.84
MG MG KD . -30.04 -5.37 -9.24
MG MG LD . -3.56 42.91 9.52
MG MG MD . 48.05 17.10 13.23
MG MG ND . -19.65 -28.97 67.26
MG MG OD . 17.31 20.02 56.51
MG MG PD . -0.16 -49.81 -18.91
MG MG QD . 60.83 -29.67 -9.57
MG MG RD . -6.61 37.57 -8.91
MG MG SD . -9.54 -8.42 -15.61
MG MG TD . 3.90 -37.08 -20.62
MG MG UD . 17.54 -60.50 49.15
MG MG VD . 28.61 10.86 44.02
MG MG WD . 5.23 -48.20 -16.24
MG MG XD . -15.06 -33.28 -12.99
MG MG YD . -2.25 -57.42 63.94
MG MG ZD . 62.63 -7.18 -30.06
MG MG AE . 34.76 -14.03 8.76
MG MG BE . -6.66 -52.13 35.14
MG MG CE . 16.00 48.27 21.74
MG MG DE . -31.55 -26.39 -8.64
MG MG EE . 9.85 4.30 55.69
MG MG FE . -17.01 -8.66 4.58
MG MG GE . -15.12 -24.27 -19.43
MG MG HE . 50.04 25.11 11.38
MG MG IE . 6.10 -7.55 45.21
MG MG JE . -47.71 -14.79 9.14
MG MG KE . 1.78 3.17 -7.60
MG MG LE . 20.13 5.92 -10.16
MG MG ME . 18.20 -67.43 37.34
MG MG NE . 10.01 -36.15 -25.98
MG MG OE . 36.09 -53.49 16.34
MG MG PE . -5.72 -45.94 -22.90
MG MG QE . -22.17 41.73 9.17
MG MG RE . 27.97 1.09 -22.24
MG MG SE . -15.09 -37.89 -21.89
MG MG TE . 11.38 0.59 51.99
MG MG UE . 11.74 15.21 -1.01
MG MG VE . -47.14 -35.39 33.64
MG MG WE . -26.06 -25.19 34.59
MG MG XE . -35.19 -74.33 42.24
MG MG YE . -14.34 -17.86 13.17
MG MG ZE . 16.28 7.25 -2.68
MG MG AF . -8.60 14.82 -4.78
MG MG BF . -34.06 -27.02 25.10
MG MG CF . -37.94 -26.36 20.18
MG MG DF . 25.87 -40.65 63.99
MG MG EF . -25.24 -38.52 -7.23
MG MG FF . -52.26 -19.20 58.52
MG MG GF . -30.08 47.53 -5.13
MG MG HF . -50.29 0.10 -21.58
MG MG IF . 48.77 -15.39 -13.50
MG MG JF . -1.14 17.34 1.58
MG MG KF . -3.64 18.53 -6.17
MG MG LF . -10.21 -81.44 23.86
MG MG MF . 41.22 25.49 69.39
MG MG NF . 2.94 -9.08 58.77
MG MG OF . -57.10 -37.77 44.13
MG MG PF . 13.56 22.98 38.93
MG MG QF . -59.06 17.84 -10.14
MG MG RF . -2.74 -65.00 25.36
MG MG SF . -1.72 -70.40 15.82
MG MG TF . 46.71 -35.30 -17.11
MG MG UF . 42.35 -58.98 -0.47
MG MG VF . 42.33 -40.02 -10.88
MG MG WF . 32.32 -71.55 26.53
MG MG XF . 23.85 -62.88 25.42
MG MG YF . -15.95 -3.76 -13.22
MG MG ZF . 15.73 29.11 -29.12
MG MG AG . 0.64 -45.27 6.93
MG MG BG . -48.17 -5.97 43.13
MG MG CG . -59.03 8.06 -6.25
MG MG DG . -54.63 -0.92 -5.97
MG MG EG . -6.30 -38.32 3.89
MG MG FG . -43.17 -6.69 38.84
MG MG GG . 7.17 -48.51 -27.06
MG MG HG . 39.48 -50.97 31.67
MG MG IG . 43.36 -36.90 44.07
MG MG JG . 38.63 -51.95 37.18
MG MG KG . 12.41 -70.64 53.29
MG MG LG . 3.17 -55.92 45.48
MG MG MG . -10.12 46.02 -3.94
MG MG NG . -9.08 48.58 5.52
MG MG OG . 37.66 12.57 2.68
MG MG PG . 35.30 50.83 -20.34
MG MG QG . 35.40 21.55 -2.04
MG MG RG . 33.45 37.82 -15.34
MG MG SG . 28.07 44.23 -15.95
MG MG TG . -41.59 -43.80 -3.96
MG MG UG . -17.12 -56.50 -7.92
MG MG VG . -16.27 -53.83 2.42
MG MG WG . -58.38 -61.32 34.14
MG MG XG . -45.54 -56.48 35.74
MG MG YG . -36.28 -57.34 18.67
MG MG ZG . -31.46 -48.76 18.59
MG MG AH . 27.22 -10.54 31.04
MG MG BH . 13.34 -73.30 39.29
MG MG CH . 10.92 16.49 -15.78
MG MG DH . 15.74 15.48 -19.12
MG MG EH . 16.04 10.23 -12.54
MG MG FH . 11.22 -56.85 -11.86
MG MG GH . 27.39 -16.72 65.38
MG MG HH . 23.24 7.19 60.22
MG MG IH . -0.57 -12.70 70.17
MG MG JH . -51.49 22.55 -17.82
MG MG KH . 2.25 -7.93 16.75
MG MG LH . -36.65 17.16 50.95
MG MG MH . -2.87 32.30 -50.99
MG MG NH . -6.99 -51.48 -1.73
MG MG OH . -17.91 -41.54 -26.73
MG MG PH . -19.78 -34.84 -26.84
MG MG QH . 46.25 -28.58 20.39
MG MG RH . 51.04 -34.28 26.60
MG MG SH . 16.94 -29.65 39.95
MG MG TH . 26.27 -18.13 33.66
MG MG UH . 3.91 24.95 -34.06
MG MG VH . 31.11 -16.78 -29.53
MG MG WH . 16.74 -2.82 39.40
MG MG XH . -8.52 -42.57 56.41
MG MG YH . -38.99 24.24 29.50
MG MG ZH . -13.98 15.15 -5.67
MG MG AI . 22.88 -17.65 -8.13
MG MG BI . -7.16 -47.60 39.72
MG MG CI . -20.33 7.24 -1.14
MG MG DI . -53.92 -31.30 18.43
MG MG EI . 1.01 -30.92 24.97
MG MG FI . -1.64 4.77 10.51
MG MG GI . -6.81 -3.36 -11.83
MG MG HI . -17.65 -23.51 16.13
MG MG II . -57.29 -19.82 42.67
MG MG JI . -66.24 -18.52 51.02
MG MG KI . -14.44 -27.03 26.53
MG MG LI . -17.96 -23.77 22.73
MG MG MI . -16.68 -62.10 -3.23
MG MG NI . -21.62 -71.33 -11.93
MG MG OI . -22.52 -68.45 -21.95
MG MG PI . -25.05 -43.16 -8.23
MG MG QI . 25.02 -37.48 -3.54
MG MG RI . 25.47 -27.91 9.09
MG MG SI . 2.15 22.43 3.29
MG MG TI . -0.12 29.23 1.10
MG MG UI . -12.81 -26.26 -5.41
MG MG VI . 38.38 -9.05 -20.33
MG MG WI . 32.42 18.13 9.75
MG MG XI . -16.20 -34.43 -6.47
MG MG YI . 44.23 -22.76 15.52
MG MG ZI . 35.53 -6.05 5.58
MG MG AJ . -32.65 -37.63 60.18
MG MG BJ . -34.78 -24.73 5.21
MG MG CJ . 40.14 20.39 -58.43
MG MG DJ . -64.88 -3.63 -16.30
MG MG EJ . 5.78 10.08 -33.18
MG MG FJ . -27.79 -35.49 15.72
MG MG GJ . 61.47 23.41 -60.55
MG MG HJ . 58.70 22.70 -45.90
MG MG IJ . 50.81 23.70 -42.07
MG MG JJ . 9.55 3.29 -34.39
MG MG KJ . 55.96 28.33 -15.38
MG MG LJ . 55.15 -1.74 13.63
MG MG MJ . 5.46 1.82 59.75
MG MG NJ . 32.79 -98.03 31.24
MG MG OJ . 39.40 6.85 59.51
MG MG PJ . 8.82 -7.95 59.72
MG MG QJ . 37.09 -3.38 44.69
MG MG RJ . 25.24 5.48 24.07
MG MG SJ . -11.04 -20.20 55.30
MG MG TJ . -5.72 -24.37 51.73
MG MG UJ . -23.43 -36.14 50.00
MG MG VJ . -25.33 -43.41 62.34
MG MG WJ . -12.98 -36.81 47.80
MG MG XJ . -2.64 -40.36 56.92
MG MG YJ . -12.51 -19.97 46.17
MG MG ZJ . 3.46 8.03 46.82
MG MG AK . -25.94 26.16 -29.52
MG MG BK . -42.33 -35.81 5.99
MG MG CK . -22.11 -12.98 27.48
MG MG DK . -29.40 -61.96 0.22
MG MG EK . -37.36 -2.86 -9.19
MG MG FK . -20.23 -19.03 30.55
MG MG GK . -20.30 -15.98 38.12
N1 SPD HK . -37.51 16.20 -31.58
C2 SPD HK . -36.61 17.31 -31.24
C3 SPD HK . -35.99 18.00 -32.47
C4 SPD HK . -36.98 18.21 -33.62
C5 SPD HK . -37.61 19.60 -33.64
N6 SPD HK . -38.51 19.80 -34.76
C7 SPD HK . -38.88 21.13 -35.22
C8 SPD HK . -39.41 21.13 -36.65
C9 SPD HK . -40.32 22.30 -36.96
N10 SPD HK . -40.88 22.12 -38.30
N1 SPD IK . -36.89 -33.61 -13.14
C2 SPD IK . -36.10 -34.02 -12.00
C3 SPD IK . -34.88 -34.85 -12.42
C4 SPD IK . -33.86 -34.81 -11.28
C5 SPD IK . -32.94 -36.01 -11.30
N6 SPD IK . -32.31 -36.25 -12.58
C7 SPD IK . -31.18 -35.44 -13.00
C8 SPD IK . -30.50 -36.14 -14.16
C9 SPD IK . -29.70 -37.33 -13.64
N10 SPD IK . -28.32 -36.93 -13.78
N1 SPD JK . -46.97 -38.54 41.19
C2 SPD JK . -46.55 -39.56 40.22
C3 SPD JK . -47.05 -39.34 38.78
C4 SPD JK . -47.69 -40.58 38.21
C5 SPD JK . -46.85 -41.76 38.66
N6 SPD JK . -45.63 -41.93 37.91
C7 SPD JK . -45.70 -42.52 36.57
C8 SPD JK . -46.00 -41.56 35.40
C9 SPD JK . -44.75 -40.89 34.87
N10 SPD JK . -45.00 -39.89 33.84
N1 SPD KK . 0.29 -55.55 41.60
C2 SPD KK . -0.04 -55.46 43.03
C3 SPD KK . 0.92 -54.52 43.79
C4 SPD KK . 0.79 -53.07 43.34
C5 SPD KK . 0.42 -52.14 44.51
N6 SPD KK . 0.50 -52.91 45.76
C7 SPD KK . -0.06 -52.45 47.01
C8 SPD KK . 0.61 -53.13 48.20
C9 SPD KK . -0.05 -52.62 49.47
N10 SPD KK . 0.94 -52.02 50.34
N1 SPD LK . 1.99 6.20 46.26
C2 SPD LK . 1.44 6.95 45.15
C3 SPD LK . 2.57 7.27 44.15
C4 SPD LK . 2.10 7.92 42.84
C5 SPD LK . 2.20 9.45 42.82
N6 SPD LK . 1.89 10.02 41.51
C7 SPD LK . 2.12 9.26 40.27
C8 SPD LK . 0.93 8.64 39.53
C9 SPD LK . -0.20 9.64 39.21
N10 SPD LK . -0.89 9.31 37.96
N1 SPD MK . -38.46 -51.12 33.49
C2 SPD MK . -39.45 -50.53 32.60
C3 SPD MK . -39.74 -49.11 33.06
C4 SPD MK . -40.97 -48.46 32.46
C5 SPD MK . -40.88 -48.43 30.92
N6 SPD MK . -41.75 -47.41 30.33
C7 SPD MK . -42.26 -46.37 31.23
C8 SPD MK . -43.61 -45.83 30.80
C9 SPD MK . -43.54 -45.39 29.34
N10 SPD MK . -44.63 -44.45 29.11
MG MG NK . -0.51 45.14 -32.06
MG MG OK . 2.92 36.64 -24.28
MG MG PK . 2.42 49.57 -43.18
MG MG QK . 2.39 43.25 -65.90
MG MG RK . 25.31 -47.61 -7.40
MG MG SK . 26.46 21.05 14.04
MG MG TK . -5.35 28.63 15.96
MG MG UK . 15.97 -66.41 56.35
MG MG VK . 8.25 -22.46 52.30
N1 SPD WK . 54.79 -48.97 76.91
C2 SPD WK . 54.90 -47.53 77.05
C3 SPD WK . 55.01 -46.89 75.67
C4 SPD WK . 54.89 -45.38 75.75
C5 SPD WK . 54.62 -44.80 74.37
N6 SPD WK . 53.61 -43.74 74.40
C7 SPD WK . 52.22 -43.98 74.05
C8 SPD WK . 51.33 -44.47 75.19
C9 SPD WK . 51.59 -43.73 76.50
N10 SPD WK . 51.78 -42.30 76.29
MG MG XK . 5.29 46.07 -23.51
MG MG YK . 24.92 -44.52 38.51
MG MG ZK . 5.43 -35.76 21.15
MG MG AL . 59.74 12.01 -11.50
#